data_2C12
#
_entry.id   2C12
#
_cell.length_a   103.393
_cell.length_b   103.393
_cell.length_c   485.134
_cell.angle_alpha   90.00
_cell.angle_beta   90.00
_cell.angle_gamma   120.00
#
_symmetry.space_group_name_H-M   'P 32 2 1'
#
loop_
_entity.id
_entity.type
_entity.pdbx_description
1 polymer 'NITROALKANE OXIDASE'
2 non-polymer 'FLAVIN-ADENINE DINUCLEOTIDE'
3 non-polymer GLYCEROL
4 non-polymer SPERMINE
5 non-polymer 2-{2-[2-(2-{2-[2-(2-ETHOXY-ETHOXY)-ETHOXY]-ETHOXY}-ETHOXY)-ETHOXY]-ETHOXY}-ETHANOL
6 water water
#
_entity_poly.entity_id   1
_entity_poly.type   'polypeptide(L)'
_entity_poly.pdbx_seq_one_letter_code
;MVDFKLSPSQLEARRHAQAFANTVLTKASAEYSTQKDQLSRFQATRPFYREAVRHGLIKAQVPIPLGGTMESLVHESIIL
EELFAVEPATSITIVATALGLMPVILCDSPSLQEKFLKPFISGEGEPLASLMHSEPNGTANWLQKGGPGLQTTARKVGNE
WVISGEKLWPSNSGGWDYKGADLACVVCRVSDDPSKPQDPNVDPATQIAVLLVTRETIANNKKDAYQILGEPELAGHITT
SGPHTRFTEFHVPHENLLCTPGLKAQGLVETAFAMSAALVGAMAIGTARAAFEEALVFAKSDTRGGSKHIIEHQSVADKL
IDCKIRLETSRLLVWKAVTTLEDEALEWKVKLEMAMQTKIYTTDVAVECVIDAMKAVGMKSYAKDMSFPRLLNEVMCYPL
FDGGNIGLRRRQMQRVMALEDYEPWAATYGSSKVDKSRL
;
_entity_poly.pdbx_strand_id   A,B,C,D,E,F
#
loop_
_chem_comp.id
_chem_comp.type
_chem_comp.name
_chem_comp.formula
FAD non-polymer 'FLAVIN-ADENINE DINUCLEOTIDE' 'C27 H33 N9 O15 P2'
GOL non-polymer GLYCEROL 'C3 H8 O3'
PE4 non-polymer 2-{2-[2-(2-{2-[2-(2-ETHOXY-ETHOXY)-ETHOXY]-ETHOXY}-ETHOXY)-ETHOXY]-ETHOXY}-ETHANOL 'C16 H34 O8'
SPM non-polymer SPERMINE 'C10 H26 N4'
#
# COMPACT_ATOMS: atom_id res chain seq x y z
N VAL A 2 9.88 -36.05 47.58
CA VAL A 2 10.42 -35.00 46.65
C VAL A 2 11.31 -34.05 47.44
N ASP A 3 12.44 -33.72 46.84
CA ASP A 3 13.59 -33.19 47.55
C ASP A 3 14.45 -32.39 46.56
N PHE A 4 14.91 -31.22 46.97
CA PHE A 4 15.81 -30.40 46.17
C PHE A 4 17.20 -30.25 46.81
N LYS A 5 17.38 -30.90 47.96
CA LYS A 5 18.60 -30.75 48.75
C LYS A 5 19.79 -31.38 48.03
N LEU A 6 20.90 -30.66 48.04
CA LEU A 6 22.10 -31.13 47.38
C LEU A 6 22.83 -32.07 48.33
N SER A 7 23.36 -33.18 47.79
CA SER A 7 24.23 -34.07 48.55
C SER A 7 25.59 -33.40 48.78
N PRO A 8 26.40 -33.92 49.71
CA PRO A 8 27.78 -33.44 49.88
C PRO A 8 28.63 -33.52 48.61
N SER A 9 28.42 -34.53 47.75
CA SER A 9 29.19 -34.64 46.52
C SER A 9 28.73 -33.65 45.43
N GLN A 10 27.46 -33.24 45.49
CA GLN A 10 26.94 -32.22 44.58
C GLN A 10 27.51 -30.88 44.98
N LEU A 11 27.56 -30.64 46.28
CA LEU A 11 28.12 -29.41 46.80
C LEU A 11 29.63 -29.33 46.51
N GLU A 12 30.32 -30.46 46.57
CA GLU A 12 31.74 -30.53 46.27
C GLU A 12 31.99 -30.31 44.77
N ALA A 13 31.12 -30.83 43.92
CA ALA A 13 31.23 -30.59 42.48
C ALA A 13 31.08 -29.11 42.18
N ARG A 14 30.20 -28.44 42.90
CA ARG A 14 29.98 -27.01 42.77
C ARG A 14 31.22 -26.22 43.19
N ARG A 15 31.69 -26.47 44.43
CA ARG A 15 32.93 -25.88 44.95
C ARG A 15 34.13 -26.06 43.99
N HIS A 16 34.40 -27.30 43.62
CA HIS A 16 35.46 -27.62 42.68
C HIS A 16 35.30 -26.89 41.34
N ALA A 17 34.09 -26.84 40.81
CA ALA A 17 33.86 -26.17 39.54
C ALA A 17 34.10 -24.66 39.69
N GLN A 18 33.70 -24.10 40.83
CA GLN A 18 33.86 -22.68 41.14
C GLN A 18 35.33 -22.31 41.25
N ALA A 19 36.08 -23.13 41.98
CA ALA A 19 37.52 -22.94 42.16
C ALA A 19 38.28 -23.06 40.84
N PHE A 20 37.88 -24.01 39.99
CA PHE A 20 38.49 -24.14 38.67
C PHE A 20 38.18 -22.92 37.81
N ALA A 21 36.93 -22.45 37.84
CA ALA A 21 36.54 -21.30 37.06
C ALA A 21 37.27 -20.03 37.50
N ASN A 22 37.33 -19.82 38.80
CA ASN A 22 37.91 -18.60 39.37
C ASN A 22 39.43 -18.56 39.30
N THR A 23 40.09 -19.70 39.51
CA THR A 23 41.56 -19.72 39.49
C THR A 23 42.12 -19.95 38.08
N VAL A 24 41.43 -20.72 37.25
CA VAL A 24 41.95 -21.06 35.94
C VAL A 24 41.29 -20.28 34.81
N LEU A 25 39.97 -20.37 34.70
CA LEU A 25 39.28 -19.79 33.55
C LEU A 25 39.31 -18.27 33.49
N THR A 26 39.40 -17.61 34.63
CA THR A 26 39.45 -16.15 34.63
C THR A 26 40.68 -15.66 33.89
N LYS A 27 41.72 -16.49 33.82
CA LYS A 27 42.97 -16.13 33.15
C LYS A 27 42.93 -16.30 31.62
N ALA A 28 41.87 -16.93 31.09
CA ALA A 28 41.79 -17.23 29.66
C ALA A 28 41.69 -16.01 28.76
N SER A 29 40.92 -15.02 29.18
CA SER A 29 40.68 -13.84 28.38
C SER A 29 41.98 -13.11 28.01
N ALA A 30 42.89 -13.01 28.97
CA ALA A 30 44.19 -12.37 28.71
C ALA A 30 44.98 -13.09 27.59
N GLU A 31 44.73 -14.38 27.39
CA GLU A 31 45.36 -15.12 26.31
C GLU A 31 44.61 -15.07 24.97
N TYR A 32 43.28 -15.22 24.99
CA TYR A 32 42.54 -15.29 23.73
C TYR A 32 42.15 -13.94 23.13
N SER A 33 42.10 -12.90 23.94
CA SER A 33 41.67 -11.57 23.46
C SER A 33 42.66 -10.95 22.48
N THR A 34 43.92 -11.38 22.53
CA THR A 34 44.97 -10.82 21.68
C THR A 34 45.06 -11.49 20.32
N GLN A 35 44.25 -12.52 20.09
CA GLN A 35 44.37 -13.30 18.87
C GLN A 35 43.42 -12.76 17.82
N LYS A 36 43.76 -12.99 16.55
CA LYS A 36 43.15 -12.28 15.42
C LYS A 36 41.88 -12.91 14.82
N ASP A 37 41.63 -14.19 15.09
CA ASP A 37 40.47 -14.86 14.50
C ASP A 37 39.95 -16.02 15.36
N GLN A 38 38.84 -16.65 14.98
CA GLN A 38 38.24 -17.72 15.81
C GLN A 38 39.22 -18.83 16.11
N LEU A 39 39.88 -19.34 15.09
CA LEU A 39 40.78 -20.49 15.28
C LEU A 39 41.87 -20.15 16.27
N SER A 40 42.49 -18.99 16.10
CA SER A 40 43.60 -18.58 16.98
C SER A 40 43.13 -18.40 18.39
N ARG A 41 41.93 -17.87 18.54
CA ARG A 41 41.37 -17.68 19.87
C ARG A 41 41.16 -19.02 20.54
N PHE A 42 40.71 -19.99 19.74
CA PHE A 42 40.44 -21.35 20.19
C PHE A 42 41.71 -22.03 20.58
N GLN A 43 42.73 -21.89 19.73
CA GLN A 43 44.03 -22.45 20.02
C GLN A 43 44.62 -21.86 21.30
N ALA A 44 44.32 -20.59 21.62
CA ALA A 44 44.86 -19.92 22.81
C ALA A 44 44.20 -20.45 24.08
N THR A 45 43.16 -21.24 23.85
CA THR A 45 42.35 -21.80 24.88
C THR A 45 42.89 -23.19 25.29
N ARG A 46 43.79 -23.73 24.50
CA ARG A 46 44.36 -25.06 24.75
C ARG A 46 44.98 -25.31 26.14
N PRO A 47 45.82 -24.41 26.66
CA PRO A 47 46.32 -24.58 28.03
C PRO A 47 45.24 -24.65 29.10
N PHE A 48 44.07 -24.07 28.84
CA PHE A 48 42.99 -24.06 29.81
C PHE A 48 42.22 -25.36 29.74
N TYR A 49 42.04 -25.92 28.55
CA TYR A 49 41.49 -27.26 28.40
C TYR A 49 42.41 -28.31 29.03
N ARG A 50 43.73 -28.12 28.86
CA ARG A 50 44.73 -29.00 29.47
C ARG A 50 44.56 -28.98 30.98
N GLU A 51 44.38 -27.80 31.56
CA GLU A 51 44.07 -27.70 33.01
C GLU A 51 42.76 -28.40 33.39
N ALA A 52 41.71 -28.20 32.60
CA ALA A 52 40.43 -28.90 32.82
C ALA A 52 40.61 -30.41 32.85
N VAL A 53 41.44 -30.93 31.94
CA VAL A 53 41.73 -32.37 31.91
C VAL A 53 42.46 -32.76 33.18
N ARG A 54 43.44 -31.96 33.59
CA ARG A 54 44.21 -32.22 34.81
C ARG A 54 43.33 -32.20 36.05
N HIS A 55 42.29 -31.37 36.08
CA HIS A 55 41.35 -31.32 37.20
C HIS A 55 40.21 -32.34 37.05
N GLY A 56 40.33 -33.26 36.09
CA GLY A 56 39.39 -34.34 35.93
C GLY A 56 38.08 -34.01 35.25
N LEU A 57 37.99 -32.86 34.60
CA LEU A 57 36.71 -32.39 34.07
C LEU A 57 36.29 -33.10 32.78
N ILE A 58 37.24 -33.60 31.98
CA ILE A 58 36.93 -34.40 30.80
C ILE A 58 36.56 -35.82 31.18
N LYS A 59 37.26 -36.37 32.16
CA LYS A 59 36.96 -37.70 32.70
C LYS A 59 35.56 -37.72 33.32
N ALA A 60 35.14 -36.59 33.90
CA ALA A 60 33.83 -36.46 34.53
C ALA A 60 32.70 -36.36 33.50
N GLN A 61 33.04 -36.28 32.22
CA GLN A 61 32.06 -36.40 31.14
C GLN A 61 31.69 -37.86 30.79
N VAL A 62 32.46 -38.83 31.30
CA VAL A 62 32.26 -40.24 30.96
C VAL A 62 31.73 -41.01 32.19
N PRO A 63 30.64 -41.77 32.05
CA PRO A 63 30.11 -42.57 33.18
C PRO A 63 31.13 -43.50 33.82
N ILE A 64 30.92 -43.75 35.12
CA ILE A 64 31.79 -44.62 35.92
C ILE A 64 31.89 -46.06 35.38
N PRO A 65 30.78 -46.68 34.96
CA PRO A 65 30.84 -48.00 34.28
C PRO A 65 31.81 -48.05 33.08
N LEU A 66 32.04 -46.91 32.42
CA LEU A 66 32.90 -46.81 31.25
C LEU A 66 34.30 -46.25 31.58
N GLY A 67 34.61 -46.19 32.87
CA GLY A 67 35.93 -45.80 33.35
C GLY A 67 36.10 -44.32 33.64
N GLY A 68 35.02 -43.53 33.50
CA GLY A 68 35.07 -42.12 33.85
C GLY A 68 34.68 -41.85 35.30
N THR A 69 34.38 -40.59 35.60
CA THR A 69 34.03 -40.20 36.96
C THR A 69 32.68 -39.51 37.09
N MET A 70 31.94 -39.35 35.99
CA MET A 70 30.61 -38.71 36.05
C MET A 70 29.79 -39.32 37.18
N GLU A 71 29.32 -38.47 38.08
CA GLU A 71 28.57 -38.92 39.24
C GLU A 71 27.07 -38.94 38.92
N SER A 72 26.58 -37.86 38.33
CA SER A 72 25.20 -37.79 37.83
C SER A 72 24.99 -36.58 36.93
N LEU A 73 23.86 -36.53 36.25
CA LEU A 73 23.59 -35.42 35.35
C LEU A 73 23.27 -34.16 36.16
N VAL A 74 22.81 -34.31 37.39
CA VAL A 74 22.61 -33.17 38.28
C VAL A 74 23.98 -32.59 38.65
N HIS A 75 24.92 -33.45 39.01
CA HIS A 75 26.34 -33.04 39.16
C HIS A 75 26.81 -32.26 37.94
N GLU A 76 26.63 -32.82 36.76
CA GLU A 76 27.05 -32.16 35.54
C GLU A 76 26.37 -30.79 35.37
N SER A 77 25.07 -30.69 35.69
CA SER A 77 24.33 -29.43 35.55
C SER A 77 24.94 -28.35 36.42
N ILE A 78 25.28 -28.72 37.64
CA ILE A 78 25.86 -27.82 38.62
C ILE A 78 27.23 -27.33 38.16
N ILE A 79 28.05 -28.25 37.65
CA ILE A 79 29.37 -27.91 37.11
C ILE A 79 29.26 -26.93 35.95
N LEU A 80 28.36 -27.21 35.00
CA LEU A 80 28.21 -26.34 33.83
C LEU A 80 27.67 -24.96 34.21
N GLU A 81 26.72 -24.87 35.12
CA GLU A 81 26.22 -23.57 35.54
C GLU A 81 27.36 -22.72 36.10
N GLU A 82 28.24 -23.32 36.90
CA GLU A 82 29.32 -22.57 37.55
C GLU A 82 30.41 -22.15 36.58
N LEU A 83 30.68 -22.97 35.59
CA LEU A 83 31.70 -22.70 34.58
C LEU A 83 31.24 -21.56 33.67
N PHE A 84 29.99 -21.67 33.20
CA PHE A 84 29.45 -20.69 32.26
C PHE A 84 29.08 -19.37 32.93
N ALA A 85 28.86 -19.39 34.24
CA ALA A 85 28.74 -18.15 35.04
C ALA A 85 30.00 -17.29 35.02
N VAL A 86 31.14 -17.92 34.76
CA VAL A 86 32.41 -17.19 34.77
C VAL A 86 32.98 -16.96 33.38
N GLU A 87 33.08 -18.04 32.59
CA GLU A 87 33.80 -17.99 31.32
C GLU A 87 33.41 -19.19 30.47
N PRO A 88 32.62 -18.97 29.43
CA PRO A 88 32.29 -20.04 28.46
C PRO A 88 33.46 -20.56 27.62
N ALA A 89 34.55 -19.81 27.51
CA ALA A 89 35.74 -20.32 26.82
C ALA A 89 36.28 -21.53 27.61
N THR A 90 36.65 -22.57 26.87
CA THR A 90 37.06 -23.86 27.41
C THR A 90 35.89 -24.66 27.97
N SER A 91 34.99 -23.99 28.69
CA SER A 91 33.77 -24.63 29.17
C SER A 91 32.98 -25.23 28.00
N ILE A 92 32.80 -24.45 26.94
CA ILE A 92 32.16 -24.88 25.70
C ILE A 92 32.88 -26.09 25.07
N THR A 93 34.20 -26.10 25.11
CA THR A 93 35.01 -27.20 24.59
C THR A 93 34.79 -28.50 25.35
N ILE A 94 34.66 -28.42 26.67
CA ILE A 94 34.38 -29.57 27.51
C ILE A 94 33.02 -30.18 27.14
N VAL A 95 32.00 -29.33 27.02
CA VAL A 95 30.67 -29.83 26.71
C VAL A 95 30.56 -30.33 25.29
N ALA A 96 31.30 -29.73 24.37
CA ALA A 96 31.28 -30.19 22.98
C ALA A 96 31.91 -31.58 22.91
N THR A 97 32.96 -31.80 23.69
CA THR A 97 33.61 -33.09 23.83
C THR A 97 32.66 -34.12 24.49
N ALA A 98 31.88 -33.70 25.47
CA ALA A 98 30.89 -34.60 26.07
C ALA A 98 29.88 -35.05 25.03
N LEU A 99 29.44 -34.12 24.18
CA LEU A 99 28.48 -34.44 23.12
C LEU A 99 29.08 -35.42 22.11
N GLY A 100 30.30 -35.14 21.67
CA GLY A 100 31.06 -36.01 20.79
C GLY A 100 31.24 -37.42 21.33
N LEU A 101 31.38 -37.56 22.63
CA LEU A 101 31.58 -38.87 23.24
C LEU A 101 30.27 -39.65 23.37
N MET A 102 29.15 -38.92 23.40
CA MET A 102 27.89 -39.50 23.82
C MET A 102 27.41 -40.66 22.96
N PRO A 103 27.49 -40.56 21.64
CA PRO A 103 27.08 -41.70 20.81
C PRO A 103 27.83 -42.98 21.18
N VAL A 104 29.11 -42.87 21.54
CA VAL A 104 29.91 -44.01 21.98
C VAL A 104 29.52 -44.50 23.40
N ILE A 105 29.39 -43.56 24.33
CA ILE A 105 28.90 -43.83 25.69
C ILE A 105 27.56 -44.58 25.66
N LEU A 106 26.72 -44.21 24.70
CA LEU A 106 25.37 -44.74 24.58
C LEU A 106 25.25 -46.07 23.84
N CYS A 107 26.24 -46.42 23.02
CA CYS A 107 26.13 -47.59 22.15
C CYS A 107 26.26 -48.90 22.96
N ASP A 108 25.95 -50.01 22.31
CA ASP A 108 25.82 -51.30 23.02
C ASP A 108 27.03 -52.19 22.77
N SER A 109 28.20 -51.58 22.50
CA SER A 109 29.39 -52.32 22.10
C SER A 109 30.57 -51.99 23.02
N PRO A 110 30.78 -52.81 24.06
CA PRO A 110 31.86 -52.56 25.02
C PRO A 110 33.24 -52.46 24.36
N SER A 111 33.50 -53.19 23.27
CA SER A 111 34.82 -53.15 22.65
C SER A 111 35.07 -51.78 21.97
N LEU A 112 34.04 -51.23 21.33
CA LEU A 112 34.09 -49.88 20.78
C LEU A 112 34.30 -48.88 21.90
N GLN A 113 33.54 -49.03 22.98
CA GLN A 113 33.61 -48.09 24.08
C GLN A 113 35.02 -48.05 24.68
N GLU A 114 35.60 -49.22 24.94
CA GLU A 114 36.93 -49.33 25.54
C GLU A 114 38.01 -48.72 24.65
N LYS A 115 37.94 -49.00 23.34
CA LYS A 115 38.91 -48.45 22.38
C LYS A 115 38.84 -46.92 22.26
N PHE A 116 37.66 -46.41 21.90
CA PHE A 116 37.51 -44.99 21.53
C PHE A 116 37.41 -44.00 22.71
N LEU A 117 37.01 -44.47 23.88
CA LEU A 117 36.92 -43.60 25.06
C LEU A 117 38.23 -43.53 25.83
N LYS A 118 39.23 -44.36 25.47
CA LYS A 118 40.46 -44.48 26.27
C LYS A 118 41.20 -43.15 26.54
N PRO A 119 41.47 -42.34 25.53
CA PRO A 119 42.20 -41.08 25.75
C PRO A 119 41.44 -40.09 26.68
N PHE A 120 40.12 -40.17 26.65
CA PHE A 120 39.27 -39.22 27.37
C PHE A 120 39.16 -39.52 28.86
N ILE A 121 39.47 -40.76 29.27
CA ILE A 121 39.47 -41.11 30.69
C ILE A 121 40.87 -41.21 31.29
N SER A 122 41.89 -40.86 30.52
CA SER A 122 43.28 -41.02 30.95
C SER A 122 43.75 -39.92 31.90
N GLY A 123 43.13 -38.74 31.83
CA GLY A 123 43.56 -37.59 32.60
C GLY A 123 44.80 -36.91 32.02
N GLU A 124 45.13 -37.29 30.79
CA GLU A 124 46.34 -36.87 30.12
C GLU A 124 45.99 -36.12 28.84
N GLY A 125 46.85 -35.19 28.44
CA GLY A 125 46.69 -34.50 27.16
C GLY A 125 45.46 -33.61 27.08
N GLU A 126 45.09 -33.31 25.84
CA GLU A 126 43.99 -32.40 25.50
C GLU A 126 43.14 -33.02 24.40
N PRO A 127 42.60 -34.21 24.64
CA PRO A 127 41.78 -34.87 23.62
C PRO A 127 40.40 -34.20 23.47
N LEU A 128 40.01 -34.08 22.21
CA LEU A 128 38.80 -33.41 21.81
C LEU A 128 37.90 -34.41 21.10
N ALA A 129 36.61 -34.36 21.40
CA ALA A 129 35.59 -35.05 20.61
C ALA A 129 34.59 -34.08 20.00
N SER A 130 33.91 -34.54 18.97
CA SER A 130 32.93 -33.75 18.26
C SER A 130 31.88 -34.67 17.66
N LEU A 131 30.61 -34.28 17.77
CA LEU A 131 29.52 -34.94 17.08
C LEU A 131 29.20 -34.11 15.84
N MET A 132 29.61 -34.61 14.70
CA MET A 132 29.49 -33.88 13.45
C MET A 132 28.17 -34.23 12.78
N HIS A 133 27.18 -33.39 13.04
CA HIS A 133 25.85 -33.54 12.48
C HIS A 133 25.50 -32.40 11.53
N SER A 134 25.63 -31.17 12.02
CA SER A 134 25.16 -29.97 11.30
C SER A 134 25.87 -29.74 9.96
N GLU A 135 25.18 -29.11 9.03
CA GLU A 135 25.63 -28.96 7.65
C GLU A 135 25.34 -27.57 7.07
N PRO A 136 26.05 -27.18 6.00
CA PRO A 136 25.81 -25.88 5.34
C PRO A 136 24.36 -25.62 4.95
N ASN A 137 23.67 -26.64 4.46
CA ASN A 137 22.30 -26.50 3.95
C ASN A 137 21.24 -26.61 5.06
N GLY A 138 21.65 -26.97 6.27
CA GLY A 138 20.76 -27.03 7.41
C GLY A 138 20.51 -28.47 7.80
N THR A 139 19.92 -28.68 8.98
CA THR A 139 19.56 -30.02 9.42
C THR A 139 18.18 -30.11 10.10
N ALA A 140 17.41 -29.02 10.13
CA ALA A 140 16.14 -29.08 10.82
C ALA A 140 15.19 -30.08 10.13
N ASN A 141 15.42 -30.27 8.83
CA ASN A 141 14.63 -31.18 8.00
C ASN A 141 15.35 -32.45 7.58
N TRP A 142 16.37 -32.85 8.32
CA TRP A 142 17.17 -34.03 7.94
C TRP A 142 16.39 -35.34 7.96
N LEU A 143 15.33 -35.40 8.78
CA LEU A 143 14.51 -36.60 8.88
C LEU A 143 13.22 -36.48 8.08
N GLN A 144 13.10 -35.44 7.26
CA GLN A 144 11.90 -35.24 6.46
C GLN A 144 11.83 -36.23 5.28
N LYS A 145 10.82 -37.08 5.29
CA LYS A 145 10.59 -38.04 4.21
C LYS A 145 10.23 -37.26 2.95
N GLY A 146 10.91 -37.57 1.85
CA GLY A 146 10.72 -36.83 0.61
C GLY A 146 11.70 -35.66 0.45
N GLY A 147 12.44 -35.33 1.49
CA GLY A 147 13.42 -34.28 1.39
C GLY A 147 14.77 -34.78 0.93
N PRO A 148 15.68 -33.83 0.70
CA PRO A 148 17.06 -34.14 0.33
C PRO A 148 17.88 -34.84 1.39
N GLY A 149 17.56 -34.64 2.67
CA GLY A 149 18.30 -35.23 3.77
C GLY A 149 19.74 -34.73 3.90
N LEU A 150 20.53 -35.41 4.72
CA LEU A 150 21.93 -35.05 4.93
C LEU A 150 22.68 -35.09 3.61
N GLN A 151 23.51 -34.10 3.38
CA GLN A 151 24.27 -33.99 2.16
C GLN A 151 25.65 -34.57 2.37
N THR A 152 25.89 -35.02 3.60
CA THR A 152 27.04 -35.84 3.90
C THR A 152 26.58 -37.31 3.88
N THR A 153 27.00 -38.04 2.86
CA THR A 153 26.60 -39.42 2.68
C THR A 153 27.77 -40.36 2.86
N ALA A 154 27.44 -41.64 2.95
CA ALA A 154 28.44 -42.68 3.09
C ALA A 154 27.99 -43.89 2.27
N ARG A 155 28.93 -44.50 1.56
CA ARG A 155 28.65 -45.77 0.87
C ARG A 155 29.63 -46.83 1.30
N LYS A 156 29.12 -48.06 1.40
CA LYS A 156 29.94 -49.20 1.74
C LYS A 156 30.71 -49.70 0.51
N VAL A 157 32.03 -49.78 0.64
CA VAL A 157 32.92 -50.26 -0.41
C VAL A 157 33.81 -51.32 0.23
N GLY A 158 33.42 -52.58 0.06
CA GLY A 158 34.12 -53.70 0.67
C GLY A 158 34.00 -53.65 2.19
N ASN A 159 35.15 -53.66 2.86
CA ASN A 159 35.17 -53.54 4.31
C ASN A 159 35.40 -52.10 4.76
N GLU A 160 35.03 -51.14 3.94
CA GLU A 160 35.12 -49.75 4.38
C GLU A 160 33.94 -48.88 3.91
N TRP A 161 33.78 -47.73 4.55
CA TRP A 161 32.78 -46.75 4.14
C TRP A 161 33.51 -45.56 3.51
N VAL A 162 32.87 -44.91 2.55
CA VAL A 162 33.43 -43.73 1.89
C VAL A 162 32.47 -42.56 2.09
N ILE A 163 32.97 -41.51 2.75
CA ILE A 163 32.17 -40.34 3.10
C ILE A 163 32.37 -39.24 2.04
N SER A 164 31.27 -38.69 1.55
CA SER A 164 31.26 -37.49 0.72
C SER A 164 30.35 -36.44 1.34
N GLY A 165 30.79 -35.19 1.32
CA GLY A 165 29.91 -34.07 1.64
C GLY A 165 30.50 -33.17 2.67
N GLU A 166 29.69 -32.27 3.20
CA GLU A 166 30.20 -31.22 4.10
C GLU A 166 29.46 -31.11 5.42
N LYS A 167 30.21 -30.75 6.44
CA LYS A 167 29.68 -30.42 7.74
C LYS A 167 30.02 -28.93 8.02
N LEU A 168 29.20 -28.32 8.85
CA LEU A 168 29.39 -26.93 9.28
C LEU A 168 28.85 -26.85 10.67
N TRP A 169 29.61 -26.18 11.54
CA TRP A 169 29.27 -25.88 12.93
C TRP A 169 29.78 -26.82 14.02
N PRO A 170 30.02 -28.12 13.77
CA PRO A 170 30.30 -29.00 14.91
C PRO A 170 31.57 -28.65 15.64
N SER A 171 31.39 -28.44 16.95
CA SER A 171 32.44 -27.91 17.78
C SER A 171 33.57 -28.92 17.91
N ASN A 172 34.82 -28.44 17.80
CA ASN A 172 36.05 -29.22 18.03
C ASN A 172 36.40 -30.15 16.89
N SER A 173 35.62 -30.14 15.82
CA SER A 173 35.67 -31.21 14.83
C SER A 173 37.01 -31.29 14.10
N GLY A 174 37.69 -30.15 13.96
CA GLY A 174 38.97 -30.11 13.28
C GLY A 174 40.13 -30.30 14.21
N GLY A 175 39.86 -30.47 15.50
CA GLY A 175 40.90 -30.55 16.50
C GLY A 175 41.60 -29.21 16.68
N TRP A 176 42.68 -29.25 17.44
CA TRP A 176 43.47 -28.04 17.70
C TRP A 176 44.19 -27.48 16.47
N ASP A 177 44.37 -28.30 15.44
CA ASP A 177 45.28 -27.94 14.35
C ASP A 177 44.72 -28.22 12.97
N TYR A 178 43.41 -28.48 12.89
CA TYR A 178 42.75 -28.86 11.63
C TYR A 178 43.21 -30.23 11.03
N LYS A 179 43.82 -31.07 11.86
CA LYS A 179 44.12 -32.49 11.52
C LYS A 179 43.13 -33.47 12.19
N GLY A 180 42.06 -32.91 12.76
CA GLY A 180 40.94 -33.67 13.27
C GLY A 180 40.80 -33.70 14.79
N ALA A 181 39.56 -33.78 15.24
CA ALA A 181 39.29 -34.14 16.63
C ALA A 181 39.89 -35.52 16.89
N ASP A 182 40.23 -35.76 18.14
CA ASP A 182 40.69 -37.10 18.56
C ASP A 182 39.64 -38.18 18.34
N LEU A 183 38.36 -37.79 18.43
CA LEU A 183 37.24 -38.63 18.04
C LEU A 183 36.11 -37.77 17.49
N ALA A 184 35.69 -38.04 16.26
CA ALA A 184 34.51 -37.38 15.67
C ALA A 184 33.50 -38.46 15.31
N CYS A 185 32.24 -38.24 15.68
CA CYS A 185 31.14 -39.10 15.27
C CYS A 185 30.44 -38.43 14.14
N VAL A 186 30.72 -38.89 12.92
CA VAL A 186 30.22 -38.28 11.70
C VAL A 186 28.91 -38.94 11.29
N VAL A 187 27.84 -38.15 11.30
CA VAL A 187 26.52 -38.65 11.00
C VAL A 187 26.32 -38.48 9.51
N CYS A 188 26.00 -39.58 8.84
CA CYS A 188 25.88 -39.62 7.40
C CYS A 188 24.54 -40.23 6.99
N ARG A 189 24.10 -39.89 5.79
CA ARG A 189 22.98 -40.59 5.18
C ARG A 189 23.57 -41.62 4.23
N VAL A 190 23.20 -42.89 4.42
CA VAL A 190 23.71 -43.95 3.56
C VAL A 190 23.18 -43.71 2.16
N SER A 191 24.10 -43.67 1.20
CA SER A 191 23.72 -43.58 -0.20
C SER A 191 24.74 -44.23 -1.11
N ASP A 192 24.30 -45.21 -1.90
CA ASP A 192 25.18 -45.92 -2.85
C ASP A 192 25.76 -44.98 -3.91
N ASP A 193 24.96 -43.98 -4.30
CA ASP A 193 25.34 -43.05 -5.34
C ASP A 193 25.01 -41.63 -4.84
N PRO A 194 26.03 -40.89 -4.40
CA PRO A 194 25.81 -39.55 -3.85
C PRO A 194 25.31 -38.48 -4.84
N SER A 195 25.41 -38.73 -6.15
CA SER A 195 24.85 -37.82 -7.15
C SER A 195 23.33 -38.02 -7.36
N LYS A 196 22.79 -39.07 -6.79
CA LYS A 196 21.35 -39.33 -6.81
C LYS A 196 20.69 -38.77 -5.54
N PRO A 197 19.51 -38.17 -5.67
CA PRO A 197 18.80 -37.62 -4.52
C PRO A 197 18.28 -38.73 -3.60
N GLN A 198 18.04 -38.40 -2.34
CA GLN A 198 17.49 -39.34 -1.39
C GLN A 198 16.19 -39.87 -1.95
N ASP A 199 15.99 -41.18 -1.79
CA ASP A 199 14.83 -41.85 -2.34
C ASP A 199 13.61 -41.41 -1.53
N PRO A 200 12.65 -40.72 -2.15
CA PRO A 200 11.47 -40.23 -1.41
C PRO A 200 10.59 -41.32 -0.80
N ASN A 201 10.85 -42.59 -1.12
CA ASN A 201 10.04 -43.70 -0.66
C ASN A 201 10.64 -44.44 0.52
N VAL A 202 11.81 -43.99 0.97
CA VAL A 202 12.44 -44.61 2.15
C VAL A 202 12.57 -43.57 3.26
N ASP A 203 12.19 -44.00 4.45
CA ASP A 203 12.11 -43.17 5.64
C ASP A 203 13.55 -42.77 6.00
N PRO A 204 13.85 -41.48 6.03
CA PRO A 204 15.22 -41.01 6.22
C PRO A 204 15.93 -41.57 7.45
N ALA A 205 15.21 -41.81 8.54
CA ALA A 205 15.82 -42.34 9.76
C ALA A 205 16.38 -43.75 9.57
N THR A 206 15.85 -44.50 8.61
CA THR A 206 16.36 -45.85 8.32
C THR A 206 17.67 -45.85 7.58
N GLN A 207 18.09 -44.69 7.06
CA GLN A 207 19.35 -44.57 6.32
C GLN A 207 20.47 -43.83 7.07
N ILE A 208 20.32 -43.60 8.38
CA ILE A 208 21.35 -42.91 9.15
C ILE A 208 22.49 -43.85 9.60
N ALA A 209 23.73 -43.44 9.38
CA ALA A 209 24.88 -44.15 9.93
C ALA A 209 25.77 -43.16 10.65
N VAL A 210 26.47 -43.65 11.66
CA VAL A 210 27.47 -42.86 12.39
C VAL A 210 28.82 -43.57 12.26
N LEU A 211 29.78 -42.86 11.70
CA LEU A 211 31.13 -43.34 11.47
C LEU A 211 32.09 -42.58 12.37
N LEU A 212 32.87 -43.34 13.13
CA LEU A 212 33.87 -42.80 14.02
C LEU A 212 35.15 -42.49 13.22
N VAL A 213 35.59 -41.25 13.31
CA VAL A 213 36.74 -40.75 12.56
C VAL A 213 37.71 -40.18 13.58
N THR A 214 38.94 -40.71 13.56
CA THR A 214 39.98 -40.20 14.41
C THR A 214 41.04 -39.53 13.56
N ARG A 215 42.03 -38.98 14.25
CA ARG A 215 43.18 -38.34 13.63
C ARG A 215 43.94 -39.37 12.77
N GLU A 216 44.02 -40.60 13.27
CA GLU A 216 44.59 -41.73 12.52
C GLU A 216 43.83 -41.99 11.20
N THR A 217 42.50 -41.98 11.25
CA THR A 217 41.69 -42.12 10.04
C THR A 217 42.03 -41.07 9.01
N ILE A 218 42.21 -39.84 9.48
CA ILE A 218 42.45 -38.71 8.58
C ILE A 218 43.84 -38.82 7.96
N ALA A 219 44.84 -39.15 8.78
CA ALA A 219 46.22 -39.34 8.31
C ALA A 219 46.35 -40.50 7.34
N ASN A 220 45.45 -41.48 7.44
CA ASN A 220 45.42 -42.63 6.52
C ASN A 220 44.69 -42.35 5.21
N ASN A 221 44.15 -41.14 5.06
CA ASN A 221 43.58 -40.69 3.80
C ASN A 221 44.46 -39.66 3.10
N LYS A 222 44.21 -39.48 1.81
CA LYS A 222 44.83 -38.43 1.01
C LYS A 222 44.49 -37.05 1.58
N LYS A 223 45.40 -36.09 1.42
CA LYS A 223 45.26 -34.78 2.07
C LYS A 223 43.98 -34.07 1.65
N ASP A 224 43.63 -34.14 0.36
CA ASP A 224 42.46 -33.45 -0.17
C ASP A 224 41.11 -34.17 0.14
N ALA A 225 41.17 -35.32 0.80
CA ALA A 225 40.00 -36.07 1.20
C ALA A 225 39.30 -35.46 2.42
N TYR A 226 40.05 -34.67 3.20
CA TYR A 226 39.54 -33.96 4.36
C TYR A 226 40.12 -32.56 4.37
N GLN A 227 39.27 -31.56 4.08
CA GLN A 227 39.67 -30.14 4.02
C GLN A 227 38.77 -29.26 4.90
N ILE A 228 39.38 -28.38 5.68
CA ILE A 228 38.63 -27.31 6.34
C ILE A 228 38.56 -26.16 5.35
N LEU A 229 37.34 -25.80 4.95
CA LEU A 229 37.13 -24.74 3.99
C LEU A 229 37.00 -23.38 4.64
N GLY A 230 36.77 -23.34 5.95
CA GLY A 230 36.47 -22.12 6.67
C GLY A 230 36.09 -22.29 8.15
N GLU A 231 36.12 -21.19 8.87
CA GLU A 231 35.82 -21.17 10.31
C GLU A 231 34.94 -19.97 10.54
N PRO A 232 33.65 -20.17 10.80
CA PRO A 232 32.74 -19.03 11.05
C PRO A 232 33.23 -18.14 12.19
N GLU A 233 33.16 -16.84 11.96
CA GLU A 233 33.39 -15.83 12.97
C GLU A 233 32.06 -15.59 13.67
N LEU A 234 31.96 -16.01 14.92
CA LEU A 234 30.70 -16.02 15.66
C LEU A 234 30.50 -14.73 16.45
N ALA A 235 29.24 -14.38 16.66
CA ALA A 235 28.90 -13.18 17.42
C ALA A 235 29.44 -13.30 18.85
N GLY A 236 29.26 -14.46 19.45
CA GLY A 236 29.74 -14.77 20.80
C GLY A 236 30.31 -16.19 20.81
N HIS A 237 30.74 -16.66 21.97
CA HIS A 237 31.57 -17.88 22.09
C HIS A 237 32.67 -17.81 21.06
N ILE A 238 33.41 -16.72 21.12
CA ILE A 238 34.35 -16.37 20.07
C ILE A 238 35.62 -17.24 20.14
N THR A 239 35.73 -18.10 21.15
CA THR A 239 36.88 -19.00 21.23
C THR A 239 36.59 -20.45 20.88
N THR A 240 35.39 -20.76 20.40
CA THR A 240 35.11 -22.14 20.01
C THR A 240 35.46 -22.35 18.54
N SER A 241 35.75 -23.58 18.15
CA SER A 241 35.95 -23.93 16.76
C SER A 241 34.78 -24.82 16.30
N GLY A 242 34.28 -24.60 15.10
CA GLY A 242 33.15 -25.34 14.57
C GLY A 242 33.15 -25.15 13.08
N PRO A 243 34.16 -25.73 12.45
CA PRO A 243 34.51 -25.38 11.07
C PRO A 243 33.60 -25.92 10.01
N HIS A 244 33.90 -25.52 8.77
CA HIS A 244 33.27 -25.98 7.55
C HIS A 244 34.20 -27.05 6.99
N THR A 245 33.81 -28.31 7.08
CA THR A 245 34.66 -29.42 6.66
C THR A 245 34.08 -30.07 5.40
N ARG A 246 34.96 -30.45 4.48
CA ARG A 246 34.56 -31.19 3.29
C ARG A 246 35.27 -32.54 3.26
N PHE A 247 34.46 -33.61 3.19
CA PHE A 247 34.94 -34.97 2.96
C PHE A 247 34.82 -35.26 1.48
N THR A 248 35.92 -35.67 0.84
CA THR A 248 35.92 -36.08 -0.56
C THR A 248 36.54 -37.47 -0.64
N GLU A 249 35.72 -38.46 -1.01
CA GLU A 249 36.16 -39.86 -1.07
C GLU A 249 36.96 -40.27 0.16
N PHE A 250 36.42 -39.97 1.33
CA PHE A 250 37.12 -40.16 2.60
C PHE A 250 36.83 -41.54 3.17
N HIS A 251 37.87 -42.38 3.21
CA HIS A 251 37.77 -43.79 3.60
C HIS A 251 37.82 -44.02 5.10
N VAL A 252 36.86 -44.80 5.61
CA VAL A 252 36.77 -45.11 7.02
C VAL A 252 36.63 -46.62 7.16
N PRO A 253 37.38 -47.26 8.05
CA PRO A 253 37.22 -48.71 8.24
C PRO A 253 35.81 -49.07 8.72
N HIS A 254 35.34 -50.25 8.32
CA HIS A 254 34.03 -50.72 8.76
C HIS A 254 33.95 -50.91 10.29
N GLU A 255 35.08 -51.27 10.90
CA GLU A 255 35.16 -51.46 12.33
C GLU A 255 34.99 -50.13 13.10
N ASN A 256 34.98 -49.01 12.37
CA ASN A 256 34.71 -47.68 12.96
C ASN A 256 33.23 -47.28 12.86
N LEU A 257 32.39 -48.18 12.34
CA LEU A 257 30.96 -47.96 12.31
C LEU A 257 30.37 -48.16 13.71
N LEU A 258 29.59 -47.18 14.16
CA LEU A 258 29.18 -47.14 15.55
C LEU A 258 28.17 -48.23 15.86
N CYS A 259 27.26 -48.45 14.92
CA CYS A 259 26.25 -49.47 15.06
C CYS A 259 25.66 -49.76 13.70
N THR A 260 24.72 -50.68 13.67
CA THR A 260 23.98 -50.96 12.44
C THR A 260 23.30 -49.69 11.96
N PRO A 261 23.48 -49.34 10.68
CA PRO A 261 22.79 -48.19 10.12
C PRO A 261 21.29 -48.36 10.22
N GLY A 262 20.60 -47.23 10.42
CA GLY A 262 19.16 -47.23 10.46
C GLY A 262 18.66 -46.67 11.76
N LEU A 263 17.50 -47.15 12.19
CA LEU A 263 16.83 -46.61 13.37
C LEU A 263 17.72 -46.58 14.59
N LYS A 264 18.57 -47.60 14.71
CA LYS A 264 19.49 -47.72 15.84
C LYS A 264 20.50 -46.55 15.88
N ALA A 265 21.00 -46.17 14.71
CA ALA A 265 21.97 -45.09 14.59
C ALA A 265 21.26 -43.76 14.82
N GLN A 266 20.11 -43.57 14.20
CA GLN A 266 19.31 -42.37 14.41
C GLN A 266 19.01 -42.22 15.90
N GLY A 267 18.76 -43.34 16.58
CA GLY A 267 18.43 -43.34 17.98
C GLY A 267 19.57 -42.90 18.89
N LEU A 268 20.82 -43.24 18.54
CA LEU A 268 21.96 -42.78 19.31
C LEU A 268 22.11 -41.27 19.16
N VAL A 269 21.93 -40.77 17.94
CA VAL A 269 22.02 -39.34 17.66
C VAL A 269 20.93 -38.54 18.41
N GLU A 270 19.69 -39.03 18.35
CA GLU A 270 18.54 -38.44 19.03
C GLU A 270 18.73 -38.41 20.52
N THR A 271 19.24 -39.51 21.08
CA THR A 271 19.45 -39.62 22.52
C THR A 271 20.53 -38.67 22.98
N ALA A 272 21.63 -38.62 22.24
CA ALA A 272 22.75 -37.73 22.59
C ALA A 272 22.27 -36.28 22.57
N PHE A 273 21.56 -35.92 21.52
CA PHE A 273 21.02 -34.56 21.36
C PHE A 273 19.89 -34.24 22.36
N ALA A 274 19.19 -35.27 22.87
CA ALA A 274 18.16 -35.06 23.91
C ALA A 274 18.82 -34.78 25.25
N MET A 275 19.89 -35.48 25.54
CA MET A 275 20.70 -35.22 26.74
C MET A 275 21.34 -33.83 26.71
N SER A 276 21.89 -33.44 25.57
CA SER A 276 22.46 -32.09 25.42
C SER A 276 21.37 -31.03 25.54
N ALA A 277 20.19 -31.29 24.97
CA ALA A 277 19.04 -30.37 25.05
C ALA A 277 18.70 -29.99 26.49
N ALA A 278 18.76 -30.97 27.38
CA ALA A 278 18.50 -30.72 28.80
C ALA A 278 19.64 -29.95 29.49
N LEU A 279 20.87 -30.32 29.19
CA LEU A 279 22.06 -29.75 29.85
C LEU A 279 22.43 -28.36 29.34
N VAL A 280 22.03 -28.03 28.12
CA VAL A 280 22.37 -26.75 27.53
C VAL A 280 21.69 -25.65 28.36
N GLY A 281 20.56 -26.02 28.98
CA GLY A 281 19.91 -25.19 29.96
C GLY A 281 20.82 -24.64 31.05
N ALA A 282 21.71 -25.48 31.56
CA ALA A 282 22.64 -25.09 32.61
C ALA A 282 23.66 -24.06 32.11
N MET A 283 24.05 -24.17 30.84
CA MET A 283 24.91 -23.18 30.19
C MET A 283 24.19 -21.84 30.04
N ALA A 284 22.93 -21.88 29.64
CA ALA A 284 22.13 -20.69 29.51
C ALA A 284 21.94 -20.04 30.86
N ILE A 285 21.71 -20.84 31.90
CA ILE A 285 21.57 -20.34 33.26
C ILE A 285 22.84 -19.65 33.73
N GLY A 286 23.99 -20.30 33.51
CA GLY A 286 25.28 -19.70 33.83
C GLY A 286 25.45 -18.32 33.26
N THR A 287 25.19 -18.15 31.97
CA THR A 287 25.36 -16.85 31.31
C THR A 287 24.38 -15.83 31.86
N ALA A 288 23.11 -16.21 31.96
CA ALA A 288 22.07 -15.30 32.46
C ALA A 288 22.33 -14.95 33.92
N ARG A 289 22.78 -15.92 34.70
CA ARG A 289 23.10 -15.70 36.09
C ARG A 289 24.24 -14.68 36.26
N ALA A 290 25.22 -14.72 35.36
CA ALA A 290 26.30 -13.74 35.40
C ALA A 290 25.75 -12.33 35.15
N ALA A 291 24.82 -12.18 34.21
CA ALA A 291 24.17 -10.90 33.94
C ALA A 291 23.38 -10.41 35.11
N PHE A 292 22.56 -11.31 35.69
CA PHE A 292 21.72 -11.00 36.84
C PHE A 292 22.54 -10.53 38.01
N GLU A 293 23.55 -11.30 38.38
CA GLU A 293 24.39 -11.00 39.52
C GLU A 293 25.19 -9.71 39.31
N GLU A 294 25.69 -9.48 38.11
CA GLU A 294 26.38 -8.22 37.82
C GLU A 294 25.43 -7.01 37.93
N ALA A 295 24.21 -7.14 37.38
CA ALA A 295 23.17 -6.10 37.54
C ALA A 295 22.72 -5.90 38.99
N LEU A 296 22.62 -7.00 39.73
CA LEU A 296 22.19 -6.95 41.11
C LEU A 296 23.20 -6.22 41.98
N VAL A 297 24.48 -6.56 41.84
CA VAL A 297 25.55 -5.89 42.59
C VAL A 297 25.57 -4.41 42.26
N PHE A 298 25.45 -4.09 40.98
CA PHE A 298 25.36 -2.70 40.51
C PHE A 298 24.21 -1.97 41.19
N ALA A 299 23.01 -2.54 41.09
CA ALA A 299 21.79 -1.90 41.58
C ALA A 299 21.76 -1.75 43.09
N LYS A 300 22.47 -2.64 43.80
CA LYS A 300 22.57 -2.56 45.26
C LYS A 300 23.69 -1.59 45.78
N SER A 301 24.55 -1.11 44.88
CA SER A 301 25.68 -0.27 45.27
C SER A 301 25.78 1.09 44.56
N ASP A 302 25.00 1.29 43.50
CA ASP A 302 25.03 2.53 42.75
C ASP A 302 23.68 3.24 42.82
N THR A 303 23.73 4.56 43.05
CA THR A 303 22.54 5.42 43.06
C THR A 303 22.28 6.06 41.73
N ARG A 304 23.25 5.98 40.83
CA ARG A 304 23.13 6.63 39.53
C ARG A 304 22.82 8.15 39.70
N GLY A 305 23.57 8.78 40.60
CA GLY A 305 23.52 10.21 40.78
C GLY A 305 22.22 10.68 41.40
N GLY A 306 21.57 9.76 42.13
CA GLY A 306 20.35 10.03 42.86
C GLY A 306 20.65 9.81 44.33
N SER A 307 19.64 9.73 45.16
CA SER A 307 19.87 9.67 46.59
C SER A 307 19.83 8.25 47.14
N LYS A 308 19.24 7.31 46.41
CA LYS A 308 19.14 5.93 46.89
C LYS A 308 19.66 4.92 45.86
N HIS A 309 20.07 3.77 46.37
CA HIS A 309 20.53 2.69 45.53
C HIS A 309 19.41 2.41 44.57
N ILE A 310 19.77 2.05 43.37
CA ILE A 310 18.83 1.98 42.28
C ILE A 310 17.83 0.82 42.40
N ILE A 311 18.20 -0.21 43.15
CA ILE A 311 17.29 -1.32 43.43
C ILE A 311 16.03 -0.87 44.20
N GLU A 312 16.09 0.31 44.81
CA GLU A 312 14.94 0.87 45.50
C GLU A 312 13.91 1.45 44.55
N HIS A 313 14.27 1.63 43.28
CA HIS A 313 13.28 2.05 42.30
C HIS A 313 12.51 0.82 41.79
N GLN A 314 11.17 0.92 41.77
CA GLN A 314 10.32 -0.21 41.47
C GLN A 314 10.55 -0.78 40.07
N SER A 315 10.79 0.05 39.06
CA SER A 315 10.99 -0.49 37.72
C SER A 315 12.29 -1.27 37.60
N VAL A 316 13.30 -0.90 38.39
CA VAL A 316 14.59 -1.61 38.43
C VAL A 316 14.43 -2.94 39.12
N ALA A 317 13.77 -2.92 40.27
CA ALA A 317 13.46 -4.14 41.03
C ALA A 317 12.63 -5.10 40.21
N ASP A 318 11.68 -4.57 39.42
CA ASP A 318 10.82 -5.40 38.57
C ASP A 318 11.65 -6.20 37.56
N LYS A 319 12.66 -5.57 36.95
CA LYS A 319 13.58 -6.27 36.05
C LYS A 319 14.36 -7.35 36.78
N LEU A 320 14.91 -7.05 37.96
CA LEU A 320 15.74 -8.01 38.68
C LEU A 320 14.88 -9.19 39.14
N ILE A 321 13.66 -8.89 39.53
CA ILE A 321 12.70 -9.91 39.94
C ILE A 321 12.44 -10.84 38.76
N ASP A 322 12.25 -10.30 37.57
CA ASP A 322 11.93 -11.13 36.41
C ASP A 322 13.12 -12.00 36.02
N CYS A 323 14.33 -11.43 36.09
CA CYS A 323 15.56 -12.19 35.87
C CYS A 323 15.66 -13.34 36.88
N LYS A 324 15.45 -13.01 38.15
CA LYS A 324 15.61 -13.99 39.22
C LYS A 324 14.66 -15.17 39.01
N ILE A 325 13.40 -14.85 38.70
CA ILE A 325 12.35 -15.84 38.42
C ILE A 325 12.71 -16.74 37.23
N ARG A 326 13.22 -16.13 36.16
CA ARG A 326 13.61 -16.90 35.00
C ARG A 326 14.71 -17.90 35.34
N LEU A 327 15.64 -17.48 36.19
CA LEU A 327 16.80 -18.28 36.56
C LEU A 327 16.36 -19.43 37.46
N GLU A 328 15.51 -19.14 38.44
CA GLU A 328 15.03 -20.15 39.38
C GLU A 328 14.24 -21.23 38.65
N THR A 329 13.28 -20.82 37.82
CA THR A 329 12.46 -21.77 37.04
C THR A 329 13.28 -22.58 36.05
N SER A 330 14.26 -21.93 35.42
CA SER A 330 15.16 -22.62 34.49
C SER A 330 15.93 -23.75 35.18
N ARG A 331 16.48 -23.47 36.34
CA ARG A 331 17.30 -24.46 37.04
C ARG A 331 16.48 -25.65 37.51
N LEU A 332 15.29 -25.37 37.99
CA LEU A 332 14.38 -26.43 38.39
C LEU A 332 14.06 -27.33 37.22
N LEU A 333 13.80 -26.71 36.07
CA LEU A 333 13.41 -27.43 34.88
C LEU A 333 14.55 -28.30 34.36
N VAL A 334 15.79 -27.80 34.48
CA VAL A 334 16.97 -28.54 34.05
C VAL A 334 17.15 -29.73 34.96
N TRP A 335 17.07 -29.53 36.28
CA TRP A 335 17.25 -30.64 37.23
C TRP A 335 16.15 -31.70 37.07
N LYS A 336 14.94 -31.21 36.77
CA LYS A 336 13.82 -32.11 36.49
C LYS A 336 14.10 -32.88 35.21
N ALA A 337 14.62 -32.19 34.20
CA ALA A 337 14.83 -32.82 32.90
C ALA A 337 15.93 -33.88 32.95
N VAL A 338 17.01 -33.61 33.67
CA VAL A 338 18.13 -34.55 33.66
C VAL A 338 17.78 -35.73 34.56
N THR A 339 17.06 -35.48 35.65
CA THR A 339 16.58 -36.55 36.53
C THR A 339 15.58 -37.47 35.78
N THR A 340 14.74 -36.88 34.92
CA THR A 340 13.81 -37.64 34.09
C THR A 340 14.55 -38.55 33.10
N LEU A 341 15.58 -38.01 32.47
CA LEU A 341 16.38 -38.76 31.51
C LEU A 341 17.04 -39.99 32.15
N GLU A 342 17.43 -39.87 33.41
CA GLU A 342 18.04 -40.97 34.16
C GLU A 342 17.03 -41.94 34.76
N ASP A 343 15.73 -41.69 34.61
CA ASP A 343 14.70 -42.56 35.20
C ASP A 343 14.42 -43.73 34.24
N GLU A 344 14.86 -44.92 34.60
CA GLU A 344 14.70 -46.10 33.73
C GLU A 344 13.25 -46.55 33.59
N ALA A 345 12.39 -46.15 34.53
CA ALA A 345 10.96 -46.49 34.49
C ALA A 345 10.16 -45.72 33.43
N LEU A 346 10.72 -44.61 32.93
CA LEU A 346 10.00 -43.73 32.03
C LEU A 346 10.27 -44.06 30.56
N GLU A 347 9.23 -43.99 29.74
CA GLU A 347 9.35 -44.23 28.29
C GLU A 347 10.17 -43.11 27.61
N TRP A 348 10.83 -43.44 26.50
CA TRP A 348 11.69 -42.47 25.84
C TRP A 348 10.95 -41.17 25.48
N LYS A 349 9.73 -41.28 24.96
CA LYS A 349 8.98 -40.10 24.51
C LYS A 349 8.65 -39.11 25.66
N VAL A 350 8.55 -39.64 26.89
CA VAL A 350 8.35 -38.82 28.08
C VAL A 350 9.62 -38.03 28.40
N LYS A 351 10.77 -38.68 28.25
CA LYS A 351 12.06 -38.06 28.50
C LYS A 351 12.35 -37.02 27.45
N LEU A 352 12.05 -37.35 26.19
CA LEU A 352 12.30 -36.50 25.06
C LEU A 352 11.51 -35.18 25.20
N GLU A 353 10.22 -35.30 25.47
CA GLU A 353 9.36 -34.13 25.66
C GLU A 353 9.91 -33.20 26.74
N MET A 354 10.30 -33.78 27.88
CA MET A 354 10.85 -33.03 29.01
C MET A 354 12.15 -32.32 28.65
N ALA A 355 13.00 -32.97 27.86
CA ALA A 355 14.26 -32.36 27.39
C ALA A 355 14.04 -31.23 26.39
N MET A 356 13.04 -31.34 25.52
CA MET A 356 12.78 -30.30 24.53
C MET A 356 12.22 -29.06 25.23
N GLN A 357 11.28 -29.29 26.14
CA GLN A 357 10.63 -28.24 26.95
C GLN A 357 11.69 -27.40 27.62
N THR A 358 12.68 -28.11 28.15
CA THR A 358 13.76 -27.53 28.92
C THR A 358 14.66 -26.70 28.06
N LYS A 359 15.02 -27.24 26.91
CA LYS A 359 15.86 -26.52 25.98
C LYS A 359 15.13 -25.27 25.56
N ILE A 360 13.86 -25.41 25.17
CA ILE A 360 13.11 -24.28 24.63
C ILE A 360 13.03 -23.19 25.66
N TYR A 361 12.64 -23.55 26.87
CA TYR A 361 12.33 -22.55 27.87
C TYR A 361 13.62 -21.86 28.32
N THR A 362 14.62 -22.64 28.72
CA THR A 362 15.78 -22.06 29.38
C THR A 362 16.54 -21.14 28.43
N THR A 363 16.60 -21.50 27.15
CA THR A 363 17.41 -20.74 26.20
C THR A 363 16.71 -19.47 25.75
N ASP A 364 15.39 -19.50 25.62
CA ASP A 364 14.64 -18.30 25.24
C ASP A 364 14.71 -17.26 26.35
N VAL A 365 14.54 -17.73 27.57
CA VAL A 365 14.35 -16.92 28.76
C VAL A 365 15.70 -16.35 29.26
N ALA A 366 16.80 -17.07 29.01
CA ALA A 366 18.13 -16.54 29.28
C ALA A 366 18.39 -15.26 28.50
N VAL A 367 17.95 -15.21 27.26
CA VAL A 367 18.11 -14.02 26.43
C VAL A 367 17.38 -12.84 27.09
N GLU A 368 16.13 -13.06 27.49
CA GLU A 368 15.31 -12.03 28.14
C GLU A 368 15.98 -11.56 29.44
N CYS A 369 16.63 -12.47 30.17
CA CYS A 369 17.24 -12.18 31.44
C CYS A 369 18.45 -11.25 31.26
N VAL A 370 19.26 -11.51 30.23
CA VAL A 370 20.44 -10.71 29.98
C VAL A 370 20.01 -9.30 29.57
N ILE A 371 19.06 -9.24 28.65
CA ILE A 371 18.56 -7.97 28.15
C ILE A 371 17.90 -7.15 29.25
N ASP A 372 17.12 -7.81 30.11
CA ASP A 372 16.52 -7.10 31.23
C ASP A 372 17.57 -6.56 32.16
N ALA A 373 18.59 -7.37 32.45
CA ALA A 373 19.67 -6.94 33.33
C ALA A 373 20.40 -5.72 32.76
N MET A 374 20.61 -5.69 31.45
CA MET A 374 21.25 -4.56 30.79
C MET A 374 20.41 -3.28 30.90
N LYS A 375 19.12 -3.41 30.64
CA LYS A 375 18.20 -2.28 30.75
C LYS A 375 18.19 -1.69 32.18
N ALA A 376 18.29 -2.56 33.18
CA ALA A 376 18.32 -2.17 34.59
C ALA A 376 19.59 -1.41 34.97
N VAL A 377 20.72 -1.86 34.45
CA VAL A 377 22.00 -1.20 34.67
C VAL A 377 22.04 0.10 33.87
N GLY A 378 21.40 0.10 32.71
CA GLY A 378 21.31 1.29 31.87
C GLY A 378 22.50 1.39 30.94
N MET A 379 22.85 2.62 30.55
CA MET A 379 23.90 2.88 29.55
C MET A 379 25.20 2.13 29.80
N LYS A 380 25.61 2.07 31.04
CA LYS A 380 26.91 1.50 31.38
C LYS A 380 27.05 0.05 30.94
N SER A 381 25.92 -0.63 30.76
CA SER A 381 25.90 -2.03 30.40
C SER A 381 26.37 -2.25 28.97
N TYR A 382 26.45 -1.18 28.20
CA TYR A 382 26.74 -1.23 26.80
C TYR A 382 28.23 -1.15 26.50
N ALA A 383 29.05 -0.84 27.50
CA ALA A 383 30.49 -0.69 27.30
C ALA A 383 31.22 -1.93 27.81
N LYS A 384 32.38 -2.21 27.23
CA LYS A 384 33.11 -3.43 27.53
C LYS A 384 33.90 -3.45 28.84
N ASP A 385 33.82 -2.42 29.67
CA ASP A 385 34.30 -2.52 31.06
C ASP A 385 33.27 -3.21 31.96
N MET A 386 32.10 -3.53 31.42
CA MET A 386 31.18 -4.45 32.09
C MET A 386 31.10 -5.76 31.30
N SER A 387 30.49 -6.79 31.87
CA SER A 387 30.45 -8.10 31.21
C SER A 387 29.39 -8.20 30.14
N PHE A 388 28.43 -7.26 30.13
CA PHE A 388 27.22 -7.48 29.39
C PHE A 388 27.34 -7.58 27.88
N PRO A 389 28.24 -6.83 27.24
CA PRO A 389 28.41 -6.98 25.80
C PRO A 389 28.78 -8.40 25.41
N ARG A 390 29.70 -9.01 26.15
CA ARG A 390 30.07 -10.41 25.95
C ARG A 390 28.88 -11.35 26.24
N LEU A 391 28.20 -11.12 27.35
CA LEU A 391 27.07 -11.97 27.74
C LEU A 391 25.94 -11.92 26.74
N LEU A 392 25.63 -10.73 26.23
CA LEU A 392 24.56 -10.56 25.24
C LEU A 392 24.80 -11.39 23.98
N ASN A 393 26.02 -11.34 23.47
CA ASN A 393 26.38 -12.07 22.28
C ASN A 393 26.39 -13.55 22.57
N GLU A 394 26.87 -13.92 23.75
CA GLU A 394 26.95 -15.33 24.14
C GLU A 394 25.56 -15.94 24.41
N VAL A 395 24.65 -15.19 25.04
CA VAL A 395 23.33 -15.74 25.37
C VAL A 395 22.49 -15.99 24.11
N MET A 396 22.68 -15.16 23.07
CA MET A 396 21.94 -15.35 21.83
C MET A 396 22.28 -16.64 21.07
N CYS A 397 23.39 -17.28 21.42
CA CYS A 397 23.73 -18.59 20.87
C CYS A 397 22.72 -19.67 21.24
N TYR A 398 22.21 -19.60 22.46
CA TYR A 398 21.58 -20.75 23.08
C TYR A 398 20.25 -21.20 22.46
N PRO A 399 19.35 -20.28 22.14
CA PRO A 399 18.11 -20.66 21.46
C PRO A 399 18.34 -21.09 20.01
N LEU A 400 19.48 -20.71 19.43
CA LEU A 400 19.80 -21.05 18.04
C LEU A 400 20.53 -22.38 17.91
N PHE A 401 21.40 -22.70 18.86
CA PHE A 401 22.28 -23.87 18.74
C PHE A 401 21.69 -25.07 19.43
N ASP A 402 22.42 -26.18 19.32
CA ASP A 402 22.03 -27.46 19.88
C ASP A 402 20.61 -27.81 19.44
N GLY A 403 20.37 -27.68 18.14
CA GLY A 403 19.04 -27.74 17.58
C GLY A 403 18.26 -26.51 17.98
N GLY A 404 18.03 -25.61 17.04
CA GLY A 404 17.30 -24.39 17.33
C GLY A 404 15.91 -24.69 17.82
N ASN A 405 15.36 -23.77 18.59
CA ASN A 405 14.04 -23.96 19.15
C ASN A 405 12.96 -23.98 18.09
N ILE A 406 13.05 -23.11 17.09
CA ILE A 406 11.96 -22.92 16.12
C ILE A 406 11.84 -24.06 15.11
N GLY A 407 12.95 -24.46 14.54
CA GLY A 407 12.96 -25.50 13.53
C GLY A 407 13.09 -26.92 14.06
N LEU A 408 13.83 -27.11 15.15
CA LEU A 408 14.07 -28.46 15.66
C LEU A 408 13.35 -28.83 16.97
N ARG A 409 13.70 -28.21 18.09
CA ARG A 409 13.17 -28.65 19.37
C ARG A 409 11.64 -28.55 19.47
N ARG A 410 11.05 -27.47 18.94
CA ARG A 410 9.61 -27.30 19.04
C ARG A 410 8.94 -28.34 18.14
N ARG A 411 9.58 -28.67 17.01
CA ARG A 411 9.04 -29.70 16.11
C ARG A 411 9.14 -31.09 16.73
N GLN A 412 10.21 -31.36 17.46
CA GLN A 412 10.38 -32.66 18.10
C GLN A 412 9.33 -32.81 19.21
N MET A 413 9.12 -31.74 19.98
CA MET A 413 8.12 -31.73 21.04
C MET A 413 6.69 -31.86 20.50
N GLN A 414 6.38 -31.13 19.43
CA GLN A 414 5.06 -31.15 18.77
C GLN A 414 4.74 -32.58 18.30
N ARG A 415 5.77 -33.28 17.79
CA ARG A 415 5.61 -34.64 17.31
C ARG A 415 5.21 -35.58 18.44
N VAL A 416 5.80 -35.41 19.61
CA VAL A 416 5.47 -36.21 20.76
C VAL A 416 4.04 -35.92 21.26
N MET A 417 3.69 -34.64 21.32
CA MET A 417 2.39 -34.22 21.78
C MET A 417 1.25 -34.70 20.85
N ALA A 418 1.54 -34.84 19.57
CA ALA A 418 0.53 -35.26 18.62
C ALA A 418 0.32 -36.78 18.59
N LEU A 419 1.18 -37.55 19.27
CA LEU A 419 1.02 -38.99 19.35
C LEU A 419 -0.23 -39.35 20.13
N GLU A 420 -0.89 -40.43 19.72
CA GLU A 420 -2.16 -40.84 20.29
C GLU A 420 -2.08 -41.18 21.77
N ASP A 421 -0.94 -41.74 22.19
CA ASP A 421 -0.74 -42.15 23.57
C ASP A 421 0.11 -41.17 24.42
N TYR A 422 0.20 -39.91 23.97
CA TYR A 422 0.86 -38.84 24.73
C TYR A 422 0.25 -38.68 26.12
N GLU A 423 1.08 -38.77 27.16
CA GLU A 423 0.68 -38.46 28.52
C GLU A 423 1.48 -37.24 29.00
N PRO A 424 0.85 -36.07 29.00
CA PRO A 424 1.59 -34.83 29.30
C PRO A 424 2.33 -34.84 30.64
N TRP A 425 1.76 -35.46 31.67
CA TRP A 425 2.32 -35.43 33.02
C TRP A 425 2.99 -36.74 33.48
N ALA A 426 3.40 -37.59 32.55
CA ALA A 426 3.97 -38.90 32.90
C ALA A 426 5.27 -38.77 33.69
N ALA A 427 6.01 -37.67 33.47
CA ALA A 427 7.29 -37.47 34.16
C ALA A 427 7.10 -37.06 35.60
N THR A 428 5.91 -36.57 35.95
CA THR A 428 5.64 -36.08 37.30
C THR A 428 4.75 -37.04 38.09
N TYR A 429 3.64 -37.46 37.50
CA TYR A 429 2.62 -38.26 38.17
C TYR A 429 2.57 -39.70 37.68
N GLY A 430 3.52 -40.10 36.83
CA GLY A 430 3.58 -41.46 36.32
C GLY A 430 2.59 -41.79 35.20
N SER A 431 2.72 -43.01 34.67
CA SER A 431 1.76 -43.59 33.72
C SER A 431 0.78 -44.51 34.44
N VAL B 2 -7.00 13.23 7.85
CA VAL B 2 -5.84 12.35 8.09
C VAL B 2 -5.40 11.76 6.77
N ASP B 3 -4.09 11.71 6.57
CA ASP B 3 -3.49 11.42 5.28
C ASP B 3 -2.08 10.84 5.52
N PHE B 4 -1.78 9.73 4.87
CA PHE B 4 -0.46 9.12 5.00
C PHE B 4 0.39 9.22 3.74
N LYS B 5 -0.17 9.78 2.66
CA LYS B 5 0.48 9.83 1.36
C LYS B 5 1.73 10.73 1.42
N LEU B 6 2.80 10.28 0.77
CA LEU B 6 4.06 11.00 0.79
C LEU B 6 4.13 11.98 -0.38
N SER B 7 4.66 13.17 -0.15
CA SER B 7 4.81 14.16 -1.22
C SER B 7 5.99 13.78 -2.13
N PRO B 8 6.07 14.36 -3.32
CA PRO B 8 7.26 14.18 -4.16
C PRO B 8 8.59 14.55 -3.47
N SER B 9 8.61 15.54 -2.57
CA SER B 9 9.88 15.90 -1.92
C SER B 9 10.26 14.87 -0.85
N GLN B 10 9.27 14.28 -0.20
CA GLN B 10 9.51 13.22 0.78
C GLN B 10 10.04 11.94 0.11
N LEU B 11 9.48 11.60 -1.05
CA LEU B 11 9.96 10.48 -1.85
C LEU B 11 11.36 10.74 -2.39
N GLU B 12 11.66 12.00 -2.74
CA GLU B 12 12.99 12.35 -3.20
C GLU B 12 13.97 12.23 -2.03
N ALA B 13 13.56 12.73 -0.86
CA ALA B 13 14.41 12.61 0.33
C ALA B 13 14.79 11.15 0.58
N ARG B 14 13.84 10.24 0.41
CA ARG B 14 14.09 8.81 0.59
C ARG B 14 15.09 8.27 -0.44
N ARG B 15 14.86 8.60 -1.71
CA ARG B 15 15.71 8.17 -2.82
C ARG B 15 17.15 8.65 -2.62
N HIS B 16 17.30 9.93 -2.32
CA HIS B 16 18.59 10.56 -2.05
C HIS B 16 19.29 9.89 -0.89
N ALA B 17 18.56 9.65 0.19
CA ALA B 17 19.11 9.00 1.38
C ALA B 17 19.52 7.55 1.10
N GLN B 18 18.75 6.85 0.28
CA GLN B 18 19.06 5.48 -0.11
C GLN B 18 20.29 5.43 -1.01
N ALA B 19 20.38 6.36 -1.94
CA ALA B 19 21.49 6.38 -2.87
C ALA B 19 22.76 6.72 -2.10
N PHE B 20 22.68 7.66 -1.16
CA PHE B 20 23.85 8.02 -0.35
C PHE B 20 24.31 6.82 0.45
N ALA B 21 23.37 6.15 1.10
CA ALA B 21 23.73 5.04 1.97
C ALA B 21 24.37 3.91 1.17
N ASN B 22 23.82 3.62 0.00
CA ASN B 22 24.28 2.52 -0.83
C ASN B 22 25.59 2.77 -1.59
N THR B 23 25.86 4.01 -1.99
CA THR B 23 27.08 4.30 -2.76
C THR B 23 28.21 4.79 -1.88
N VAL B 24 27.90 5.43 -0.75
CA VAL B 24 28.93 5.96 0.14
C VAL B 24 29.07 5.10 1.40
N LEU B 25 28.01 5.03 2.19
CA LEU B 25 28.06 4.36 3.49
C LEU B 25 28.47 2.87 3.46
N THR B 26 28.12 2.16 2.40
CA THR B 26 28.52 0.75 2.26
C THR B 26 30.03 0.55 2.16
N LYS B 27 30.75 1.61 1.81
CA LYS B 27 32.21 1.54 1.74
C LYS B 27 32.91 1.74 3.10
N ALA B 28 32.18 2.24 4.10
CA ALA B 28 32.77 2.57 5.41
C ALA B 28 33.40 1.38 6.12
N SER B 29 32.75 0.23 6.06
CA SER B 29 33.18 -0.93 6.81
C SER B 29 34.59 -1.38 6.45
N ALA B 30 34.95 -1.33 5.17
CA ALA B 30 36.30 -1.68 4.71
C ALA B 30 37.37 -0.85 5.44
N GLU B 31 37.06 0.39 5.79
CA GLU B 31 37.99 1.28 6.47
C GLU B 31 38.00 1.13 8.00
N TYR B 32 36.84 1.17 8.66
CA TYR B 32 36.82 1.12 10.13
C TYR B 32 37.12 -0.28 10.71
N SER B 33 36.84 -1.29 9.91
CA SER B 33 36.97 -2.69 10.30
C SER B 33 38.38 -3.12 10.74
N THR B 34 39.40 -2.43 10.21
CA THR B 34 40.80 -2.76 10.51
C THR B 34 41.31 -2.04 11.76
N GLN B 35 40.49 -1.19 12.35
CA GLN B 35 40.95 -0.31 13.41
C GLN B 35 40.58 -0.90 14.76
N LYS B 36 41.52 -0.92 15.69
CA LYS B 36 41.42 -1.73 16.90
C LYS B 36 40.82 -0.97 18.09
N ASP B 37 40.65 0.34 17.98
CA ASP B 37 39.99 1.04 19.07
C ASP B 37 38.93 2.01 18.57
N GLN B 38 38.03 2.35 19.47
CA GLN B 38 36.83 3.10 19.14
C GLN B 38 37.17 4.42 18.45
N LEU B 39 38.12 5.18 18.98
CA LEU B 39 38.46 6.46 18.40
C LEU B 39 38.95 6.33 16.97
N SER B 40 39.81 5.34 16.75
CA SER B 40 40.36 5.13 15.42
C SER B 40 39.27 4.69 14.49
N ARG B 41 38.28 3.94 14.97
CA ARG B 41 37.15 3.58 14.11
C ARG B 41 36.36 4.83 13.74
N PHE B 42 36.11 5.70 14.71
CA PHE B 42 35.46 6.98 14.47
C PHE B 42 36.26 7.83 13.47
N GLN B 43 37.57 7.92 13.65
CA GLN B 43 38.39 8.67 12.69
C GLN B 43 38.31 8.11 11.26
N ALA B 44 38.23 6.79 11.15
CA ALA B 44 38.16 6.10 9.84
C ALA B 44 36.91 6.47 9.07
N THR B 45 35.96 7.00 9.82
CA THR B 45 34.65 7.31 9.33
C THR B 45 34.55 8.78 8.83
N ARG B 46 35.62 9.56 9.07
CA ARG B 46 35.67 10.98 8.70
C ARG B 46 35.41 11.26 7.22
N PRO B 47 36.02 10.52 6.30
CA PRO B 47 35.76 10.75 4.87
C PRO B 47 34.29 10.54 4.48
N PHE B 48 33.57 9.74 5.25
CA PHE B 48 32.16 9.46 4.95
C PHE B 48 31.24 10.58 5.48
N TYR B 49 31.55 11.09 6.66
CA TYR B 49 30.92 12.31 7.16
C TYR B 49 31.18 13.48 6.19
N ARG B 50 32.41 13.59 5.70
CA ARG B 50 32.74 14.58 4.64
C ARG B 50 31.79 14.48 3.48
N GLU B 51 31.61 13.28 2.96
CA GLU B 51 30.66 13.04 1.89
C GLU B 51 29.24 13.41 2.31
N ALA B 52 28.88 13.12 3.56
CA ALA B 52 27.54 13.43 4.05
C ALA B 52 27.32 14.94 4.00
N VAL B 53 28.32 15.70 4.42
CA VAL B 53 28.26 17.15 4.38
C VAL B 53 28.10 17.62 2.94
N ARG B 54 28.88 17.00 2.04
CA ARG B 54 28.87 17.35 0.63
C ARG B 54 27.49 17.09 0.01
N HIS B 55 26.81 16.05 0.49
CA HIS B 55 25.47 15.66 0.01
C HIS B 55 24.32 16.46 0.66
N GLY B 56 24.66 17.44 1.50
CA GLY B 56 23.68 18.33 2.11
C GLY B 56 23.04 17.81 3.40
N LEU B 57 23.57 16.74 3.98
CA LEU B 57 22.90 16.08 5.10
C LEU B 57 23.06 16.77 6.45
N ILE B 58 24.17 17.46 6.66
CA ILE B 58 24.31 18.28 7.87
C ILE B 58 23.47 19.56 7.77
N LYS B 59 23.55 20.24 6.63
CA LYS B 59 22.69 21.38 6.31
C LYS B 59 21.19 21.04 6.51
N ALA B 60 20.82 19.80 6.21
CA ALA B 60 19.43 19.34 6.35
C ALA B 60 18.96 19.19 7.80
N GLN B 61 19.90 19.30 8.75
CA GLN B 61 19.59 19.24 10.18
C GLN B 61 19.28 20.62 10.78
N VAL B 62 19.41 21.67 9.97
CA VAL B 62 19.19 23.06 10.41
C VAL B 62 17.97 23.59 9.63
N PRO B 63 17.01 24.19 10.31
CA PRO B 63 15.89 24.83 9.62
C PRO B 63 16.30 25.88 8.58
N ILE B 64 15.48 26.01 7.55
CA ILE B 64 15.67 26.97 6.46
C ILE B 64 15.82 28.43 6.94
N PRO B 65 14.99 28.90 7.87
CA PRO B 65 15.13 30.28 8.41
C PRO B 65 16.48 30.59 9.06
N LEU B 66 17.24 29.54 9.40
CA LEU B 66 18.56 29.67 10.03
C LEU B 66 19.67 29.36 9.04
N GLY B 67 19.34 29.31 7.76
CA GLY B 67 20.31 29.03 6.70
C GLY B 67 20.46 27.56 6.27
N GLY B 68 19.77 26.63 6.93
CA GLY B 68 19.81 25.21 6.58
C GLY B 68 18.83 24.85 5.49
N THR B 69 18.62 23.55 5.28
CA THR B 69 17.67 23.03 4.29
C THR B 69 16.65 22.01 4.83
N MET B 70 16.44 21.93 6.14
CA MET B 70 15.45 20.99 6.68
C MET B 70 14.06 21.26 6.12
N GLU B 71 13.46 20.25 5.50
CA GLU B 71 12.13 20.37 4.93
C GLU B 71 11.03 20.08 5.98
N SER B 72 11.23 19.02 6.75
CA SER B 72 10.30 18.67 7.82
C SER B 72 10.84 17.50 8.62
N LEU B 73 10.17 17.20 9.71
CA LEU B 73 10.60 16.14 10.61
C LEU B 73 10.24 14.75 10.02
N VAL B 74 9.23 14.71 9.16
CA VAL B 74 8.86 13.48 8.50
C VAL B 74 9.91 13.16 7.42
N HIS B 75 10.37 14.19 6.70
CA HIS B 75 11.52 14.01 5.81
C HIS B 75 12.70 13.49 6.62
N GLU B 76 12.94 14.09 7.78
CA GLU B 76 14.05 13.66 8.62
C GLU B 76 13.91 12.18 9.02
N SER B 77 12.71 11.75 9.41
CA SER B 77 12.43 10.36 9.81
C SER B 77 12.75 9.40 8.69
N ILE B 78 12.39 9.81 7.48
CA ILE B 78 12.57 8.97 6.30
C ILE B 78 14.08 8.83 6.04
N ILE B 79 14.81 9.94 6.10
CA ILE B 79 16.24 9.91 5.86
C ILE B 79 16.94 8.97 6.87
N LEU B 80 16.63 9.13 8.16
CA LEU B 80 17.24 8.32 9.20
C LEU B 80 16.94 6.83 9.04
N GLU B 81 15.70 6.48 8.73
CA GLU B 81 15.36 5.08 8.55
C GLU B 81 16.22 4.47 7.44
N GLU B 82 16.33 5.16 6.31
CA GLU B 82 17.10 4.63 5.19
C GLU B 82 18.58 4.52 5.49
N LEU B 83 19.10 5.51 6.22
CA LEU B 83 20.50 5.54 6.56
C LEU B 83 20.80 4.36 7.45
N PHE B 84 20.03 4.21 8.52
CA PHE B 84 20.33 3.22 9.55
C PHE B 84 19.96 1.80 9.14
N ALA B 85 19.13 1.66 8.11
CA ALA B 85 18.88 0.37 7.47
C ALA B 85 20.13 -0.20 6.80
N VAL B 86 21.10 0.66 6.48
CA VAL B 86 22.30 0.22 5.78
C VAL B 86 23.53 0.25 6.66
N GLU B 87 23.81 1.41 7.26
CA GLU B 87 25.03 1.61 8.01
C GLU B 87 24.92 2.73 9.03
N PRO B 88 24.83 2.38 10.30
CA PRO B 88 24.84 3.39 11.37
C PRO B 88 26.14 4.19 11.53
N ALA B 89 27.24 3.71 10.99
CA ALA B 89 28.48 4.50 10.93
C ALA B 89 28.24 5.74 10.11
N THR B 90 28.75 6.87 10.59
CA THR B 90 28.53 8.19 10.01
C THR B 90 27.08 8.67 10.24
N SER B 91 26.09 7.83 10.00
CA SER B 91 24.69 8.17 10.26
C SER B 91 24.48 8.67 11.67
N ILE B 92 25.11 7.97 12.61
CA ILE B 92 25.05 8.27 14.03
C ILE B 92 25.74 9.60 14.35
N THR B 93 26.83 9.90 13.64
CA THR B 93 27.52 11.19 13.76
C THR B 93 26.64 12.35 13.31
N ILE B 94 25.87 12.14 12.24
CA ILE B 94 25.00 13.16 11.69
C ILE B 94 23.94 13.51 12.70
N VAL B 95 23.36 12.46 13.23
CA VAL B 95 22.26 12.56 14.16
C VAL B 95 22.74 13.12 15.53
N ALA B 96 23.93 12.75 15.96
CA ALA B 96 24.50 13.32 17.20
C ALA B 96 24.81 14.80 17.07
N THR B 97 25.27 15.21 15.89
CA THR B 97 25.46 16.61 15.54
C THR B 97 24.12 17.37 15.57
N ALA B 98 23.06 16.77 15.03
CA ALA B 98 21.76 17.40 15.03
C ALA B 98 21.29 17.66 16.45
N LEU B 99 21.58 16.74 17.36
CA LEU B 99 21.23 16.91 18.77
C LEU B 99 22.04 18.04 19.41
N GLY B 100 23.31 18.14 19.04
CA GLY B 100 24.20 19.18 19.54
C GLY B 100 23.80 20.58 19.06
N LEU B 101 23.20 20.65 17.88
CA LEU B 101 22.74 21.93 17.33
C LEU B 101 21.41 22.36 17.92
N MET B 102 20.62 21.41 18.40
CA MET B 102 19.23 21.70 18.75
C MET B 102 19.03 22.80 19.76
N PRO B 103 19.77 22.79 20.87
CA PRO B 103 19.62 23.86 21.89
C PRO B 103 19.86 25.26 21.32
N VAL B 104 20.77 25.40 20.34
CA VAL B 104 21.01 26.65 19.67
C VAL B 104 19.90 26.97 18.66
N ILE B 105 19.48 25.96 17.89
CA ILE B 105 18.37 26.10 16.94
C ILE B 105 17.07 26.54 17.64
N LEU B 106 16.86 26.08 18.87
CA LEU B 106 15.62 26.32 19.59
C LEU B 106 15.71 27.48 20.57
N CYS B 107 16.88 28.12 20.71
CA CYS B 107 17.02 29.18 21.72
C CYS B 107 16.45 30.52 21.23
N ASP B 108 16.31 31.47 22.16
CA ASP B 108 15.69 32.77 21.86
C ASP B 108 16.74 33.88 21.59
N SER B 109 17.94 33.48 21.13
CA SER B 109 19.02 34.40 20.78
C SER B 109 19.51 34.22 19.33
N PRO B 110 19.00 35.02 18.39
CA PRO B 110 19.49 35.04 17.01
C PRO B 110 20.97 35.35 16.81
N SER B 111 21.61 36.08 17.72
CA SER B 111 23.06 36.30 17.61
C SER B 111 23.85 34.99 17.82
N LEU B 112 23.44 34.18 18.79
CA LEU B 112 24.07 32.89 19.06
C LEU B 112 23.86 31.94 17.89
N GLN B 113 22.69 32.01 17.27
CA GLN B 113 22.35 31.17 16.12
C GLN B 113 23.21 31.53 14.91
N GLU B 114 23.35 32.82 14.64
CA GLU B 114 24.12 33.25 13.48
C GLU B 114 25.58 32.83 13.63
N LYS B 115 26.13 33.06 14.81
CA LYS B 115 27.54 32.79 15.07
C LYS B 115 27.88 31.28 15.11
N PHE B 116 27.14 30.52 15.91
CA PHE B 116 27.52 29.12 16.22
C PHE B 116 26.99 28.07 15.22
N LEU B 117 25.95 28.38 14.45
CA LEU B 117 25.46 27.45 13.43
C LEU B 117 26.21 27.60 12.11
N LYS B 118 27.03 28.65 11.99
CA LYS B 118 27.64 29.03 10.72
C LYS B 118 28.37 27.87 10.03
N PRO B 119 29.27 27.17 10.74
CA PRO B 119 30.03 26.07 10.12
C PRO B 119 29.13 24.93 9.60
N PHE B 120 27.95 24.75 10.22
CA PHE B 120 27.05 23.64 9.89
C PHE B 120 26.20 23.86 8.64
N ILE B 121 25.97 25.12 8.28
CA ILE B 121 25.24 25.46 7.05
C ILE B 121 26.15 25.80 5.85
N SER B 122 27.46 25.71 6.04
CA SER B 122 28.43 26.09 5.00
C SER B 122 28.52 25.06 3.87
N GLY B 123 28.27 23.79 4.19
CA GLY B 123 28.36 22.71 3.23
C GLY B 123 29.79 22.22 3.08
N GLU B 124 30.68 22.67 3.97
CA GLU B 124 32.09 22.36 3.85
C GLU B 124 32.66 21.79 5.15
N GLY B 125 33.80 21.09 5.00
CA GLY B 125 34.49 20.50 6.13
C GLY B 125 33.68 19.37 6.77
N GLU B 126 33.99 19.10 8.04
CA GLU B 126 33.38 18.02 8.79
C GLU B 126 33.11 18.49 10.20
N PRO B 127 32.24 19.50 10.34
CA PRO B 127 31.97 20.09 11.64
C PRO B 127 31.05 19.20 12.49
N LEU B 128 31.42 19.03 13.75
CA LEU B 128 30.70 18.20 14.68
C LEU B 128 30.09 19.04 15.78
N ALA B 129 28.90 18.63 16.22
CA ALA B 129 28.29 19.21 17.42
C ALA B 129 27.99 18.10 18.41
N SER B 130 27.89 18.47 19.68
CA SER B 130 27.64 17.52 20.74
C SER B 130 26.84 18.18 21.86
N LEU B 131 25.75 17.55 22.26
CA LEU B 131 25.01 17.98 23.44
C LEU B 131 25.61 17.21 24.60
N MET B 132 26.40 17.89 25.42
CA MET B 132 27.10 17.29 26.54
C MET B 132 26.29 17.33 27.82
N HIS B 133 25.53 16.29 28.07
CA HIS B 133 24.66 16.22 29.25
C HIS B 133 25.12 15.09 30.19
N SER B 134 25.27 13.88 29.65
CA SER B 134 25.56 12.70 30.42
C SER B 134 26.87 12.71 31.18
N GLU B 135 26.91 11.95 32.29
CA GLU B 135 28.03 11.98 33.22
C GLU B 135 28.39 10.59 33.72
N PRO B 136 29.60 10.42 34.27
CA PRO B 136 30.03 9.11 34.82
C PRO B 136 29.09 8.59 35.90
N ASN B 137 28.56 9.46 36.78
CA ASN B 137 27.68 9.02 37.87
C ASN B 137 26.20 8.81 37.46
N GLY B 138 25.86 9.09 36.20
CA GLY B 138 24.49 8.97 35.73
C GLY B 138 23.76 10.30 35.67
N THR B 139 22.65 10.30 34.92
CA THR B 139 21.80 11.48 34.74
C THR B 139 20.30 11.24 34.91
N ALA B 140 19.89 10.01 35.19
CA ALA B 140 18.47 9.71 35.34
C ALA B 140 17.83 10.49 36.48
N ASN B 141 18.64 10.80 37.50
CA ASN B 141 18.20 11.57 38.65
C ASN B 141 18.70 13.02 38.71
N TRP B 142 19.13 13.57 37.60
CA TRP B 142 19.65 14.94 37.57
C TRP B 142 18.65 16.03 38.04
N LEU B 143 17.36 15.76 37.89
CA LEU B 143 16.33 16.69 38.36
C LEU B 143 15.66 16.25 39.65
N GLN B 144 16.26 15.29 40.36
CA GLN B 144 15.70 14.83 41.63
C GLN B 144 16.01 15.84 42.73
N LYS B 145 14.95 16.37 43.33
CA LYS B 145 15.10 17.30 44.43
C LYS B 145 15.69 16.56 45.62
N GLY B 146 16.65 17.17 46.30
CA GLY B 146 17.34 16.56 47.40
C GLY B 146 18.45 15.61 46.97
N GLY B 147 18.67 15.49 45.67
CA GLY B 147 19.74 14.63 45.15
C GLY B 147 20.98 15.48 44.85
N PRO B 148 22.12 14.85 44.57
CA PRO B 148 23.34 15.61 44.23
C PRO B 148 23.28 16.42 42.94
N GLY B 149 22.39 16.10 42.01
CA GLY B 149 22.30 16.83 40.75
C GLY B 149 23.51 16.57 39.86
N LEU B 150 23.60 17.26 38.73
CA LEU B 150 24.75 17.14 37.82
C LEU B 150 26.03 17.44 38.57
N GLN B 151 27.08 16.71 38.21
CA GLN B 151 28.38 16.88 38.85
C GLN B 151 29.27 17.77 38.03
N THR B 152 28.80 18.16 36.84
CA THR B 152 29.41 19.23 36.07
C THR B 152 28.68 20.50 36.44
N THR B 153 29.39 21.38 37.16
CA THR B 153 28.84 22.65 37.63
C THR B 153 29.55 23.83 36.95
N ALA B 154 28.95 25.00 37.09
CA ALA B 154 29.53 26.24 36.60
C ALA B 154 29.30 27.37 37.57
N ARG B 155 30.25 28.29 37.65
CA ARG B 155 30.10 29.48 38.46
C ARG B 155 30.52 30.69 37.65
N LYS B 156 29.87 31.82 37.93
CA LYS B 156 30.15 33.09 37.28
C LYS B 156 31.30 33.75 38.04
N VAL B 157 32.35 34.09 37.29
CA VAL B 157 33.48 34.88 37.78
C VAL B 157 33.73 36.02 36.79
N GLY B 158 33.45 37.26 37.21
CA GLY B 158 33.60 38.41 36.35
C GLY B 158 32.75 38.31 35.09
N ASN B 159 33.36 38.46 33.92
CA ASN B 159 32.64 38.31 32.65
C ASN B 159 32.76 36.89 32.03
N GLU B 160 33.07 35.89 32.85
CA GLU B 160 33.21 34.51 32.41
C GLU B 160 32.45 33.53 33.30
N TRP B 161 32.19 32.33 32.78
CA TRP B 161 31.77 31.20 33.60
C TRP B 161 32.89 30.18 33.67
N VAL B 162 33.04 29.51 34.80
CA VAL B 162 34.09 28.53 35.01
C VAL B 162 33.46 27.16 35.30
N ILE B 163 33.72 26.20 34.41
CA ILE B 163 33.17 24.84 34.49
C ILE B 163 34.10 23.87 35.22
N SER B 164 33.51 23.09 36.13
CA SER B 164 34.22 22.06 36.86
C SER B 164 33.41 20.75 36.79
N GLY B 165 34.06 19.65 36.40
CA GLY B 165 33.48 18.32 36.55
C GLY B 165 33.63 17.50 35.29
N GLU B 166 32.89 16.41 35.21
CA GLU B 166 33.08 15.43 34.16
C GLU B 166 31.80 15.11 33.40
N LYS B 167 31.98 14.87 32.10
CA LYS B 167 30.96 14.28 31.26
C LYS B 167 31.43 12.91 30.78
N LEU B 168 30.47 12.13 30.30
CA LEU B 168 30.73 10.79 29.75
C LEU B 168 29.58 10.44 28.82
N TRP B 169 29.93 9.91 27.65
CA TRP B 169 29.01 9.41 26.63
C TRP B 169 28.62 10.38 25.52
N PRO B 170 28.68 11.72 25.69
CA PRO B 170 28.13 12.59 24.64
C PRO B 170 28.85 12.47 23.32
N SER B 171 28.08 12.14 22.30
CA SER B 171 28.58 11.84 20.98
C SER B 171 29.31 13.03 20.39
N ASN B 172 30.44 12.76 19.73
CA ASN B 172 31.20 13.77 19.00
C ASN B 172 31.95 14.79 19.87
N SER B 173 31.88 14.66 21.21
CA SER B 173 32.21 15.79 22.08
C SER B 173 33.66 16.26 22.00
N GLY B 174 34.56 15.31 21.75
CA GLY B 174 35.97 15.61 21.58
C GLY B 174 36.38 15.98 20.17
N GLY B 175 35.45 15.98 19.24
CA GLY B 175 35.75 16.18 17.85
C GLY B 175 36.52 14.98 17.29
N TRP B 176 37.06 15.15 16.09
CA TRP B 176 37.87 14.14 15.41
C TRP B 176 39.21 13.87 16.10
N ASP B 177 39.72 14.87 16.84
CA ASP B 177 41.13 14.88 17.27
C ASP B 177 41.31 15.16 18.75
N TYR B 178 40.24 15.04 19.53
CA TYR B 178 40.24 15.34 20.96
C TYR B 178 40.63 16.81 21.30
N LYS B 179 40.54 17.70 20.32
CA LYS B 179 40.65 19.14 20.59
C LYS B 179 39.26 19.78 20.58
N GLY B 180 38.22 18.96 20.49
CA GLY B 180 36.86 19.40 20.75
C GLY B 180 35.93 19.41 19.56
N ALA B 181 34.65 19.19 19.83
CA ALA B 181 33.64 19.37 18.81
C ALA B 181 33.69 20.83 18.36
N ASP B 182 33.22 21.10 17.15
CA ASP B 182 33.10 22.47 16.68
C ASP B 182 32.10 23.29 17.52
N LEU B 183 31.08 22.62 18.04
CA LEU B 183 30.13 23.21 18.98
C LEU B 183 29.69 22.16 19.99
N ALA B 184 29.90 22.46 21.27
CA ALA B 184 29.41 21.61 22.34
C ALA B 184 28.52 22.46 23.23
N CYS B 185 27.32 21.95 23.52
CA CYS B 185 26.45 22.54 24.51
C CYS B 185 26.64 21.76 25.80
N VAL B 186 27.34 22.36 26.75
CA VAL B 186 27.64 21.75 28.03
C VAL B 186 26.58 22.10 29.09
N VAL B 187 25.84 21.10 29.54
CA VAL B 187 24.80 21.31 30.53
C VAL B 187 25.42 21.20 31.90
N CYS B 188 25.23 22.26 32.68
CA CYS B 188 25.85 22.41 33.98
C CYS B 188 24.80 22.72 35.01
N ARG B 189 25.07 22.38 36.24
CA ARG B 189 24.30 22.86 37.36
C ARG B 189 25.09 24.05 37.96
N VAL B 190 24.42 25.19 38.11
CA VAL B 190 25.04 26.39 38.69
C VAL B 190 25.36 26.15 40.18
N SER B 191 26.60 26.43 40.55
CA SER B 191 27.09 26.24 41.92
C SER B 191 28.30 27.13 42.09
N ASP B 192 28.22 28.05 43.04
CA ASP B 192 29.36 28.96 43.29
C ASP B 192 30.48 28.23 43.98
N ASP B 193 30.14 27.17 44.71
CA ASP B 193 31.15 26.32 45.35
C ASP B 193 30.90 24.87 44.91
N PRO B 194 31.74 24.36 44.00
CA PRO B 194 31.57 22.99 43.48
C PRO B 194 31.81 21.85 44.48
N SER B 195 32.47 22.13 45.60
CA SER B 195 32.61 21.13 46.67
C SER B 195 31.35 21.01 47.54
N LYS B 196 30.39 21.94 47.42
CA LYS B 196 29.17 21.93 48.25
C LYS B 196 28.05 21.14 47.58
N PRO B 197 27.38 20.26 48.32
CA PRO B 197 26.26 19.50 47.74
C PRO B 197 25.14 20.43 47.30
N GLN B 198 24.40 20.00 46.27
CA GLN B 198 23.22 20.75 45.82
C GLN B 198 22.30 20.93 47.01
N ASP B 199 21.81 22.16 47.16
CA ASP B 199 20.85 22.53 48.21
C ASP B 199 19.60 21.65 48.07
N PRO B 200 19.28 20.83 49.07
CA PRO B 200 18.11 19.96 48.98
C PRO B 200 16.79 20.72 48.87
N ASN B 201 16.78 22.02 49.17
CA ASN B 201 15.55 22.83 49.14
C ASN B 201 15.20 23.37 47.77
N VAL B 202 16.16 23.37 46.86
CA VAL B 202 15.96 23.91 45.52
C VAL B 202 15.28 22.89 44.60
N ASP B 203 14.45 23.40 43.69
CA ASP B 203 14.00 22.66 42.53
C ASP B 203 15.16 22.62 41.52
N PRO B 204 15.74 21.44 41.29
CA PRO B 204 16.99 21.33 40.51
C PRO B 204 16.96 21.96 39.11
N ALA B 205 15.78 21.95 38.48
CA ALA B 205 15.59 22.54 37.16
C ALA B 205 15.87 24.04 37.13
N THR B 206 15.79 24.69 38.29
CA THR B 206 16.05 26.13 38.41
C THR B 206 17.52 26.47 38.51
N GLN B 207 18.37 25.45 38.60
CA GLN B 207 19.82 25.64 38.71
C GLN B 207 20.59 25.32 37.41
N ILE B 208 19.90 25.04 36.31
CA ILE B 208 20.57 24.57 35.09
C ILE B 208 21.08 25.72 34.21
N ALA B 209 22.28 25.57 33.70
CA ALA B 209 22.80 26.47 32.69
C ALA B 209 23.43 25.67 31.56
N VAL B 210 23.33 26.17 30.33
CA VAL B 210 23.95 25.57 29.18
C VAL B 210 25.01 26.54 28.63
N LEU B 211 26.26 26.13 28.58
CA LEU B 211 27.36 26.96 28.03
C LEU B 211 27.94 26.39 26.74
N LEU B 212 28.10 27.24 25.73
CA LEU B 212 28.61 26.84 24.42
C LEU B 212 30.14 26.83 24.47
N VAL B 213 30.72 25.69 24.09
CA VAL B 213 32.17 25.49 24.12
C VAL B 213 32.59 25.05 22.71
N THR B 214 33.48 25.84 22.11
CA THR B 214 34.00 25.53 20.78
C THR B 214 35.48 25.19 20.88
N ARG B 215 36.06 24.85 19.75
CA ARG B 215 37.48 24.51 19.70
C ARG B 215 38.34 25.71 20.10
N GLU B 216 37.90 26.91 19.76
CA GLU B 216 38.56 28.15 20.19
C GLU B 216 38.45 28.38 21.69
N THR B 217 37.32 28.01 22.31
CA THR B 217 37.20 28.05 23.77
C THR B 217 38.22 27.17 24.46
N ILE B 218 38.35 25.95 23.95
CA ILE B 218 39.28 24.97 24.51
C ILE B 218 40.74 25.46 24.36
N ALA B 219 41.09 25.94 23.17
CA ALA B 219 42.44 26.50 22.91
C ALA B 219 42.75 27.73 23.77
N ASN B 220 41.72 28.49 24.15
CA ASN B 220 41.89 29.67 24.99
C ASN B 220 42.09 29.31 26.44
N ASN B 221 41.95 28.04 26.76
CA ASN B 221 42.20 27.54 28.11
C ASN B 221 43.51 26.76 28.18
N LYS B 222 44.04 26.62 29.38
CA LYS B 222 45.17 25.71 29.61
C LYS B 222 44.82 24.31 29.17
N LYS B 223 45.85 23.56 28.76
CA LYS B 223 45.64 22.23 28.18
C LYS B 223 45.03 21.29 29.21
N ASP B 224 45.40 21.43 30.48
CA ASP B 224 44.87 20.54 31.51
C ASP B 224 43.46 20.94 32.03
N ALA B 225 42.92 22.05 31.52
CA ALA B 225 41.58 22.50 31.86
C ALA B 225 40.50 21.63 31.18
N TYR B 226 40.90 20.99 30.09
CA TYR B 226 40.03 20.13 29.28
C TYR B 226 40.81 18.87 28.91
N GLN B 227 40.45 17.72 29.51
CA GLN B 227 41.04 16.48 29.07
C GLN B 227 40.08 15.30 28.87
N ILE B 228 40.40 14.53 27.84
CA ILE B 228 39.71 13.30 27.51
C ILE B 228 40.42 12.23 28.31
N LEU B 229 39.74 11.69 29.31
CA LEU B 229 40.26 10.64 30.15
C LEU B 229 40.09 9.23 29.58
N GLY B 230 39.28 9.09 28.53
CA GLY B 230 38.89 7.76 28.08
C GLY B 230 37.83 7.78 27.01
N GLU B 231 37.65 6.61 26.41
CA GLU B 231 36.75 6.42 25.29
C GLU B 231 36.17 5.02 25.47
N PRO B 232 34.89 4.92 25.81
CA PRO B 232 34.27 3.59 26.01
C PRO B 232 34.27 2.74 24.74
N GLU B 233 34.60 1.47 24.90
CA GLU B 233 34.54 0.49 23.84
C GLU B 233 33.11 -0.11 23.87
N LEU B 234 32.31 0.21 22.85
CA LEU B 234 30.88 -0.11 22.88
C LEU B 234 30.59 -1.43 22.20
N ALA B 235 29.53 -2.09 22.67
CA ALA B 235 29.11 -3.38 22.13
C ALA B 235 28.79 -3.22 20.65
N GLY B 236 28.05 -2.17 20.33
CA GLY B 236 27.76 -1.82 18.94
C GLY B 236 27.94 -0.32 18.74
N HIS B 237 27.57 0.18 17.57
CA HIS B 237 27.92 1.53 17.17
C HIS B 237 29.40 1.78 17.50
N ILE B 238 30.24 0.87 16.98
CA ILE B 238 31.66 0.83 17.32
C ILE B 238 32.50 1.92 16.72
N THR B 239 31.92 2.74 15.85
CA THR B 239 32.64 3.84 15.21
C THR B 239 32.21 5.20 15.73
N THR B 240 31.43 5.23 16.81
CA THR B 240 31.04 6.49 17.38
C THR B 240 32.05 6.85 18.45
N SER B 241 32.19 8.14 18.71
CA SER B 241 32.98 8.59 19.84
C SER B 241 32.06 9.27 20.83
N GLY B 242 32.21 8.96 22.11
CA GLY B 242 31.49 9.64 23.16
C GLY B 242 32.29 9.58 24.43
N PRO B 243 33.35 10.38 24.50
CA PRO B 243 34.38 10.21 25.54
C PRO B 243 34.04 10.65 26.95
N HIS B 244 34.97 10.32 27.85
CA HIS B 244 35.02 10.74 29.22
C HIS B 244 35.85 12.01 29.24
N THR B 245 35.22 13.14 29.56
CA THR B 245 35.83 14.47 29.50
C THR B 245 35.80 15.08 30.89
N ARG B 246 36.91 15.67 31.31
CA ARG B 246 36.99 16.38 32.58
C ARG B 246 37.33 17.85 32.34
N PHE B 247 36.49 18.72 32.87
CA PHE B 247 36.71 20.16 32.85
C PHE B 247 37.30 20.52 34.19
N THR B 248 38.42 21.20 34.21
CA THR B 248 39.03 21.67 35.46
C THR B 248 39.27 23.17 35.30
N GLU B 249 38.53 23.98 36.04
CA GLU B 249 38.59 25.44 35.92
C GLU B 249 38.58 25.89 34.46
N PHE B 250 37.61 25.39 33.70
CA PHE B 250 37.54 25.70 32.27
C PHE B 250 36.74 27.00 32.08
N HIS B 251 37.41 28.03 31.57
CA HIS B 251 36.82 29.37 31.43
C HIS B 251 36.07 29.51 30.11
N VAL B 252 34.85 30.07 30.19
CA VAL B 252 34.01 30.30 29.02
C VAL B 252 33.49 31.73 29.07
N PRO B 253 33.47 32.44 27.95
CA PRO B 253 32.95 33.82 27.97
C PRO B 253 31.47 33.81 28.35
N HIS B 254 31.01 34.85 29.04
CA HIS B 254 29.59 35.01 29.40
C HIS B 254 28.68 35.10 28.19
N GLU B 255 29.20 35.62 27.09
CA GLU B 255 28.46 35.66 25.83
C GLU B 255 28.22 34.27 25.21
N ASN B 256 28.83 33.22 25.77
CA ASN B 256 28.59 31.84 25.31
C ASN B 256 27.52 31.14 26.16
N LEU B 257 26.99 31.83 27.17
CA LEU B 257 25.83 31.33 27.91
C LEU B 257 24.65 31.27 26.94
N LEU B 258 24.03 30.10 26.81
CA LEU B 258 23.00 29.91 25.79
C LEU B 258 21.71 30.70 26.07
N CYS B 259 21.33 30.77 27.34
CA CYS B 259 20.06 31.42 27.71
C CYS B 259 20.06 31.67 29.20
N THR B 260 18.98 32.30 29.69
CA THR B 260 18.81 32.58 31.11
C THR B 260 18.93 31.26 31.85
N PRO B 261 19.80 31.17 32.85
CA PRO B 261 19.88 29.96 33.65
C PRO B 261 18.55 29.64 34.33
N GLY B 262 18.36 28.38 34.66
CA GLY B 262 17.20 27.92 35.38
C GLY B 262 16.22 27.20 34.46
N LEU B 263 14.93 27.49 34.67
CA LEU B 263 13.86 26.75 34.00
C LEU B 263 13.97 26.85 32.50
N LYS B 264 14.35 28.02 32.00
CA LYS B 264 14.49 28.20 30.55
C LYS B 264 15.59 27.30 29.97
N ALA B 265 16.73 27.20 30.66
CA ALA B 265 17.81 26.34 30.19
C ALA B 265 17.41 24.87 30.24
N GLN B 266 16.79 24.45 31.34
CA GLN B 266 16.34 23.07 31.48
C GLN B 266 15.35 22.77 30.37
N GLY B 267 14.49 23.74 30.07
CA GLY B 267 13.50 23.60 29.02
C GLY B 267 14.08 23.35 27.64
N LEU B 268 15.18 24.03 27.31
CA LEU B 268 15.86 23.83 26.04
C LEU B 268 16.43 22.43 25.93
N VAL B 269 16.99 21.94 27.02
CA VAL B 269 17.58 20.60 27.06
C VAL B 269 16.45 19.57 26.94
N GLU B 270 15.36 19.79 27.68
CA GLU B 270 14.20 18.89 27.65
C GLU B 270 13.64 18.87 26.24
N THR B 271 13.55 20.03 25.60
CA THR B 271 13.00 20.12 24.25
C THR B 271 13.90 19.41 23.22
N ALA B 272 15.21 19.61 23.30
CA ALA B 272 16.16 18.95 22.40
C ALA B 272 16.08 17.41 22.53
N PHE B 273 15.97 16.94 23.76
CA PHE B 273 15.92 15.50 24.04
C PHE B 273 14.54 14.88 23.80
N ALA B 274 13.49 15.70 23.79
CA ALA B 274 12.17 15.23 23.43
C ALA B 274 12.14 15.03 21.91
N MET B 275 12.76 15.96 21.20
CA MET B 275 12.89 15.87 19.76
C MET B 275 13.68 14.62 19.39
N SER B 276 14.77 14.37 20.11
CA SER B 276 15.57 13.18 19.85
C SER B 276 14.82 11.90 20.25
N ALA B 277 13.99 11.97 21.28
CA ALA B 277 13.17 10.84 21.68
C ALA B 277 12.26 10.38 20.54
N ALA B 278 11.69 11.34 19.81
CA ALA B 278 10.78 11.04 18.70
C ALA B 278 11.53 10.47 17.50
N LEU B 279 12.68 11.03 17.19
CA LEU B 279 13.40 10.67 15.97
C LEU B 279 14.26 9.41 16.09
N VAL B 280 14.62 9.07 17.32
CA VAL B 280 15.46 7.90 17.60
C VAL B 280 14.75 6.60 17.18
N GLY B 281 13.43 6.63 17.20
CA GLY B 281 12.64 5.55 16.64
C GLY B 281 12.93 5.27 15.18
N ALA B 282 13.21 6.29 14.37
CA ALA B 282 13.55 6.06 12.96
C ALA B 282 14.88 5.31 12.81
N MET B 283 15.79 5.51 13.75
CA MET B 283 17.05 4.75 13.79
C MET B 283 16.81 3.31 14.23
N ALA B 284 16.01 3.11 15.28
CA ALA B 284 15.62 1.77 15.69
C ALA B 284 14.93 1.01 14.55
N ILE B 285 14.03 1.69 13.83
CA ILE B 285 13.31 1.09 12.73
C ILE B 285 14.27 0.66 11.62
N GLY B 286 15.25 1.49 11.32
CA GLY B 286 16.20 1.19 10.25
C GLY B 286 16.96 -0.08 10.56
N THR B 287 17.50 -0.17 11.79
CA THR B 287 18.22 -1.34 12.25
C THR B 287 17.36 -2.63 12.24
N ALA B 288 16.16 -2.53 12.82
CA ALA B 288 15.26 -3.64 12.87
C ALA B 288 14.79 -4.03 11.47
N ARG B 289 14.57 -3.03 10.63
CA ARG B 289 14.14 -3.27 9.26
C ARG B 289 15.18 -4.04 8.48
N ALA B 290 16.45 -3.73 8.71
CA ALA B 290 17.53 -4.44 8.05
C ALA B 290 17.49 -5.92 8.45
N ALA B 291 17.28 -6.17 9.74
CA ALA B 291 17.19 -7.55 10.26
C ALA B 291 15.99 -8.29 9.70
N PHE B 292 14.84 -7.62 9.64
CA PHE B 292 13.62 -8.19 9.08
C PHE B 292 13.78 -8.56 7.61
N GLU B 293 14.33 -7.65 6.82
CA GLU B 293 14.48 -7.85 5.38
C GLU B 293 15.51 -8.92 5.06
N GLU B 294 16.58 -9.00 5.85
CA GLU B 294 17.54 -10.08 5.68
C GLU B 294 16.90 -11.46 6.00
N ALA B 295 16.13 -11.54 7.08
CA ALA B 295 15.44 -12.79 7.43
C ALA B 295 14.39 -13.14 6.39
N LEU B 296 13.66 -12.13 5.92
CA LEU B 296 12.60 -12.33 4.94
C LEU B 296 13.15 -12.86 3.60
N VAL B 297 14.20 -12.23 3.10
CA VAL B 297 14.80 -12.68 1.84
C VAL B 297 15.31 -14.13 2.01
N PHE B 298 15.96 -14.40 3.13
CA PHE B 298 16.42 -15.76 3.47
C PHE B 298 15.26 -16.77 3.56
N ALA B 299 14.16 -16.36 4.18
CA ALA B 299 13.05 -17.28 4.41
C ALA B 299 12.34 -17.64 3.09
N LYS B 300 12.42 -16.73 2.11
CA LYS B 300 11.77 -16.93 0.84
C LYS B 300 12.66 -17.56 -0.21
N SER B 301 13.93 -17.78 0.12
CA SER B 301 14.88 -18.38 -0.84
C SER B 301 15.56 -19.65 -0.32
N ASP B 302 15.32 -20.02 0.93
CA ASP B 302 16.06 -21.10 1.54
C ASP B 302 15.10 -22.09 2.19
N THR B 303 15.34 -23.38 1.95
CA THR B 303 14.52 -24.48 2.44
C THR B 303 15.15 -25.12 3.65
N ARG B 304 16.40 -24.75 3.92
CA ARG B 304 17.13 -25.30 5.03
C ARG B 304 17.17 -26.84 4.97
N GLY B 305 17.43 -27.37 3.78
CA GLY B 305 17.53 -28.81 3.56
C GLY B 305 16.19 -29.52 3.59
N GLY B 306 15.11 -28.77 3.33
CA GLY B 306 13.76 -29.31 3.30
C GLY B 306 13.19 -29.24 1.90
N SER B 307 11.89 -29.43 1.78
CA SER B 307 11.19 -29.46 0.50
C SER B 307 10.60 -28.09 0.11
N LYS B 308 10.45 -27.17 1.06
CA LYS B 308 9.86 -25.88 0.77
C LYS B 308 10.60 -24.74 1.44
N HIS B 309 10.47 -23.56 0.85
CA HIS B 309 10.95 -22.34 1.45
C HIS B 309 10.45 -22.26 2.90
N ILE B 310 11.33 -21.78 3.73
CA ILE B 310 11.13 -21.78 5.17
C ILE B 310 9.98 -20.85 5.62
N ILE B 311 9.67 -19.84 4.80
CA ILE B 311 8.55 -18.94 5.11
C ILE B 311 7.23 -19.70 5.09
N GLU B 312 7.24 -20.88 4.48
CA GLU B 312 6.09 -21.77 4.41
C GLU B 312 5.83 -22.47 5.74
N HIS B 313 6.75 -22.39 6.70
CA HIS B 313 6.52 -23.00 8.00
C HIS B 313 5.87 -21.96 8.89
N GLN B 314 4.72 -22.29 9.49
CA GLN B 314 3.94 -21.32 10.27
C GLN B 314 4.74 -20.64 11.39
N SER B 315 5.60 -21.38 12.07
CA SER B 315 6.37 -20.80 13.19
C SER B 315 7.35 -19.77 12.70
N VAL B 316 7.91 -20.00 11.51
CA VAL B 316 8.79 -19.03 10.86
C VAL B 316 7.98 -17.82 10.40
N ALA B 317 6.87 -18.07 9.71
CA ALA B 317 6.04 -16.96 9.25
C ALA B 317 5.57 -16.13 10.44
N ASP B 318 5.38 -16.77 11.60
CA ASP B 318 4.86 -16.06 12.77
C ASP B 318 5.88 -15.06 13.30
N LYS B 319 7.16 -15.44 13.28
CA LYS B 319 8.24 -14.50 13.65
C LYS B 319 8.33 -13.30 12.69
N LEU B 320 8.24 -13.57 11.39
CA LEU B 320 8.29 -12.53 10.36
C LEU B 320 7.10 -11.57 10.44
N ILE B 321 5.91 -12.12 10.69
CA ILE B 321 4.71 -11.34 10.88
C ILE B 321 4.89 -10.44 12.09
N ASP B 322 5.39 -10.98 13.20
CA ASP B 322 5.61 -10.20 14.42
C ASP B 322 6.64 -9.09 14.18
N CYS B 323 7.67 -9.34 13.39
CA CYS B 323 8.64 -8.30 13.07
C CYS B 323 8.01 -7.21 12.24
N LYS B 324 7.18 -7.63 11.29
CA LYS B 324 6.56 -6.72 10.34
C LYS B 324 5.62 -5.75 11.03
N ILE B 325 4.86 -6.28 11.98
CA ILE B 325 3.93 -5.51 12.77
C ILE B 325 4.64 -4.51 13.68
N ARG B 326 5.72 -4.95 14.32
CA ARG B 326 6.55 -4.05 15.13
C ARG B 326 7.12 -2.88 14.35
N LEU B 327 7.60 -3.16 13.15
CA LEU B 327 8.14 -2.13 12.26
C LEU B 327 7.02 -1.20 11.77
N GLU B 328 5.88 -1.74 11.38
CA GLU B 328 4.79 -0.92 10.87
C GLU B 328 4.24 0.01 11.93
N THR B 329 3.91 -0.54 13.11
CA THR B 329 3.47 0.28 14.24
C THR B 329 4.50 1.31 14.69
N SER B 330 5.78 0.94 14.67
CA SER B 330 6.88 1.85 15.05
C SER B 330 6.94 3.07 14.15
N ARG B 331 6.89 2.87 12.83
CA ARG B 331 6.97 4.00 11.88
C ARG B 331 5.78 4.94 11.99
N LEU B 332 4.59 4.38 12.12
CA LEU B 332 3.35 5.15 12.30
C LEU B 332 3.48 6.04 13.54
N LEU B 333 4.03 5.48 14.60
CA LEU B 333 4.16 6.18 15.88
C LEU B 333 5.22 7.27 15.82
N VAL B 334 6.29 7.04 15.06
CA VAL B 334 7.31 8.07 14.84
C VAL B 334 6.72 9.23 14.05
N TRP B 335 5.97 8.92 13.00
CA TRP B 335 5.40 9.96 12.16
C TRP B 335 4.38 10.78 12.95
N LYS B 336 3.58 10.11 13.76
CA LYS B 336 2.65 10.76 14.66
C LYS B 336 3.39 11.67 15.63
N ALA B 337 4.46 11.16 16.22
CA ALA B 337 5.22 11.92 17.21
C ALA B 337 5.83 13.19 16.62
N VAL B 338 6.49 13.09 15.49
CA VAL B 338 7.15 14.25 14.88
C VAL B 338 6.12 15.27 14.34
N THR B 339 5.01 14.76 13.81
CA THR B 339 3.90 15.62 13.38
C THR B 339 3.29 16.34 14.59
N THR B 340 3.19 15.62 15.69
CA THR B 340 2.73 16.19 16.94
C THR B 340 3.65 17.32 17.41
N LEU B 341 4.95 17.09 17.38
CA LEU B 341 5.94 18.09 17.74
C LEU B 341 5.84 19.34 16.86
N GLU B 342 5.56 19.16 15.59
CA GLU B 342 5.39 20.26 14.63
C GLU B 342 4.09 21.09 14.81
N ASP B 343 3.11 20.54 15.52
CA ASP B 343 1.78 21.16 15.63
C ASP B 343 1.86 22.44 16.48
N GLU B 344 1.48 23.56 15.89
CA GLU B 344 1.53 24.87 16.57
C GLU B 344 0.49 24.95 17.67
N ALA B 345 -0.59 24.20 17.53
CA ALA B 345 -1.73 24.27 18.45
C ALA B 345 -1.66 23.33 19.66
N LEU B 346 -0.66 22.46 19.75
CA LEU B 346 -0.60 21.52 20.88
C LEU B 346 0.31 22.03 21.99
N GLU B 347 -0.10 21.77 23.23
CA GLU B 347 0.68 22.12 24.42
C GLU B 347 1.93 21.24 24.53
N TRP B 348 2.92 21.75 25.26
CA TRP B 348 4.19 21.06 25.40
C TRP B 348 4.04 19.66 25.99
N LYS B 349 3.35 19.50 27.11
CA LYS B 349 3.29 18.20 27.77
C LYS B 349 2.64 17.11 26.90
N VAL B 350 1.74 17.50 26.01
CA VAL B 350 1.15 16.59 25.03
C VAL B 350 2.21 16.13 24.04
N LYS B 351 3.04 17.06 23.55
CA LYS B 351 4.12 16.73 22.65
C LYS B 351 5.13 15.81 23.33
N LEU B 352 5.47 16.16 24.55
CA LEU B 352 6.46 15.45 25.32
C LEU B 352 6.00 14.02 25.56
N GLU B 353 4.74 13.85 25.97
CA GLU B 353 4.21 12.53 26.26
C GLU B 353 4.22 11.67 25.02
N MET B 354 3.85 12.24 23.89
CA MET B 354 3.86 11.47 22.65
C MET B 354 5.30 11.04 22.29
N ALA B 355 6.25 11.95 22.49
CA ALA B 355 7.65 11.68 22.19
C ALA B 355 8.22 10.59 23.11
N MET B 356 7.85 10.60 24.38
CA MET B 356 8.29 9.58 25.32
C MET B 356 7.78 8.21 24.90
N GLN B 357 6.49 8.11 24.57
CA GLN B 357 5.85 6.87 24.13
C GLN B 357 6.58 6.28 22.95
N THR B 358 6.94 7.17 22.03
CA THR B 358 7.54 6.79 20.78
C THR B 358 8.91 6.16 21.06
N LYS B 359 9.71 6.85 21.87
CA LYS B 359 11.03 6.37 22.22
C LYS B 359 10.94 5.01 22.94
N ILE B 360 10.04 4.90 23.93
CA ILE B 360 9.92 3.66 24.70
C ILE B 360 9.54 2.49 23.79
N TYR B 361 8.49 2.68 23.02
CA TYR B 361 7.96 1.60 22.16
C TYR B 361 8.93 1.16 21.07
N THR B 362 9.39 2.11 20.27
CA THR B 362 10.14 1.75 19.08
C THR B 362 11.46 1.06 19.44
N THR B 363 12.12 1.53 20.49
CA THR B 363 13.41 1.01 20.85
C THR B 363 13.29 -0.36 21.52
N ASP B 364 12.28 -0.56 22.37
CA ASP B 364 12.07 -1.88 23.01
C ASP B 364 11.75 -2.93 21.93
N VAL B 365 10.92 -2.54 20.99
CA VAL B 365 10.33 -3.44 20.02
C VAL B 365 11.34 -3.76 18.90
N ALA B 366 12.25 -2.82 18.64
CA ALA B 366 13.31 -3.05 17.68
C ALA B 366 14.19 -4.23 18.13
N VAL B 367 14.45 -4.32 19.43
CA VAL B 367 15.29 -5.39 19.95
C VAL B 367 14.62 -6.74 19.68
N GLU B 368 13.31 -6.80 19.93
CA GLU B 368 12.56 -8.05 19.76
C GLU B 368 12.49 -8.44 18.28
N CYS B 369 12.42 -7.43 17.42
CA CYS B 369 12.34 -7.64 16.00
C CYS B 369 13.63 -8.29 15.48
N VAL B 370 14.79 -7.79 15.92
CA VAL B 370 16.06 -8.33 15.49
C VAL B 370 16.25 -9.76 16.01
N ILE B 371 15.93 -9.98 17.27
CA ILE B 371 16.08 -11.31 17.85
C ILE B 371 15.15 -12.35 17.21
N ASP B 372 13.90 -11.97 16.96
CA ASP B 372 12.95 -12.89 16.32
C ASP B 372 13.41 -13.22 14.90
N ALA B 373 13.97 -12.23 14.21
CA ALA B 373 14.50 -12.42 12.88
C ALA B 373 15.68 -13.41 12.90
N MET B 374 16.54 -13.31 13.91
CA MET B 374 17.62 -14.26 14.09
C MET B 374 17.12 -15.69 14.37
N LYS B 375 16.07 -15.81 15.19
CA LYS B 375 15.50 -17.12 15.50
C LYS B 375 14.90 -17.78 14.26
N ALA B 376 14.26 -16.97 13.40
CA ALA B 376 13.65 -17.45 12.15
C ALA B 376 14.71 -17.98 11.15
N VAL B 377 15.79 -17.23 11.00
CA VAL B 377 16.92 -17.64 10.15
C VAL B 377 17.65 -18.82 10.76
N GLY B 378 17.74 -18.82 12.09
CA GLY B 378 18.41 -19.85 12.83
C GLY B 378 19.92 -19.70 12.98
N MET B 379 20.61 -20.83 13.00
CA MET B 379 22.03 -20.84 13.35
C MET B 379 22.87 -19.92 12.50
N LYS B 380 22.55 -19.81 11.21
CA LYS B 380 23.32 -18.98 10.28
C LYS B 380 23.35 -17.50 10.68
N SER B 381 22.30 -17.02 11.37
CA SER B 381 22.24 -15.65 11.87
C SER B 381 23.35 -15.30 12.87
N TYR B 382 23.96 -16.31 13.49
CA TYR B 382 24.97 -16.11 14.53
C TYR B 382 26.40 -15.83 14.00
N ALA B 383 26.65 -16.04 12.71
CA ALA B 383 27.98 -15.82 12.13
C ALA B 383 28.02 -14.50 11.38
N LYS B 384 29.21 -13.90 11.32
CA LYS B 384 29.38 -12.56 10.76
C LYS B 384 29.38 -12.48 9.24
N ASP B 385 29.19 -13.60 8.55
CA ASP B 385 28.83 -13.50 7.14
C ASP B 385 27.35 -13.10 6.91
N MET B 386 26.57 -12.99 7.97
CA MET B 386 25.26 -12.32 7.93
C MET B 386 25.38 -11.06 8.76
N SER B 387 24.42 -10.14 8.64
CA SER B 387 24.54 -8.88 9.38
C SER B 387 24.04 -8.94 10.79
N PHE B 388 23.37 -10.01 11.18
CA PHE B 388 22.68 -10.05 12.48
C PHE B 388 23.57 -9.82 13.71
N PRO B 389 24.79 -10.35 13.74
CA PRO B 389 25.69 -10.05 14.86
C PRO B 389 25.92 -8.55 15.08
N ARG B 390 26.23 -7.82 14.01
CA ARG B 390 26.26 -6.38 14.08
C ARG B 390 24.89 -5.77 14.48
N LEU B 391 23.80 -6.22 13.87
CA LEU B 391 22.47 -5.64 14.14
C LEU B 391 22.04 -5.85 15.58
N LEU B 392 22.38 -6.98 16.17
CA LEU B 392 21.99 -7.30 17.54
C LEU B 392 22.68 -6.37 18.51
N ASN B 393 23.96 -6.13 18.25
CA ASN B 393 24.75 -5.24 19.12
C ASN B 393 24.29 -3.79 18.94
N GLU B 394 24.03 -3.38 17.70
CA GLU B 394 23.54 -2.02 17.43
C GLU B 394 22.14 -1.74 18.01
N VAL B 395 21.21 -2.69 17.85
CA VAL B 395 19.83 -2.50 18.31
C VAL B 395 19.72 -2.38 19.82
N MET B 396 20.59 -3.06 20.55
CA MET B 396 20.57 -2.99 22.01
C MET B 396 21.01 -1.64 22.56
N CYS B 397 21.66 -0.82 21.74
CA CYS B 397 21.90 0.56 22.12
C CYS B 397 20.60 1.37 22.37
N TYR B 398 19.57 1.13 21.57
CA TYR B 398 18.44 2.08 21.47
C TYR B 398 17.56 2.25 22.71
N PRO B 399 17.20 1.17 23.41
CA PRO B 399 16.47 1.32 24.67
C PRO B 399 17.30 1.95 25.79
N LEU B 400 18.63 1.87 25.69
CA LEU B 400 19.55 2.35 26.72
C LEU B 400 20.00 3.80 26.55
N PHE B 401 20.17 4.21 25.29
CA PHE B 401 20.67 5.54 24.97
C PHE B 401 19.55 6.55 24.79
N ASP B 402 19.94 7.78 24.48
CA ASP B 402 19.01 8.91 24.29
C ASP B 402 18.00 8.98 25.43
N GLY B 403 18.52 8.89 26.66
CA GLY B 403 17.71 8.71 27.83
C GLY B 403 17.13 7.33 27.84
N GLY B 404 17.67 6.48 28.70
CA GLY B 404 17.16 5.14 28.89
C GLY B 404 15.67 5.12 29.20
N ASN B 405 15.01 4.05 28.76
CA ASN B 405 13.58 3.85 28.94
C ASN B 405 13.20 3.68 30.40
N ILE B 406 13.97 2.88 31.13
CA ILE B 406 13.63 2.56 32.52
C ILE B 406 13.75 3.73 33.50
N GLY B 407 14.79 4.52 33.36
CA GLY B 407 15.12 5.53 34.36
C GLY B 407 14.71 6.90 33.92
N LEU B 408 14.71 7.15 32.62
CA LEU B 408 14.38 8.48 32.12
C LEU B 408 13.08 8.62 31.40
N ARG B 409 12.88 7.92 30.28
CA ARG B 409 11.72 8.19 29.44
C ARG B 409 10.41 7.79 30.08
N ARG B 410 10.38 6.61 30.69
CA ARG B 410 9.19 6.19 31.45
C ARG B 410 8.90 7.14 32.62
N ARG B 411 9.93 7.70 33.26
CA ARG B 411 9.67 8.55 34.41
C ARG B 411 9.24 9.94 33.96
N GLN B 412 9.68 10.38 32.79
CA GLN B 412 9.18 11.62 32.19
C GLN B 412 7.71 11.48 31.80
N MET B 413 7.39 10.31 31.23
CA MET B 413 6.02 10.01 30.81
C MET B 413 5.16 9.84 32.06
N GLN B 414 5.67 9.14 33.06
CA GLN B 414 4.95 8.99 34.32
C GLN B 414 4.61 10.36 34.93
N ARG B 415 5.58 11.26 34.97
CA ARG B 415 5.36 12.58 35.55
C ARG B 415 4.23 13.33 34.85
N VAL B 416 4.17 13.27 33.52
CA VAL B 416 3.13 13.96 32.76
C VAL B 416 1.74 13.33 33.02
N MET B 417 1.67 12.01 33.10
CA MET B 417 0.42 11.31 33.36
C MET B 417 -0.14 11.63 34.73
N ALA B 418 0.75 11.85 35.69
CA ALA B 418 0.37 12.15 37.06
C ALA B 418 -0.11 13.59 37.26
N LEU B 419 0.10 14.46 36.27
CA LEU B 419 -0.34 15.85 36.38
C LEU B 419 -1.86 15.89 36.43
N GLU B 420 -2.39 16.71 37.33
CA GLU B 420 -3.85 16.89 37.49
C GLU B 420 -4.55 17.22 36.18
N ASP B 421 -3.90 17.93 35.27
CA ASP B 421 -4.55 18.27 34.00
C ASP B 421 -4.14 17.41 32.80
N TYR B 422 -3.60 16.21 33.08
CA TYR B 422 -3.21 15.31 32.00
C TYR B 422 -4.43 14.94 31.20
N GLU B 423 -4.34 15.07 29.87
CA GLU B 423 -5.39 14.66 28.94
C GLU B 423 -4.81 13.63 27.96
N PRO B 424 -5.12 12.35 28.16
CA PRO B 424 -4.46 11.28 27.41
C PRO B 424 -4.50 11.38 25.87
N TRP B 425 -5.62 11.80 25.28
CA TRP B 425 -5.78 11.79 23.83
C TRP B 425 -5.74 13.17 23.20
N ALA B 426 -5.10 14.12 23.87
CA ALA B 426 -5.04 15.48 23.38
C ALA B 426 -4.38 15.61 22.01
N ALA B 427 -3.44 14.72 21.70
CA ALA B 427 -2.72 14.77 20.41
C ALA B 427 -3.56 14.25 19.23
N THR B 428 -4.70 13.65 19.55
CA THR B 428 -5.58 13.03 18.55
C THR B 428 -6.97 13.65 18.52
N TYR B 429 -7.61 13.73 19.68
CA TYR B 429 -8.97 14.22 19.82
C TYR B 429 -8.96 15.44 20.73
N GLY B 430 -8.41 16.55 20.27
CA GLY B 430 -8.23 17.77 21.07
C GLY B 430 -8.88 17.88 22.45
N SER B 431 -9.74 18.88 22.61
CA SER B 431 -10.56 19.12 23.82
C SER B 431 -9.76 19.72 24.98
N VAL C 2 18.98 -34.68 44.74
CA VAL C 2 17.63 -34.16 44.43
C VAL C 2 16.79 -35.27 43.79
N ASP C 3 15.49 -35.27 44.12
CA ASP C 3 14.58 -36.35 43.76
C ASP C 3 13.17 -35.78 43.48
N PHE C 4 12.54 -36.18 42.39
CA PHE C 4 11.19 -35.71 42.07
C PHE C 4 10.12 -36.82 42.15
N LYS C 5 10.53 -38.01 42.58
CA LYS C 5 9.62 -39.15 42.64
C LYS C 5 8.63 -38.96 43.79
N LEU C 6 7.39 -39.38 43.55
CA LEU C 6 6.33 -39.23 44.52
C LEU C 6 6.23 -40.52 45.32
N SER C 7 6.05 -40.36 46.62
CA SER C 7 5.83 -41.48 47.52
C SER C 7 4.44 -42.09 47.30
N PRO C 8 4.19 -43.28 47.88
CA PRO C 8 2.85 -43.89 47.81
C PRO C 8 1.76 -43.02 48.46
N SER C 9 2.07 -42.37 49.58
CA SER C 9 1.08 -41.50 50.23
C SER C 9 0.79 -40.21 49.40
N GLN C 10 1.76 -39.75 48.61
CA GLN C 10 1.58 -38.58 47.75
C GLN C 10 0.74 -38.96 46.52
N LEU C 11 0.95 -40.16 46.00
CA LEU C 11 0.11 -40.65 44.89
C LEU C 11 -1.32 -40.92 45.36
N GLU C 12 -1.48 -41.48 46.56
CA GLU C 12 -2.80 -41.71 47.15
C GLU C 12 -3.50 -40.37 47.42
N ALA C 13 -2.76 -39.36 47.89
CA ALA C 13 -3.35 -38.04 48.12
C ALA C 13 -3.90 -37.48 46.80
N ARG C 14 -3.16 -37.71 45.71
CA ARG C 14 -3.63 -37.30 44.39
C ARG C 14 -4.90 -38.08 43.96
N ARG C 15 -4.86 -39.40 44.11
CA ARG C 15 -5.98 -40.25 43.69
C ARG C 15 -7.22 -39.87 44.48
N HIS C 16 -7.04 -39.64 45.77
CA HIS C 16 -8.14 -39.28 46.66
C HIS C 16 -8.73 -37.92 46.26
N ALA C 17 -7.86 -36.95 45.96
CA ALA C 17 -8.32 -35.60 45.61
C ALA C 17 -9.08 -35.62 44.30
N GLN C 18 -8.55 -36.40 43.37
CA GLN C 18 -9.13 -36.57 42.04
C GLN C 18 -10.50 -37.20 42.11
N ALA C 19 -10.63 -38.23 42.92
CA ALA C 19 -11.88 -38.96 43.08
C ALA C 19 -12.91 -38.07 43.73
N PHE C 20 -12.52 -37.33 44.77
CA PHE C 20 -13.41 -36.34 45.37
C PHE C 20 -13.84 -35.25 44.37
N ALA C 21 -12.94 -34.81 43.51
CA ALA C 21 -13.27 -33.76 42.55
C ALA C 21 -14.26 -34.28 41.48
N ASN C 22 -13.99 -35.48 40.98
CA ASN C 22 -14.79 -36.07 39.91
C ASN C 22 -16.17 -36.57 40.37
N THR C 23 -16.30 -37.00 41.62
CA THR C 23 -17.57 -37.57 42.11
C THR C 23 -18.41 -36.56 42.88
N VAL C 24 -17.77 -35.57 43.48
CA VAL C 24 -18.47 -34.60 44.31
C VAL C 24 -18.49 -33.21 43.67
N LEU C 25 -17.31 -32.68 43.34
CA LEU C 25 -17.21 -31.29 42.90
C LEU C 25 -17.83 -31.02 41.54
N THR C 26 -17.84 -32.02 40.66
CA THR C 26 -18.49 -31.91 39.34
C THR C 26 -20.01 -31.65 39.43
N LYS C 27 -20.60 -31.95 40.58
CA LYS C 27 -22.02 -31.73 40.80
C LYS C 27 -22.36 -30.35 41.37
N ALA C 28 -21.33 -29.53 41.69
CA ALA C 28 -21.58 -28.23 42.30
C ALA C 28 -22.23 -27.25 41.32
N SER C 29 -21.81 -27.28 40.07
CA SER C 29 -22.26 -26.31 39.06
C SER C 29 -23.79 -26.26 38.86
N ALA C 30 -24.44 -27.42 38.85
CA ALA C 30 -25.89 -27.49 38.74
C ALA C 30 -26.57 -26.82 39.94
N GLU C 31 -25.92 -26.79 41.09
CA GLU C 31 -26.46 -26.12 42.28
C GLU C 31 -26.25 -24.60 42.29
N TYR C 32 -25.07 -24.13 41.90
CA TYR C 32 -24.76 -22.70 42.04
C TYR C 32 -24.96 -21.87 40.78
N SER C 33 -24.96 -22.50 39.60
CA SER C 33 -24.80 -21.82 38.29
C SER C 33 -25.87 -20.81 37.98
N THR C 34 -27.03 -21.00 38.59
CA THR C 34 -28.24 -20.28 38.23
C THR C 34 -28.70 -19.34 39.36
N GLN C 35 -27.99 -19.31 40.50
CA GLN C 35 -28.29 -18.35 41.57
C GLN C 35 -27.86 -16.92 41.20
N LYS C 36 -28.69 -15.95 41.57
CA LYS C 36 -28.53 -14.53 41.17
C LYS C 36 -27.31 -13.80 41.76
N ASP C 37 -26.96 -14.10 43.01
CA ASP C 37 -25.96 -13.30 43.74
C ASP C 37 -24.89 -14.18 44.40
N GLN C 38 -23.75 -13.59 44.75
CA GLN C 38 -22.59 -14.37 45.24
C GLN C 38 -22.98 -15.18 46.44
N LEU C 39 -23.59 -14.54 47.44
CA LEU C 39 -23.90 -15.21 48.70
C LEU C 39 -24.71 -16.46 48.46
N SER C 40 -25.75 -16.35 47.64
CA SER C 40 -26.57 -17.51 47.29
C SER C 40 -25.74 -18.63 46.67
N ARG C 41 -24.79 -18.25 45.81
CA ARG C 41 -23.92 -19.20 45.15
C ARG C 41 -23.03 -19.89 46.17
N PHE C 42 -22.44 -19.11 47.09
CA PHE C 42 -21.64 -19.66 48.19
C PHE C 42 -22.46 -20.66 48.99
N GLN C 43 -23.66 -20.24 49.40
CA GLN C 43 -24.55 -21.11 50.18
C GLN C 43 -24.88 -22.42 49.49
N ALA C 44 -25.01 -22.38 48.17
CA ALA C 44 -25.34 -23.57 47.34
C ALA C 44 -24.20 -24.57 47.31
N THR C 45 -23.06 -24.08 47.75
CA THR C 45 -21.81 -24.81 47.77
C THR C 45 -21.62 -25.56 49.12
N ARG C 46 -22.43 -25.24 50.12
CA ARG C 46 -22.31 -25.85 51.45
C ARG C 46 -22.36 -27.38 51.53
N PRO C 47 -23.24 -28.04 50.77
CA PRO C 47 -23.26 -29.51 50.77
C PRO C 47 -21.96 -30.14 50.24
N PHE C 48 -21.26 -29.42 49.38
CA PHE C 48 -19.98 -29.89 48.84
C PHE C 48 -18.84 -29.72 49.85
N TYR C 49 -18.87 -28.63 50.61
CA TYR C 49 -17.93 -28.42 51.71
C TYR C 49 -18.14 -29.46 52.81
N ARG C 50 -19.40 -29.76 53.10
CA ARG C 50 -19.75 -30.83 54.02
C ARG C 50 -19.13 -32.15 53.62
N GLU C 51 -19.22 -32.48 52.34
CA GLU C 51 -18.60 -33.69 51.81
C GLU C 51 -17.06 -33.63 51.95
N ALA C 52 -16.47 -32.46 51.72
CA ALA C 52 -15.01 -32.29 51.81
C ALA C 52 -14.53 -32.53 53.24
N VAL C 53 -15.31 -32.07 54.21
CA VAL C 53 -15.04 -32.33 55.62
C VAL C 53 -15.12 -33.83 55.91
N ARG C 54 -16.14 -34.49 55.35
CA ARG C 54 -16.33 -35.93 55.49
C ARG C 54 -15.22 -36.71 54.82
N HIS C 55 -14.67 -36.17 53.72
CA HIS C 55 -13.54 -36.80 53.04
C HIS C 55 -12.20 -36.47 53.71
N GLY C 56 -12.23 -35.75 54.84
CA GLY C 56 -11.01 -35.44 55.60
C GLY C 56 -10.21 -34.21 55.15
N LEU C 57 -10.70 -33.49 54.14
CA LEU C 57 -9.97 -32.38 53.55
C LEU C 57 -9.76 -31.13 54.42
N ILE C 58 -10.61 -30.89 55.42
CA ILE C 58 -10.35 -29.79 56.34
C ILE C 58 -9.39 -30.24 57.46
N LYS C 59 -9.56 -31.47 57.93
CA LYS C 59 -8.63 -32.04 58.88
C LYS C 59 -7.20 -32.05 58.28
N ALA C 60 -7.09 -32.22 56.96
CA ALA C 60 -5.81 -32.24 56.25
C ALA C 60 -5.16 -30.88 56.04
N GLN C 61 -5.84 -29.82 56.46
CA GLN C 61 -5.26 -28.48 56.49
C GLN C 61 -4.55 -28.17 57.82
N VAL C 62 -4.58 -29.11 58.75
CA VAL C 62 -4.04 -28.90 60.08
C VAL C 62 -2.92 -29.92 60.29
N PRO C 63 -1.75 -29.51 60.79
CA PRO C 63 -0.66 -30.46 61.01
C PRO C 63 -1.02 -31.57 62.00
N ILE C 64 -0.43 -32.75 61.80
CA ILE C 64 -0.58 -33.92 62.69
C ILE C 64 -0.30 -33.61 64.17
N PRO C 65 0.82 -32.94 64.48
CA PRO C 65 1.07 -32.48 65.86
C PRO C 65 -0.09 -31.73 66.51
N LEU C 66 -0.90 -31.02 65.73
CA LEU C 66 -2.06 -30.28 66.25
C LEU C 66 -3.37 -31.06 66.13
N GLY C 67 -3.27 -32.33 65.78
CA GLY C 67 -4.43 -33.23 65.73
C GLY C 67 -5.07 -33.37 64.37
N GLY C 68 -4.46 -32.74 63.35
CA GLY C 68 -4.92 -32.84 61.98
C GLY C 68 -4.23 -33.98 61.26
N THR C 69 -4.29 -33.97 59.94
CA THR C 69 -3.71 -35.05 59.14
C THR C 69 -2.84 -34.54 57.99
N MET C 70 -2.51 -33.24 57.96
CA MET C 70 -1.60 -32.73 56.93
C MET C 70 -0.29 -33.54 56.95
N GLU C 71 0.03 -34.16 55.83
CA GLU C 71 1.25 -34.96 55.71
C GLU C 71 2.44 -34.07 55.31
N SER C 72 2.23 -33.19 54.33
CA SER C 72 3.25 -32.22 53.94
C SER C 72 2.66 -31.15 53.02
N LEU C 73 3.46 -30.13 52.74
CA LEU C 73 3.05 -29.06 51.84
C LEU C 73 3.07 -29.53 50.39
N VAL C 74 3.89 -30.52 50.06
CA VAL C 74 3.88 -31.07 48.70
C VAL C 74 2.57 -31.87 48.51
N HIS C 75 2.15 -32.63 49.52
CA HIS C 75 0.86 -33.34 49.46
C HIS C 75 -0.27 -32.34 49.19
N GLU C 76 -0.24 -31.24 49.96
CA GLU C 76 -1.19 -30.14 49.86
C GLU C 76 -1.19 -29.54 48.46
N SER C 77 0.00 -29.39 47.86
CA SER C 77 0.12 -28.82 46.52
C SER C 77 -0.55 -29.71 45.48
N ILE C 78 -0.34 -31.02 45.63
CA ILE C 78 -0.88 -32.00 44.70
C ILE C 78 -2.40 -32.04 44.86
N ILE C 79 -2.90 -31.95 46.08
CA ILE C 79 -4.33 -31.91 46.33
C ILE C 79 -4.98 -30.68 45.65
N LEU C 80 -4.41 -29.50 45.87
CA LEU C 80 -5.01 -28.26 45.38
C LEU C 80 -5.02 -28.22 43.84
N GLU C 81 -3.96 -28.72 43.21
CA GLU C 81 -3.89 -28.77 41.77
C GLU C 81 -5.01 -29.66 41.22
N GLU C 82 -5.26 -30.79 41.87
CA GLU C 82 -6.29 -31.71 41.40
C GLU C 82 -7.69 -31.12 41.56
N LEU C 83 -7.95 -30.51 42.70
CA LEU C 83 -9.25 -29.87 42.98
C LEU C 83 -9.52 -28.69 42.02
N PHE C 84 -8.56 -27.80 41.88
CA PHE C 84 -8.72 -26.62 41.04
C PHE C 84 -8.73 -26.91 39.54
N ALA C 85 -8.19 -28.06 39.13
CA ALA C 85 -8.29 -28.51 37.75
C ALA C 85 -9.71 -28.94 37.36
N VAL C 86 -10.56 -29.18 38.35
CA VAL C 86 -11.95 -29.57 38.09
C VAL C 86 -12.93 -28.47 38.44
N GLU C 87 -12.82 -27.93 39.64
CA GLU C 87 -13.80 -26.97 40.15
C GLU C 87 -13.26 -26.18 41.35
N PRO C 88 -13.03 -24.88 41.18
CA PRO C 88 -12.64 -24.03 42.31
C PRO C 88 -13.75 -23.78 43.36
N ALA C 89 -15.02 -24.02 43.03
CA ALA C 89 -16.06 -23.97 44.06
C ALA C 89 -15.77 -25.03 45.11
N THR C 90 -15.93 -24.64 46.36
CA THR C 90 -15.60 -25.44 47.52
C THR C 90 -14.09 -25.61 47.76
N SER C 91 -13.34 -25.89 46.71
CA SER C 91 -11.88 -25.95 46.81
C SER C 91 -11.34 -24.64 47.39
N ILE C 92 -11.87 -23.53 46.92
CA ILE C 92 -11.47 -22.21 47.38
C ILE C 92 -11.86 -22.03 48.84
N THR C 93 -13.01 -22.56 49.23
CA THR C 93 -13.46 -22.45 50.63
C THR C 93 -12.50 -23.18 51.56
N ILE C 94 -12.02 -24.36 51.14
CA ILE C 94 -11.10 -25.16 51.93
C ILE C 94 -9.80 -24.39 52.16
N VAL C 95 -9.24 -23.80 51.12
CA VAL C 95 -7.94 -23.07 51.24
C VAL C 95 -8.11 -21.77 52.02
N ALA C 96 -9.27 -21.14 51.93
CA ALA C 96 -9.54 -19.92 52.67
C ALA C 96 -9.54 -20.27 54.15
N THR C 97 -10.10 -21.43 54.47
CA THR C 97 -10.17 -21.93 55.82
C THR C 97 -8.74 -22.26 56.30
N ALA C 98 -7.97 -22.96 55.48
CA ALA C 98 -6.56 -23.17 55.79
C ALA C 98 -5.85 -21.86 56.15
N LEU C 99 -6.04 -20.80 55.36
CA LEU C 99 -5.43 -19.48 55.64
C LEU C 99 -5.92 -18.94 56.98
N GLY C 100 -7.22 -19.08 57.23
CA GLY C 100 -7.83 -18.63 58.47
C GLY C 100 -7.25 -19.34 59.67
N LEU C 101 -6.89 -20.61 59.53
CA LEU C 101 -6.32 -21.37 60.61
C LEU C 101 -4.81 -21.13 60.83
N MET C 102 -4.11 -20.64 59.81
CA MET C 102 -2.63 -20.58 59.82
C MET C 102 -2.07 -19.76 60.99
N PRO C 103 -2.61 -18.59 61.30
CA PRO C 103 -2.09 -17.82 62.44
C PRO C 103 -2.17 -18.59 63.76
N VAL C 104 -3.23 -19.37 63.96
CA VAL C 104 -3.36 -20.21 65.16
C VAL C 104 -2.42 -21.42 65.09
N ILE C 105 -2.29 -22.04 63.92
CA ILE C 105 -1.39 -23.17 63.72
C ILE C 105 0.06 -22.75 64.00
N LEU C 106 0.39 -21.48 63.72
CA LEU C 106 1.75 -20.98 63.79
C LEU C 106 2.08 -20.35 65.15
N CYS C 107 1.09 -19.95 65.92
CA CYS C 107 1.31 -19.18 67.15
C CYS C 107 1.97 -20.00 68.25
N ASP C 108 2.35 -19.31 69.33
CA ASP C 108 3.11 -19.94 70.43
C ASP C 108 2.30 -20.18 71.71
N SER C 109 1.00 -20.43 71.57
CA SER C 109 0.15 -20.81 72.70
C SER C 109 -0.56 -22.14 72.40
N PRO C 110 -0.12 -23.23 73.00
CA PRO C 110 -0.76 -24.54 72.76
C PRO C 110 -2.20 -24.65 73.31
N SER C 111 -2.55 -23.81 74.29
CA SER C 111 -3.91 -23.78 74.80
C SER C 111 -4.85 -23.05 73.81
N LEU C 112 -4.35 -22.02 73.13
CA LEU C 112 -5.11 -21.37 72.06
C LEU C 112 -5.33 -22.33 70.90
N GLN C 113 -4.30 -23.08 70.54
CA GLN C 113 -4.39 -24.02 69.44
C GLN C 113 -5.43 -25.09 69.72
N GLU C 114 -5.41 -25.67 70.93
CA GLU C 114 -6.34 -26.74 71.27
C GLU C 114 -7.79 -26.26 71.23
N LYS C 115 -8.05 -25.09 71.78
CA LYS C 115 -9.40 -24.54 71.88
C LYS C 115 -9.99 -24.19 70.51
N PHE C 116 -9.25 -23.40 69.73
CA PHE C 116 -9.78 -22.83 68.48
C PHE C 116 -9.68 -23.72 67.24
N LEU C 117 -8.76 -24.68 67.24
CA LEU C 117 -8.65 -25.65 66.14
C LEU C 117 -9.59 -26.86 66.25
N LYS C 118 -10.23 -27.02 67.42
CA LYS C 118 -11.06 -28.20 67.73
C LYS C 118 -12.10 -28.57 66.65
N PRO C 119 -12.94 -27.61 66.21
CA PRO C 119 -13.99 -27.91 65.21
C PRO C 119 -13.43 -28.39 63.86
N PHE C 120 -12.24 -27.91 63.49
CA PHE C 120 -11.64 -28.20 62.18
C PHE C 120 -10.95 -29.57 62.06
N ILE C 121 -10.65 -30.20 63.19
CA ILE C 121 -10.10 -31.56 63.19
C ILE C 121 -11.13 -32.63 63.61
N SER C 122 -12.37 -32.22 63.82
CA SER C 122 -13.46 -33.13 64.23
C SER C 122 -13.95 -34.06 63.10
N GLY C 123 -13.81 -33.63 61.85
CA GLY C 123 -14.35 -34.40 60.74
C GLY C 123 -15.85 -34.28 60.57
N GLU C 124 -16.45 -33.35 61.31
CA GLU C 124 -17.90 -33.15 61.35
C GLU C 124 -18.25 -31.70 61.01
N GLY C 125 -19.47 -31.50 60.51
CA GLY C 125 -19.98 -30.16 60.29
C GLY C 125 -19.38 -29.49 59.06
N GLU C 126 -19.55 -28.17 59.00
CA GLU C 126 -19.05 -27.33 57.92
C GLU C 126 -18.38 -26.07 58.50
N PRO C 127 -17.37 -26.24 59.35
CA PRO C 127 -16.74 -25.10 59.99
C PRO C 127 -15.85 -24.32 59.00
N LEU C 128 -15.96 -23.00 59.08
CA LEU C 128 -15.27 -22.04 58.24
C LEU C 128 -14.30 -21.21 59.08
N ALA C 129 -13.10 -20.98 58.54
CA ALA C 129 -12.20 -20.00 59.11
C ALA C 129 -11.83 -18.96 58.08
N SER C 130 -11.43 -17.78 58.56
CA SER C 130 -11.13 -16.64 57.70
C SER C 130 -9.98 -15.82 58.31
N LEU C 131 -8.97 -15.51 57.51
CA LEU C 131 -7.95 -14.54 57.91
C LEU C 131 -8.44 -13.18 57.42
N MET C 132 -8.85 -12.32 58.35
CA MET C 132 -9.45 -11.05 57.99
C MET C 132 -8.39 -9.94 58.02
N HIS C 133 -7.77 -9.69 56.86
CA HIS C 133 -6.69 -8.71 56.71
C HIS C 133 -7.18 -7.53 55.88
N SER C 134 -7.66 -7.82 54.69
CA SER C 134 -7.94 -6.84 53.67
C SER C 134 -9.06 -5.87 54.03
N GLU C 135 -9.00 -4.69 53.42
CA GLU C 135 -9.84 -3.57 53.77
C GLU C 135 -10.31 -2.82 52.55
N PRO C 136 -11.42 -2.08 52.69
CA PRO C 136 -11.93 -1.22 51.61
C PRO C 136 -10.89 -0.26 51.04
N ASN C 137 -10.06 0.38 51.88
CA ASN C 137 -9.11 1.38 51.39
C ASN C 137 -7.81 0.78 50.85
N GLY C 138 -7.62 -0.53 50.99
CA GLY C 138 -6.44 -1.21 50.45
C GLY C 138 -5.51 -1.64 51.56
N THR C 139 -4.59 -2.56 51.26
CA THR C 139 -3.62 -3.04 52.25
C THR C 139 -2.20 -3.10 51.74
N ALA C 140 -1.96 -2.76 50.48
CA ALA C 140 -0.62 -2.84 49.95
C ALA C 140 0.34 -2.01 50.77
N ASN C 141 -0.16 -0.93 51.38
CA ASN C 141 0.69 -0.05 52.16
C ASN C 141 0.48 -0.12 53.68
N TRP C 142 -0.06 -1.23 54.17
CA TRP C 142 -0.43 -1.33 55.58
C TRP C 142 0.76 -1.22 56.55
N LEU C 143 1.96 -1.58 56.12
CA LEU C 143 3.15 -1.47 56.97
C LEU C 143 4.02 -0.26 56.66
N GLN C 144 3.48 0.72 55.93
CA GLN C 144 4.27 1.88 55.49
C GLN C 144 4.37 2.91 56.61
N LYS C 145 5.59 3.08 57.15
CA LYS C 145 5.87 4.12 58.14
C LYS C 145 5.44 5.48 57.61
N GLY C 146 4.56 6.17 58.34
CA GLY C 146 4.11 7.49 57.96
C GLY C 146 2.75 7.53 57.30
N GLY C 147 2.20 6.38 56.92
CA GLY C 147 0.88 6.34 56.32
C GLY C 147 -0.22 6.07 57.35
N PRO C 148 -1.47 6.09 56.90
CA PRO C 148 -2.62 5.88 57.79
C PRO C 148 -2.72 4.49 58.43
N GLY C 149 -2.10 3.47 57.80
CA GLY C 149 -2.16 2.10 58.26
C GLY C 149 -3.56 1.46 58.15
N LEU C 150 -3.71 0.29 58.77
CA LEU C 150 -4.99 -0.42 58.75
C LEU C 150 -6.03 0.47 59.39
N GLN C 151 -7.19 0.54 58.75
CA GLN C 151 -8.31 1.31 59.26
C GLN C 151 -9.19 0.48 60.19
N THR C 152 -8.81 -0.76 60.41
CA THR C 152 -9.42 -1.56 61.46
C THR C 152 -8.46 -1.47 62.62
N THR C 153 -8.86 -0.75 63.66
CA THR C 153 -8.04 -0.63 64.87
C THR C 153 -8.63 -1.36 66.07
N ALA C 154 -7.80 -1.63 67.07
CA ALA C 154 -8.27 -2.20 68.33
C ALA C 154 -7.68 -1.42 69.50
N ARG C 155 -8.44 -1.29 70.59
CA ARG C 155 -7.94 -0.66 71.81
C ARG C 155 -8.29 -1.49 73.03
N LYS C 156 -7.37 -1.59 73.99
CA LYS C 156 -7.66 -2.30 75.22
C LYS C 156 -8.55 -1.43 76.11
N VAL C 157 -9.71 -1.98 76.47
CA VAL C 157 -10.63 -1.40 77.45
C VAL C 157 -10.97 -2.47 78.48
N GLY C 158 -10.27 -2.43 79.61
CA GLY C 158 -10.49 -3.37 80.69
C GLY C 158 -9.77 -4.67 80.39
N ASN C 159 -10.44 -5.80 80.67
CA ASN C 159 -9.96 -7.12 80.25
C ASN C 159 -10.47 -7.51 78.85
N GLU C 160 -10.86 -6.54 78.03
CA GLU C 160 -11.22 -6.82 76.64
C GLU C 160 -10.61 -5.82 75.65
N TRP C 161 -10.64 -6.21 74.38
CA TRP C 161 -10.25 -5.33 73.29
C TRP C 161 -11.50 -4.91 72.54
N VAL C 162 -11.45 -3.71 71.98
CA VAL C 162 -12.57 -3.16 71.25
C VAL C 162 -12.12 -2.81 69.81
N ILE C 163 -12.72 -3.48 68.83
CA ILE C 163 -12.39 -3.33 67.42
C ILE C 163 -13.32 -2.33 66.76
N SER C 164 -12.77 -1.37 66.03
CA SER C 164 -13.58 -0.55 65.12
C SER C 164 -12.95 -0.52 63.73
N GLY C 165 -13.78 -0.54 62.71
CA GLY C 165 -13.33 -0.39 61.33
C GLY C 165 -13.92 -1.44 60.42
N GLU C 166 -13.46 -1.42 59.18
CA GLU C 166 -14.02 -2.27 58.15
C GLU C 166 -13.01 -3.21 57.51
N LYS C 167 -13.49 -4.40 57.16
CA LYS C 167 -12.73 -5.34 56.36
C LYS C 167 -13.50 -5.56 55.07
N LEU C 168 -12.76 -5.89 54.01
CA LEU C 168 -13.35 -6.17 52.70
C LEU C 168 -12.55 -7.26 52.07
N TRP C 169 -13.24 -8.24 51.48
CA TRP C 169 -12.63 -9.33 50.73
C TRP C 169 -12.30 -10.64 51.47
N PRO C 170 -12.09 -10.69 52.80
CA PRO C 170 -11.61 -11.96 53.36
C PRO C 170 -12.63 -13.09 53.22
N SER C 171 -12.12 -14.22 52.75
CA SER C 171 -12.95 -15.34 52.35
C SER C 171 -13.56 -15.99 53.58
N ASN C 172 -14.83 -16.36 53.47
CA ASN C 172 -15.59 -17.04 54.51
C ASN C 172 -15.87 -16.20 55.76
N SER C 173 -15.49 -14.93 55.78
CA SER C 173 -15.43 -14.14 57.02
C SER C 173 -16.77 -14.07 57.76
N GLY C 174 -17.87 -14.02 57.01
CA GLY C 174 -19.19 -13.89 57.58
C GLY C 174 -19.89 -15.22 57.76
N GLY C 175 -19.22 -16.30 57.42
CA GLY C 175 -19.77 -17.63 57.57
C GLY C 175 -20.81 -17.92 56.50
N TRP C 176 -21.56 -19.00 56.69
CA TRP C 176 -22.62 -19.40 55.74
C TRP C 176 -23.86 -18.49 55.75
N ASP C 177 -24.06 -17.77 56.86
CA ASP C 177 -25.32 -17.10 57.19
C ASP C 177 -25.15 -15.65 57.66
N TYR C 178 -23.94 -15.10 57.48
CA TYR C 178 -23.57 -13.77 57.97
C TYR C 178 -23.56 -13.56 59.49
N LYS C 179 -23.58 -14.64 60.27
CA LYS C 179 -23.38 -14.55 61.72
C LYS C 179 -21.95 -14.93 62.11
N GLY C 180 -21.07 -15.04 61.11
CA GLY C 180 -19.64 -15.16 61.37
C GLY C 180 -19.01 -16.48 60.96
N ALA C 181 -17.74 -16.39 60.57
CA ALA C 181 -16.91 -17.58 60.41
C ALA C 181 -16.85 -18.25 61.78
N ASP C 182 -16.69 -19.56 61.79
CA ASP C 182 -16.44 -20.26 63.05
C ASP C 182 -15.18 -19.76 63.74
N LEU C 183 -14.16 -19.44 62.95
CA LEU C 183 -12.98 -18.73 63.45
C LEU C 183 -12.52 -17.69 62.44
N ALA C 184 -12.43 -16.44 62.88
CA ALA C 184 -11.85 -15.36 62.11
C ALA C 184 -10.67 -14.82 62.90
N CYS C 185 -9.52 -14.69 62.24
CA CYS C 185 -8.36 -13.99 62.80
C CYS C 185 -8.40 -12.59 62.25
N VAL C 186 -8.78 -11.60 63.05
CA VAL C 186 -8.96 -10.22 62.59
C VAL C 186 -7.67 -9.44 62.84
N VAL C 187 -7.08 -8.94 61.76
CA VAL C 187 -5.83 -8.21 61.87
C VAL C 187 -6.12 -6.74 62.08
N CYS C 188 -5.60 -6.19 63.17
CA CYS C 188 -5.87 -4.82 63.60
C CYS C 188 -4.58 -4.01 63.81
N ARG C 189 -4.71 -2.70 63.70
CA ARG C 189 -3.69 -1.78 64.18
C ARG C 189 -4.12 -1.29 65.56
N VAL C 190 -3.26 -1.49 66.55
CA VAL C 190 -3.53 -1.00 67.89
C VAL C 190 -3.54 0.53 67.83
N SER C 191 -4.68 1.12 68.22
CA SER C 191 -4.80 2.55 68.41
C SER C 191 -5.68 2.79 69.63
N ASP C 192 -5.10 3.38 70.68
CA ASP C 192 -5.86 3.66 71.90
C ASP C 192 -7.00 4.63 71.62
N ASP C 193 -6.76 5.57 70.71
CA ASP C 193 -7.81 6.47 70.21
C ASP C 193 -7.98 6.30 68.68
N PRO C 194 -9.11 5.74 68.23
CA PRO C 194 -9.30 5.42 66.81
C PRO C 194 -9.55 6.65 65.94
N SER C 195 -9.91 7.77 66.56
CA SER C 195 -10.12 9.03 65.84
C SER C 195 -8.79 9.63 65.36
N LYS C 196 -7.72 9.40 66.11
CA LYS C 196 -6.41 9.98 65.82
C LYS C 196 -5.58 9.11 64.86
N PRO C 197 -4.83 9.74 63.96
CA PRO C 197 -4.04 9.01 62.97
C PRO C 197 -2.92 8.17 63.57
N GLN C 198 -2.45 7.20 62.79
CA GLN C 198 -1.27 6.43 63.17
C GLN C 198 -0.11 7.38 63.37
N ASP C 199 0.60 7.20 64.48
CA ASP C 199 1.78 7.99 64.81
C ASP C 199 2.90 7.70 63.77
N PRO C 200 3.26 8.69 62.96
CA PRO C 200 4.23 8.49 61.88
C PRO C 200 5.66 8.22 62.36
N ASN C 201 5.93 8.43 63.65
CA ASN C 201 7.25 8.17 64.22
C ASN C 201 7.44 6.76 64.75
N VAL C 202 6.41 5.91 64.62
CA VAL C 202 6.55 4.51 65.05
C VAL C 202 6.22 3.55 63.89
N ASP C 203 7.11 2.58 63.69
CA ASP C 203 7.00 1.49 62.73
C ASP C 203 5.66 0.74 62.84
N PRO C 204 4.83 0.79 61.79
CA PRO C 204 3.56 0.08 61.75
C PRO C 204 3.60 -1.38 62.21
N ALA C 205 4.65 -2.12 61.88
CA ALA C 205 4.76 -3.52 62.32
C ALA C 205 4.65 -3.70 63.85
N THR C 206 5.06 -2.69 64.62
CA THR C 206 5.05 -2.78 66.10
C THR C 206 3.67 -2.56 66.70
N GLN C 207 2.71 -2.13 65.89
CA GLN C 207 1.35 -1.88 66.37
C GLN C 207 0.31 -2.89 65.85
N ILE C 208 0.76 -4.03 65.30
CA ILE C 208 -0.20 -5.02 64.79
C ILE C 208 -0.65 -5.97 65.90
N ALA C 209 -1.94 -6.26 65.93
CA ALA C 209 -2.51 -7.25 66.84
C ALA C 209 -3.46 -8.14 66.05
N VAL C 210 -3.51 -9.42 66.42
CA VAL C 210 -4.48 -10.32 65.84
C VAL C 210 -5.47 -10.71 66.95
N LEU C 211 -6.75 -10.55 66.67
CA LEU C 211 -7.81 -10.87 67.61
C LEU C 211 -8.70 -11.95 67.02
N LEU C 212 -8.90 -13.01 67.80
CA LEU C 212 -9.64 -14.16 67.36
C LEU C 212 -11.13 -13.89 67.65
N VAL C 213 -11.96 -14.02 66.61
CA VAL C 213 -13.38 -13.76 66.70
C VAL C 213 -14.14 -14.99 66.23
N THR C 214 -15.09 -15.44 67.05
CA THR C 214 -15.92 -16.59 66.73
C THR C 214 -17.38 -16.18 66.66
N ARG C 215 -18.23 -17.14 66.31
CA ARG C 215 -19.68 -16.93 66.26
C ARG C 215 -20.21 -16.58 67.65
N GLU C 216 -19.63 -17.20 68.67
CA GLU C 216 -19.92 -16.85 70.07
C GLU C 216 -19.57 -15.38 70.33
N THR C 217 -18.40 -14.93 69.89
CA THR C 217 -17.99 -13.54 70.11
C THR C 217 -18.99 -12.53 69.53
N ILE C 218 -19.45 -12.80 68.32
CA ILE C 218 -20.39 -11.94 67.61
C ILE C 218 -21.77 -11.98 68.31
N ALA C 219 -22.19 -13.16 68.76
CA ALA C 219 -23.44 -13.34 69.49
C ALA C 219 -23.42 -12.58 70.83
N ASN C 220 -22.22 -12.40 71.42
CA ASN C 220 -22.04 -11.69 72.69
C ASN C 220 -22.00 -10.18 72.55
N ASN C 221 -22.03 -9.69 71.32
CA ASN C 221 -22.04 -8.27 71.05
C ASN C 221 -23.42 -7.81 70.58
N LYS C 222 -23.67 -6.50 70.69
CA LYS C 222 -24.89 -5.89 70.13
C LYS C 222 -24.99 -6.16 68.62
N LYS C 223 -26.20 -6.16 68.05
CA LYS C 223 -26.38 -6.55 66.65
C LYS C 223 -25.66 -5.59 65.70
N ASP C 224 -25.72 -4.29 66.00
CA ASP C 224 -25.08 -3.29 65.13
C ASP C 224 -23.55 -3.18 65.30
N ALA C 225 -22.97 -3.94 66.23
CA ALA C 225 -21.51 -3.97 66.40
C ALA C 225 -20.77 -4.79 65.33
N TYR C 226 -21.51 -5.61 64.58
CA TYR C 226 -20.95 -6.44 63.53
C TYR C 226 -22.01 -6.49 62.43
N GLN C 227 -21.75 -5.77 61.35
CA GLN C 227 -22.70 -5.64 60.24
C GLN C 227 -22.00 -6.02 58.93
N ILE C 228 -22.64 -6.87 58.15
CA ILE C 228 -22.19 -7.14 56.80
C ILE C 228 -22.90 -6.14 55.89
N LEU C 229 -22.13 -5.26 55.28
CA LEU C 229 -22.69 -4.19 54.47
C LEU C 229 -22.87 -4.59 53.02
N GLY C 230 -22.20 -5.67 52.59
CA GLY C 230 -22.22 -6.03 51.19
C GLY C 230 -21.39 -7.24 50.83
N GLU C 231 -21.55 -7.67 49.59
CA GLU C 231 -20.91 -8.87 49.08
C GLU C 231 -20.56 -8.60 47.61
N PRO C 232 -19.26 -8.38 47.32
CA PRO C 232 -18.81 -8.09 45.95
C PRO C 232 -19.23 -9.19 44.98
N GLU C 233 -19.75 -8.79 43.83
CA GLU C 233 -20.04 -9.72 42.78
C GLU C 233 -18.76 -9.87 41.95
N LEU C 234 -18.18 -11.06 41.94
CA LEU C 234 -16.86 -11.28 41.31
C LEU C 234 -16.93 -11.77 39.87
N ALA C 235 -15.90 -11.45 39.10
CA ALA C 235 -15.81 -11.90 37.70
C ALA C 235 -15.77 -13.42 37.63
N GLY C 236 -14.92 -14.00 38.47
CA GLY C 236 -14.79 -15.44 38.60
C GLY C 236 -14.79 -15.80 40.08
N HIS C 237 -14.63 -17.08 40.38
CA HIS C 237 -14.79 -17.60 41.74
C HIS C 237 -16.11 -17.08 42.31
N ILE C 238 -17.16 -17.30 41.53
CA ILE C 238 -18.46 -16.70 41.74
C ILE C 238 -19.16 -17.28 42.96
N THR C 239 -18.61 -18.35 43.52
CA THR C 239 -19.20 -18.95 44.72
C THR C 239 -18.46 -18.71 46.02
N THR C 240 -17.43 -17.86 46.05
CA THR C 240 -16.81 -17.46 47.32
C THR C 240 -17.57 -16.33 47.92
N SER C 241 -17.46 -16.24 49.23
CA SER C 241 -17.95 -15.10 49.96
C SER C 241 -16.74 -14.39 50.54
N GLY C 242 -16.72 -13.07 50.45
CA GLY C 242 -15.68 -12.24 51.04
C GLY C 242 -16.23 -10.85 51.20
N PRO C 243 -17.08 -10.68 52.21
CA PRO C 243 -17.91 -9.49 52.35
C PRO C 243 -17.23 -8.22 52.87
N HIS C 244 -18.00 -7.15 52.80
CA HIS C 244 -17.71 -5.87 53.42
C HIS C 244 -18.30 -5.95 54.81
N THR C 245 -17.42 -5.95 55.82
CA THR C 245 -17.79 -6.08 57.23
C THR C 245 -17.40 -4.84 58.01
N ARG C 246 -18.32 -4.34 58.84
CA ARG C 246 -18.04 -3.20 59.70
C ARG C 246 -18.16 -3.63 61.16
N PHE C 247 -17.07 -3.44 61.90
CA PHE C 247 -17.06 -3.57 63.34
C PHE C 247 -17.29 -2.19 63.92
N THR C 248 -18.28 -2.07 64.80
CA THR C 248 -18.50 -0.83 65.55
C THR C 248 -18.53 -1.18 67.03
N GLU C 249 -17.53 -0.70 67.77
CA GLU C 249 -17.44 -0.95 69.21
C GLU C 249 -17.65 -2.44 69.53
N PHE C 250 -16.88 -3.29 68.85
CA PHE C 250 -17.04 -4.74 68.90
C PHE C 250 -16.06 -5.29 69.93
N HIS C 251 -16.62 -5.79 71.03
CA HIS C 251 -15.87 -6.30 72.17
C HIS C 251 -15.42 -7.75 71.97
N VAL C 252 -14.18 -8.00 72.34
CA VAL C 252 -13.54 -9.31 72.20
C VAL C 252 -12.72 -9.54 73.47
N PRO C 253 -12.86 -10.69 74.13
CA PRO C 253 -12.13 -10.91 75.38
C PRO C 253 -10.62 -10.99 75.18
N HIS C 254 -9.85 -10.64 76.23
CA HIS C 254 -8.39 -10.61 76.16
C HIS C 254 -7.80 -11.96 75.85
N GLU C 255 -8.45 -13.02 76.32
CA GLU C 255 -7.99 -14.40 76.06
C GLU C 255 -8.04 -14.78 74.57
N ASN C 256 -8.72 -13.98 73.75
CA ASN C 256 -8.82 -14.18 72.31
C ASN C 256 -7.73 -13.45 71.50
N LEU C 257 -6.85 -12.73 72.22
CA LEU C 257 -5.70 -12.08 71.61
C LEU C 257 -4.70 -13.15 71.26
N LEU C 258 -4.34 -13.24 69.98
CA LEU C 258 -3.56 -14.36 69.48
C LEU C 258 -2.14 -14.38 70.02
N CYS C 259 -1.51 -13.21 70.11
CA CYS C 259 -0.18 -13.11 70.69
C CYS C 259 0.12 -11.66 71.10
N THR C 260 1.33 -11.45 71.61
CA THR C 260 1.76 -10.10 71.97
C THR C 260 1.63 -9.22 70.74
N PRO C 261 0.91 -8.10 70.84
CA PRO C 261 0.90 -7.12 69.75
C PRO C 261 2.32 -6.68 69.36
N GLY C 262 2.54 -6.37 68.09
CA GLY C 262 3.85 -5.99 67.60
C GLY C 262 4.43 -6.94 66.57
N LEU C 263 5.75 -7.07 66.57
CA LEU C 263 6.48 -7.78 65.53
C LEU C 263 6.10 -9.27 65.50
N LYS C 264 5.79 -9.82 66.66
CA LYS C 264 5.35 -11.20 66.76
C LYS C 264 4.03 -11.42 66.01
N ALA C 265 3.09 -10.50 66.18
CA ALA C 265 1.81 -10.59 65.49
C ALA C 265 1.96 -10.39 63.99
N GLN C 266 2.68 -9.35 63.60
CA GLN C 266 2.94 -9.11 62.18
C GLN C 266 3.63 -10.34 61.60
N GLY C 267 4.56 -10.91 62.35
CA GLY C 267 5.23 -12.14 61.97
C GLY C 267 4.29 -13.29 61.64
N LEU C 268 3.29 -13.55 62.48
CA LEU C 268 2.33 -14.63 62.22
C LEU C 268 1.60 -14.39 60.91
N VAL C 269 1.22 -13.14 60.69
CA VAL C 269 0.46 -12.75 59.50
C VAL C 269 1.32 -12.93 58.24
N GLU C 270 2.54 -12.41 58.29
CA GLU C 270 3.45 -12.49 57.15
C GLU C 270 3.75 -13.95 56.81
N THR C 271 3.93 -14.76 57.85
CA THR C 271 4.20 -16.18 57.68
C THR C 271 3.03 -16.90 57.04
N ALA C 272 1.83 -16.62 57.53
CA ALA C 272 0.59 -17.22 56.99
C ALA C 272 0.46 -16.84 55.53
N PHE C 273 0.69 -15.57 55.23
CA PHE C 273 0.52 -15.08 53.86
C PHE C 273 1.67 -15.51 52.94
N ALA C 274 2.83 -15.82 53.49
CA ALA C 274 3.93 -16.35 52.70
C ALA C 274 3.67 -17.81 52.31
N MET C 275 3.01 -18.55 53.21
CA MET C 275 2.67 -19.93 52.93
C MET C 275 1.56 -20.00 51.88
N SER C 276 0.60 -19.07 51.96
CA SER C 276 -0.43 -18.99 50.93
C SER C 276 0.15 -18.56 49.60
N ALA C 277 1.10 -17.64 49.60
CA ALA C 277 1.79 -17.21 48.37
C ALA C 277 2.34 -18.41 47.58
N ALA C 278 2.92 -19.36 48.30
CA ALA C 278 3.50 -20.55 47.69
C ALA C 278 2.44 -21.50 47.14
N LEU C 279 1.41 -21.77 47.96
CA LEU C 279 0.38 -22.74 47.60
C LEU C 279 -0.64 -22.24 46.57
N VAL C 280 -0.81 -20.92 46.48
CA VAL C 280 -1.69 -20.30 45.50
C VAL C 280 -1.26 -20.67 44.07
N GLY C 281 0.03 -20.91 43.87
CA GLY C 281 0.53 -21.44 42.63
C GLY C 281 -0.09 -22.76 42.22
N ALA C 282 -0.38 -23.63 43.19
CA ALA C 282 -1.11 -24.88 42.89
C ALA C 282 -2.52 -24.67 42.34
N MET C 283 -3.21 -23.63 42.80
CA MET C 283 -4.56 -23.30 42.34
C MET C 283 -4.51 -22.74 40.92
N ALA C 284 -3.49 -21.92 40.67
CA ALA C 284 -3.31 -21.34 39.35
C ALA C 284 -2.96 -22.43 38.36
N ILE C 285 -2.11 -23.38 38.78
CA ILE C 285 -1.76 -24.53 37.94
C ILE C 285 -2.98 -25.35 37.60
N GLY C 286 -3.84 -25.61 38.57
CA GLY C 286 -5.05 -26.38 38.34
C GLY C 286 -5.91 -25.73 37.28
N THR C 287 -6.18 -24.44 37.45
CA THR C 287 -7.00 -23.69 36.53
C THR C 287 -6.37 -23.70 35.14
N ALA C 288 -5.08 -23.40 35.07
CA ALA C 288 -4.40 -23.33 33.78
C ALA C 288 -4.27 -24.72 33.15
N ARG C 289 -4.21 -25.76 33.98
CA ARG C 289 -4.03 -27.11 33.48
C ARG C 289 -5.33 -27.61 32.84
N ALA C 290 -6.44 -27.22 33.44
CA ALA C 290 -7.77 -27.45 32.88
C ALA C 290 -7.87 -26.84 31.48
N ALA C 291 -7.41 -25.61 31.31
CA ALA C 291 -7.45 -24.97 30.00
C ALA C 291 -6.55 -25.69 28.98
N PHE C 292 -5.32 -25.99 29.38
CA PHE C 292 -4.38 -26.69 28.51
C PHE C 292 -4.95 -28.04 28.07
N GLU C 293 -5.44 -28.82 29.03
CA GLU C 293 -5.91 -30.17 28.72
C GLU C 293 -7.15 -30.13 27.81
N GLU C 294 -8.06 -29.20 28.05
CA GLU C 294 -9.20 -29.04 27.18
C GLU C 294 -8.78 -28.63 25.76
N ALA C 295 -7.76 -27.78 25.65
CA ALA C 295 -7.29 -27.35 24.35
C ALA C 295 -6.50 -28.46 23.65
N LEU C 296 -5.73 -29.20 24.43
CA LEU C 296 -4.95 -30.31 23.90
C LEU C 296 -5.83 -31.40 23.30
N VAL C 297 -6.80 -31.87 24.07
CA VAL C 297 -7.77 -32.90 23.61
C VAL C 297 -8.49 -32.43 22.37
N PHE C 298 -8.88 -31.15 22.37
CA PHE C 298 -9.55 -30.56 21.23
C PHE C 298 -8.64 -30.51 20.00
N ALA C 299 -7.38 -30.12 20.18
CA ALA C 299 -6.45 -29.98 19.06
C ALA C 299 -6.04 -31.34 18.48
N LYS C 300 -6.12 -32.40 19.30
CA LYS C 300 -5.78 -33.76 18.88
C LYS C 300 -6.95 -34.55 18.31
N SER C 301 -8.14 -33.96 18.33
CA SER C 301 -9.32 -34.63 17.81
C SER C 301 -10.13 -33.81 16.81
N ASP C 302 -9.78 -32.55 16.59
CA ASP C 302 -10.55 -31.70 15.69
C ASP C 302 -9.69 -31.12 14.57
N THR C 303 -10.17 -31.24 13.33
CA THR C 303 -9.48 -30.71 12.15
C THR C 303 -9.91 -29.31 11.77
N ARG C 304 -10.99 -28.85 12.37
CA ARG C 304 -11.59 -27.56 12.04
C ARG C 304 -11.80 -27.40 10.54
N GLY C 305 -12.39 -28.44 9.95
CA GLY C 305 -12.80 -28.40 8.56
C GLY C 305 -11.65 -28.48 7.59
N GLY C 306 -10.53 -29.01 8.05
CA GLY C 306 -9.34 -29.17 7.26
C GLY C 306 -8.99 -30.65 7.22
N SER C 307 -7.77 -30.96 6.81
CA SER C 307 -7.44 -32.36 6.49
C SER C 307 -6.70 -33.07 7.59
N LYS C 308 -6.30 -32.35 8.62
CA LYS C 308 -5.60 -32.97 9.73
C LYS C 308 -5.94 -32.30 11.04
N HIS C 309 -5.66 -32.99 12.14
CA HIS C 309 -5.95 -32.46 13.46
C HIS C 309 -5.17 -31.15 13.62
N ILE C 310 -5.73 -30.16 14.30
CA ILE C 310 -5.11 -28.84 14.34
C ILE C 310 -3.76 -28.80 15.10
N ILE C 311 -3.47 -29.79 15.96
CA ILE C 311 -2.16 -29.83 16.62
C ILE C 311 -0.99 -29.96 15.62
N GLU C 312 -1.30 -30.33 14.37
CA GLU C 312 -0.28 -30.45 13.36
C GLU C 312 0.00 -29.14 12.66
N HIS C 313 -0.72 -28.07 13.00
CA HIS C 313 -0.36 -26.75 12.55
C HIS C 313 0.65 -26.21 13.57
N GLN C 314 1.80 -25.73 13.09
CA GLN C 314 2.85 -25.28 13.99
C GLN C 314 2.39 -24.18 14.93
N SER C 315 1.57 -23.23 14.46
CA SER C 315 1.17 -22.11 15.35
C SER C 315 0.27 -22.57 16.50
N VAL C 316 -0.49 -23.65 16.27
CA VAL C 316 -1.32 -24.25 17.30
C VAL C 316 -0.46 -25.01 18.30
N ALA C 317 0.44 -25.85 17.80
CA ALA C 317 1.39 -26.57 18.68
C ALA C 317 2.25 -25.62 19.51
N ASP C 318 2.64 -24.49 18.91
CA ASP C 318 3.45 -23.51 19.63
C ASP C 318 2.76 -22.98 20.88
N LYS C 319 1.47 -22.64 20.75
CA LYS C 319 0.65 -22.25 21.88
C LYS C 319 0.57 -23.34 22.93
N LEU C 320 0.40 -24.57 22.49
CA LEU C 320 0.27 -25.69 23.41
C LEU C 320 1.59 -25.96 24.10
N ILE C 321 2.69 -25.75 23.38
CA ILE C 321 4.03 -25.93 23.94
C ILE C 321 4.25 -24.87 25.01
N ASP C 322 3.84 -23.64 24.72
CA ASP C 322 4.03 -22.54 25.66
C ASP C 322 3.20 -22.78 26.92
N CYS C 323 1.96 -23.24 26.75
CA CYS C 323 1.14 -23.60 27.90
C CYS C 323 1.80 -24.69 28.76
N LYS C 324 2.23 -25.76 28.11
CA LYS C 324 2.82 -26.91 28.78
C LYS C 324 4.05 -26.50 29.56
N ILE C 325 4.88 -25.65 28.95
CA ILE C 325 6.08 -25.16 29.59
C ILE C 325 5.73 -24.34 30.84
N ARG C 326 4.77 -23.45 30.72
CA ARG C 326 4.36 -22.62 31.86
C ARG C 326 3.85 -23.48 33.00
N LEU C 327 3.14 -24.55 32.68
CA LEU C 327 2.62 -25.43 33.72
C LEU C 327 3.73 -26.20 34.41
N GLU C 328 4.67 -26.72 33.62
CA GLU C 328 5.74 -27.53 34.16
C GLU C 328 6.64 -26.69 35.06
N THR C 329 7.09 -25.54 34.56
CA THR C 329 7.91 -24.65 35.38
C THR C 329 7.20 -24.21 36.65
N SER C 330 5.90 -23.92 36.53
CA SER C 330 5.11 -23.46 37.65
C SER C 330 5.08 -24.50 38.76
N ARG C 331 4.83 -25.75 38.40
CA ARG C 331 4.68 -26.80 39.41
C ARG C 331 6.00 -27.03 40.14
N LEU C 332 7.09 -27.08 39.39
CA LEU C 332 8.41 -27.21 40.00
C LEU C 332 8.66 -26.09 40.97
N LEU C 333 8.27 -24.87 40.59
CA LEU C 333 8.50 -23.70 41.43
C LEU C 333 7.66 -23.81 42.71
N VAL C 334 6.42 -24.27 42.60
CA VAL C 334 5.59 -24.47 43.78
C VAL C 334 6.21 -25.51 44.71
N TRP C 335 6.59 -26.66 44.18
CA TRP C 335 7.20 -27.70 45.02
C TRP C 335 8.54 -27.24 45.64
N LYS C 336 9.29 -26.45 44.90
CA LYS C 336 10.50 -25.84 45.42
C LYS C 336 10.15 -24.90 46.57
N ALA C 337 9.13 -24.07 46.36
CA ALA C 337 8.75 -23.09 47.36
C ALA C 337 8.28 -23.71 48.67
N VAL C 338 7.41 -24.71 48.60
CA VAL C 338 6.83 -25.26 49.83
C VAL C 338 7.85 -26.10 50.58
N THR C 339 8.74 -26.71 49.82
CA THR C 339 9.89 -27.43 50.36
C THR C 339 10.87 -26.48 51.09
N THR C 340 11.08 -25.32 50.48
CA THR C 340 11.91 -24.26 51.07
C THR C 340 11.32 -23.77 52.39
N LEU C 341 10.02 -23.54 52.39
CA LEU C 341 9.28 -23.15 53.59
C LEU C 341 9.38 -24.20 54.72
N GLU C 342 9.50 -25.48 54.35
CA GLU C 342 9.67 -26.57 55.34
C GLU C 342 11.13 -26.76 55.84
N ASP C 343 12.10 -26.06 55.24
CA ASP C 343 13.51 -26.23 55.57
C ASP C 343 13.91 -25.37 56.78
N GLU C 344 14.13 -26.02 57.92
CA GLU C 344 14.60 -25.36 59.15
C GLU C 344 15.95 -24.63 59.02
N ALA C 345 16.79 -25.06 58.09
CA ALA C 345 18.11 -24.46 57.84
C ALA C 345 18.06 -23.03 57.28
N LEU C 346 17.00 -22.69 56.56
CA LEU C 346 16.95 -21.44 55.80
C LEU C 346 16.37 -20.30 56.64
N GLU C 347 17.03 -19.16 56.61
CA GLU C 347 16.53 -17.98 57.32
C GLU C 347 15.24 -17.50 56.62
N TRP C 348 14.40 -16.80 57.36
CA TRP C 348 13.05 -16.49 56.90
C TRP C 348 13.07 -15.74 55.58
N LYS C 349 13.95 -14.74 55.46
CA LYS C 349 13.99 -13.93 54.25
C LYS C 349 14.24 -14.76 52.99
N VAL C 350 14.95 -15.87 53.12
CA VAL C 350 15.14 -16.78 52.00
C VAL C 350 13.85 -17.51 51.65
N LYS C 351 13.13 -17.97 52.66
CA LYS C 351 11.83 -18.62 52.45
C LYS C 351 10.84 -17.65 51.81
N LEU C 352 10.85 -16.41 52.31
CA LEU C 352 9.90 -15.40 51.92
C LEU C 352 10.11 -14.96 50.49
N GLU C 353 11.38 -14.76 50.11
CA GLU C 353 11.71 -14.42 48.74
C GLU C 353 11.25 -15.52 47.79
N MET C 354 11.47 -16.78 48.17
CA MET C 354 11.10 -17.92 47.31
C MET C 354 9.58 -18.03 47.15
N ALA C 355 8.85 -17.79 48.23
CA ALA C 355 7.40 -17.79 48.19
C ALA C 355 6.88 -16.66 47.30
N MET C 356 7.52 -15.49 47.36
CA MET C 356 7.07 -14.32 46.60
C MET C 356 7.22 -14.60 45.12
N GLN C 357 8.39 -15.13 44.74
CA GLN C 357 8.73 -15.47 43.36
C GLN C 357 7.69 -16.39 42.80
N THR C 358 7.34 -17.36 43.61
CA THR C 358 6.43 -18.40 43.21
C THR C 358 5.06 -17.81 42.90
N LYS C 359 4.53 -17.06 43.86
CA LYS C 359 3.24 -16.40 43.65
C LYS C 359 3.25 -15.55 42.39
N ILE C 360 4.26 -14.70 42.23
CA ILE C 360 4.35 -13.79 41.09
C ILE C 360 4.37 -14.58 39.79
N TYR C 361 5.21 -15.59 39.71
CA TYR C 361 5.39 -16.29 38.45
C TYR C 361 4.16 -17.09 38.10
N THR C 362 3.77 -18.01 38.97
CA THR C 362 2.69 -18.94 38.65
C THR C 362 1.39 -18.24 38.32
N THR C 363 1.04 -17.19 39.06
CA THR C 363 -0.23 -16.50 38.82
C THR C 363 -0.23 -15.71 37.50
N ASP C 364 0.86 -15.01 37.21
CA ASP C 364 0.97 -14.23 35.99
C ASP C 364 0.92 -15.15 34.76
N VAL C 365 1.60 -16.29 34.89
CA VAL C 365 1.80 -17.20 33.80
C VAL C 365 0.55 -18.08 33.56
N ALA C 366 -0.23 -18.32 34.61
CA ALA C 366 -1.47 -19.05 34.44
C ALA C 366 -2.41 -18.27 33.51
N VAL C 367 -2.40 -16.94 33.58
CA VAL C 367 -3.30 -16.15 32.76
C VAL C 367 -2.94 -16.32 31.29
N GLU C 368 -1.64 -16.30 30.98
CA GLU C 368 -1.16 -16.43 29.62
C GLU C 368 -1.53 -17.80 29.09
N CYS C 369 -1.44 -18.78 29.95
CA CYS C 369 -1.72 -20.17 29.60
C CYS C 369 -3.18 -20.37 29.18
N VAL C 370 -4.11 -19.79 29.94
CA VAL C 370 -5.53 -19.92 29.63
C VAL C 370 -5.87 -19.20 28.32
N ILE C 371 -5.32 -18.00 28.15
CA ILE C 371 -5.55 -17.21 26.93
C ILE C 371 -4.99 -17.90 25.68
N ASP C 372 -3.79 -18.46 25.76
CA ASP C 372 -3.17 -19.14 24.63
C ASP C 372 -3.97 -20.38 24.23
N ALA C 373 -4.41 -21.10 25.24
CA ALA C 373 -5.28 -22.25 25.06
C ALA C 373 -6.54 -21.83 24.30
N MET C 374 -7.14 -20.70 24.70
CA MET C 374 -8.34 -20.18 24.03
C MET C 374 -8.07 -19.83 22.59
N LYS C 375 -6.93 -19.18 22.33
CA LYS C 375 -6.54 -18.76 20.99
C LYS C 375 -6.31 -19.95 20.07
N ALA C 376 -5.82 -21.05 20.65
CA ALA C 376 -5.55 -22.28 19.93
C ALA C 376 -6.84 -23.03 19.57
N VAL C 377 -7.80 -23.09 20.49
CA VAL C 377 -9.11 -23.69 20.21
C VAL C 377 -9.90 -22.82 19.25
N GLY C 378 -9.72 -21.51 19.37
CA GLY C 378 -10.38 -20.57 18.50
C GLY C 378 -11.75 -20.16 19.00
N MET C 379 -12.63 -19.82 18.07
CA MET C 379 -13.92 -19.21 18.40
C MET C 379 -14.75 -20.03 19.37
N LYS C 380 -14.63 -21.35 19.29
CA LYS C 380 -15.42 -22.23 20.14
C LYS C 380 -15.12 -22.07 21.62
N SER C 381 -13.94 -21.58 21.96
CA SER C 381 -13.57 -21.34 23.35
C SER C 381 -14.34 -20.20 24.00
N TYR C 382 -15.02 -19.39 23.21
CA TYR C 382 -15.73 -18.22 23.70
C TYR C 382 -17.18 -18.54 24.13
N ALA C 383 -17.64 -19.75 23.85
CA ALA C 383 -19.00 -20.18 24.23
C ALA C 383 -18.98 -21.03 25.50
N LYS C 384 -20.05 -20.97 26.26
CA LYS C 384 -20.13 -21.58 27.58
C LYS C 384 -20.37 -23.09 27.56
N ASP C 385 -20.44 -23.72 26.38
CA ASP C 385 -20.38 -25.18 26.29
C ASP C 385 -18.93 -25.69 26.34
N MET C 386 -17.98 -24.76 26.41
CA MET C 386 -16.61 -25.08 26.77
C MET C 386 -16.34 -24.48 28.12
N SER C 387 -15.26 -24.92 28.77
CA SER C 387 -14.89 -24.43 30.12
C SER C 387 -14.22 -23.07 30.14
N PHE C 388 -13.73 -22.61 29.00
CA PHE C 388 -12.81 -21.47 28.92
C PHE C 388 -13.37 -20.16 29.45
N PRO C 389 -14.62 -19.81 29.16
CA PRO C 389 -15.21 -18.62 29.77
C PRO C 389 -15.09 -18.59 31.29
N ARG C 390 -15.37 -19.71 31.96
CA ARG C 390 -15.23 -19.78 33.40
C ARG C 390 -13.75 -19.70 33.80
N LEU C 391 -12.88 -20.42 33.09
CA LEU C 391 -11.45 -20.45 33.42
C LEU C 391 -10.82 -19.08 33.23
N LEU C 392 -11.21 -18.38 32.18
CA LEU C 392 -10.69 -17.05 31.89
C LEU C 392 -10.94 -16.12 33.08
N ASN C 393 -12.17 -16.14 33.57
CA ASN C 393 -12.55 -15.32 34.72
C ASN C 393 -11.88 -15.78 36.00
N GLU C 394 -11.82 -17.08 36.19
CA GLU C 394 -11.20 -17.61 37.40
C GLU C 394 -9.70 -17.31 37.47
N VAL C 395 -9.00 -17.45 36.35
CA VAL C 395 -7.54 -17.34 36.32
C VAL C 395 -7.09 -15.91 36.64
N MET C 396 -7.91 -14.92 36.28
CA MET C 396 -7.57 -13.52 36.49
C MET C 396 -7.60 -13.11 37.94
N CYS C 397 -8.20 -13.93 38.79
CA CYS C 397 -8.17 -13.69 40.21
C CYS C 397 -6.74 -13.85 40.78
N TYR C 398 -5.96 -14.76 40.24
CA TYR C 398 -4.73 -15.20 40.91
C TYR C 398 -3.63 -14.14 41.00
N PRO C 399 -3.37 -13.38 39.95
CA PRO C 399 -2.38 -12.29 40.06
C PRO C 399 -2.83 -11.16 40.99
N LEU C 400 -4.15 -11.02 41.19
CA LEU C 400 -4.72 -9.95 42.00
C LEU C 400 -4.86 -10.25 43.49
N PHE C 401 -5.26 -11.49 43.81
CA PHE C 401 -5.60 -11.85 45.17
C PHE C 401 -4.38 -12.43 45.87
N ASP C 402 -4.61 -12.86 47.11
CA ASP C 402 -3.56 -13.33 48.00
C ASP C 402 -2.35 -12.40 47.99
N GLY C 403 -2.62 -11.10 48.10
CA GLY C 403 -1.61 -10.08 47.87
C GLY C 403 -1.27 -10.00 46.41
N GLY C 404 -1.74 -8.93 45.77
CA GLY C 404 -1.49 -8.74 44.35
C GLY C 404 -0.01 -8.64 44.07
N ASN C 405 0.36 -8.99 42.85
CA ASN C 405 1.75 -9.06 42.45
C ASN C 405 2.40 -7.67 42.41
N ILE C 406 1.67 -6.69 41.92
CA ILE C 406 2.24 -5.37 41.67
C ILE C 406 2.50 -4.58 42.96
N GLY C 407 1.53 -4.58 43.87
CA GLY C 407 1.58 -3.77 45.07
C GLY C 407 2.17 -4.43 46.28
N LEU C 408 1.96 -5.74 46.43
CA LEU C 408 2.43 -6.44 47.61
C LEU C 408 3.60 -7.39 47.33
N ARG C 409 3.42 -8.41 46.50
CA ARG C 409 4.43 -9.47 46.42
C ARG C 409 5.75 -9.00 45.82
N ARG C 410 5.68 -8.21 44.76
CA ARG C 410 6.89 -7.66 44.14
C ARG C 410 7.60 -6.73 45.11
N ARG C 411 6.84 -5.99 45.90
CA ARG C 411 7.45 -5.09 46.88
C ARG C 411 8.03 -5.84 48.07
N GLN C 412 7.40 -6.93 48.48
CA GLN C 412 7.94 -7.78 49.54
C GLN C 412 9.24 -8.43 49.07
N MET C 413 9.27 -8.87 47.83
CA MET C 413 10.47 -9.46 47.25
C MET C 413 11.57 -8.41 47.08
N GLN C 414 11.20 -7.22 46.59
CA GLN C 414 12.12 -6.11 46.41
C GLN C 414 12.84 -5.72 47.72
N ARG C 415 12.09 -5.63 48.82
CA ARG C 415 12.61 -5.28 50.14
C ARG C 415 13.69 -6.29 50.53
N VAL C 416 13.40 -7.57 50.30
CA VAL C 416 14.35 -8.63 50.60
C VAL C 416 15.61 -8.51 49.74
N MET C 417 15.44 -8.23 48.45
CA MET C 417 16.57 -8.17 47.53
C MET C 417 17.47 -6.95 47.83
N ALA C 418 16.90 -5.89 48.39
CA ALA C 418 17.66 -4.69 48.72
C ALA C 418 18.46 -4.83 50.02
N LEU C 419 18.12 -5.78 50.88
CA LEU C 419 18.83 -5.99 52.12
C LEU C 419 20.30 -6.30 51.85
N GLU C 420 21.16 -5.81 52.74
CA GLU C 420 22.60 -5.93 52.58
C GLU C 420 23.07 -7.39 52.62
N ASP C 421 22.43 -8.22 53.43
CA ASP C 421 22.83 -9.64 53.52
C ASP C 421 22.04 -10.58 52.58
N TYR C 422 21.41 -10.02 51.55
CA TYR C 422 20.68 -10.82 50.54
C TYR C 422 21.55 -11.85 49.87
N GLU C 423 21.10 -13.10 49.88
CA GLU C 423 21.77 -14.20 49.21
C GLU C 423 20.83 -14.83 48.20
N PRO C 424 20.94 -14.47 46.93
CA PRO C 424 19.94 -14.89 45.93
C PRO C 424 19.75 -16.41 45.84
N TRP C 425 20.80 -17.20 46.06
CA TRP C 425 20.73 -18.64 45.85
C TRP C 425 20.78 -19.48 47.13
N ALA C 426 20.48 -18.89 48.27
CA ALA C 426 20.54 -19.59 49.56
C ALA C 426 19.60 -20.80 49.64
N ALA C 427 18.47 -20.75 48.94
CA ALA C 427 17.51 -21.86 48.94
C ALA C 427 17.97 -23.06 48.10
N THR C 428 18.95 -22.85 47.23
CA THR C 428 19.42 -23.91 46.34
C THR C 428 20.80 -24.42 46.72
N TYR C 429 21.70 -23.48 46.94
CA TYR C 429 23.12 -23.77 47.11
C TYR C 429 23.61 -23.56 48.54
N GLY C 430 22.69 -23.30 49.46
CA GLY C 430 23.00 -23.10 50.87
C GLY C 430 23.48 -21.69 51.17
N SER C 431 23.66 -21.42 52.46
CA SER C 431 24.32 -20.18 52.90
C SER C 431 25.58 -20.52 53.70
N VAL D 2 1.96 14.27 5.18
CA VAL D 2 1.24 13.41 6.16
C VAL D 2 0.73 14.24 7.34
N ASP D 3 -0.35 13.75 7.93
CA ASP D 3 -1.18 14.57 8.77
C ASP D 3 -2.18 13.67 9.50
N PHE D 4 -2.45 14.00 10.76
CA PHE D 4 -3.43 13.29 11.57
C PHE D 4 -4.55 14.21 12.07
N LYS D 5 -4.65 15.41 11.52
CA LYS D 5 -5.68 16.33 11.97
C LYS D 5 -7.02 15.80 11.49
N LEU D 6 -8.03 16.00 12.32
CA LEU D 6 -9.37 15.57 11.98
C LEU D 6 -10.11 16.75 11.35
N SER D 7 -10.80 16.49 10.25
CA SER D 7 -11.64 17.49 9.59
C SER D 7 -12.82 17.84 10.46
N PRO D 8 -13.49 18.96 10.20
CA PRO D 8 -14.71 19.32 10.92
C PRO D 8 -15.78 18.21 10.91
N SER D 9 -15.90 17.46 9.81
CA SER D 9 -16.92 16.39 9.72
C SER D 9 -16.52 15.11 10.48
N GLN D 10 -15.22 14.87 10.64
CA GLN D 10 -14.71 13.76 11.46
C GLN D 10 -14.93 14.07 12.94
N LEU D 11 -14.72 15.33 13.31
CA LEU D 11 -14.95 15.80 14.67
C LEU D 11 -16.44 15.78 15.02
N GLU D 12 -17.28 16.10 14.05
CA GLU D 12 -18.73 16.05 14.21
C GLU D 12 -19.22 14.60 14.31
N ALA D 13 -18.64 13.71 13.51
CA ALA D 13 -18.98 12.29 13.60
C ALA D 13 -18.66 11.80 14.99
N ARG D 14 -17.57 12.28 15.59
CA ARG D 14 -17.16 11.85 16.91
C ARG D 14 -18.07 12.37 18.03
N ARG D 15 -18.44 13.64 17.93
CA ARG D 15 -19.36 14.28 18.87
C ARG D 15 -20.71 13.55 18.80
N HIS D 16 -21.15 13.25 17.59
CA HIS D 16 -22.41 12.56 17.37
C HIS D 16 -22.38 11.16 17.98
N ALA D 17 -21.29 10.43 17.77
CA ALA D 17 -21.14 9.08 18.32
C ALA D 17 -21.14 9.07 19.84
N GLN D 18 -20.42 10.04 20.42
CA GLN D 18 -20.31 10.19 21.87
C GLN D 18 -21.66 10.52 22.48
N ALA D 19 -22.39 11.42 21.84
CA ALA D 19 -23.71 11.82 22.31
C ALA D 19 -24.68 10.65 22.23
N PHE D 20 -24.59 9.88 21.14
CA PHE D 20 -25.43 8.70 21.01
C PHE D 20 -25.10 7.69 22.12
N ALA D 21 -23.81 7.42 22.30
CA ALA D 21 -23.36 6.44 23.29
C ALA D 21 -23.90 6.80 24.67
N ASN D 22 -23.79 8.08 25.04
CA ASN D 22 -24.09 8.52 26.40
C ASN D 22 -25.59 8.79 26.64
N THR D 23 -26.35 9.22 25.63
CA THR D 23 -27.81 9.40 25.81
C THR D 23 -28.60 8.12 25.61
N VAL D 24 -28.16 7.27 24.70
CA VAL D 24 -28.89 6.06 24.36
C VAL D 24 -28.23 4.79 24.90
N LEU D 25 -27.00 4.50 24.48
CA LEU D 25 -26.37 3.22 24.79
C LEU D 25 -26.17 2.97 26.29
N THR D 26 -26.03 4.02 27.10
CA THR D 26 -25.88 3.84 28.55
C THR D 26 -27.13 3.28 29.23
N LYS D 27 -28.29 3.40 28.60
CA LYS D 27 -29.53 2.86 29.14
C LYS D 27 -29.75 1.37 28.83
N ALA D 28 -28.89 0.78 28.00
CA ALA D 28 -29.15 -0.55 27.48
C ALA D 28 -29.00 -1.61 28.56
N SER D 29 -28.03 -1.41 29.42
CA SER D 29 -27.64 -2.39 30.42
C SER D 29 -28.78 -2.71 31.37
N ALA D 30 -29.55 -1.69 31.77
CA ALA D 30 -30.69 -1.88 32.67
C ALA D 30 -31.79 -2.74 32.04
N GLU D 31 -31.83 -2.76 30.71
CA GLU D 31 -32.79 -3.58 29.98
C GLU D 31 -32.25 -5.00 29.71
N TYR D 32 -31.01 -5.15 29.23
CA TYR D 32 -30.52 -6.48 28.86
C TYR D 32 -30.06 -7.32 30.05
N SER D 33 -29.70 -6.67 31.14
CA SER D 33 -29.11 -7.32 32.32
C SER D 33 -30.05 -8.29 33.06
N THR D 34 -31.35 -8.09 32.89
CA THR D 34 -32.33 -8.92 33.59
C THR D 34 -32.80 -10.10 32.74
N GLN D 35 -32.24 -10.27 31.55
CA GLN D 35 -32.64 -11.35 30.66
C GLN D 35 -31.68 -12.53 30.75
N LYS D 36 -32.24 -13.72 30.98
CA LYS D 36 -31.45 -14.87 31.42
C LYS D 36 -30.74 -15.57 30.27
N ASP D 37 -31.19 -15.34 29.05
CA ASP D 37 -30.64 -16.02 27.90
C ASP D 37 -30.28 -15.03 26.77
N GLN D 38 -29.40 -15.49 25.89
CA GLN D 38 -28.71 -14.64 24.94
C GLN D 38 -29.66 -14.00 23.94
N LEU D 39 -30.62 -14.78 23.40
CA LEU D 39 -31.56 -14.21 22.43
C LEU D 39 -32.36 -13.11 23.08
N SER D 40 -32.81 -13.34 24.31
CA SER D 40 -33.63 -12.37 25.01
C SER D 40 -32.87 -11.08 25.29
N ARG D 41 -31.57 -11.20 25.55
CA ARG D 41 -30.70 -10.04 25.76
C ARG D 41 -30.60 -9.25 24.48
N PHE D 42 -30.35 -9.94 23.37
CA PHE D 42 -30.38 -9.34 22.02
C PHE D 42 -31.72 -8.63 21.74
N GLN D 43 -32.83 -9.27 22.09
CA GLN D 43 -34.15 -8.67 21.91
C GLN D 43 -34.36 -7.41 22.78
N ALA D 44 -33.84 -7.42 24.01
CA ALA D 44 -33.95 -6.24 24.89
C ALA D 44 -33.20 -5.02 24.33
N THR D 45 -32.38 -5.28 23.35
CA THR D 45 -31.49 -4.33 22.75
C THR D 45 -32.12 -3.70 21.47
N ARG D 46 -33.26 -4.20 21.05
CA ARG D 46 -33.96 -3.71 19.84
C ARG D 46 -34.31 -2.22 19.85
N PRO D 47 -34.87 -1.69 20.94
CA PRO D 47 -35.17 -0.24 21.01
C PRO D 47 -33.92 0.67 20.84
N PHE D 48 -32.77 0.15 21.23
CA PHE D 48 -31.50 0.89 21.15
C PHE D 48 -30.96 0.86 19.73
N TYR D 49 -31.12 -0.27 19.04
CA TYR D 49 -30.85 -0.35 17.60
C TYR D 49 -31.82 0.55 16.81
N ARG D 50 -33.09 0.52 17.21
CA ARG D 50 -34.10 1.44 16.68
C ARG D 50 -33.59 2.87 16.75
N GLU D 51 -33.12 3.28 17.91
CA GLU D 51 -32.57 4.61 18.09
C GLU D 51 -31.33 4.82 17.22
N ALA D 52 -30.52 3.77 17.07
CA ALA D 52 -29.34 3.86 16.20
C ALA D 52 -29.74 4.20 14.77
N VAL D 53 -30.78 3.53 14.28
CA VAL D 53 -31.33 3.77 12.93
C VAL D 53 -31.85 5.21 12.78
N ARG D 54 -32.57 5.70 13.78
CA ARG D 54 -33.10 7.05 13.75
C ARG D 54 -31.97 8.09 13.82
N HIS D 55 -30.85 7.71 14.45
CA HIS D 55 -29.69 8.61 14.57
C HIS D 55 -28.81 8.58 13.31
N GLY D 56 -29.22 7.77 12.33
CA GLY D 56 -28.56 7.69 11.04
C GLY D 56 -27.41 6.70 10.94
N LEU D 57 -27.22 5.88 11.97
CA LEU D 57 -26.00 5.07 12.10
C LEU D 57 -25.97 3.85 11.19
N ILE D 58 -27.13 3.31 10.85
CA ILE D 58 -27.22 2.23 9.88
C ILE D 58 -27.03 2.76 8.46
N LYS D 59 -27.63 3.92 8.17
CA LYS D 59 -27.47 4.60 6.87
C LYS D 59 -25.98 4.94 6.62
N ALA D 60 -25.27 5.30 7.68
CA ALA D 60 -23.84 5.63 7.63
C ALA D 60 -22.90 4.41 7.39
N GLN D 61 -23.48 3.22 7.27
CA GLN D 61 -22.72 2.02 6.91
C GLN D 61 -22.75 1.77 5.41
N VAL D 62 -23.46 2.65 4.69
CA VAL D 62 -23.60 2.51 3.24
C VAL D 62 -22.98 3.75 2.58
N PRO D 63 -22.19 3.55 1.54
CA PRO D 63 -21.57 4.65 0.78
C PRO D 63 -22.57 5.65 0.17
N ILE D 64 -22.21 6.93 0.09
CA ILE D 64 -23.10 7.96 -0.43
C ILE D 64 -23.63 7.62 -1.84
N PRO D 65 -22.79 7.14 -2.77
CA PRO D 65 -23.27 6.76 -4.11
C PRO D 65 -24.35 5.66 -4.13
N LEU D 66 -24.52 4.96 -3.01
CA LEU D 66 -25.51 3.89 -2.92
C LEU D 66 -26.71 4.30 -2.02
N GLY D 67 -26.86 5.60 -1.75
CA GLY D 67 -27.96 6.11 -0.93
C GLY D 67 -27.66 6.27 0.57
N GLY D 68 -26.47 5.88 1.00
CA GLY D 68 -26.11 6.00 2.40
C GLY D 68 -25.45 7.33 2.71
N THR D 69 -24.87 7.42 3.90
CA THR D 69 -24.23 8.64 4.38
C THR D 69 -22.79 8.42 4.88
N MET D 70 -22.20 7.28 4.55
CA MET D 70 -20.82 7.01 4.97
C MET D 70 -19.88 8.02 4.34
N GLU D 71 -19.17 8.75 5.19
CA GLU D 71 -18.26 9.78 4.74
C GLU D 71 -16.91 9.11 4.40
N SER D 72 -16.38 8.31 5.31
CA SER D 72 -15.12 7.59 5.08
C SER D 72 -14.90 6.52 6.14
N LEU D 73 -13.87 5.69 5.93
CA LEU D 73 -13.59 4.60 6.86
C LEU D 73 -12.91 5.13 8.12
N VAL D 74 -12.25 6.30 8.02
CA VAL D 74 -11.71 6.94 9.20
C VAL D 74 -12.83 7.47 10.08
N HIS D 75 -13.88 8.03 9.46
CA HIS D 75 -15.06 8.46 10.22
C HIS D 75 -15.59 7.23 10.95
N GLU D 76 -15.70 6.14 10.20
CA GLU D 76 -16.24 4.91 10.77
C GLU D 76 -15.40 4.47 11.98
N SER D 77 -14.06 4.51 11.81
CA SER D 77 -13.14 4.05 12.86
C SER D 77 -13.34 4.86 14.12
N ILE D 78 -13.58 6.15 13.94
CA ILE D 78 -13.78 7.09 15.04
C ILE D 78 -15.10 6.78 15.76
N ILE D 79 -16.17 6.54 14.99
CA ILE D 79 -17.48 6.23 15.53
C ILE D 79 -17.41 4.93 16.34
N LEU D 80 -16.86 3.89 15.74
CA LEU D 80 -16.72 2.60 16.42
C LEU D 80 -15.94 2.67 17.71
N GLU D 81 -14.88 3.46 17.75
CA GLU D 81 -14.08 3.58 18.98
C GLU D 81 -14.92 4.19 20.10
N GLU D 82 -15.69 5.23 19.77
CA GLU D 82 -16.48 5.91 20.78
C GLU D 82 -17.64 5.05 21.28
N LEU D 83 -18.27 4.31 20.37
CA LEU D 83 -19.41 3.46 20.75
C LEU D 83 -18.94 2.33 21.66
N PHE D 84 -17.90 1.65 21.24
CA PHE D 84 -17.37 0.50 21.98
C PHE D 84 -16.67 0.90 23.26
N ALA D 85 -16.19 2.14 23.37
CA ALA D 85 -15.64 2.61 24.64
C ALA D 85 -16.71 2.73 25.72
N VAL D 86 -17.97 2.76 25.30
CA VAL D 86 -19.10 2.90 26.22
C VAL D 86 -19.90 1.61 26.35
N GLU D 87 -20.34 1.04 25.24
CA GLU D 87 -21.23 -0.12 25.31
C GLU D 87 -21.23 -0.86 23.97
N PRO D 88 -20.63 -2.05 23.94
CA PRO D 88 -20.68 -2.89 22.74
C PRO D 88 -22.08 -3.38 22.40
N ALA D 89 -22.98 -3.45 23.38
CA ALA D 89 -24.38 -3.77 23.08
C ALA D 89 -24.92 -2.79 22.05
N THR D 90 -25.61 -3.33 21.05
CA THR D 90 -26.16 -2.56 19.91
C THR D 90 -25.08 -2.08 18.94
N SER D 91 -24.01 -1.49 19.46
CA SER D 91 -22.83 -1.16 18.64
C SER D 91 -22.37 -2.33 17.78
N ILE D 92 -22.31 -3.50 18.38
CA ILE D 92 -21.93 -4.71 17.70
C ILE D 92 -22.95 -5.10 16.64
N THR D 93 -24.22 -4.84 16.90
CA THR D 93 -25.27 -5.09 15.92
C THR D 93 -25.08 -4.21 14.70
N ILE D 94 -24.70 -2.96 14.92
CA ILE D 94 -24.50 -2.01 13.83
C ILE D 94 -23.42 -2.51 12.91
N VAL D 95 -22.29 -2.92 13.50
CA VAL D 95 -21.17 -3.36 12.67
C VAL D 95 -21.40 -4.73 12.02
N ALA D 96 -22.11 -5.63 12.69
CA ALA D 96 -22.51 -6.91 12.09
C ALA D 96 -23.37 -6.68 10.82
N THR D 97 -24.34 -5.77 10.92
CA THR D 97 -25.14 -5.34 9.78
C THR D 97 -24.25 -4.76 8.66
N ALA D 98 -23.31 -3.89 9.02
CA ALA D 98 -22.37 -3.34 8.06
C ALA D 98 -21.66 -4.43 7.28
N LEU D 99 -21.24 -5.48 7.96
CA LEU D 99 -20.53 -6.60 7.33
C LEU D 99 -21.48 -7.38 6.43
N GLY D 100 -22.71 -7.57 6.89
CA GLY D 100 -23.71 -8.24 6.07
C GLY D 100 -24.01 -7.49 4.78
N LEU D 101 -23.95 -6.17 4.85
CA LEU D 101 -24.24 -5.31 3.69
C LEU D 101 -23.07 -5.29 2.70
N MET D 102 -21.88 -5.64 3.17
CA MET D 102 -20.64 -5.35 2.43
C MET D 102 -20.47 -6.10 1.11
N PRO D 103 -20.77 -7.39 1.06
CA PRO D 103 -20.73 -8.10 -0.22
C PRO D 103 -21.65 -7.46 -1.27
N VAL D 104 -22.78 -6.90 -0.84
CA VAL D 104 -23.68 -6.20 -1.76
C VAL D 104 -23.12 -4.83 -2.16
N ILE D 105 -22.60 -4.10 -1.18
CA ILE D 105 -21.99 -2.80 -1.43
C ILE D 105 -20.84 -2.93 -2.43
N LEU D 106 -20.13 -4.07 -2.37
CA LEU D 106 -18.92 -4.29 -3.16
C LEU D 106 -19.19 -4.89 -4.52
N CYS D 107 -20.37 -5.50 -4.73
CA CYS D 107 -20.62 -6.21 -5.98
C CYS D 107 -20.82 -5.22 -7.14
N ASP D 108 -20.70 -5.71 -8.37
CA ASP D 108 -20.74 -4.82 -9.55
C ASP D 108 -22.13 -4.65 -10.21
N SER D 109 -23.19 -5.04 -9.52
CA SER D 109 -24.55 -5.00 -10.09
C SER D 109 -25.42 -3.92 -9.41
N PRO D 110 -25.57 -2.75 -10.03
CA PRO D 110 -26.42 -1.69 -9.47
C PRO D 110 -27.89 -2.09 -9.17
N SER D 111 -28.42 -3.11 -9.84
CA SER D 111 -29.82 -3.54 -9.62
C SER D 111 -30.01 -4.23 -8.28
N LEU D 112 -29.06 -5.09 -7.92
CA LEU D 112 -29.03 -5.77 -6.61
C LEU D 112 -28.84 -4.77 -5.49
N GLN D 113 -27.94 -3.81 -5.68
CA GLN D 113 -27.64 -2.83 -4.65
C GLN D 113 -28.87 -1.99 -4.35
N GLU D 114 -29.52 -1.47 -5.38
CA GLU D 114 -30.75 -0.70 -5.22
C GLU D 114 -31.79 -1.51 -4.43
N LYS D 115 -32.02 -2.74 -4.89
CA LYS D 115 -33.05 -3.59 -4.31
C LYS D 115 -32.79 -3.92 -2.84
N PHE D 116 -31.61 -4.49 -2.57
CA PHE D 116 -31.34 -5.13 -1.28
C PHE D 116 -30.83 -4.16 -0.20
N LEU D 117 -30.24 -3.03 -0.61
CA LEU D 117 -29.81 -2.01 0.34
C LEU D 117 -30.93 -1.08 0.76
N LYS D 118 -32.07 -1.14 0.06
CA LYS D 118 -33.17 -0.20 0.26
C LYS D 118 -33.59 -0.01 1.74
N PRO D 119 -33.90 -1.07 2.47
CA PRO D 119 -34.30 -0.92 3.88
C PRO D 119 -33.24 -0.30 4.81
N PHE D 120 -31.96 -0.39 4.44
CA PHE D 120 -30.85 0.05 5.30
C PHE D 120 -30.56 1.54 5.16
N ILE D 121 -30.99 2.12 4.04
CA ILE D 121 -30.85 3.54 3.78
C ILE D 121 -32.15 4.35 4.00
N SER D 122 -33.19 3.72 4.55
CA SER D 122 -34.49 4.37 4.77
C SER D 122 -34.56 5.26 6.01
N GLY D 123 -33.77 4.94 7.03
CA GLY D 123 -33.86 5.60 8.33
C GLY D 123 -35.05 5.13 9.17
N GLU D 124 -35.72 4.07 8.70
CA GLU D 124 -36.91 3.53 9.37
C GLU D 124 -36.66 2.08 9.81
N GLY D 125 -37.38 1.65 10.85
CA GLY D 125 -37.34 0.28 11.31
C GLY D 125 -36.04 -0.10 11.99
N GLU D 126 -35.82 -1.41 12.02
CA GLU D 126 -34.67 -1.99 12.70
C GLU D 126 -34.14 -3.11 11.81
N PRO D 127 -33.72 -2.77 10.60
CA PRO D 127 -33.28 -3.77 9.63
C PRO D 127 -31.91 -4.33 9.97
N LEU D 128 -31.77 -5.64 9.88
CA LEU D 128 -30.52 -6.35 10.19
C LEU D 128 -30.00 -7.07 8.98
N ALA D 129 -28.68 -7.12 8.88
CA ALA D 129 -28.02 -7.91 7.84
C ALA D 129 -26.99 -8.77 8.48
N SER D 130 -26.67 -9.88 7.82
CA SER D 130 -25.73 -10.87 8.35
C SER D 130 -24.95 -11.43 7.20
N LEU D 131 -23.63 -11.50 7.34
CA LEU D 131 -22.81 -12.23 6.41
C LEU D 131 -22.63 -13.61 7.03
N MET D 132 -23.27 -14.60 6.44
CA MET D 132 -23.25 -15.95 6.99
C MET D 132 -22.14 -16.79 6.33
N HIS D 133 -20.99 -16.83 6.98
CA HIS D 133 -19.85 -17.62 6.53
C HIS D 133 -19.53 -18.79 7.44
N SER D 134 -19.42 -18.50 8.74
CA SER D 134 -18.93 -19.46 9.71
C SER D 134 -19.87 -20.66 9.90
N GLU D 135 -19.26 -21.79 10.27
CA GLU D 135 -19.94 -23.07 10.40
C GLU D 135 -19.53 -23.83 11.67
N PRO D 136 -20.35 -24.80 12.09
CA PRO D 136 -20.03 -25.66 13.23
C PRO D 136 -18.66 -26.35 13.21
N ASN D 137 -18.23 -26.81 12.04
CA ASN D 137 -16.98 -27.56 11.91
C ASN D 137 -15.72 -26.68 11.71
N GLY D 138 -15.89 -25.35 11.71
CA GLY D 138 -14.81 -24.38 11.48
C GLY D 138 -14.76 -23.87 10.05
N THR D 139 -14.04 -22.77 9.84
CA THR D 139 -13.82 -22.17 8.53
C THR D 139 -12.37 -21.76 8.19
N ALA D 140 -11.43 -21.91 9.12
CA ALA D 140 -10.03 -21.52 8.84
C ALA D 140 -9.45 -22.21 7.61
N ASN D 141 -9.92 -23.43 7.35
CA ASN D 141 -9.47 -24.22 6.22
C ASN D 141 -10.49 -24.33 5.07
N TRP D 142 -11.41 -23.36 4.96
CA TRP D 142 -12.47 -23.42 3.97
C TRP D 142 -11.96 -23.37 2.53
N LEU D 143 -10.83 -22.70 2.30
CA LEU D 143 -10.22 -22.66 0.96
C LEU D 143 -9.08 -23.65 0.76
N GLN D 144 -8.87 -24.55 1.71
CA GLN D 144 -7.82 -25.55 1.59
C GLN D 144 -8.16 -26.57 0.50
N LYS D 145 -7.31 -26.64 -0.53
CA LYS D 145 -7.46 -27.61 -1.59
C LYS D 145 -7.25 -28.99 -1.04
N GLY D 146 -8.18 -29.90 -1.36
CA GLY D 146 -8.11 -31.28 -0.89
C GLY D 146 -8.78 -31.49 0.46
N GLY D 147 -9.36 -30.44 1.03
CA GLY D 147 -10.08 -30.53 2.28
C GLY D 147 -11.57 -30.61 2.04
N PRO D 148 -12.36 -30.81 3.10
CA PRO D 148 -13.82 -30.93 2.96
C PRO D 148 -14.52 -29.67 2.45
N GLY D 149 -13.95 -28.49 2.73
CA GLY D 149 -14.57 -27.23 2.36
C GLY D 149 -15.79 -26.90 3.21
N LEU D 150 -16.46 -25.82 2.83
CA LEU D 150 -17.70 -25.39 3.47
C LEU D 150 -18.71 -26.53 3.40
N GLN D 151 -19.36 -26.82 4.52
CA GLN D 151 -20.42 -27.82 4.58
C GLN D 151 -21.81 -27.26 4.29
N THR D 152 -21.91 -25.94 4.12
CA THR D 152 -23.08 -25.33 3.52
C THR D 152 -22.85 -25.28 2.01
N THR D 153 -23.58 -26.10 1.28
CA THR D 153 -23.45 -26.17 -0.18
C THR D 153 -24.72 -25.66 -0.84
N ALA D 154 -24.59 -25.27 -2.11
CA ALA D 154 -25.70 -24.86 -2.94
C ALA D 154 -25.65 -25.59 -4.28
N ARG D 155 -26.79 -25.95 -4.84
CA ARG D 155 -26.87 -26.51 -6.20
C ARG D 155 -27.96 -25.85 -7.02
N LYS D 156 -27.73 -25.72 -8.32
CA LYS D 156 -28.72 -25.13 -9.22
C LYS D 156 -29.78 -26.20 -9.52
N VAL D 157 -31.04 -25.82 -9.41
CA VAL D 157 -32.17 -26.67 -9.82
C VAL D 157 -33.17 -25.75 -10.50
N GLY D 158 -33.30 -25.90 -11.83
CA GLY D 158 -34.15 -25.03 -12.60
C GLY D 158 -33.63 -23.60 -12.52
N ASN D 159 -34.53 -22.66 -12.25
CA ASN D 159 -34.17 -21.24 -12.13
C ASN D 159 -33.93 -20.83 -10.65
N GLU D 160 -33.57 -21.79 -9.81
CA GLU D 160 -33.28 -21.54 -8.40
C GLU D 160 -32.08 -22.34 -7.90
N TRP D 161 -31.57 -21.92 -6.74
CA TRP D 161 -30.51 -22.62 -6.04
C TRP D 161 -31.12 -23.25 -4.80
N VAL D 162 -30.58 -24.39 -4.39
CA VAL D 162 -31.01 -25.08 -3.20
C VAL D 162 -29.84 -25.21 -2.21
N ILE D 163 -29.95 -24.53 -1.07
CA ILE D 163 -28.94 -24.56 -0.01
C ILE D 163 -29.18 -25.71 0.96
N SER D 164 -28.12 -26.46 1.25
CA SER D 164 -28.11 -27.50 2.27
C SER D 164 -26.93 -27.26 3.22
N GLY D 165 -27.17 -27.32 4.52
CA GLY D 165 -26.11 -27.35 5.51
C GLY D 165 -26.31 -26.36 6.63
N GLU D 166 -25.30 -26.24 7.48
CA GLU D 166 -25.37 -25.46 8.71
C GLU D 166 -24.37 -24.29 8.75
N LYS D 167 -24.81 -23.21 9.38
CA LYS D 167 -23.96 -22.08 9.74
C LYS D 167 -23.99 -21.94 11.26
N LEU D 168 -22.97 -21.30 11.84
CA LEU D 168 -22.85 -21.09 13.29
C LEU D 168 -22.02 -19.84 13.51
N TRP D 169 -22.49 -18.93 14.38
CA TRP D 169 -21.81 -17.66 14.75
C TRP D 169 -22.23 -16.37 14.00
N PRO D 170 -22.74 -16.43 12.76
CA PRO D 170 -22.95 -15.18 12.01
C PRO D 170 -23.93 -14.25 12.72
N SER D 171 -23.49 -13.03 12.97
CA SER D 171 -24.23 -12.10 13.79
C SER D 171 -25.51 -11.70 13.09
N ASN D 172 -26.59 -11.58 13.87
CA ASN D 172 -27.86 -11.06 13.38
C ASN D 172 -28.61 -12.00 12.43
N SER D 173 -28.08 -13.20 12.17
CA SER D 173 -28.51 -13.99 11.02
C SER D 173 -29.97 -14.47 11.06
N GLY D 174 -30.50 -14.64 12.27
CA GLY D 174 -31.89 -15.00 12.47
C GLY D 174 -32.86 -13.84 12.61
N GLY D 175 -32.37 -12.61 12.63
CA GLY D 175 -33.22 -11.45 12.85
C GLY D 175 -33.53 -11.32 14.32
N TRP D 176 -34.50 -10.47 14.64
CA TRP D 176 -34.89 -10.29 16.03
C TRP D 176 -35.76 -11.44 16.53
N ASP D 177 -36.38 -12.16 15.61
CA ASP D 177 -37.43 -13.13 15.96
C ASP D 177 -37.19 -14.54 15.43
N TYR D 178 -36.02 -14.75 14.84
CA TYR D 178 -35.64 -16.04 14.26
C TYR D 178 -36.39 -16.38 12.96
N LYS D 179 -37.05 -15.38 12.36
CA LYS D 179 -37.59 -15.52 11.01
C LYS D 179 -36.67 -14.90 9.97
N GLY D 180 -35.50 -14.42 10.42
CA GLY D 180 -34.42 -14.08 9.52
C GLY D 180 -33.98 -12.63 9.57
N ALA D 181 -32.70 -12.42 9.26
CA ALA D 181 -32.20 -11.08 9.03
C ALA D 181 -32.93 -10.54 7.82
N ASP D 182 -33.08 -9.24 7.75
CA ASP D 182 -33.65 -8.59 6.58
C ASP D 182 -32.82 -8.87 5.33
N LEU D 183 -31.50 -9.03 5.51
CA LEU D 183 -30.60 -9.46 4.45
C LEU D 183 -29.48 -10.34 5.00
N ALA D 184 -29.37 -11.54 4.47
CA ALA D 184 -28.26 -12.43 4.79
C ALA D 184 -27.51 -12.79 3.52
N CYS D 185 -26.19 -12.59 3.53
CA CYS D 185 -25.36 -13.09 2.44
C CYS D 185 -24.84 -14.46 2.87
N VAL D 186 -25.38 -15.52 2.28
CA VAL D 186 -25.07 -16.89 2.68
C VAL D 186 -23.94 -17.40 1.80
N VAL D 187 -22.82 -17.76 2.39
CA VAL D 187 -21.65 -18.19 1.62
C VAL D 187 -21.67 -19.70 1.57
N CYS D 188 -21.71 -20.22 0.36
CA CYS D 188 -21.88 -21.64 0.07
C CYS D 188 -20.77 -22.16 -0.82
N ARG D 189 -20.55 -23.45 -0.77
CA ARG D 189 -19.72 -24.13 -1.73
C ARG D 189 -20.62 -24.81 -2.75
N VAL D 190 -20.51 -24.46 -4.03
CA VAL D 190 -21.29 -25.13 -5.07
C VAL D 190 -20.98 -26.63 -5.07
N SER D 191 -22.03 -27.45 -5.02
CA SER D 191 -21.93 -28.91 -5.10
C SER D 191 -23.23 -29.55 -5.60
N ASP D 192 -23.16 -30.19 -6.77
CA ASP D 192 -24.35 -30.81 -7.36
C ASP D 192 -24.91 -31.94 -6.53
N ASP D 193 -24.03 -32.60 -5.77
CA ASP D 193 -24.40 -33.71 -4.91
C ASP D 193 -23.71 -33.53 -3.56
N PRO D 194 -24.41 -32.93 -2.58
CA PRO D 194 -23.80 -32.64 -1.27
C PRO D 194 -23.34 -33.87 -0.46
N SER D 195 -23.83 -35.06 -0.80
CA SER D 195 -23.35 -36.29 -0.16
C SER D 195 -21.91 -36.62 -0.58
N LYS D 196 -21.49 -36.09 -1.73
CA LYS D 196 -20.13 -36.33 -2.23
C LYS D 196 -19.14 -35.31 -1.64
N PRO D 197 -17.97 -35.77 -1.19
CA PRO D 197 -16.91 -34.85 -0.76
C PRO D 197 -16.55 -33.82 -1.83
N GLN D 198 -16.00 -32.69 -1.41
CA GLN D 198 -15.41 -31.73 -2.32
C GLN D 198 -14.36 -32.45 -3.17
N ASP D 199 -14.30 -32.09 -4.44
CA ASP D 199 -13.36 -32.70 -5.35
C ASP D 199 -11.94 -32.19 -5.03
N PRO D 200 -11.05 -33.09 -4.59
CA PRO D 200 -9.68 -32.67 -4.21
C PRO D 200 -8.81 -32.12 -5.34
N ASN D 201 -9.24 -32.23 -6.61
CA ASN D 201 -8.45 -31.74 -7.73
C ASN D 201 -8.92 -30.39 -8.24
N VAL D 202 -9.90 -29.78 -7.56
CA VAL D 202 -10.35 -28.45 -7.93
C VAL D 202 -10.07 -27.46 -6.76
N ASP D 203 -9.63 -26.26 -7.13
CA ASP D 203 -9.36 -25.19 -6.18
C ASP D 203 -10.67 -24.73 -5.51
N PRO D 204 -10.81 -24.91 -4.19
CA PRO D 204 -12.05 -24.54 -3.51
C PRO D 204 -12.57 -23.14 -3.82
N ALA D 205 -11.70 -22.16 -4.01
CA ALA D 205 -12.13 -20.81 -4.29
C ALA D 205 -12.98 -20.68 -5.56
N THR D 206 -12.89 -21.64 -6.48
CA THR D 206 -13.68 -21.59 -7.73
C THR D 206 -15.08 -22.14 -7.59
N GLN D 207 -15.39 -22.69 -6.42
CA GLN D 207 -16.69 -23.26 -6.12
C GLN D 207 -17.45 -22.45 -5.07
N ILE D 208 -17.07 -21.19 -4.83
CA ILE D 208 -17.75 -20.37 -3.84
C ILE D 208 -18.88 -19.61 -4.49
N ALA D 209 -20.06 -19.64 -3.89
CA ALA D 209 -21.18 -18.79 -4.30
C ALA D 209 -21.72 -18.03 -3.12
N VAL D 210 -22.25 -16.83 -3.37
CA VAL D 210 -22.93 -16.05 -2.34
C VAL D 210 -24.40 -15.87 -2.77
N LEU D 211 -25.32 -16.34 -1.93
CA LEU D 211 -26.76 -16.26 -2.18
C LEU D 211 -27.41 -15.35 -1.15
N LEU D 212 -28.17 -14.38 -1.64
CA LEU D 212 -28.88 -13.44 -0.80
C LEU D 212 -30.22 -14.02 -0.34
N VAL D 213 -30.40 -14.10 0.97
CA VAL D 213 -31.59 -14.70 1.59
C VAL D 213 -32.23 -13.62 2.46
N THR D 214 -33.48 -13.27 2.17
CA THR D 214 -34.23 -12.27 2.96
C THR D 214 -35.32 -12.95 3.75
N ARG D 215 -36.07 -12.18 4.52
CA ARG D 215 -37.23 -12.73 5.25
C ARG D 215 -38.24 -13.33 4.28
N GLU D 216 -38.41 -12.68 3.15
CA GLU D 216 -39.33 -13.14 2.11
C GLU D 216 -38.84 -14.49 1.57
N THR D 217 -37.54 -14.63 1.33
CA THR D 217 -37.01 -15.92 0.90
C THR D 217 -37.40 -17.01 1.88
N ILE D 218 -37.30 -16.71 3.18
CA ILE D 218 -37.55 -17.69 4.22
C ILE D 218 -39.04 -18.05 4.30
N ALA D 219 -39.89 -17.03 4.15
CA ALA D 219 -41.33 -17.20 4.17
C ALA D 219 -41.81 -17.91 2.91
N ASN D 220 -41.02 -17.85 1.82
CA ASN D 220 -41.31 -18.57 0.57
C ASN D 220 -40.82 -20.04 0.60
N ASN D 221 -40.27 -20.46 1.75
CA ASN D 221 -39.85 -21.83 1.94
C ASN D 221 -40.68 -22.51 3.02
N LYS D 222 -40.70 -23.84 2.97
CA LYS D 222 -41.29 -24.65 4.02
C LYS D 222 -40.65 -24.30 5.37
N LYS D 223 -41.41 -24.47 6.45
CA LYS D 223 -40.96 -24.09 7.79
C LYS D 223 -39.70 -24.84 8.19
N ASP D 224 -39.66 -26.13 7.93
CA ASP D 224 -38.51 -26.95 8.31
C ASP D 224 -37.26 -26.81 7.38
N ALA D 225 -37.35 -25.97 6.36
CA ALA D 225 -36.24 -25.71 5.44
C ALA D 225 -35.20 -24.76 6.04
N TYR D 226 -35.59 -24.02 7.07
CA TYR D 226 -34.74 -23.03 7.71
C TYR D 226 -35.06 -23.10 9.17
N GLN D 227 -34.12 -23.58 9.96
CA GLN D 227 -34.35 -23.57 11.39
C GLN D 227 -33.14 -23.27 12.25
N ILE D 228 -33.43 -22.56 13.32
CA ILE D 228 -32.45 -22.19 14.32
C ILE D 228 -32.37 -23.34 15.29
N LEU D 229 -31.22 -23.98 15.39
CA LEU D 229 -31.02 -25.08 16.32
C LEU D 229 -30.51 -24.67 17.70
N GLY D 230 -29.97 -23.47 17.82
CA GLY D 230 -29.34 -23.07 19.08
C GLY D 230 -28.79 -21.66 19.00
N GLU D 231 -28.48 -21.12 20.18
CA GLU D 231 -27.93 -19.79 20.31
C GLU D 231 -26.85 -19.83 21.40
N PRO D 232 -25.58 -19.81 20.99
CA PRO D 232 -24.46 -19.88 21.95
C PRO D 232 -24.54 -18.85 23.06
N GLU D 233 -24.31 -19.29 24.30
CA GLU D 233 -24.13 -18.36 25.41
C GLU D 233 -22.66 -17.90 25.42
N LEU D 234 -22.43 -16.62 25.15
CA LEU D 234 -21.08 -16.11 24.95
C LEU D 234 -20.49 -15.59 26.25
N ALA D 235 -19.16 -15.56 26.35
CA ALA D 235 -18.47 -15.11 27.57
C ALA D 235 -18.69 -13.62 27.77
N GLY D 236 -18.51 -12.89 26.68
CA GLY D 236 -18.83 -11.48 26.61
C GLY D 236 -19.58 -11.20 25.35
N HIS D 237 -19.91 -9.93 25.12
CA HIS D 237 -20.84 -9.55 24.07
C HIS D 237 -22.11 -10.38 24.23
N ILE D 238 -22.65 -10.32 25.44
CA ILE D 238 -23.73 -11.21 25.83
C ILE D 238 -25.07 -10.83 25.19
N THR D 239 -25.14 -9.72 24.48
CA THR D 239 -26.38 -9.29 23.85
C THR D 239 -26.43 -9.54 22.37
N THR D 240 -25.36 -10.09 21.81
CA THR D 240 -25.36 -10.37 20.40
C THR D 240 -26.02 -11.73 20.14
N SER D 241 -26.58 -11.89 18.94
CA SER D 241 -27.11 -13.15 18.48
C SER D 241 -26.30 -13.57 17.29
N GLY D 242 -26.01 -14.87 17.25
CA GLY D 242 -25.21 -15.48 16.20
C GLY D 242 -25.51 -16.97 16.22
N PRO D 243 -26.70 -17.33 15.76
CA PRO D 243 -27.25 -18.66 15.99
C PRO D 243 -26.63 -19.78 15.17
N HIS D 244 -26.99 -20.99 15.58
CA HIS D 244 -26.76 -22.20 14.82
C HIS D 244 -27.98 -22.39 13.92
N THR D 245 -27.78 -22.26 12.62
CA THR D 245 -28.83 -22.30 11.63
C THR D 245 -28.62 -23.50 10.73
N ARG D 246 -29.71 -24.22 10.43
CA ARG D 246 -29.67 -25.31 9.46
C ARG D 246 -30.58 -25.02 8.28
N PHE D 247 -30.01 -25.06 7.09
CA PHE D 247 -30.74 -25.04 5.85
C PHE D 247 -30.97 -26.49 5.39
N THR D 248 -32.20 -26.83 5.03
CA THR D 248 -32.55 -28.14 4.48
C THR D 248 -33.42 -27.89 3.24
N GLU D 249 -32.84 -28.11 2.06
CA GLU D 249 -33.55 -27.97 0.80
C GLU D 249 -34.15 -26.58 0.70
N PHE D 250 -33.32 -25.59 1.01
CA PHE D 250 -33.75 -24.21 1.08
C PHE D 250 -33.62 -23.56 -0.30
N HIS D 251 -34.75 -23.11 -0.85
CA HIS D 251 -34.81 -22.59 -2.21
C HIS D 251 -34.62 -21.08 -2.28
N VAL D 252 -33.73 -20.65 -3.17
CA VAL D 252 -33.41 -19.24 -3.39
C VAL D 252 -33.51 -18.91 -4.87
N PRO D 253 -34.19 -17.84 -5.25
CA PRO D 253 -34.26 -17.47 -6.67
C PRO D 253 -32.86 -17.18 -7.26
N HIS D 254 -32.71 -17.42 -8.57
CA HIS D 254 -31.43 -17.21 -9.24
C HIS D 254 -31.12 -15.72 -9.35
N GLU D 255 -32.15 -14.87 -9.31
CA GLU D 255 -31.92 -13.42 -9.30
C GLU D 255 -31.22 -12.95 -7.99
N ASN D 256 -31.18 -13.82 -6.97
CA ASN D 256 -30.58 -13.52 -5.65
C ASN D 256 -29.10 -13.97 -5.53
N LEU D 257 -28.59 -14.66 -6.54
CA LEU D 257 -27.17 -14.99 -6.61
C LEU D 257 -26.35 -13.69 -6.75
N LEU D 258 -25.49 -13.41 -5.78
CA LEU D 258 -24.79 -12.13 -5.70
C LEU D 258 -23.95 -11.84 -6.93
N CYS D 259 -23.25 -12.85 -7.41
CA CYS D 259 -22.40 -12.69 -8.57
C CYS D 259 -22.03 -14.06 -9.10
N THR D 260 -21.24 -14.09 -10.18
CA THR D 260 -20.76 -15.34 -10.75
C THR D 260 -20.06 -16.15 -9.67
N PRO D 261 -20.41 -17.43 -9.51
CA PRO D 261 -19.68 -18.33 -8.63
C PRO D 261 -18.20 -18.41 -8.96
N GLY D 262 -17.38 -18.66 -7.94
CA GLY D 262 -15.95 -18.85 -8.13
C GLY D 262 -15.17 -17.67 -7.61
N LEU D 263 -14.11 -17.32 -8.32
CA LEU D 263 -13.14 -16.34 -7.82
C LEU D 263 -13.78 -14.98 -7.55
N LYS D 264 -14.77 -14.61 -8.36
CA LYS D 264 -15.46 -13.35 -8.16
C LYS D 264 -16.18 -13.31 -6.80
N ALA D 265 -16.86 -14.40 -6.46
CA ALA D 265 -17.60 -14.52 -5.19
C ALA D 265 -16.69 -14.60 -3.95
N GLN D 266 -15.69 -15.49 -4.00
CA GLN D 266 -14.64 -15.57 -2.97
C GLN D 266 -14.03 -14.19 -2.71
N GLY D 267 -13.71 -13.49 -3.80
CA GLY D 267 -13.13 -12.17 -3.74
C GLY D 267 -13.98 -11.15 -3.01
N LEU D 268 -15.30 -11.25 -3.14
CA LEU D 268 -16.20 -10.35 -2.45
C LEU D 268 -16.23 -10.65 -0.96
N VAL D 269 -16.19 -11.93 -0.62
CA VAL D 269 -16.10 -12.37 0.78
C VAL D 269 -14.73 -11.97 1.40
N GLU D 270 -13.65 -12.14 0.66
CA GLU D 270 -12.32 -11.77 1.15
C GLU D 270 -12.25 -10.28 1.44
N THR D 271 -12.76 -9.49 0.50
CA THR D 271 -12.73 -8.03 0.57
C THR D 271 -13.56 -7.53 1.75
N ALA D 272 -14.80 -8.01 1.85
CA ALA D 272 -15.66 -7.71 2.98
C ALA D 272 -14.96 -8.01 4.32
N PHE D 273 -14.41 -9.20 4.44
CA PHE D 273 -13.73 -9.63 5.66
C PHE D 273 -12.38 -8.93 5.91
N ALA D 274 -11.77 -8.37 4.86
CA ALA D 274 -10.53 -7.61 5.00
C ALA D 274 -10.87 -6.22 5.53
N MET D 275 -11.97 -5.65 5.04
CA MET D 275 -12.44 -4.38 5.55
C MET D 275 -12.81 -4.51 7.03
N SER D 276 -13.50 -5.59 7.40
CA SER D 276 -13.84 -5.81 8.80
C SER D 276 -12.57 -6.09 9.63
N ALA D 277 -11.59 -6.80 9.08
CA ALA D 277 -10.32 -7.01 9.79
C ALA D 277 -9.71 -5.68 10.27
N ALA D 278 -9.75 -4.67 9.40
CA ALA D 278 -9.17 -3.35 9.69
C ALA D 278 -9.98 -2.60 10.75
N LEU D 279 -11.30 -2.68 10.65
CA LEU D 279 -12.17 -1.90 11.53
C LEU D 279 -12.45 -2.55 12.90
N VAL D 280 -12.22 -3.85 13.00
CA VAL D 280 -12.36 -4.55 14.27
C VAL D 280 -11.34 -4.00 15.29
N GLY D 281 -10.23 -3.45 14.80
CA GLY D 281 -9.29 -2.76 15.67
C GLY D 281 -9.89 -1.61 16.45
N ALA D 282 -10.79 -0.87 15.81
CA ALA D 282 -11.47 0.24 16.47
C ALA D 282 -12.33 -0.25 17.62
N MET D 283 -12.92 -1.44 17.47
CA MET D 283 -13.74 -2.04 18.53
C MET D 283 -12.86 -2.46 19.70
N ALA D 284 -11.71 -3.03 19.38
CA ALA D 284 -10.75 -3.46 20.38
C ALA D 284 -10.22 -2.23 21.10
N ILE D 285 -9.94 -1.16 20.34
CA ILE D 285 -9.44 0.07 20.94
C ILE D 285 -10.48 0.66 21.90
N GLY D 286 -11.76 0.67 21.53
CA GLY D 286 -12.76 1.22 22.42
C GLY D 286 -12.80 0.49 23.75
N THR D 287 -12.79 -0.85 23.67
CA THR D 287 -12.87 -1.67 24.86
C THR D 287 -11.65 -1.47 25.76
N ALA D 288 -10.47 -1.50 25.17
CA ALA D 288 -9.22 -1.38 25.90
C ALA D 288 -9.07 0.03 26.42
N ARG D 289 -9.59 0.98 25.66
CA ARG D 289 -9.56 2.36 26.09
C ARG D 289 -10.42 2.57 27.33
N ALA D 290 -11.55 1.88 27.42
CA ALA D 290 -12.41 2.01 28.61
C ALA D 290 -11.68 1.46 29.83
N ALA D 291 -11.01 0.34 29.66
CA ALA D 291 -10.23 -0.23 30.75
C ALA D 291 -9.08 0.70 31.16
N PHE D 292 -8.40 1.28 30.19
CA PHE D 292 -7.25 2.14 30.48
C PHE D 292 -7.72 3.38 31.23
N GLU D 293 -8.82 3.96 30.77
CA GLU D 293 -9.27 5.20 31.36
C GLU D 293 -9.75 4.97 32.78
N GLU D 294 -10.42 3.85 33.01
CA GLU D 294 -10.97 3.57 34.33
C GLU D 294 -9.80 3.34 35.27
N ALA D 295 -8.76 2.67 34.80
CA ALA D 295 -7.54 2.45 35.59
C ALA D 295 -6.80 3.77 35.84
N LEU D 296 -6.75 4.63 34.84
CA LEU D 296 -6.04 5.90 34.97
C LEU D 296 -6.69 6.76 36.04
N VAL D 297 -8.01 6.89 35.96
CA VAL D 297 -8.73 7.72 36.93
C VAL D 297 -8.59 7.15 38.34
N PHE D 298 -8.69 5.83 38.46
CA PHE D 298 -8.46 5.19 39.74
C PHE D 298 -7.07 5.50 40.30
N ALA D 299 -6.07 5.43 39.44
CA ALA D 299 -4.68 5.59 39.86
C ALA D 299 -4.41 7.02 40.30
N LYS D 300 -5.09 7.96 39.64
CA LYS D 300 -4.97 9.39 39.98
C LYS D 300 -5.79 9.75 41.21
N SER D 301 -6.80 8.96 41.57
CA SER D 301 -7.75 9.35 42.63
C SER D 301 -7.58 8.60 43.93
N ASP D 302 -6.80 7.51 43.91
CA ASP D 302 -6.73 6.58 45.01
C ASP D 302 -5.30 6.33 45.49
N THR D 303 -5.11 6.38 46.80
CA THR D 303 -3.81 6.14 47.42
C THR D 303 -3.66 4.71 47.89
N ARG D 304 -4.75 3.95 47.88
CA ARG D 304 -4.73 2.59 48.38
C ARG D 304 -4.12 2.53 49.78
N GLY D 305 -4.51 3.49 50.62
CA GLY D 305 -4.11 3.47 52.03
C GLY D 305 -2.65 3.85 52.28
N GLY D 306 -2.02 4.48 51.30
CA GLY D 306 -0.63 4.92 51.40
C GLY D 306 -0.50 6.45 51.44
N SER D 307 0.67 6.93 51.05
CA SER D 307 1.03 8.33 51.25
C SER D 307 0.96 9.13 49.97
N LYS D 308 0.51 8.49 48.89
CA LYS D 308 0.41 9.15 47.60
C LYS D 308 -0.49 8.36 46.68
N HIS D 309 -1.06 9.02 45.70
CA HIS D 309 -1.87 8.35 44.69
C HIS D 309 -1.02 7.34 43.95
N ILE D 310 -1.59 6.18 43.63
CA ILE D 310 -0.82 5.05 43.14
C ILE D 310 -0.24 5.24 41.74
N ILE D 311 -0.67 6.25 40.99
CA ILE D 311 -0.02 6.59 39.72
C ILE D 311 1.46 6.95 39.90
N GLU D 312 1.79 7.41 41.10
CA GLU D 312 3.15 7.75 41.48
C GLU D 312 4.05 6.54 41.79
N HIS D 313 3.50 5.34 41.86
CA HIS D 313 4.33 4.13 42.00
C HIS D 313 4.80 3.76 40.60
N GLN D 314 6.12 3.55 40.44
CA GLN D 314 6.69 3.23 39.13
C GLN D 314 6.05 1.97 38.53
N SER D 315 5.83 0.91 39.30
CA SER D 315 5.21 -0.30 38.74
C SER D 315 3.81 -0.01 38.21
N VAL D 316 3.06 0.86 38.89
CA VAL D 316 1.70 1.17 38.43
C VAL D 316 1.77 1.96 37.14
N ALA D 317 2.60 2.98 37.12
CA ALA D 317 2.78 3.82 35.92
C ALA D 317 3.24 3.00 34.73
N ASP D 318 4.11 2.01 34.97
CA ASP D 318 4.57 1.14 33.89
C ASP D 318 3.43 0.40 33.20
N LYS D 319 2.47 -0.10 33.96
CA LYS D 319 1.28 -0.70 33.39
C LYS D 319 0.51 0.31 32.55
N LEU D 320 0.21 1.46 33.15
CA LEU D 320 -0.54 2.50 32.47
C LEU D 320 0.18 3.00 31.22
N ILE D 321 1.51 3.11 31.29
CA ILE D 321 2.29 3.49 30.12
C ILE D 321 2.17 2.44 29.01
N ASP D 322 2.27 1.16 29.39
CA ASP D 322 2.15 0.07 28.43
C ASP D 322 0.76 0.03 27.76
N CYS D 323 -0.30 0.24 28.53
CA CYS D 323 -1.66 0.32 27.97
C CYS D 323 -1.74 1.48 26.96
N LYS D 324 -1.24 2.63 27.36
CA LYS D 324 -1.33 3.85 26.55
C LYS D 324 -0.63 3.65 25.22
N ILE D 325 0.52 2.98 25.27
CA ILE D 325 1.31 2.73 24.06
C ILE D 325 0.58 1.76 23.14
N ARG D 326 0.00 0.73 23.73
CA ARG D 326 -0.78 -0.24 22.94
C ARG D 326 -1.96 0.45 22.24
N LEU D 327 -2.65 1.32 22.94
CA LEU D 327 -3.81 2.02 22.39
C LEU D 327 -3.40 2.99 21.30
N GLU D 328 -2.33 3.73 21.53
CA GLU D 328 -1.88 4.73 20.57
C GLU D 328 -1.42 4.08 19.27
N THR D 329 -0.58 3.05 19.37
CA THR D 329 -0.12 2.31 18.19
C THR D 329 -1.28 1.62 17.47
N SER D 330 -2.22 1.08 18.24
CA SER D 330 -3.41 0.43 17.65
C SER D 330 -4.23 1.41 16.81
N ARG D 331 -4.54 2.58 17.35
CA ARG D 331 -5.36 3.57 16.65
C ARG D 331 -4.68 4.01 15.36
N LEU D 332 -3.38 4.24 15.44
CA LEU D 332 -2.60 4.67 14.28
C LEU D 332 -2.68 3.65 13.18
N LEU D 333 -2.51 2.38 13.57
CA LEU D 333 -2.48 1.30 12.61
C LEU D 333 -3.83 1.09 11.97
N VAL D 334 -4.91 1.25 12.74
CA VAL D 334 -6.27 1.17 12.20
C VAL D 334 -6.49 2.26 11.15
N TRP D 335 -6.14 3.50 11.48
CA TRP D 335 -6.31 4.61 10.52
C TRP D 335 -5.42 4.40 9.30
N LYS D 336 -4.23 3.85 9.51
CA LYS D 336 -3.36 3.50 8.38
C LYS D 336 -4.08 2.47 7.50
N ALA D 337 -4.61 1.43 8.12
CA ALA D 337 -5.20 0.30 7.38
C ALA D 337 -6.43 0.68 6.59
N VAL D 338 -7.27 1.51 7.15
CA VAL D 338 -8.51 1.89 6.45
C VAL D 338 -8.23 2.88 5.33
N THR D 339 -7.33 3.82 5.59
CA THR D 339 -6.84 4.72 4.54
C THR D 339 -6.18 3.95 3.38
N THR D 340 -5.45 2.89 3.72
CA THR D 340 -4.81 2.05 2.73
C THR D 340 -5.88 1.32 1.92
N LEU D 341 -6.94 0.86 2.58
CA LEU D 341 -8.05 0.19 1.88
C LEU D 341 -8.75 1.11 0.90
N GLU D 342 -8.75 2.41 1.21
CA GLU D 342 -9.42 3.41 0.39
C GLU D 342 -8.52 3.89 -0.76
N ASP D 343 -7.26 3.47 -0.79
CA ASP D 343 -6.30 3.92 -1.81
C ASP D 343 -6.45 3.12 -3.10
N GLU D 344 -6.96 3.77 -4.15
CA GLU D 344 -7.22 3.12 -5.43
C GLU D 344 -5.94 2.77 -6.20
N ALA D 345 -4.87 3.51 -5.92
CA ALA D 345 -3.58 3.27 -6.56
C ALA D 345 -2.88 1.97 -6.09
N LEU D 346 -3.32 1.37 -4.98
CA LEU D 346 -2.62 0.20 -4.42
C LEU D 346 -3.24 -1.14 -4.81
N GLU D 347 -2.38 -2.15 -4.94
CA GLU D 347 -2.80 -3.50 -5.26
C GLU D 347 -3.50 -4.16 -4.08
N TRP D 348 -4.36 -5.13 -4.37
CA TRP D 348 -5.19 -5.74 -3.34
C TRP D 348 -4.30 -6.41 -2.28
N LYS D 349 -3.30 -7.16 -2.72
CA LYS D 349 -2.38 -7.85 -1.82
C LYS D 349 -1.77 -6.97 -0.74
N VAL D 350 -1.46 -5.72 -1.10
CA VAL D 350 -0.91 -4.74 -0.17
C VAL D 350 -1.93 -4.31 0.90
N LYS D 351 -3.15 -4.03 0.45
CA LYS D 351 -4.24 -3.66 1.33
C LYS D 351 -4.60 -4.80 2.25
N LEU D 352 -4.54 -6.02 1.71
CA LEU D 352 -4.92 -7.18 2.47
C LEU D 352 -3.92 -7.40 3.56
N GLU D 353 -2.63 -7.27 3.24
CA GLU D 353 -1.57 -7.46 4.23
C GLU D 353 -1.68 -6.48 5.39
N MET D 354 -1.96 -5.21 5.07
CA MET D 354 -2.13 -4.16 6.08
C MET D 354 -3.34 -4.45 6.97
N ALA D 355 -4.44 -4.90 6.36
CA ALA D 355 -5.66 -5.20 7.10
C ALA D 355 -5.46 -6.40 8.03
N MET D 356 -4.73 -7.42 7.59
CA MET D 356 -4.40 -8.55 8.43
C MET D 356 -3.54 -8.12 9.64
N GLN D 357 -2.46 -7.36 9.37
CA GLN D 357 -1.55 -6.88 10.41
C GLN D 357 -2.32 -6.17 11.48
N THR D 358 -3.26 -5.36 11.02
CA THR D 358 -4.06 -4.51 11.88
C THR D 358 -4.93 -5.35 12.79
N LYS D 359 -5.62 -6.34 12.22
CA LYS D 359 -6.45 -7.22 13.01
C LYS D 359 -5.61 -8.00 14.05
N ILE D 360 -4.49 -8.56 13.59
CA ILE D 360 -3.63 -9.33 14.48
C ILE D 360 -3.12 -8.46 15.63
N TYR D 361 -2.57 -7.29 15.34
CA TYR D 361 -1.96 -6.48 16.38
C TYR D 361 -2.98 -5.92 17.37
N THR D 362 -4.02 -5.26 16.85
CA THR D 362 -4.92 -4.55 17.74
C THR D 362 -5.65 -5.50 18.68
N THR D 363 -6.06 -6.63 18.19
CA THR D 363 -6.87 -7.52 19.02
C THR D 363 -6.04 -8.25 20.04
N ASP D 364 -4.80 -8.65 19.70
CA ASP D 364 -3.95 -9.30 20.70
C ASP D 364 -3.60 -8.33 21.79
N VAL D 365 -3.33 -7.09 21.40
CA VAL D 365 -2.75 -6.11 22.30
C VAL D 365 -3.84 -5.51 23.22
N ALA D 366 -5.06 -5.42 22.70
CA ALA D 366 -6.19 -4.95 23.49
C ALA D 366 -6.40 -5.83 24.71
N VAL D 367 -6.22 -7.13 24.55
CA VAL D 367 -6.36 -8.07 25.67
C VAL D 367 -5.34 -7.73 26.75
N GLU D 368 -4.08 -7.51 26.36
CA GLU D 368 -3.01 -7.22 27.32
C GLU D 368 -3.26 -5.89 28.03
N CYS D 369 -3.86 -4.96 27.31
CA CYS D 369 -4.19 -3.64 27.84
C CYS D 369 -5.19 -3.76 28.98
N VAL D 370 -6.23 -4.57 28.79
CA VAL D 370 -7.28 -4.75 29.81
C VAL D 370 -6.68 -5.43 31.05
N ILE D 371 -5.90 -6.47 30.84
CA ILE D 371 -5.33 -7.23 31.94
C ILE D 371 -4.35 -6.39 32.78
N ASP D 372 -3.51 -5.61 32.12
CA ASP D 372 -2.55 -4.76 32.80
C ASP D 372 -3.28 -3.66 33.56
N ALA D 373 -4.31 -3.10 32.96
CA ALA D 373 -5.15 -2.13 33.65
C ALA D 373 -5.70 -2.74 34.94
N MET D 374 -6.14 -4.00 34.89
CA MET D 374 -6.70 -4.70 36.04
C MET D 374 -5.64 -4.89 37.11
N LYS D 375 -4.44 -5.25 36.69
CA LYS D 375 -3.34 -5.47 37.63
C LYS D 375 -2.98 -4.17 38.35
N ALA D 376 -3.01 -3.06 37.62
CA ALA D 376 -2.70 -1.75 38.17
C ALA D 376 -3.71 -1.32 39.25
N VAL D 377 -4.99 -1.54 38.99
CA VAL D 377 -6.07 -1.22 39.89
C VAL D 377 -6.04 -2.16 41.08
N GLY D 378 -5.68 -3.40 40.79
CA GLY D 378 -5.59 -4.44 41.77
C GLY D 378 -6.92 -5.10 42.02
N MET D 379 -7.12 -5.53 43.27
CA MET D 379 -8.25 -6.38 43.65
C MET D 379 -9.60 -5.84 43.24
N LYS D 380 -9.81 -4.55 43.45
CA LYS D 380 -11.07 -3.90 43.13
C LYS D 380 -11.49 -4.05 41.67
N SER D 381 -10.54 -4.32 40.77
CA SER D 381 -10.86 -4.55 39.36
C SER D 381 -11.67 -5.83 39.13
N TYR D 382 -11.66 -6.72 40.10
CA TYR D 382 -12.25 -8.04 39.96
C TYR D 382 -13.74 -8.03 40.29
N ALA D 383 -14.25 -6.94 40.83
CA ALA D 383 -15.63 -6.89 41.26
C ALA D 383 -16.44 -6.07 40.24
N LYS D 384 -17.72 -6.40 40.13
CA LYS D 384 -18.57 -5.87 39.08
C LYS D 384 -19.12 -4.48 39.37
N ASP D 385 -18.75 -3.89 40.51
CA ASP D 385 -18.96 -2.45 40.68
C ASP D 385 -17.97 -1.62 39.85
N MET D 386 -16.93 -2.26 39.34
CA MET D 386 -16.10 -1.68 38.29
C MET D 386 -16.40 -2.37 36.98
N SER D 387 -15.97 -1.74 35.89
CA SER D 387 -16.31 -2.21 34.58
C SER D 387 -15.40 -3.33 34.04
N PHE D 388 -14.29 -3.61 34.74
CA PHE D 388 -13.30 -4.58 34.25
C PHE D 388 -13.81 -6.00 33.99
N PRO D 389 -14.60 -6.61 34.87
CA PRO D 389 -15.12 -7.96 34.58
C PRO D 389 -15.75 -8.08 33.21
N ARG D 390 -16.60 -7.11 32.85
CA ARG D 390 -17.21 -7.07 31.54
C ARG D 390 -16.17 -6.87 30.42
N LEU D 391 -15.26 -5.92 30.60
CA LEU D 391 -14.29 -5.56 29.55
C LEU D 391 -13.37 -6.73 29.22
N LEU D 392 -13.03 -7.52 30.23
CA LEU D 392 -12.09 -8.65 30.08
C LEU D 392 -12.73 -9.72 29.23
N ASN D 393 -14.01 -9.99 29.49
CA ASN D 393 -14.77 -10.97 28.74
C ASN D 393 -14.99 -10.49 27.32
N GLU D 394 -15.32 -9.21 27.18
CA GLU D 394 -15.53 -8.61 25.86
C GLU D 394 -14.26 -8.59 25.01
N VAL D 395 -13.14 -8.19 25.62
CA VAL D 395 -11.90 -7.97 24.87
C VAL D 395 -11.37 -9.32 24.30
N MET D 396 -11.64 -10.42 24.99
CA MET D 396 -11.19 -11.74 24.55
C MET D 396 -11.89 -12.25 23.31
N CYS D 397 -12.97 -11.59 22.92
CA CYS D 397 -13.64 -11.93 21.70
C CYS D 397 -12.79 -11.58 20.47
N TYR D 398 -12.08 -10.48 20.56
CA TYR D 398 -11.50 -9.85 19.38
C TYR D 398 -10.39 -10.64 18.69
N PRO D 399 -9.47 -11.24 19.44
CA PRO D 399 -8.46 -12.10 18.80
C PRO D 399 -9.06 -13.35 18.18
N LEU D 400 -10.23 -13.76 18.67
CA LEU D 400 -10.89 -15.00 18.25
C LEU D 400 -11.83 -14.83 17.08
N PHE D 401 -12.57 -13.73 17.06
CA PHE D 401 -13.63 -13.52 16.09
C PHE D 401 -13.12 -12.80 14.84
N ASP D 402 -14.03 -12.50 13.93
CA ASP D 402 -13.71 -11.81 12.68
C ASP D 402 -12.52 -12.43 11.95
N GLY D 403 -12.50 -13.75 11.86
CA GLY D 403 -11.33 -14.45 11.39
C GLY D 403 -10.29 -14.44 12.51
N GLY D 404 -10.16 -15.57 13.19
CA GLY D 404 -9.23 -15.69 14.29
C GLY D 404 -7.81 -15.44 13.81
N ASN D 405 -6.98 -14.95 14.73
CA ASN D 405 -5.62 -14.57 14.39
C ASN D 405 -4.75 -15.76 14.06
N ILE D 406 -4.88 -16.85 14.82
CA ILE D 406 -4.01 -18.02 14.63
C ILE D 406 -4.30 -18.80 13.36
N GLY D 407 -5.56 -19.03 13.06
CA GLY D 407 -5.93 -19.93 12.00
C GLY D 407 -6.17 -19.23 10.69
N LEU D 408 -6.73 -18.04 10.76
CA LEU D 408 -7.11 -17.30 9.57
C LEU D 408 -6.22 -16.08 9.23
N ARG D 409 -6.09 -15.09 10.12
CA ARG D 409 -5.45 -13.83 9.72
C ARG D 409 -3.94 -13.98 9.53
N ARG D 410 -3.29 -14.72 10.42
CA ARG D 410 -1.85 -14.95 10.24
C ARG D 410 -1.58 -15.74 8.96
N ARG D 411 -2.46 -16.67 8.62
CA ARG D 411 -2.31 -17.51 7.40
C ARG D 411 -2.52 -16.74 6.12
N GLN D 412 -3.53 -15.87 6.09
CA GLN D 412 -3.75 -14.95 4.99
C GLN D 412 -2.54 -14.02 4.74
N MET D 413 -1.99 -13.46 5.81
CA MET D 413 -0.82 -12.59 5.72
C MET D 413 0.44 -13.38 5.31
N GLN D 414 0.64 -14.57 5.90
CA GLN D 414 1.75 -15.45 5.51
C GLN D 414 1.72 -15.70 3.98
N ARG D 415 0.52 -15.90 3.45
CA ARG D 415 0.33 -16.24 2.03
C ARG D 415 0.78 -15.06 1.17
N VAL D 416 0.41 -13.85 1.59
CA VAL D 416 0.82 -12.64 0.87
C VAL D 416 2.32 -12.43 0.95
N MET D 417 2.91 -12.72 2.11
CA MET D 417 4.35 -12.51 2.36
C MET D 417 5.19 -13.50 1.57
N ALA D 418 4.63 -14.67 1.31
CA ALA D 418 5.34 -15.72 0.58
C ALA D 418 5.30 -15.53 -0.95
N LEU D 419 4.52 -14.59 -1.44
CA LEU D 419 4.46 -14.35 -2.89
C LEU D 419 5.77 -13.76 -3.39
N GLU D 420 6.18 -14.19 -4.59
CA GLU D 420 7.42 -13.72 -5.20
C GLU D 420 7.46 -12.19 -5.35
N ASP D 421 6.33 -11.57 -5.67
CA ASP D 421 6.33 -10.10 -5.84
C ASP D 421 5.89 -9.30 -4.59
N TYR D 422 5.94 -9.92 -3.41
CA TYR D 422 5.65 -9.22 -2.14
C TYR D 422 6.55 -8.01 -1.96
N GLU D 423 5.94 -6.85 -1.72
CA GLU D 423 6.69 -5.65 -1.34
C GLU D 423 6.21 -5.22 0.04
N PRO D 424 7.01 -5.48 1.08
CA PRO D 424 6.58 -5.19 2.45
C PRO D 424 6.08 -3.77 2.67
N TRP D 425 6.77 -2.78 2.09
CA TRP D 425 6.53 -1.37 2.40
C TRP D 425 5.72 -0.60 1.37
N ALA D 426 5.00 -1.30 0.51
CA ALA D 426 4.25 -0.66 -0.58
C ALA D 426 3.12 0.27 -0.11
N ALA D 427 2.46 -0.06 0.99
CA ALA D 427 1.45 0.83 1.60
C ALA D 427 2.01 2.17 2.10
N THR D 428 3.33 2.23 2.31
CA THR D 428 3.97 3.40 2.88
C THR D 428 4.79 4.22 1.88
N TYR D 429 5.67 3.54 1.15
CA TYR D 429 6.65 4.18 0.29
C TYR D 429 6.32 3.95 -1.19
N GLY D 430 5.11 3.48 -1.47
CA GLY D 430 4.68 3.17 -2.83
C GLY D 430 5.31 1.90 -3.40
N SER D 431 4.90 1.53 -4.60
CA SER D 431 5.52 0.41 -5.33
C SER D 431 6.71 0.87 -6.15
N VAL E 2 -24.55 30.11 -15.66
CA VAL E 2 -24.13 30.07 -17.08
C VAL E 2 -23.65 31.45 -17.49
N ASP E 3 -22.51 31.47 -18.17
CA ASP E 3 -21.74 32.67 -18.40
C ASP E 3 -20.87 32.48 -19.65
N PHE E 4 -20.70 33.53 -20.44
CA PHE E 4 -19.86 33.46 -21.63
C PHE E 4 -18.74 34.49 -21.64
N LYS E 5 -18.60 35.26 -20.56
CA LYS E 5 -17.59 36.31 -20.52
C LYS E 5 -16.20 35.70 -20.48
N LEU E 6 -15.28 36.34 -21.17
CA LEU E 6 -13.91 35.88 -21.21
C LEU E 6 -13.15 36.60 -20.11
N SER E 7 -12.44 35.84 -19.30
CA SER E 7 -11.54 36.39 -18.29
C SER E 7 -10.42 37.17 -18.96
N PRO E 8 -9.75 38.05 -18.21
CA PRO E 8 -8.56 38.74 -18.74
C PRO E 8 -7.44 37.83 -19.27
N SER E 9 -7.23 36.64 -18.72
CA SER E 9 -6.19 35.76 -19.25
C SER E 9 -6.64 35.11 -20.56
N GLN E 10 -7.94 34.97 -20.74
CA GLN E 10 -8.49 34.40 -21.97
C GLN E 10 -8.39 35.39 -23.11
N LEU E 11 -8.59 36.68 -22.81
CA LEU E 11 -8.44 37.74 -23.79
C LEU E 11 -6.95 37.97 -24.08
N GLU E 12 -6.12 37.81 -23.07
CA GLU E 12 -4.67 37.87 -23.25
C GLU E 12 -4.20 36.70 -24.12
N ALA E 13 -4.73 35.51 -23.90
CA ALA E 13 -4.31 34.36 -24.69
C ALA E 13 -4.68 34.59 -26.15
N ARG E 14 -5.80 35.27 -26.39
CA ARG E 14 -6.24 35.59 -27.74
C ARG E 14 -5.30 36.61 -28.40
N ARG E 15 -5.00 37.69 -27.70
CA ARG E 15 -4.09 38.73 -28.19
C ARG E 15 -2.74 38.12 -28.56
N HIS E 16 -2.19 37.32 -27.65
CA HIS E 16 -0.91 36.67 -27.84
C HIS E 16 -0.93 35.76 -29.05
N ALA E 17 -2.02 35.03 -29.25
CA ALA E 17 -2.12 34.10 -30.38
C ALA E 17 -2.23 34.88 -31.69
N GLN E 18 -3.06 35.93 -31.69
CA GLN E 18 -3.21 36.79 -32.88
C GLN E 18 -1.90 37.44 -33.29
N ALA E 19 -1.14 37.93 -32.31
CA ALA E 19 0.15 38.57 -32.57
C ALA E 19 1.16 37.55 -33.13
N PHE E 20 1.14 36.33 -32.59
CA PHE E 20 2.07 35.30 -33.06
C PHE E 20 1.75 34.93 -34.50
N ALA E 21 0.47 34.77 -34.78
CA ALA E 21 0.03 34.42 -36.12
C ALA E 21 0.39 35.53 -37.08
N ASN E 22 0.15 36.77 -36.67
CA ASN E 22 0.31 37.91 -37.57
C ASN E 22 1.75 38.32 -37.82
N THR E 23 2.62 38.22 -36.82
CA THR E 23 4.03 38.62 -36.97
C THR E 23 4.93 37.47 -37.40
N VAL E 24 4.58 36.24 -37.01
CA VAL E 24 5.39 35.05 -37.31
C VAL E 24 4.77 34.16 -38.39
N LEU E 25 3.56 33.66 -38.17
CA LEU E 25 2.99 32.66 -39.11
C LEU E 25 2.78 33.18 -40.54
N THR E 26 2.52 34.48 -40.71
CA THR E 26 2.30 35.04 -42.04
C THR E 26 3.56 34.95 -42.88
N LYS E 27 4.73 34.82 -42.26
CA LYS E 27 5.99 34.70 -43.02
C LYS E 27 6.31 33.27 -43.48
N ALA E 28 5.53 32.28 -43.02
CA ALA E 28 5.81 30.87 -43.31
C ALA E 28 5.68 30.52 -44.80
N SER E 29 4.66 31.07 -45.44
CA SER E 29 4.32 30.77 -46.82
C SER E 29 5.46 31.05 -47.82
N ALA E 30 6.20 32.14 -47.59
CA ALA E 30 7.30 32.53 -48.47
C ALA E 30 8.36 31.44 -48.46
N GLU E 31 8.53 30.76 -47.33
CA GLU E 31 9.49 29.66 -47.20
C GLU E 31 8.96 28.32 -47.71
N TYR E 32 7.75 27.92 -47.31
CA TYR E 32 7.30 26.57 -47.69
C TYR E 32 6.83 26.48 -49.13
N SER E 33 6.32 27.58 -49.67
CA SER E 33 5.77 27.60 -51.04
C SER E 33 6.72 27.22 -52.16
N THR E 34 8.03 27.35 -51.93
CA THR E 34 9.04 27.02 -52.96
C THR E 34 9.51 25.57 -52.89
N GLN E 35 9.01 24.80 -51.93
CA GLN E 35 9.45 23.41 -51.75
C GLN E 35 8.48 22.45 -52.42
N LYS E 36 9.02 21.53 -53.22
CA LYS E 36 8.20 20.77 -54.17
C LYS E 36 7.59 19.52 -53.57
N ASP E 37 8.01 19.15 -52.36
CA ASP E 37 7.58 17.89 -51.75
C ASP E 37 7.22 18.12 -50.29
N GLN E 38 6.31 17.28 -49.77
CA GLN E 38 5.68 17.50 -48.47
C GLN E 38 6.67 17.60 -47.31
N LEU E 39 7.62 16.69 -47.23
CA LEU E 39 8.59 16.69 -46.15
C LEU E 39 9.42 17.98 -46.17
N SER E 40 9.81 18.44 -47.35
CA SER E 40 10.61 19.65 -47.47
C SER E 40 9.83 20.88 -47.05
N ARG E 41 8.53 20.88 -47.34
CA ARG E 41 7.64 21.94 -46.86
C ARG E 41 7.61 21.94 -45.34
N PHE E 42 7.39 20.77 -44.75
CA PHE E 42 7.41 20.60 -43.30
C PHE E 42 8.72 21.14 -42.69
N GLN E 43 9.85 20.74 -43.26
CA GLN E 43 11.15 21.21 -42.76
C GLN E 43 11.33 22.73 -42.87
N ALA E 44 10.77 23.34 -43.91
CA ALA E 44 10.87 24.78 -44.11
C ALA E 44 10.13 25.54 -43.02
N THR E 45 9.30 24.79 -42.32
CA THR E 45 8.42 25.28 -41.29
C THR E 45 9.08 25.23 -39.89
N ARG E 46 10.19 24.51 -39.77
CA ARG E 46 10.93 24.36 -38.49
C ARG E 46 11.26 25.67 -37.76
N PRO E 47 11.79 26.68 -38.46
CA PRO E 47 12.06 27.97 -37.79
C PRO E 47 10.78 28.61 -37.19
N PHE E 48 9.62 28.36 -37.80
CA PHE E 48 8.36 28.91 -37.28
C PHE E 48 7.87 28.16 -36.05
N TYR E 49 8.05 26.84 -36.01
CA TYR E 49 7.83 26.05 -34.79
C TYR E 49 8.82 26.42 -33.68
N ARG E 50 10.04 26.75 -34.06
CA ARG E 50 11.05 27.23 -33.11
C ARG E 50 10.52 28.46 -32.40
N GLU E 51 9.96 29.39 -33.18
CA GLU E 51 9.33 30.58 -32.63
C GLU E 51 8.14 30.24 -31.74
N ALA E 52 7.31 29.27 -32.14
CA ALA E 52 6.15 28.86 -31.34
C ALA E 52 6.59 28.44 -29.94
N VAL E 53 7.66 27.62 -29.88
CA VAL E 53 8.23 27.17 -28.62
C VAL E 53 8.75 28.35 -27.80
N ARG E 54 9.40 29.30 -28.46
CA ARG E 54 9.96 30.47 -27.79
C ARG E 54 8.82 31.38 -27.30
N HIS E 55 7.69 31.38 -28.02
CA HIS E 55 6.51 32.12 -27.59
C HIS E 55 5.72 31.37 -26.51
N GLY E 56 6.19 30.17 -26.15
CA GLY E 56 5.60 29.39 -25.07
C GLY E 56 4.42 28.49 -25.47
N LEU E 57 4.16 28.36 -26.76
CA LEU E 57 2.99 27.65 -27.24
C LEU E 57 3.07 26.13 -27.05
N ILE E 58 4.28 25.57 -27.02
CA ILE E 58 4.42 24.14 -26.82
C ILE E 58 4.28 23.78 -25.33
N LYS E 59 4.82 24.63 -24.46
CA LYS E 59 4.68 24.48 -23.02
C LYS E 59 3.21 24.68 -22.59
N ALA E 60 2.48 25.50 -23.34
CA ALA E 60 1.06 25.70 -23.10
C ALA E 60 0.21 24.49 -23.48
N GLN E 61 0.80 23.50 -24.13
CA GLN E 61 0.11 22.24 -24.39
C GLN E 61 0.17 21.27 -23.19
N VAL E 62 0.88 21.64 -22.12
CA VAL E 62 1.05 20.77 -20.98
C VAL E 62 0.41 21.38 -19.73
N PRO E 63 -0.31 20.60 -18.92
CA PRO E 63 -0.92 21.15 -17.70
C PRO E 63 0.14 21.73 -16.73
N ILE E 64 -0.28 22.76 -15.98
CA ILE E 64 0.58 23.42 -14.99
C ILE E 64 1.13 22.47 -13.90
N PRO E 65 0.33 21.52 -13.39
CA PRO E 65 0.84 20.54 -12.41
C PRO E 65 1.92 19.60 -12.95
N LEU E 66 2.08 19.54 -14.26
CA LEU E 66 3.15 18.77 -14.91
C LEU E 66 4.29 19.66 -15.43
N GLY E 67 4.34 20.92 -14.97
CA GLY E 67 5.40 21.86 -15.35
C GLY E 67 5.11 22.69 -16.59
N GLY E 68 3.94 22.51 -17.18
CA GLY E 68 3.52 23.30 -18.34
C GLY E 68 2.81 24.57 -17.92
N THR E 69 2.24 25.26 -18.91
CA THR E 69 1.50 26.51 -18.69
C THR E 69 0.07 26.49 -19.21
N MET E 70 -0.47 25.32 -19.56
CA MET E 70 -1.87 25.27 -20.01
C MET E 70 -2.82 25.82 -18.95
N GLU E 71 -3.57 26.85 -19.31
CA GLU E 71 -4.48 27.48 -18.39
C GLU E 71 -5.81 26.75 -18.35
N SER E 72 -6.36 26.46 -19.53
CA SER E 72 -7.59 25.66 -19.66
C SER E 72 -7.87 25.32 -21.13
N LEU E 73 -8.83 24.42 -21.33
CA LEU E 73 -9.20 24.04 -22.69
C LEU E 73 -9.91 25.14 -23.47
N VAL E 74 -10.62 26.04 -22.78
CA VAL E 74 -11.20 27.20 -23.46
C VAL E 74 -10.09 28.15 -23.96
N HIS E 75 -9.08 28.42 -23.12
CA HIS E 75 -7.89 29.17 -23.56
C HIS E 75 -7.33 28.55 -24.83
N GLU E 76 -7.10 27.24 -24.79
CA GLU E 76 -6.53 26.49 -25.92
C GLU E 76 -7.40 26.58 -27.18
N SER E 77 -8.71 26.51 -27.01
CA SER E 77 -9.63 26.61 -28.14
C SER E 77 -9.52 27.97 -28.81
N ILE E 78 -9.33 29.00 -27.99
CA ILE E 78 -9.21 30.38 -28.45
C ILE E 78 -7.89 30.59 -29.20
N ILE E 79 -6.81 30.02 -28.67
CA ILE E 79 -5.51 30.08 -29.31
C ILE E 79 -5.60 29.40 -30.68
N LEU E 80 -6.16 28.20 -30.71
CA LEU E 80 -6.26 27.44 -31.96
C LEU E 80 -7.10 28.17 -33.00
N GLU E 81 -8.27 28.68 -32.62
CA GLU E 81 -9.10 29.43 -33.56
C GLU E 81 -8.31 30.55 -34.22
N GLU E 82 -7.56 31.30 -33.42
CA GLU E 82 -6.82 32.45 -33.93
C GLU E 82 -5.67 32.05 -34.85
N LEU E 83 -4.98 30.96 -34.49
CA LEU E 83 -3.85 30.47 -35.28
C LEU E 83 -4.34 30.02 -36.63
N PHE E 84 -5.40 29.20 -36.62
CA PHE E 84 -5.94 28.60 -37.82
C PHE E 84 -6.71 29.56 -38.69
N ALA E 85 -7.18 30.68 -38.14
CA ALA E 85 -7.77 31.75 -38.96
C ALA E 85 -6.71 32.44 -39.85
N VAL E 86 -5.44 32.30 -39.48
CA VAL E 86 -4.34 32.87 -40.28
C VAL E 86 -3.56 31.85 -41.11
N GLU E 87 -3.00 30.83 -40.46
CA GLU E 87 -2.07 29.91 -41.13
C GLU E 87 -1.98 28.58 -40.39
N PRO E 88 -2.53 27.52 -40.97
CA PRO E 88 -2.40 26.17 -40.37
C PRO E 88 -1.01 25.57 -40.37
N ALA E 89 -0.12 26.00 -41.26
CA ALA E 89 1.30 25.65 -41.18
C ALA E 89 1.81 25.98 -39.79
N THR E 90 2.56 25.05 -39.21
CA THR E 90 3.11 25.14 -37.85
C THR E 90 2.06 25.00 -36.77
N SER E 91 0.92 25.66 -36.93
CA SER E 91 -0.20 25.53 -36.00
C SER E 91 -0.59 24.05 -35.84
N ILE E 92 -0.59 23.34 -36.95
CA ILE E 92 -0.96 21.92 -36.99
C ILE E 92 0.09 21.05 -36.30
N THR E 93 1.35 21.45 -36.44
CA THR E 93 2.46 20.79 -35.75
C THR E 93 2.31 20.86 -34.23
N ILE E 94 1.85 22.01 -33.73
CA ILE E 94 1.65 22.24 -32.30
C ILE E 94 0.54 21.37 -31.77
N VAL E 95 -0.60 21.33 -32.45
CA VAL E 95 -1.71 20.50 -31.98
C VAL E 95 -1.42 18.99 -32.10
N ALA E 96 -0.62 18.62 -33.09
CA ALA E 96 -0.22 17.23 -33.28
C ALA E 96 0.70 16.78 -32.15
N THR E 97 1.63 17.66 -31.78
CA THR E 97 2.44 17.46 -30.61
C THR E 97 1.59 17.34 -29.39
N ALA E 98 0.59 18.20 -29.23
CA ALA E 98 -0.27 18.16 -28.06
C ALA E 98 -0.97 16.80 -27.94
N LEU E 99 -1.45 16.27 -29.07
CA LEU E 99 -2.11 14.97 -29.09
C LEU E 99 -1.11 13.89 -28.73
N GLY E 100 0.10 14.02 -29.29
CA GLY E 100 1.19 13.10 -29.02
C GLY E 100 1.59 13.07 -27.55
N LEU E 101 1.48 14.22 -26.88
CA LEU E 101 1.81 14.34 -25.45
C LEU E 101 0.71 13.80 -24.54
N MET E 102 -0.53 13.77 -25.04
CA MET E 102 -1.70 13.52 -24.18
C MET E 102 -1.76 12.20 -23.42
N PRO E 103 -1.44 11.08 -24.07
CA PRO E 103 -1.45 9.80 -23.37
C PRO E 103 -0.53 9.81 -22.15
N VAL E 104 0.60 10.49 -22.24
CA VAL E 104 1.52 10.63 -21.10
C VAL E 104 0.97 11.61 -20.07
N ILE E 105 0.37 12.72 -20.53
CA ILE E 105 -0.24 13.69 -19.64
C ILE E 105 -1.33 13.01 -18.81
N LEU E 106 -2.03 12.06 -19.41
CA LEU E 106 -3.21 11.46 -18.79
C LEU E 106 -2.88 10.23 -17.98
N CYS E 107 -1.68 9.65 -18.15
CA CYS E 107 -1.33 8.38 -17.50
C CYS E 107 -1.16 8.60 -16.00
N ASP E 108 -1.15 7.54 -15.21
CA ASP E 108 -1.12 7.72 -13.75
C ASP E 108 0.29 7.54 -13.14
N SER E 109 1.31 7.87 -13.93
CA SER E 109 2.69 7.52 -13.58
C SER E 109 3.58 8.75 -13.60
N PRO E 110 3.74 9.41 -12.46
CA PRO E 110 4.53 10.65 -12.38
C PRO E 110 5.95 10.54 -12.94
N SER E 111 6.58 9.37 -12.84
CA SER E 111 7.95 9.21 -13.30
C SER E 111 8.06 9.17 -14.82
N LEU E 112 7.10 8.54 -15.49
CA LEU E 112 7.01 8.61 -16.95
C LEU E 112 6.79 10.06 -17.39
N GLN E 113 5.91 10.76 -16.69
CA GLN E 113 5.53 12.13 -17.04
C GLN E 113 6.73 13.07 -16.97
N GLU E 114 7.45 13.03 -15.85
CA GLU E 114 8.65 13.85 -15.66
C GLU E 114 9.68 13.54 -16.73
N LYS E 115 9.89 12.25 -16.99
CA LYS E 115 10.90 11.83 -17.94
C LYS E 115 10.56 12.28 -19.36
N PHE E 116 9.35 11.99 -19.82
CA PHE E 116 9.03 12.08 -21.25
C PHE E 116 8.44 13.44 -21.65
N LEU E 117 7.97 14.21 -20.70
CA LEU E 117 7.47 15.56 -21.01
C LEU E 117 8.55 16.63 -20.94
N LYS E 118 9.73 16.27 -20.44
CA LYS E 118 10.76 17.24 -20.07
C LYS E 118 11.19 18.17 -21.22
N PRO E 119 11.46 17.65 -22.41
CA PRO E 119 11.85 18.55 -23.52
C PRO E 119 10.73 19.52 -23.95
N PHE E 120 9.47 19.15 -23.70
CA PHE E 120 8.32 19.96 -24.10
C PHE E 120 8.02 21.13 -23.16
N ILE E 121 8.45 21.04 -21.91
CA ILE E 121 8.27 22.14 -20.97
C ILE E 121 9.53 23.01 -20.82
N SER E 122 10.60 22.69 -21.53
CA SER E 122 11.86 23.41 -21.41
C SER E 122 11.87 24.78 -22.08
N GLY E 123 11.02 24.98 -23.08
CA GLY E 123 11.00 26.22 -23.85
C GLY E 123 12.15 26.34 -24.84
N GLU E 124 12.85 25.23 -25.09
CA GLU E 124 14.06 25.21 -25.92
C GLU E 124 13.86 24.26 -27.10
N GLY E 125 14.53 24.54 -28.22
CA GLY E 125 14.55 23.63 -29.35
C GLY E 125 13.21 23.51 -30.07
N GLU E 126 13.02 22.40 -30.76
CA GLU E 126 11.82 22.17 -31.56
C GLU E 126 11.34 20.73 -31.36
N PRO E 127 11.00 20.35 -30.14
CA PRO E 127 10.63 18.95 -29.88
C PRO E 127 9.24 18.64 -30.44
N LEU E 128 9.13 17.47 -31.06
CA LEU E 128 7.91 17.00 -31.67
C LEU E 128 7.41 15.73 -30.98
N ALA E 129 6.10 15.63 -30.88
CA ALA E 129 5.44 14.43 -30.39
C ALA E 129 4.39 13.95 -31.39
N SER E 130 4.12 12.66 -31.37
CA SER E 130 3.18 12.03 -32.28
C SER E 130 2.48 10.90 -31.57
N LEU E 131 1.16 10.86 -31.69
CA LEU E 131 0.35 9.73 -31.24
C LEU E 131 0.15 8.87 -32.46
N MET E 132 0.88 7.76 -32.51
CA MET E 132 0.93 6.92 -33.71
C MET E 132 -0.09 5.82 -33.61
N HIS E 133 -1.26 6.07 -34.19
CA HIS E 133 -2.39 5.13 -34.15
C HIS E 133 -2.72 4.61 -35.54
N SER E 134 -2.98 5.55 -36.43
CA SER E 134 -3.45 5.24 -37.78
C SER E 134 -2.51 4.37 -38.59
N GLU E 135 -3.08 3.57 -39.49
CA GLU E 135 -2.38 2.55 -40.25
C GLU E 135 -2.79 2.55 -41.75
N PRO E 136 -1.96 2.00 -42.61
CA PRO E 136 -2.27 1.94 -44.04
C PRO E 136 -3.57 1.18 -44.33
N ASN E 137 -3.90 0.17 -43.54
CA ASN E 137 -5.14 -0.60 -43.74
C ASN E 137 -6.39 0.06 -43.14
N GLY E 138 -6.23 1.19 -42.46
CA GLY E 138 -7.36 1.89 -41.83
C GLY E 138 -7.47 1.55 -40.35
N THR E 139 -8.24 2.34 -39.61
CA THR E 139 -8.42 2.07 -38.19
C THR E 139 -9.85 2.18 -37.66
N ALA E 140 -10.82 2.48 -38.50
CA ALA E 140 -12.19 2.64 -38.01
C ALA E 140 -12.71 1.37 -37.31
N ASN E 141 -12.15 0.23 -37.70
CA ASN E 141 -12.55 -1.05 -37.19
C ASN E 141 -11.54 -1.67 -36.24
N TRP E 142 -10.67 -0.85 -35.66
CA TRP E 142 -9.57 -1.39 -34.83
C TRP E 142 -10.03 -2.14 -33.59
N LEU E 143 -11.21 -1.80 -33.09
CA LEU E 143 -11.75 -2.41 -31.89
C LEU E 143 -12.87 -3.41 -32.21
N GLN E 144 -13.08 -3.71 -33.48
CA GLN E 144 -14.12 -4.67 -33.87
C GLN E 144 -13.75 -6.09 -33.43
N LYS E 145 -14.54 -6.64 -32.52
CA LYS E 145 -14.37 -8.03 -32.13
C LYS E 145 -14.64 -8.92 -33.32
N GLY E 146 -13.75 -9.87 -33.55
CA GLY E 146 -13.83 -10.73 -34.71
C GLY E 146 -12.99 -10.23 -35.87
N GLY E 147 -12.59 -8.96 -35.84
CA GLY E 147 -11.84 -8.37 -36.94
C GLY E 147 -10.36 -8.64 -36.81
N PRO E 148 -9.58 -8.27 -37.81
CA PRO E 148 -8.14 -8.48 -37.77
C PRO E 148 -7.42 -7.53 -36.81
N GLY E 149 -8.05 -6.44 -36.40
CA GLY E 149 -7.42 -5.52 -35.45
C GLY E 149 -6.26 -4.74 -36.05
N LEU E 150 -5.55 -3.99 -35.20
CA LEU E 150 -4.42 -3.18 -35.66
C LEU E 150 -3.38 -4.09 -36.32
N GLN E 151 -2.82 -3.65 -37.43
CA GLN E 151 -1.74 -4.38 -38.09
C GLN E 151 -0.40 -4.16 -37.37
N THR E 152 -0.36 -3.23 -36.42
CA THR E 152 0.84 -3.01 -35.63
C THR E 152 0.68 -3.74 -34.31
N THR E 153 1.52 -4.77 -34.11
CA THR E 153 1.48 -5.56 -32.89
C THR E 153 2.77 -5.46 -32.09
N ALA E 154 2.68 -5.87 -30.82
CA ALA E 154 3.80 -5.90 -29.89
C ALA E 154 3.79 -7.20 -29.07
N ARG E 155 4.98 -7.75 -28.86
CA ARG E 155 5.14 -8.91 -27.97
C ARG E 155 6.25 -8.69 -26.96
N LYS E 156 6.07 -9.27 -25.78
CA LYS E 156 7.07 -9.22 -24.73
C LYS E 156 8.13 -10.30 -24.96
N VAL E 157 9.38 -9.84 -25.17
CA VAL E 157 10.57 -10.69 -25.24
C VAL E 157 11.53 -10.27 -24.13
N GLY E 158 11.49 -10.98 -23.01
CA GLY E 158 12.34 -10.66 -21.88
C GLY E 158 11.92 -9.39 -21.16
N ASN E 159 12.88 -8.51 -20.93
CA ASN E 159 12.60 -7.19 -20.33
C ASN E 159 12.31 -6.11 -21.37
N GLU E 160 11.92 -6.53 -22.58
CA GLU E 160 11.56 -5.58 -23.62
C GLU E 160 10.37 -6.02 -24.50
N TRP E 161 9.81 -5.04 -25.21
CA TRP E 161 8.76 -5.28 -26.16
C TRP E 161 9.29 -5.16 -27.56
N VAL E 162 8.75 -5.96 -28.47
CA VAL E 162 9.16 -5.96 -29.86
C VAL E 162 7.93 -5.61 -30.72
N ILE E 163 8.05 -4.52 -31.46
CA ILE E 163 6.99 -3.99 -32.32
C ILE E 163 7.19 -4.41 -33.77
N SER E 164 6.11 -4.92 -34.38
CA SER E 164 6.06 -5.22 -35.80
C SER E 164 4.79 -4.61 -36.41
N GLY E 165 4.94 -3.98 -37.58
CA GLY E 165 3.79 -3.47 -38.32
C GLY E 165 4.04 -2.12 -38.94
N GLU E 166 2.97 -1.42 -39.32
CA GLU E 166 3.09 -0.17 -40.07
C GLU E 166 2.12 0.88 -39.57
N LYS E 167 2.57 2.12 -39.51
CA LYS E 167 1.71 3.24 -39.24
C LYS E 167 1.66 4.10 -40.50
N LEU E 168 0.56 4.83 -40.68
CA LEU E 168 0.41 5.80 -41.76
C LEU E 168 -0.43 6.95 -41.24
N TRP E 169 -0.05 8.17 -41.58
CA TRP E 169 -0.74 9.42 -41.23
C TRP E 169 -0.33 10.17 -39.96
N PRO E 170 0.18 9.54 -38.90
CA PRO E 170 0.34 10.29 -37.65
C PRO E 170 1.30 11.46 -37.77
N SER E 171 0.79 12.65 -37.44
CA SER E 171 1.51 13.90 -37.61
C SER E 171 2.79 13.92 -36.80
N ASN E 172 3.88 14.35 -37.44
CA ASN E 172 5.18 14.53 -36.79
C ASN E 172 5.94 13.23 -36.47
N SER E 173 5.43 12.06 -36.87
CA SER E 173 5.91 10.79 -36.29
C SER E 173 7.38 10.47 -36.53
N GLY E 174 7.89 10.91 -37.68
CA GLY E 174 9.28 10.74 -38.06
C GLY E 174 10.17 11.90 -37.66
N GLY E 175 9.60 12.91 -36.99
CA GLY E 175 10.32 14.10 -36.61
C GLY E 175 10.59 14.99 -37.81
N TRP E 176 11.53 15.92 -37.65
CA TRP E 176 11.95 16.82 -38.72
C TRP E 176 12.78 16.13 -39.79
N ASP E 177 13.36 14.99 -39.45
CA ASP E 177 14.47 14.44 -40.23
C ASP E 177 14.36 12.95 -40.48
N TYR E 178 13.22 12.35 -40.14
CA TYR E 178 12.99 10.90 -40.24
C TYR E 178 13.88 10.03 -39.32
N LYS E 179 14.41 10.62 -38.27
CA LYS E 179 15.05 9.86 -37.19
C LYS E 179 14.14 9.76 -35.97
N GLY E 180 12.92 10.29 -36.12
CA GLY E 180 11.86 10.09 -35.15
C GLY E 180 11.40 11.34 -34.43
N ALA E 181 10.14 11.30 -33.98
CA ALA E 181 9.64 12.33 -33.11
C ALA E 181 10.40 12.20 -31.81
N ASP E 182 10.53 13.30 -31.08
CA ASP E 182 11.14 13.27 -29.75
C ASP E 182 10.35 12.36 -28.78
N LEU E 183 9.04 12.24 -29.02
CA LEU E 183 8.24 11.27 -28.31
C LEU E 183 7.10 10.80 -29.21
N ALA E 184 7.03 9.50 -29.41
CA ALA E 184 5.96 8.88 -30.14
C ALA E 184 5.29 7.89 -29.22
N CYS E 185 3.98 8.01 -29.06
CA CYS E 185 3.19 6.99 -28.41
C CYS E 185 2.67 6.05 -29.49
N VAL E 186 3.25 4.85 -29.57
CA VAL E 186 2.85 3.90 -30.58
C VAL E 186 1.79 2.93 -30.04
N VAL E 187 0.59 3.00 -30.62
CA VAL E 187 -0.51 2.13 -30.26
C VAL E 187 -0.43 0.81 -31.04
N CYS E 188 -0.35 -0.30 -30.30
CA CYS E 188 -0.14 -1.64 -30.85
C CYS E 188 -1.19 -2.60 -30.34
N ARG E 189 -1.42 -3.68 -31.08
CA ARG E 189 -2.23 -4.79 -30.62
C ARG E 189 -1.26 -5.85 -30.10
N VAL E 190 -1.43 -6.28 -28.85
CA VAL E 190 -0.59 -7.30 -28.27
C VAL E 190 -0.86 -8.62 -28.95
N SER E 191 0.21 -9.29 -29.39
CA SER E 191 0.08 -10.55 -30.07
C SER E 191 1.43 -11.26 -29.96
N ASP E 192 1.42 -12.37 -29.20
CA ASP E 192 2.64 -13.14 -28.97
C ASP E 192 3.21 -13.73 -30.25
N ASP E 193 2.34 -13.93 -31.24
CA ASP E 193 2.75 -14.35 -32.56
C ASP E 193 2.07 -13.44 -33.60
N PRO E 194 2.83 -12.55 -34.24
CA PRO E 194 2.25 -11.62 -35.23
C PRO E 194 1.73 -12.29 -36.50
N SER E 195 2.11 -13.53 -36.77
CA SER E 195 1.61 -14.25 -37.93
C SER E 195 0.16 -14.72 -37.76
N LYS E 196 -0.24 -14.98 -36.51
CA LYS E 196 -1.57 -15.51 -36.23
C LYS E 196 -2.64 -14.40 -36.14
N PRO E 197 -3.81 -14.65 -36.73
CA PRO E 197 -4.91 -13.67 -36.67
C PRO E 197 -5.37 -13.36 -35.25
N GLN E 198 -5.77 -12.12 -35.00
CA GLN E 198 -6.35 -11.74 -33.73
C GLN E 198 -7.44 -12.75 -33.38
N ASP E 199 -7.40 -13.22 -32.14
CA ASP E 199 -8.34 -14.22 -31.66
C ASP E 199 -9.76 -13.64 -31.66
N PRO E 200 -10.66 -14.22 -32.46
CA PRO E 200 -12.02 -13.68 -32.58
C PRO E 200 -12.87 -13.77 -31.30
N ASN E 201 -12.44 -14.54 -30.31
CA ASN E 201 -13.16 -14.64 -29.04
C ASN E 201 -12.69 -13.68 -27.94
N VAL E 202 -11.68 -12.86 -28.20
CA VAL E 202 -11.24 -11.88 -27.19
C VAL E 202 -11.50 -10.44 -27.64
N ASP E 203 -12.01 -9.67 -26.70
CA ASP E 203 -12.35 -8.27 -26.90
C ASP E 203 -11.09 -7.45 -27.27
N PRO E 204 -11.04 -6.94 -28.51
CA PRO E 204 -9.86 -6.22 -28.98
C PRO E 204 -9.35 -5.15 -28.03
N ALA E 205 -10.22 -4.44 -27.34
CA ALA E 205 -9.79 -3.41 -26.41
C ALA E 205 -8.92 -3.93 -25.27
N THR E 206 -9.06 -5.20 -24.91
CA THR E 206 -8.24 -5.80 -23.83
C THR E 206 -6.82 -6.10 -24.24
N GLN E 207 -6.50 -5.98 -25.53
CA GLN E 207 -5.18 -6.29 -26.06
C GLN E 207 -4.38 -5.09 -26.56
N ILE E 208 -4.86 -3.89 -26.26
CA ILE E 208 -4.16 -2.67 -26.69
C ILE E 208 -3.00 -2.31 -25.74
N ALA E 209 -1.86 -1.95 -26.33
CA ALA E 209 -0.73 -1.46 -25.55
C ALA E 209 -0.20 -0.19 -26.19
N VAL E 210 0.30 0.72 -25.37
CA VAL E 210 0.95 1.91 -25.90
C VAL E 210 2.40 1.90 -25.47
N LEU E 211 3.29 2.00 -26.43
CA LEU E 211 4.73 1.96 -26.21
C LEU E 211 5.36 3.30 -26.62
N LEU E 212 6.14 3.86 -25.70
CA LEU E 212 6.80 5.14 -25.89
C LEU E 212 8.10 4.89 -26.62
N VAL E 213 8.26 5.60 -27.73
CA VAL E 213 9.39 5.44 -28.63
C VAL E 213 9.97 6.82 -28.87
N THR E 214 11.23 6.99 -28.47
CA THR E 214 11.96 8.23 -28.67
C THR E 214 13.03 8.05 -29.73
N ARG E 215 13.74 9.13 -30.03
CA ARG E 215 14.83 9.10 -31.00
C ARG E 215 15.96 8.20 -30.54
N GLU E 216 16.14 8.12 -29.22
CA GLU E 216 17.08 7.20 -28.58
C GLU E 216 16.67 5.75 -28.80
N THR E 217 15.37 5.44 -28.60
CA THR E 217 14.86 4.11 -28.88
C THR E 217 15.18 3.68 -30.29
N ILE E 218 14.99 4.60 -31.22
CA ILE E 218 15.25 4.36 -32.63
C ILE E 218 16.75 4.18 -32.87
N ALA E 219 17.58 4.98 -32.20
CA ALA E 219 19.03 4.88 -32.39
C ALA E 219 19.58 3.59 -31.79
N ASN E 220 18.89 3.03 -30.79
CA ASN E 220 19.27 1.78 -30.11
C ASN E 220 18.86 0.54 -30.88
N ASN E 221 18.23 0.73 -32.03
CA ASN E 221 17.74 -0.36 -32.85
C ASN E 221 18.52 -0.42 -34.13
N LYS E 222 18.53 -1.59 -34.75
CA LYS E 222 19.10 -1.73 -36.08
C LYS E 222 18.41 -0.79 -37.04
N LYS E 223 19.17 -0.38 -38.05
CA LYS E 223 18.72 0.51 -39.11
C LYS E 223 17.43 0.02 -39.77
N ASP E 224 17.39 -1.24 -40.17
CA ASP E 224 16.23 -1.73 -40.95
C ASP E 224 14.97 -1.97 -40.10
N ALA E 225 15.07 -1.76 -38.79
CA ALA E 225 13.95 -1.96 -37.86
C ALA E 225 12.96 -0.78 -37.84
N TYR E 226 13.36 0.36 -38.40
CA TYR E 226 12.52 1.55 -38.43
C TYR E 226 12.75 2.24 -39.74
N GLN E 227 11.74 2.20 -40.61
CA GLN E 227 11.85 2.70 -41.97
C GLN E 227 10.68 3.62 -42.30
N ILE E 228 11.00 4.78 -42.86
CA ILE E 228 10.00 5.65 -43.41
C ILE E 228 9.95 5.31 -44.86
N LEU E 229 8.82 4.76 -45.29
CA LEU E 229 8.60 4.30 -46.63
C LEU E 229 8.01 5.35 -47.53
N GLY E 230 7.38 6.35 -46.96
CA GLY E 230 6.79 7.40 -47.78
C GLY E 230 6.16 8.51 -47.00
N GLU E 231 5.70 9.50 -47.75
CA GLU E 231 5.16 10.72 -47.21
C GLU E 231 4.02 11.17 -48.15
N PRO E 232 2.78 11.02 -47.72
CA PRO E 232 1.64 11.48 -48.53
C PRO E 232 1.68 12.96 -48.90
N GLU E 233 1.33 13.24 -50.15
CA GLU E 233 1.20 14.61 -50.65
C GLU E 233 -0.26 14.97 -50.47
N LEU E 234 -0.54 15.92 -49.58
CA LEU E 234 -1.93 16.22 -49.21
C LEU E 234 -2.52 17.36 -50.00
N ALA E 235 -3.85 17.36 -50.13
CA ALA E 235 -4.56 18.38 -50.89
C ALA E 235 -4.33 19.76 -50.27
N GLY E 236 -4.43 19.78 -48.95
CA GLY E 236 -4.15 20.98 -48.16
C GLY E 236 -3.43 20.53 -46.91
N HIS E 237 -3.16 21.49 -46.04
CA HIS E 237 -2.21 21.27 -44.96
C HIS E 237 -0.94 20.66 -45.57
N ILE E 238 -0.43 21.34 -46.61
CA ILE E 238 0.67 20.80 -47.41
C ILE E 238 2.01 20.81 -46.70
N THR E 239 2.08 21.40 -45.51
CA THR E 239 3.32 21.42 -44.75
C THR E 239 3.40 20.45 -43.59
N THR E 240 2.36 19.68 -43.33
CA THR E 240 2.45 18.72 -42.26
C THR E 240 3.14 17.45 -42.77
N SER E 241 3.74 16.70 -41.86
CA SER E 241 4.36 15.41 -42.15
C SER E 241 3.64 14.35 -41.35
N GLY E 242 3.33 13.23 -42.00
CA GLY E 242 2.61 12.15 -41.36
C GLY E 242 2.91 10.89 -42.15
N PRO E 243 4.13 10.36 -42.00
CA PRO E 243 4.65 9.37 -42.93
C PRO E 243 4.13 7.94 -42.76
N HIS E 244 4.47 7.13 -43.75
CA HIS E 244 4.31 5.69 -43.74
C HIS E 244 5.57 5.16 -43.08
N THR E 245 5.39 4.52 -41.93
CA THR E 245 6.45 3.99 -41.11
C THR E 245 6.25 2.51 -40.94
N ARG E 246 7.31 1.74 -41.21
CA ARG E 246 7.34 0.30 -40.91
C ARG E 246 8.27 0.02 -39.73
N PHE E 247 7.75 -0.69 -38.73
CA PHE E 247 8.56 -1.29 -37.68
C PHE E 247 8.82 -2.78 -38.00
N THR E 248 10.09 -3.20 -37.96
CA THR E 248 10.45 -4.60 -38.13
C THR E 248 11.37 -5.03 -36.99
N GLU E 249 10.82 -5.84 -36.09
CA GLU E 249 11.55 -6.32 -34.91
C GLU E 249 12.16 -5.16 -34.16
N PHE E 250 11.33 -4.16 -33.89
CA PHE E 250 11.75 -2.95 -33.21
C PHE E 250 11.64 -3.12 -31.69
N HIS E 251 12.78 -3.05 -31.00
CA HIS E 251 12.90 -3.33 -29.57
C HIS E 251 12.67 -2.05 -28.78
N VAL E 252 11.92 -2.17 -27.70
CA VAL E 252 11.54 -1.06 -26.85
C VAL E 252 11.67 -1.53 -25.41
N PRO E 253 12.36 -0.78 -24.56
CA PRO E 253 12.46 -1.15 -23.14
C PRO E 253 11.10 -1.29 -22.45
N HIS E 254 10.99 -2.20 -21.49
CA HIS E 254 9.73 -2.40 -20.76
C HIS E 254 9.36 -1.13 -19.98
N GLU E 255 10.37 -0.38 -19.56
CA GLU E 255 10.17 0.88 -18.82
C GLU E 255 9.40 1.93 -19.66
N ASN E 256 9.35 1.74 -20.98
CA ASN E 256 8.65 2.65 -21.89
C ASN E 256 7.19 2.27 -22.16
N LEU E 257 6.72 1.18 -21.57
CA LEU E 257 5.30 0.82 -21.63
C LEU E 257 4.54 1.85 -20.81
N LEU E 258 3.55 2.47 -21.46
CA LEU E 258 2.84 3.59 -20.87
C LEU E 258 1.99 3.16 -19.68
N CYS E 259 1.35 2.01 -19.80
CA CYS E 259 0.50 1.49 -18.72
C CYS E 259 0.19 0.02 -18.97
N THR E 260 -0.54 -0.60 -18.06
CA THR E 260 -0.94 -1.97 -18.23
C THR E 260 -1.68 -2.13 -19.57
N PRO E 261 -1.28 -3.07 -20.40
CA PRO E 261 -2.04 -3.36 -21.62
C PRO E 261 -3.51 -3.69 -21.31
N GLY E 262 -4.42 -3.34 -22.21
CA GLY E 262 -5.83 -3.64 -22.02
C GLY E 262 -6.67 -2.38 -22.01
N LEU E 263 -7.81 -2.44 -21.31
CA LEU E 263 -8.78 -1.35 -21.25
C LEU E 263 -8.19 -0.03 -20.75
N LYS E 264 -7.19 -0.11 -19.87
CA LYS E 264 -6.52 1.07 -19.36
C LYS E 264 -5.76 1.78 -20.49
N ALA E 265 -5.02 1.02 -21.29
CA ALA E 265 -4.34 1.58 -22.45
C ALA E 265 -5.31 2.12 -23.51
N GLN E 266 -6.30 1.31 -23.87
CA GLN E 266 -7.33 1.74 -24.81
C GLN E 266 -7.99 3.03 -24.30
N GLY E 267 -8.23 3.08 -22.99
CA GLY E 267 -8.84 4.24 -22.36
C GLY E 267 -8.03 5.51 -22.54
N LEU E 268 -6.71 5.39 -22.50
CA LEU E 268 -5.81 6.54 -22.68
C LEU E 268 -5.84 7.05 -24.12
N VAL E 269 -5.85 6.12 -25.07
CA VAL E 269 -5.96 6.46 -26.47
C VAL E 269 -7.32 7.16 -26.73
N GLU E 270 -8.40 6.60 -26.19
CA GLU E 270 -9.77 7.10 -26.38
C GLU E 270 -9.95 8.47 -25.79
N THR E 271 -9.35 8.70 -24.63
CA THR E 271 -9.43 9.98 -23.97
C THR E 271 -8.67 11.06 -24.75
N ALA E 272 -7.44 10.73 -25.17
CA ALA E 272 -6.63 11.64 -25.96
C ALA E 272 -7.34 12.05 -27.24
N PHE E 273 -7.88 11.07 -27.97
CA PHE E 273 -8.61 11.33 -29.20
C PHE E 273 -9.97 12.03 -28.99
N ALA E 274 -10.57 11.86 -27.82
CA ALA E 274 -11.79 12.59 -27.47
C ALA E 274 -11.47 14.07 -27.20
N MET E 275 -10.34 14.35 -26.56
CA MET E 275 -9.94 15.73 -26.36
C MET E 275 -9.65 16.41 -27.68
N SER E 276 -8.95 15.70 -28.56
CA SER E 276 -8.68 16.21 -29.89
C SER E 276 -9.96 16.35 -30.71
N ALA E 277 -10.93 15.46 -30.51
CA ALA E 277 -12.20 15.58 -31.22
C ALA E 277 -12.88 16.93 -30.92
N ALA E 278 -12.79 17.37 -29.67
CA ALA E 278 -13.38 18.62 -29.23
C ALA E 278 -12.59 19.81 -29.76
N LEU E 279 -11.26 19.74 -29.64
CA LEU E 279 -10.35 20.85 -30.00
C LEU E 279 -10.21 21.05 -31.50
N VAL E 280 -10.44 19.99 -32.26
CA VAL E 280 -10.41 20.06 -33.72
C VAL E 280 -11.47 21.07 -34.23
N GLY E 281 -12.59 21.19 -33.53
CA GLY E 281 -13.58 22.18 -33.91
C GLY E 281 -13.02 23.60 -33.92
N ALA E 282 -12.09 23.90 -33.02
CA ALA E 282 -11.47 25.23 -33.03
C ALA E 282 -10.68 25.47 -34.32
N MET E 283 -10.03 24.41 -34.81
CA MET E 283 -9.26 24.46 -36.07
C MET E 283 -10.17 24.70 -37.27
N ALA E 284 -11.27 23.98 -37.31
CA ALA E 284 -12.26 24.13 -38.36
C ALA E 284 -12.88 25.53 -38.34
N ILE E 285 -13.15 26.06 -37.15
CA ILE E 285 -13.73 27.40 -37.02
C ILE E 285 -12.73 28.42 -37.55
N GLY E 286 -11.45 28.26 -37.25
CA GLY E 286 -10.41 29.17 -37.72
C GLY E 286 -10.44 29.30 -39.23
N THR E 287 -10.37 28.17 -39.91
CA THR E 287 -10.40 28.12 -41.36
C THR E 287 -11.66 28.73 -41.96
N ALA E 288 -12.81 28.39 -41.37
CA ALA E 288 -14.08 28.77 -41.94
C ALA E 288 -14.32 30.24 -41.62
N ARG E 289 -13.79 30.67 -40.48
CA ARG E 289 -13.90 32.05 -40.12
C ARG E 289 -13.09 32.89 -41.09
N ALA E 290 -11.92 32.41 -41.48
CA ALA E 290 -11.13 33.14 -42.47
C ALA E 290 -11.91 33.32 -43.77
N ALA E 291 -12.59 32.26 -44.21
CA ALA E 291 -13.39 32.32 -45.43
C ALA E 291 -14.56 33.30 -45.29
N PHE E 292 -15.27 33.23 -44.17
CA PHE E 292 -16.41 34.10 -43.92
C PHE E 292 -15.97 35.58 -43.92
N GLU E 293 -14.89 35.88 -43.22
CA GLU E 293 -14.44 37.27 -43.10
C GLU E 293 -13.96 37.84 -44.43
N GLU E 294 -13.28 37.03 -45.24
CA GLU E 294 -12.82 37.51 -46.55
C GLU E 294 -14.03 37.76 -47.48
N ALA E 295 -15.04 36.87 -47.41
CA ALA E 295 -16.27 37.04 -48.16
C ALA E 295 -17.09 38.23 -47.67
N LEU E 296 -17.12 38.43 -46.35
CA LEU E 296 -17.83 39.55 -45.74
C LEU E 296 -17.21 40.87 -46.16
N VAL E 297 -15.89 41.00 -46.05
CA VAL E 297 -15.20 42.23 -46.42
C VAL E 297 -15.45 42.52 -47.91
N PHE E 298 -15.31 41.51 -48.74
CA PHE E 298 -15.60 41.64 -50.17
C PHE E 298 -17.05 42.12 -50.43
N ALA E 299 -17.99 41.48 -49.75
CA ALA E 299 -19.40 41.75 -49.94
C ALA E 299 -19.77 43.16 -49.51
N LYS E 300 -19.05 43.69 -48.53
CA LYS E 300 -19.32 45.02 -47.99
C LYS E 300 -18.60 46.15 -48.70
N SER E 301 -17.71 45.82 -49.63
CA SER E 301 -16.95 46.82 -50.35
C SER E 301 -17.01 46.71 -51.88
N ASP E 302 -17.65 45.67 -52.42
CA ASP E 302 -17.67 45.44 -53.86
C ASP E 302 -19.10 45.37 -54.39
N THR E 303 -19.36 46.11 -55.46
CA THR E 303 -20.67 46.13 -56.11
C THR E 303 -20.79 45.13 -57.24
N ARG E 304 -19.69 44.47 -57.59
CA ARG E 304 -19.64 43.63 -58.77
C ARG E 304 -20.33 44.28 -60.01
N GLY E 305 -20.03 45.57 -60.25
CA GLY E 305 -20.50 46.25 -61.44
C GLY E 305 -21.93 46.73 -61.38
N GLY E 306 -22.53 46.64 -60.19
CA GLY E 306 -23.89 47.06 -59.93
C GLY E 306 -23.93 48.40 -59.22
N SER E 307 -25.06 48.72 -58.62
CA SER E 307 -25.25 50.03 -58.01
C SER E 307 -25.05 49.97 -56.50
N LYS E 308 -25.00 48.77 -55.95
CA LYS E 308 -24.84 48.64 -54.52
C LYS E 308 -23.90 47.50 -54.17
N HIS E 309 -23.37 47.57 -52.96
CA HIS E 309 -22.52 46.53 -52.42
C HIS E 309 -23.33 45.24 -52.42
N ILE E 310 -22.67 44.14 -52.72
CA ILE E 310 -23.40 42.92 -52.99
C ILE E 310 -24.05 42.31 -51.74
N ILE E 311 -23.60 42.73 -50.55
CA ILE E 311 -24.20 42.28 -49.30
C ILE E 311 -25.68 42.66 -49.23
N GLU E 312 -26.07 43.60 -50.09
CA GLU E 312 -27.40 44.18 -50.20
C GLU E 312 -28.33 43.32 -51.08
N HIS E 313 -27.79 42.29 -51.72
CA HIS E 313 -28.59 41.30 -52.42
C HIS E 313 -28.91 40.17 -51.46
N GLN E 314 -30.18 39.83 -51.35
CA GLN E 314 -30.62 38.84 -50.36
C GLN E 314 -29.90 37.48 -50.48
N SER E 315 -29.75 36.97 -51.69
CA SER E 315 -29.08 35.67 -51.89
C SER E 315 -27.66 35.68 -51.40
N VAL E 316 -26.99 36.83 -51.51
CA VAL E 316 -25.62 36.96 -51.03
C VAL E 316 -25.61 36.95 -49.51
N ALA E 317 -26.50 37.75 -48.95
CA ALA E 317 -26.60 37.89 -47.51
C ALA E 317 -27.03 36.57 -46.88
N ASP E 318 -27.88 35.79 -47.55
CA ASP E 318 -28.30 34.46 -47.05
C ASP E 318 -27.12 33.53 -46.86
N LYS E 319 -26.20 33.55 -47.82
CA LYS E 319 -24.96 32.77 -47.74
C LYS E 319 -24.12 33.18 -46.52
N LEU E 320 -23.96 34.48 -46.33
CA LEU E 320 -23.15 35.02 -45.22
C LEU E 320 -23.79 34.78 -43.85
N ILE E 321 -25.11 34.83 -43.78
CA ILE E 321 -25.86 34.54 -42.55
C ILE E 321 -25.65 33.07 -42.20
N ASP E 322 -25.72 32.22 -43.21
CA ASP E 322 -25.53 30.78 -42.99
C ASP E 322 -24.11 30.49 -42.50
N CYS E 323 -23.11 31.13 -43.09
CA CYS E 323 -21.72 30.99 -42.63
C CYS E 323 -21.61 31.44 -41.19
N LYS E 324 -22.20 32.59 -40.87
CA LYS E 324 -22.07 33.20 -39.54
C LYS E 324 -22.75 32.34 -38.46
N ILE E 325 -23.91 31.81 -38.78
CA ILE E 325 -24.63 30.87 -37.91
C ILE E 325 -23.81 29.60 -37.65
N ARG E 326 -23.23 29.05 -38.71
CA ARG E 326 -22.42 27.84 -38.61
C ARG E 326 -21.20 28.04 -37.68
N LEU E 327 -20.58 29.19 -37.79
CA LEU E 327 -19.39 29.51 -37.00
C LEU E 327 -19.78 29.71 -35.55
N GLU E 328 -20.86 30.46 -35.32
CA GLU E 328 -21.30 30.76 -33.97
C GLU E 328 -21.75 29.52 -33.22
N THR E 329 -22.53 28.65 -33.86
CA THR E 329 -22.96 27.41 -33.23
C THR E 329 -21.77 26.50 -33.00
N SER E 330 -20.84 26.50 -33.96
CA SER E 330 -19.63 25.69 -33.86
C SER E 330 -18.81 26.10 -32.65
N ARG E 331 -18.55 27.40 -32.48
CA ARG E 331 -17.73 27.87 -31.37
C ARG E 331 -18.33 27.50 -30.03
N LEU E 332 -19.63 27.73 -29.89
CA LEU E 332 -20.36 27.44 -28.64
C LEU E 332 -20.22 25.96 -28.30
N LEU E 333 -20.36 25.13 -29.32
CA LEU E 333 -20.30 23.70 -29.15
C LEU E 333 -18.89 23.28 -28.72
N VAL E 334 -17.85 23.86 -29.30
CA VAL E 334 -16.46 23.57 -28.84
C VAL E 334 -16.26 23.98 -27.38
N TRP E 335 -16.75 25.14 -26.99
CA TRP E 335 -16.48 25.62 -25.62
C TRP E 335 -17.28 24.79 -24.62
N LYS E 336 -18.45 24.33 -25.05
CA LYS E 336 -19.28 23.45 -24.24
C LYS E 336 -18.59 22.12 -24.06
N ALA E 337 -18.08 21.57 -25.16
CA ALA E 337 -17.45 20.25 -25.12
C ALA E 337 -16.19 20.23 -24.28
N VAL E 338 -15.32 21.24 -24.43
CA VAL E 338 -14.08 21.27 -23.66
C VAL E 338 -14.34 21.57 -22.17
N THR E 339 -15.36 22.36 -21.87
CA THR E 339 -15.80 22.58 -20.49
C THR E 339 -16.38 21.29 -19.92
N THR E 340 -17.09 20.52 -20.74
CA THR E 340 -17.66 19.24 -20.32
C THR E 340 -16.53 18.27 -20.00
N LEU E 341 -15.55 18.21 -20.91
CA LEU E 341 -14.37 17.36 -20.73
C LEU E 341 -13.62 17.70 -19.43
N GLU E 342 -13.65 18.94 -18.97
CA GLU E 342 -12.98 19.36 -17.73
C GLU E 342 -13.83 19.19 -16.46
N ASP E 343 -15.07 18.74 -16.62
CA ASP E 343 -15.98 18.61 -15.49
C ASP E 343 -15.76 17.28 -14.83
N GLU E 344 -15.16 17.32 -13.65
CA GLU E 344 -14.80 16.09 -12.95
C GLU E 344 -16.04 15.31 -12.50
N ALA E 345 -17.18 15.98 -12.40
CA ALA E 345 -18.41 15.35 -11.88
C ALA E 345 -19.16 14.48 -12.89
N LEU E 346 -18.81 14.58 -14.18
CA LEU E 346 -19.56 13.87 -15.22
C LEU E 346 -18.87 12.57 -15.60
N GLU E 347 -19.67 11.55 -15.93
CA GLU E 347 -19.15 10.26 -16.39
C GLU E 347 -18.48 10.36 -17.76
N TRP E 348 -17.57 9.43 -18.03
CA TRP E 348 -16.79 9.45 -19.25
C TRP E 348 -17.69 9.43 -20.50
N LYS E 349 -18.73 8.59 -20.50
CA LYS E 349 -19.59 8.45 -21.66
C LYS E 349 -20.30 9.77 -22.03
N VAL E 350 -20.57 10.62 -21.05
CA VAL E 350 -21.19 11.91 -21.32
C VAL E 350 -20.22 12.88 -22.00
N LYS E 351 -18.95 12.85 -21.56
CA LYS E 351 -17.92 13.74 -22.11
C LYS E 351 -17.58 13.30 -23.52
N LEU E 352 -17.49 11.98 -23.69
CA LEU E 352 -17.19 11.37 -24.96
C LEU E 352 -18.28 11.68 -26.00
N GLU E 353 -19.54 11.49 -25.63
CA GLU E 353 -20.64 11.82 -26.55
C GLU E 353 -20.57 13.27 -27.00
N MET E 354 -20.35 14.17 -26.05
CA MET E 354 -20.28 15.60 -26.34
C MET E 354 -19.09 15.90 -27.27
N ALA E 355 -18.00 15.17 -27.06
CA ALA E 355 -16.80 15.33 -27.86
C ALA E 355 -17.06 14.86 -29.28
N MET E 356 -17.74 13.73 -29.47
CA MET E 356 -18.07 13.24 -30.81
C MET E 356 -19.00 14.20 -31.59
N GLN E 357 -20.03 14.70 -30.91
CA GLN E 357 -20.98 15.65 -31.49
C GLN E 357 -20.25 16.86 -32.03
N THR E 358 -19.32 17.35 -31.22
CA THR E 358 -18.56 18.52 -31.55
C THR E 358 -17.73 18.30 -32.81
N LYS E 359 -17.02 17.18 -32.86
CA LYS E 359 -16.19 16.92 -34.00
C LYS E 359 -17.03 16.80 -35.28
N ILE E 360 -18.12 16.05 -35.20
CA ILE E 360 -18.99 15.80 -36.37
C ILE E 360 -19.56 17.11 -36.89
N TYR E 361 -20.16 17.92 -36.01
CA TYR E 361 -20.88 19.11 -36.45
C TYR E 361 -19.91 20.16 -37.00
N THR E 362 -18.86 20.48 -36.23
CA THR E 362 -18.01 21.61 -36.62
C THR E 362 -17.29 21.35 -37.93
N THR E 363 -16.80 20.14 -38.11
CA THR E 363 -15.99 19.83 -39.27
C THR E 363 -16.86 19.70 -40.52
N ASP E 364 -18.06 19.16 -40.38
CA ASP E 364 -18.97 19.08 -41.51
C ASP E 364 -19.40 20.47 -41.96
N VAL E 365 -19.69 21.29 -40.97
CA VAL E 365 -20.26 22.61 -41.18
C VAL E 365 -19.15 23.61 -41.67
N ALA E 366 -17.89 23.40 -41.29
CA ALA E 366 -16.82 24.31 -41.72
C ALA E 366 -16.63 24.21 -43.22
N VAL E 367 -16.80 22.99 -43.75
CA VAL E 367 -16.77 22.78 -45.20
C VAL E 367 -17.87 23.60 -45.90
N GLU E 368 -19.09 23.55 -45.39
CA GLU E 368 -20.19 24.25 -46.03
C GLU E 368 -19.97 25.76 -46.00
N CYS E 369 -19.39 26.22 -44.90
CA CYS E 369 -19.10 27.62 -44.68
C CYS E 369 -18.14 28.11 -45.76
N VAL E 370 -17.08 27.37 -46.02
CA VAL E 370 -16.09 27.80 -46.98
C VAL E 370 -16.70 27.82 -48.38
N ILE E 371 -17.47 26.78 -48.72
CA ILE E 371 -18.11 26.71 -50.02
C ILE E 371 -19.14 27.84 -50.24
N ASP E 372 -19.94 28.12 -49.22
CA ASP E 372 -20.94 29.18 -49.31
C ASP E 372 -20.28 30.55 -49.48
N ALA E 373 -19.18 30.78 -48.76
CA ALA E 373 -18.43 32.03 -48.88
C ALA E 373 -17.89 32.22 -50.31
N MET E 374 -17.38 31.15 -50.92
CA MET E 374 -16.86 31.19 -52.27
C MET E 374 -17.97 31.55 -53.25
N LYS E 375 -19.14 30.95 -53.07
CA LYS E 375 -20.29 31.17 -53.93
C LYS E 375 -20.76 32.61 -53.85
N ALA E 376 -20.71 33.18 -52.64
CA ALA E 376 -21.05 34.59 -52.44
C ALA E 376 -20.08 35.54 -53.16
N VAL E 377 -18.79 35.28 -53.03
CA VAL E 377 -17.76 36.11 -53.67
C VAL E 377 -17.84 35.90 -55.19
N GLY E 378 -18.14 34.68 -55.60
CA GLY E 378 -18.26 34.34 -56.99
C GLY E 378 -16.95 33.92 -57.61
N MET E 379 -16.80 34.25 -58.89
CA MET E 379 -15.72 33.73 -59.70
C MET E 379 -14.36 34.08 -59.13
N LYS E 380 -14.24 35.27 -58.54
CA LYS E 380 -12.97 35.75 -57.98
C LYS E 380 -12.44 34.88 -56.85
N SER E 381 -13.34 34.12 -56.22
CA SER E 381 -12.95 33.19 -55.15
C SER E 381 -12.13 32.02 -55.66
N TYR E 382 -12.17 31.78 -56.95
CA TYR E 382 -11.52 30.61 -57.54
C TYR E 382 -10.03 30.81 -57.87
N ALA E 383 -9.56 32.06 -57.79
CA ALA E 383 -8.20 32.38 -58.17
C ALA E 383 -7.34 32.57 -56.94
N LYS E 384 -6.04 32.29 -57.07
CA LYS E 384 -5.15 32.26 -55.92
C LYS E 384 -4.68 33.64 -55.42
N ASP E 385 -5.14 34.72 -56.02
CA ASP E 385 -4.98 36.01 -55.35
C ASP E 385 -5.98 36.20 -54.18
N MET E 386 -6.90 35.26 -54.01
CA MET E 386 -7.71 35.23 -52.79
C MET E 386 -7.33 33.97 -52.03
N SER E 387 -7.76 33.89 -50.77
CA SER E 387 -7.40 32.79 -49.86
C SER E 387 -8.18 31.50 -50.08
N PHE E 388 -9.32 31.59 -50.77
CA PHE E 388 -10.29 30.49 -50.80
C PHE E 388 -9.76 29.18 -51.36
N PRO E 389 -8.98 29.20 -52.45
CA PRO E 389 -8.38 27.95 -52.94
C PRO E 389 -7.62 27.18 -51.86
N ARG E 390 -6.79 27.88 -51.10
CA ARG E 390 -6.13 27.29 -49.95
C ARG E 390 -7.14 26.78 -48.94
N LEU E 391 -8.13 27.60 -48.60
CA LEU E 391 -9.03 27.32 -47.49
C LEU E 391 -9.94 26.15 -47.81
N LEU E 392 -10.34 26.00 -49.08
CA LEU E 392 -11.13 24.87 -49.56
C LEU E 392 -10.40 23.56 -49.32
N ASN E 393 -9.13 23.52 -49.70
CA ASN E 393 -8.32 22.32 -49.58
C ASN E 393 -8.03 22.01 -48.12
N GLU E 394 -7.81 23.04 -47.30
CA GLU E 394 -7.58 22.85 -45.86
C GLU E 394 -8.81 22.35 -45.09
N VAL E 395 -9.97 22.88 -45.44
CA VAL E 395 -11.17 22.61 -44.65
C VAL E 395 -11.64 21.17 -44.88
N MET E 396 -11.38 20.62 -46.05
CA MET E 396 -11.79 19.25 -46.38
C MET E 396 -11.04 18.20 -45.59
N CYS E 397 -9.89 18.58 -45.03
CA CYS E 397 -9.21 17.74 -44.06
C CYS E 397 -10.10 17.44 -42.85
N TYR E 398 -10.85 18.41 -42.38
CA TYR E 398 -11.40 18.32 -41.02
C TYR E 398 -12.45 17.21 -40.79
N PRO E 399 -13.44 17.04 -41.68
CA PRO E 399 -14.35 15.88 -41.55
C PRO E 399 -13.65 14.50 -41.72
N LEU E 400 -12.48 14.46 -42.36
CA LEU E 400 -11.77 13.21 -42.63
C LEU E 400 -10.78 12.77 -41.56
N PHE E 401 -10.06 13.74 -41.00
CA PHE E 401 -8.96 13.48 -40.07
C PHE E 401 -9.44 13.39 -38.62
N ASP E 402 -8.50 13.16 -37.71
CA ASP E 402 -8.78 13.03 -36.29
C ASP E 402 -9.94 12.08 -35.99
N GLY E 403 -9.91 10.89 -36.62
CA GLY E 403 -11.06 10.03 -36.62
C GLY E 403 -12.14 10.61 -37.53
N GLY E 404 -12.28 10.03 -38.71
CA GLY E 404 -13.29 10.46 -39.65
C GLY E 404 -14.69 10.35 -39.09
N ASN E 405 -15.59 11.21 -39.57
CA ASN E 405 -16.92 11.31 -39.02
C ASN E 405 -17.75 10.08 -39.35
N ILE E 406 -17.60 9.56 -40.56
CA ILE E 406 -18.44 8.46 -41.05
C ILE E 406 -18.11 7.15 -40.37
N GLY E 407 -16.84 6.84 -40.30
CA GLY E 407 -16.38 5.55 -39.83
C GLY E 407 -16.05 5.50 -38.35
N LEU E 408 -15.59 6.62 -37.79
CA LEU E 408 -15.16 6.63 -36.40
C LEU E 408 -16.07 7.42 -35.46
N ARG E 409 -16.18 8.72 -35.62
CA ARG E 409 -16.84 9.56 -34.63
C ARG E 409 -18.34 9.26 -34.53
N ARG E 410 -19.02 9.11 -35.67
CA ARG E 410 -20.45 8.74 -35.67
C ARG E 410 -20.66 7.38 -35.01
N ARG E 411 -19.79 6.42 -35.29
CA ARG E 411 -19.91 5.10 -34.66
C ARG E 411 -19.63 5.11 -33.16
N GLN E 412 -18.66 5.91 -32.71
CA GLN E 412 -18.38 6.04 -31.28
C GLN E 412 -19.57 6.69 -30.57
N MET E 413 -20.20 7.67 -31.21
CA MET E 413 -21.41 8.28 -30.66
C MET E 413 -22.56 7.28 -30.65
N GLN E 414 -22.69 6.51 -31.72
CA GLN E 414 -23.74 5.50 -31.83
C GLN E 414 -23.64 4.48 -30.69
N ARG E 415 -22.42 4.05 -30.39
CA ARG E 415 -22.13 3.11 -29.29
C ARG E 415 -22.66 3.66 -27.97
N VAL E 416 -22.37 4.93 -27.67
CA VAL E 416 -22.78 5.53 -26.41
C VAL E 416 -24.30 5.70 -26.32
N MET E 417 -24.92 6.16 -27.40
CA MET E 417 -26.38 6.32 -27.43
C MET E 417 -27.13 4.99 -27.28
N ALA E 418 -26.52 3.91 -27.74
CA ALA E 418 -27.12 2.59 -27.65
C ALA E 418 -27.03 1.94 -26.27
N LEU E 419 -26.18 2.46 -25.39
CA LEU E 419 -26.08 1.92 -24.04
C LEU E 419 -27.39 2.07 -23.28
N GLU E 420 -27.67 1.10 -22.42
CA GLU E 420 -28.91 1.07 -21.65
C GLU E 420 -29.03 2.31 -20.76
N ASP E 421 -27.92 2.74 -20.18
CA ASP E 421 -27.93 3.90 -19.26
C ASP E 421 -27.55 5.27 -19.89
N TYR E 422 -27.72 5.41 -21.21
CA TYR E 422 -27.47 6.67 -21.91
C TYR E 422 -28.38 7.75 -21.39
N GLU E 423 -27.78 8.88 -20.99
CA GLU E 423 -28.52 10.05 -20.60
C GLU E 423 -28.20 11.19 -21.55
N PRO E 424 -29.07 11.46 -22.50
CA PRO E 424 -28.79 12.47 -23.53
C PRO E 424 -28.41 13.86 -22.98
N TRP E 425 -29.07 14.32 -21.93
CA TRP E 425 -28.88 15.69 -21.48
C TRP E 425 -28.03 15.84 -20.22
N ALA E 426 -27.28 14.81 -19.86
CA ALA E 426 -26.45 14.81 -18.63
C ALA E 426 -25.39 15.92 -18.58
N ALA E 427 -24.81 16.29 -19.72
CA ALA E 427 -23.84 17.40 -19.74
C ALA E 427 -24.48 18.78 -19.52
N THR E 428 -25.80 18.86 -19.64
CA THR E 428 -26.51 20.14 -19.48
C THR E 428 -27.29 20.22 -18.18
N TYR E 429 -28.16 19.23 -17.95
CA TYR E 429 -29.15 19.26 -16.88
C TYR E 429 -28.81 18.32 -15.74
N GLY E 430 -27.59 17.78 -15.78
CA GLY E 430 -27.08 16.89 -14.77
C GLY E 430 -27.59 15.47 -14.91
N SER E 431 -27.01 14.58 -14.12
CA SER E 431 -27.47 13.19 -14.02
C SER E 431 -28.85 13.12 -13.36
N VAL F 2 -42.01 9.06 -75.01
CA VAL F 2 -40.80 9.35 -74.19
C VAL F 2 -39.89 8.12 -74.19
N ASP F 3 -38.61 8.40 -74.32
CA ASP F 3 -37.62 7.42 -74.73
C ASP F 3 -36.28 7.92 -74.22
N PHE F 4 -35.48 7.02 -73.67
CA PHE F 4 -34.13 7.34 -73.19
C PHE F 4 -33.04 6.52 -73.91
N LYS F 5 -33.43 5.69 -74.88
CA LYS F 5 -32.50 4.80 -75.57
C LYS F 5 -31.59 5.58 -76.50
N LEU F 6 -30.30 5.24 -76.51
CA LEU F 6 -29.33 5.91 -77.36
C LEU F 6 -29.30 5.29 -78.76
N SER F 7 -29.19 6.14 -79.77
CA SER F 7 -29.06 5.72 -81.16
C SER F 7 -27.68 5.11 -81.42
N PRO F 8 -27.52 4.39 -82.54
CA PRO F 8 -26.19 3.92 -82.96
C PRO F 8 -25.16 5.06 -83.00
N SER F 9 -25.52 6.19 -83.58
CA SER F 9 -24.59 7.32 -83.71
C SER F 9 -24.22 7.94 -82.35
N GLN F 10 -25.16 7.98 -81.40
CA GLN F 10 -24.91 8.50 -80.04
C GLN F 10 -23.97 7.57 -79.27
N LEU F 11 -24.18 6.27 -79.44
CA LEU F 11 -23.30 5.25 -78.88
C LEU F 11 -21.89 5.34 -79.51
N GLU F 12 -21.80 5.70 -80.79
CA GLU F 12 -20.51 5.84 -81.45
C GLU F 12 -19.81 7.13 -80.97
N ALA F 13 -20.57 8.21 -80.76
CA ALA F 13 -19.98 9.45 -80.24
C ALA F 13 -19.40 9.20 -78.87
N ARG F 14 -20.10 8.40 -78.07
CA ARG F 14 -19.63 8.02 -76.75
C ARG F 14 -18.34 7.22 -76.87
N ARG F 15 -18.35 6.17 -77.68
CA ARG F 15 -17.17 5.31 -77.88
C ARG F 15 -15.98 6.13 -78.38
N HIS F 16 -16.20 6.98 -79.38
CA HIS F 16 -15.17 7.85 -79.94
C HIS F 16 -14.62 8.81 -78.87
N ALA F 17 -15.49 9.34 -78.03
CA ALA F 17 -15.08 10.28 -76.99
C ALA F 17 -14.27 9.56 -75.94
N GLN F 18 -14.71 8.37 -75.55
CA GLN F 18 -13.98 7.55 -74.58
C GLN F 18 -12.59 7.20 -75.11
N ALA F 19 -12.50 6.91 -76.39
CA ALA F 19 -11.25 6.46 -77.02
C ALA F 19 -10.26 7.63 -77.11
N PHE F 20 -10.75 8.81 -77.49
CA PHE F 20 -9.95 10.03 -77.43
C PHE F 20 -9.42 10.34 -76.02
N ALA F 21 -10.30 10.32 -75.02
CA ALA F 21 -9.87 10.54 -73.63
C ALA F 21 -8.77 9.55 -73.23
N ASN F 22 -8.94 8.29 -73.60
CA ASN F 22 -7.99 7.25 -73.21
C ASN F 22 -6.67 7.32 -73.98
N THR F 23 -6.71 7.46 -75.30
CA THR F 23 -5.47 7.48 -76.09
C THR F 23 -4.73 8.82 -76.00
N VAL F 24 -5.46 9.92 -75.85
CA VAL F 24 -4.85 11.26 -75.85
C VAL F 24 -4.81 11.96 -74.49
N LEU F 25 -5.98 12.18 -73.88
CA LEU F 25 -6.10 12.99 -72.67
C LEU F 25 -5.38 12.44 -71.44
N THR F 26 -5.33 11.12 -71.30
CA THR F 26 -4.58 10.51 -70.20
C THR F 26 -3.12 10.89 -70.18
N LYS F 27 -2.56 11.30 -71.32
CA LYS F 27 -1.13 11.68 -71.40
C LYS F 27 -0.85 13.16 -71.15
N ALA F 28 -1.90 13.98 -71.04
CA ALA F 28 -1.75 15.41 -70.83
C ALA F 28 -1.07 15.75 -69.52
N SER F 29 -1.40 15.03 -68.46
CA SER F 29 -0.89 15.32 -67.12
C SER F 29 0.63 15.27 -67.00
N ALA F 30 1.26 14.26 -67.59
CA ALA F 30 2.72 14.15 -67.54
C ALA F 30 3.41 15.41 -68.12
N GLU F 31 2.75 16.03 -69.11
CA GLU F 31 3.27 17.24 -69.77
C GLU F 31 2.99 18.54 -68.99
N TYR F 32 1.76 18.78 -68.57
CA TYR F 32 1.43 20.04 -67.91
C TYR F 32 1.81 20.09 -66.42
N SER F 33 1.91 18.93 -65.77
CA SER F 33 2.20 18.84 -64.33
C SER F 33 3.52 19.47 -63.94
N THR F 34 4.50 19.43 -64.84
CA THR F 34 5.82 19.96 -64.57
C THR F 34 5.79 21.49 -64.47
N GLN F 35 4.91 22.11 -65.24
CA GLN F 35 5.02 23.54 -65.54
C GLN F 35 4.58 24.46 -64.39
N LYS F 36 5.22 25.62 -64.33
CA LYS F 36 5.24 26.49 -63.15
C LYS F 36 4.09 27.49 -63.05
N ASP F 37 3.36 27.72 -64.14
CA ASP F 37 2.28 28.73 -64.13
C ASP F 37 1.14 28.37 -65.11
N GLN F 38 -0.01 29.03 -64.97
CA GLN F 38 -1.20 28.69 -65.76
C GLN F 38 -0.89 28.70 -67.24
N LEU F 39 -0.31 29.79 -67.73
CA LEU F 39 -0.06 29.92 -69.18
C LEU F 39 0.80 28.79 -69.67
N SER F 40 1.85 28.49 -68.93
CA SER F 40 2.76 27.41 -69.31
C SER F 40 2.04 26.08 -69.31
N ARG F 41 1.13 25.86 -68.36
CA ARG F 41 0.36 24.62 -68.33
C ARG F 41 -0.57 24.52 -69.55
N PHE F 42 -1.17 25.64 -69.92
CA PHE F 42 -2.08 25.73 -71.06
C PHE F 42 -1.33 25.45 -72.37
N GLN F 43 -0.19 26.08 -72.52
CA GLN F 43 0.65 25.87 -73.70
C GLN F 43 1.06 24.41 -73.83
N ALA F 44 1.35 23.76 -72.70
CA ALA F 44 1.65 22.34 -72.72
C ALA F 44 0.48 21.46 -73.21
N THR F 45 -0.76 21.96 -73.17
CA THR F 45 -1.90 21.20 -73.70
C THR F 45 -2.13 21.39 -75.19
N ARG F 46 -1.36 22.25 -75.84
CA ARG F 46 -1.48 22.46 -77.28
C ARG F 46 -1.43 21.17 -78.13
N PRO F 47 -0.46 20.31 -77.94
CA PRO F 47 -0.41 19.04 -78.69
C PRO F 47 -1.67 18.17 -78.54
N PHE F 48 -2.28 18.26 -77.37
CA PHE F 48 -3.50 17.51 -77.09
C PHE F 48 -4.70 18.15 -77.77
N TYR F 49 -4.75 19.47 -77.85
CA TYR F 49 -5.83 20.16 -78.57
C TYR F 49 -5.69 19.90 -80.08
N ARG F 50 -4.44 19.83 -80.54
CA ARG F 50 -4.13 19.48 -81.92
C ARG F 50 -4.72 18.12 -82.26
N GLU F 51 -4.57 17.17 -81.35
CA GLU F 51 -5.18 15.84 -81.52
C GLU F 51 -6.71 15.90 -81.48
N ALA F 52 -7.26 16.79 -80.66
CA ALA F 52 -8.70 17.00 -80.62
C ALA F 52 -9.21 17.47 -81.96
N VAL F 53 -8.47 18.39 -82.59
CA VAL F 53 -8.84 18.90 -83.91
C VAL F 53 -8.78 17.79 -84.95
N ARG F 54 -7.74 16.96 -84.88
CA ARG F 54 -7.49 15.83 -85.79
C ARG F 54 -8.53 14.71 -85.63
N HIS F 55 -9.07 14.58 -84.42
CA HIS F 55 -10.12 13.60 -84.13
C HIS F 55 -11.51 14.17 -84.47
N GLY F 56 -11.56 15.40 -84.95
CA GLY F 56 -12.80 15.99 -85.42
C GLY F 56 -13.65 16.67 -84.35
N LEU F 57 -13.09 16.96 -83.18
CA LEU F 57 -13.88 17.46 -82.04
C LEU F 57 -14.19 18.95 -82.09
N ILE F 58 -13.34 19.74 -82.74
CA ILE F 58 -13.66 21.15 -82.97
C ILE F 58 -14.69 21.28 -84.08
N LYS F 59 -14.52 20.51 -85.15
CA LYS F 59 -15.52 20.40 -86.24
C LYS F 59 -16.90 20.02 -85.69
N ALA F 60 -16.93 19.12 -84.69
CA ALA F 60 -18.19 18.67 -84.09
C ALA F 60 -18.90 19.74 -83.26
N GLN F 61 -18.22 20.86 -83.00
CA GLN F 61 -18.84 21.98 -82.29
C GLN F 61 -19.60 22.90 -83.24
N VAL F 62 -19.61 22.58 -84.54
CA VAL F 62 -20.23 23.45 -85.54
C VAL F 62 -21.32 22.66 -86.29
N PRO F 63 -22.53 23.21 -86.42
CA PRO F 63 -23.60 22.53 -87.15
C PRO F 63 -23.18 22.07 -88.55
N ILE F 64 -23.87 21.05 -89.06
CA ILE F 64 -23.60 20.51 -90.37
C ILE F 64 -23.87 21.51 -91.51
N PRO F 65 -24.98 22.26 -91.46
CA PRO F 65 -25.28 23.30 -92.47
C PRO F 65 -24.24 24.43 -92.63
N LEU F 66 -23.34 24.54 -91.64
CA LEU F 66 -22.27 25.53 -91.64
C LEU F 66 -20.89 24.86 -91.86
N GLY F 67 -20.88 23.60 -92.30
CA GLY F 67 -19.66 22.88 -92.65
C GLY F 67 -19.07 22.03 -91.54
N GLY F 68 -19.77 21.93 -90.41
CA GLY F 68 -19.29 21.17 -89.28
C GLY F 68 -19.80 19.76 -89.29
N THR F 69 -19.70 19.07 -88.16
CA THR F 69 -20.22 17.71 -88.00
C THR F 69 -21.06 17.49 -86.75
N MET F 70 -21.43 18.55 -86.02
CA MET F 70 -22.29 18.38 -84.85
C MET F 70 -23.56 17.63 -85.24
N GLU F 71 -23.87 16.58 -84.51
CA GLU F 71 -25.05 15.77 -84.80
C GLU F 71 -26.22 16.24 -83.96
N SER F 72 -26.03 16.37 -82.66
CA SER F 72 -27.07 16.88 -81.77
C SER F 72 -26.49 17.31 -80.43
N LEU F 73 -27.30 17.96 -79.62
CA LEU F 73 -26.86 18.44 -78.32
C LEU F 73 -26.81 17.30 -77.33
N VAL F 74 -27.55 16.22 -77.62
CA VAL F 74 -27.42 15.02 -76.80
C VAL F 74 -26.09 14.35 -77.05
N HIS F 75 -25.68 14.24 -78.32
CA HIS F 75 -24.35 13.70 -78.65
C HIS F 75 -23.28 14.51 -77.94
N GLU F 76 -23.39 15.85 -78.03
CA GLU F 76 -22.48 16.79 -77.36
C GLU F 76 -22.44 16.57 -75.85
N SER F 77 -23.59 16.36 -75.24
CA SER F 77 -23.68 16.05 -73.79
C SER F 77 -22.96 14.77 -73.40
N ILE F 78 -23.14 13.73 -74.21
CA ILE F 78 -22.46 12.46 -73.97
C ILE F 78 -20.95 12.65 -74.16
N ILE F 79 -20.54 13.40 -75.18
CA ILE F 79 -19.12 13.62 -75.44
C ILE F 79 -18.46 14.33 -74.24
N LEU F 80 -19.09 15.40 -73.77
CA LEU F 80 -18.55 16.20 -72.66
C LEU F 80 -18.48 15.39 -71.35
N GLU F 81 -19.50 14.60 -71.06
CA GLU F 81 -19.46 13.75 -69.85
C GLU F 81 -18.22 12.83 -69.89
N GLU F 82 -17.99 12.17 -71.01
CA GLU F 82 -16.90 11.18 -71.10
C GLU F 82 -15.51 11.84 -71.04
N LEU F 83 -15.39 13.02 -71.63
CA LEU F 83 -14.12 13.77 -71.65
C LEU F 83 -13.77 14.23 -70.26
N PHE F 84 -14.75 14.84 -69.59
CA PHE F 84 -14.53 15.47 -68.30
C PHE F 84 -14.44 14.45 -67.16
N ALA F 85 -14.91 13.22 -67.39
CA ALA F 85 -14.70 12.12 -66.45
C ALA F 85 -13.25 11.67 -66.38
N VAL F 86 -12.48 11.95 -67.43
CA VAL F 86 -11.08 11.53 -67.51
C VAL F 86 -10.13 12.70 -67.20
N GLU F 87 -10.29 13.80 -67.92
CA GLU F 87 -9.34 14.90 -67.87
C GLU F 87 -9.97 16.20 -68.43
N PRO F 88 -10.21 17.21 -67.60
CA PRO F 88 -10.67 18.52 -68.07
C PRO F 88 -9.68 19.27 -68.94
N ALA F 89 -8.39 18.97 -68.83
CA ALA F 89 -7.36 19.66 -69.61
C ALA F 89 -7.70 19.37 -71.06
N THR F 90 -7.66 20.40 -71.90
CA THR F 90 -7.99 20.35 -73.32
C THR F 90 -9.49 20.26 -73.62
N SER F 91 -10.21 19.39 -72.88
CA SER F 91 -11.66 19.35 -72.97
C SER F 91 -12.26 20.73 -72.71
N ILE F 92 -11.71 21.44 -71.73
CA ILE F 92 -12.19 22.78 -71.40
C ILE F 92 -11.92 23.74 -72.56
N THR F 93 -10.78 23.60 -73.21
CA THR F 93 -10.44 24.39 -74.39
C THR F 93 -11.41 24.21 -75.54
N ILE F 94 -11.82 22.96 -75.79
CA ILE F 94 -12.74 22.65 -76.88
C ILE F 94 -14.07 23.34 -76.64
N VAL F 95 -14.51 23.20 -75.41
CA VAL F 95 -15.76 23.73 -74.96
C VAL F 95 -15.76 25.29 -74.94
N ALA F 96 -14.66 25.89 -74.47
CA ALA F 96 -14.48 27.34 -74.54
C ALA F 96 -14.53 27.86 -75.98
N THR F 97 -13.91 27.11 -76.90
CA THR F 97 -13.99 27.41 -78.34
C THR F 97 -15.43 27.33 -78.83
N ALA F 98 -16.17 26.31 -78.42
CA ALA F 98 -17.55 26.18 -78.86
C ALA F 98 -18.39 27.37 -78.42
N LEU F 99 -18.12 27.87 -77.22
CA LEU F 99 -18.84 29.04 -76.72
C LEU F 99 -18.47 30.24 -77.59
N GLY F 100 -17.18 30.38 -77.88
CA GLY F 100 -16.67 31.44 -78.73
C GLY F 100 -17.24 31.46 -80.12
N LEU F 101 -17.52 30.29 -80.69
CA LEU F 101 -18.13 30.20 -82.01
C LEU F 101 -19.63 30.49 -82.01
N MET F 102 -20.29 30.33 -80.86
CA MET F 102 -21.74 30.30 -80.80
C MET F 102 -22.43 31.56 -81.31
N PRO F 103 -21.98 32.76 -80.91
CA PRO F 103 -22.59 33.98 -81.45
C PRO F 103 -22.56 33.99 -82.98
N VAL F 104 -21.48 33.50 -83.58
CA VAL F 104 -21.38 33.45 -85.03
C VAL F 104 -22.32 32.39 -85.62
N ILE F 105 -22.28 31.17 -85.09
CA ILE F 105 -23.21 30.11 -85.52
C ILE F 105 -24.67 30.55 -85.48
N LEU F 106 -25.00 31.36 -84.48
CA LEU F 106 -26.37 31.78 -84.21
C LEU F 106 -26.78 33.06 -84.93
N CYS F 107 -25.84 33.81 -85.48
CA CYS F 107 -26.18 35.12 -86.05
C CYS F 107 -26.90 34.92 -87.38
N ASP F 108 -27.53 35.98 -87.87
CA ASP F 108 -28.36 35.89 -89.08
C ASP F 108 -27.60 36.30 -90.36
N SER F 109 -26.30 35.97 -90.43
CA SER F 109 -25.42 36.48 -91.49
C SER F 109 -24.54 35.39 -92.13
N PRO F 110 -25.03 34.76 -93.20
CA PRO F 110 -24.27 33.71 -93.91
C PRO F 110 -22.84 34.07 -94.33
N SER F 111 -22.61 35.32 -94.70
CA SER F 111 -21.28 35.76 -95.12
C SER F 111 -20.31 35.82 -93.93
N LEU F 112 -20.78 36.33 -92.80
CA LEU F 112 -20.00 36.31 -91.54
C LEU F 112 -19.66 34.88 -91.14
N GLN F 113 -20.60 33.97 -91.26
CA GLN F 113 -20.40 32.59 -90.82
C GLN F 113 -19.38 31.89 -91.70
N GLU F 114 -19.46 32.09 -93.02
CA GLU F 114 -18.53 31.50 -93.98
C GLU F 114 -17.08 31.91 -93.68
N LYS F 115 -16.88 33.22 -93.52
CA LYS F 115 -15.56 33.79 -93.27
C LYS F 115 -14.93 33.39 -91.93
N PHE F 116 -15.68 33.55 -90.83
CA PHE F 116 -15.11 33.42 -89.48
C PHE F 116 -15.08 31.98 -88.90
N LEU F 117 -15.96 31.11 -89.38
CA LEU F 117 -15.96 29.70 -88.97
C LEU F 117 -14.97 28.82 -89.75
N LYS F 118 -14.41 29.33 -90.85
CA LYS F 118 -13.58 28.52 -91.77
C LYS F 118 -12.44 27.73 -91.12
N PRO F 119 -11.61 28.36 -90.30
CA PRO F 119 -10.52 27.62 -89.62
C PRO F 119 -10.99 26.48 -88.68
N PHE F 120 -12.17 26.64 -88.07
CA PHE F 120 -12.71 25.64 -87.13
C PHE F 120 -13.35 24.42 -87.81
N ILE F 121 -13.78 24.57 -89.06
CA ILE F 121 -14.27 23.41 -89.83
C ILE F 121 -13.22 22.75 -90.73
N SER F 122 -11.99 23.23 -90.68
CA SER F 122 -10.97 22.77 -91.63
C SER F 122 -10.34 21.44 -91.20
N GLY F 123 -10.29 21.16 -89.91
CA GLY F 123 -9.62 19.97 -89.39
C GLY F 123 -8.10 20.13 -89.29
N GLU F 124 -7.63 21.37 -89.36
CA GLU F 124 -6.19 21.65 -89.40
C GLU F 124 -5.85 22.62 -88.29
N GLY F 125 -4.61 22.56 -87.80
CA GLY F 125 -4.12 23.53 -86.85
C GLY F 125 -4.76 23.40 -85.46
N GLU F 126 -4.64 24.45 -84.67
CA GLU F 126 -5.15 24.47 -83.31
C GLU F 126 -5.91 25.79 -83.11
N PRO F 127 -6.93 26.03 -83.92
CA PRO F 127 -7.68 27.28 -83.80
C PRO F 127 -8.48 27.39 -82.49
N LEU F 128 -8.43 28.56 -81.88
CA LEU F 128 -9.10 28.85 -80.61
C LEU F 128 -10.14 29.92 -80.83
N ALA F 129 -11.30 29.76 -80.19
CA ALA F 129 -12.29 30.84 -80.12
C ALA F 129 -12.61 31.19 -78.67
N SER F 130 -13.19 32.37 -78.48
CA SER F 130 -13.47 32.89 -77.13
C SER F 130 -14.60 33.90 -77.15
N LEU F 131 -15.55 33.74 -76.25
CA LEU F 131 -16.63 34.69 -76.11
C LEU F 131 -16.19 35.56 -74.93
N MET F 132 -15.73 36.76 -75.23
CA MET F 132 -15.17 37.65 -74.22
C MET F 132 -16.29 38.50 -73.63
N HIS F 133 -16.88 38.03 -72.54
CA HIS F 133 -17.95 38.76 -71.87
C HIS F 133 -17.44 39.33 -70.55
N SER F 134 -16.86 38.46 -69.74
CA SER F 134 -16.54 38.76 -68.35
C SER F 134 -15.47 39.83 -68.18
N GLU F 135 -15.54 40.52 -67.04
CA GLU F 135 -14.74 41.71 -66.78
C GLU F 135 -14.24 41.74 -65.34
N PRO F 136 -13.15 42.48 -65.07
CA PRO F 136 -12.61 42.60 -63.73
C PRO F 136 -13.62 43.08 -62.70
N ASN F 137 -14.54 43.99 -63.05
CA ASN F 137 -15.49 44.53 -62.09
C ASN F 137 -16.72 43.66 -61.89
N GLY F 138 -16.85 42.57 -62.67
CA GLY F 138 -17.97 41.65 -62.58
C GLY F 138 -18.92 41.84 -63.74
N THR F 139 -19.85 40.90 -63.92
CA THR F 139 -20.86 41.05 -64.97
C THR F 139 -22.27 40.67 -64.56
N ALA F 140 -22.49 40.35 -63.29
CA ALA F 140 -23.77 39.83 -62.86
C ALA F 140 -24.80 40.92 -63.05
N ASN F 141 -24.33 42.16 -62.96
CA ASN F 141 -25.18 43.32 -63.11
C ASN F 141 -25.05 44.06 -64.46
N TRP F 142 -24.54 43.38 -65.49
CA TRP F 142 -24.34 44.04 -66.79
C TRP F 142 -25.62 44.61 -67.42
N LEU F 143 -26.75 43.96 -67.21
CA LEU F 143 -28.02 44.42 -67.77
C LEU F 143 -28.87 45.22 -66.79
N GLN F 144 -28.29 45.67 -65.68
CA GLN F 144 -29.06 46.37 -64.65
C GLN F 144 -29.30 47.83 -65.08
N LYS F 145 -30.57 48.19 -65.27
CA LYS F 145 -30.95 49.57 -65.59
C LYS F 145 -30.55 50.48 -64.43
N GLY F 146 -29.92 51.60 -64.75
CA GLY F 146 -29.44 52.54 -63.76
C GLY F 146 -28.03 52.23 -63.29
N GLY F 147 -27.48 51.10 -63.73
CA GLY F 147 -26.14 50.72 -63.32
C GLY F 147 -25.08 51.19 -64.31
N PRO F 148 -23.81 50.97 -63.96
CA PRO F 148 -22.67 51.30 -64.85
C PRO F 148 -22.63 50.53 -66.16
N GLY F 149 -23.12 49.30 -66.17
CA GLY F 149 -23.06 48.46 -67.36
C GLY F 149 -21.66 47.93 -67.57
N LEU F 150 -21.41 47.28 -68.71
CA LEU F 150 -20.10 46.72 -69.02
C LEU F 150 -19.12 47.87 -69.11
N GLN F 151 -17.88 47.63 -68.67
CA GLN F 151 -16.84 48.64 -68.72
C GLN F 151 -15.96 48.50 -69.95
N THR F 152 -16.29 47.55 -70.81
CA THR F 152 -15.72 47.50 -72.14
C THR F 152 -16.73 48.18 -73.05
N THR F 153 -16.36 49.29 -73.67
CA THR F 153 -17.26 50.02 -74.55
C THR F 153 -16.74 50.09 -75.97
N ALA F 154 -17.61 50.49 -76.89
CA ALA F 154 -17.25 50.66 -78.29
C ALA F 154 -17.96 51.86 -78.86
N ARG F 155 -17.28 52.56 -79.76
CA ARG F 155 -17.88 53.70 -80.43
C ARG F 155 -17.56 53.65 -81.91
N LYS F 156 -18.51 54.10 -82.72
CA LYS F 156 -18.28 54.18 -84.16
C LYS F 156 -17.45 55.44 -84.47
N VAL F 157 -16.33 55.25 -85.17
CA VAL F 157 -15.50 56.34 -85.69
C VAL F 157 -15.26 56.05 -87.17
N GLY F 158 -16.00 56.72 -88.04
CA GLY F 158 -15.94 56.44 -89.47
C GLY F 158 -16.54 55.09 -89.81
N ASN F 159 -15.77 54.25 -90.51
CA ASN F 159 -16.22 52.90 -90.85
C ASN F 159 -15.55 51.83 -89.97
N GLU F 160 -15.11 52.26 -88.78
CA GLU F 160 -14.52 51.38 -87.79
C GLU F 160 -15.20 51.55 -86.44
N TRP F 161 -15.03 50.57 -85.55
CA TRP F 161 -15.44 50.68 -84.16
C TRP F 161 -14.19 50.71 -83.30
N VAL F 162 -14.19 51.51 -82.24
CA VAL F 162 -13.05 51.57 -81.33
C VAL F 162 -13.43 51.06 -79.93
N ILE F 163 -12.77 49.98 -79.50
CA ILE F 163 -13.03 49.34 -78.22
C ILE F 163 -12.13 49.91 -77.12
N SER F 164 -12.72 50.25 -75.98
CA SER F 164 -11.99 50.66 -74.79
C SER F 164 -12.44 49.83 -73.58
N GLY F 165 -11.52 49.17 -72.91
CA GLY F 165 -11.83 48.59 -71.61
C GLY F 165 -11.09 47.30 -71.31
N GLU F 166 -11.59 46.55 -70.34
CA GLU F 166 -10.92 45.35 -69.86
C GLU F 166 -11.84 44.13 -69.78
N LYS F 167 -11.29 42.98 -70.15
CA LYS F 167 -11.92 41.68 -69.94
C LYS F 167 -11.05 40.83 -69.02
N LEU F 168 -11.71 39.90 -68.34
CA LEU F 168 -11.04 39.00 -67.40
C LEU F 168 -11.85 37.72 -67.40
N TRP F 169 -11.15 36.59 -67.44
CA TRP F 169 -11.71 35.25 -67.38
C TRP F 169 -12.04 34.58 -68.73
N PRO F 170 -12.28 35.28 -69.84
CA PRO F 170 -12.77 34.57 -71.02
C PRO F 170 -11.74 33.56 -71.49
N SER F 171 -12.16 32.32 -71.60
CA SER F 171 -11.23 31.23 -71.92
C SER F 171 -10.66 31.39 -73.33
N ASN F 172 -9.39 31.03 -73.49
CA ASN F 172 -8.71 31.05 -74.80
C ASN F 172 -8.50 32.43 -75.37
N SER F 173 -8.84 33.51 -74.64
CA SER F 173 -9.02 34.82 -75.30
C SER F 173 -7.73 35.39 -75.90
N GLY F 174 -6.60 35.11 -75.26
CA GLY F 174 -5.31 35.56 -75.77
C GLY F 174 -4.61 34.57 -76.69
N GLY F 175 -5.27 33.46 -77.01
CA GLY F 175 -4.66 32.42 -77.82
C GLY F 175 -3.56 31.67 -77.11
N TRP F 176 -2.79 30.90 -77.89
CA TRP F 176 -1.65 30.16 -77.35
C TRP F 176 -0.46 31.02 -76.92
N ASP F 177 -0.38 32.24 -77.43
CA ASP F 177 0.84 33.07 -77.33
C ASP F 177 0.55 34.53 -77.00
N TYR F 178 -0.66 34.81 -76.51
CA TYR F 178 -1.09 36.15 -76.17
C TYR F 178 -1.11 37.11 -77.39
N LYS F 179 -1.18 36.56 -78.61
CA LYS F 179 -1.41 37.37 -79.80
C LYS F 179 -2.84 37.22 -80.29
N GLY F 180 -3.64 36.52 -79.48
CA GLY F 180 -5.08 36.49 -79.67
C GLY F 180 -5.61 35.14 -80.08
N ALA F 181 -6.85 34.90 -79.69
CA ALA F 181 -7.59 33.76 -80.19
C ALA F 181 -7.76 33.98 -81.68
N ASP F 182 -7.94 32.89 -82.41
CA ASP F 182 -8.27 32.97 -83.84
C ASP F 182 -9.61 33.67 -84.08
N LEU F 183 -10.53 33.55 -83.13
CA LEU F 183 -11.79 34.27 -83.19
C LEU F 183 -12.24 34.62 -81.79
N ALA F 184 -12.42 35.92 -81.52
CA ALA F 184 -13.00 36.37 -80.27
C ALA F 184 -14.24 37.22 -80.58
N CYS F 185 -15.33 36.96 -79.85
CA CYS F 185 -16.52 37.78 -79.92
C CYS F 185 -16.47 38.66 -78.70
N VAL F 186 -16.21 39.95 -78.88
CA VAL F 186 -16.01 40.86 -77.76
C VAL F 186 -17.32 41.55 -77.48
N VAL F 187 -17.87 41.29 -76.29
CA VAL F 187 -19.11 41.92 -75.93
C VAL F 187 -18.80 43.28 -75.30
N CYS F 188 -19.38 44.30 -75.91
CA CYS F 188 -19.19 45.69 -75.55
C CYS F 188 -20.51 46.38 -75.26
N ARG F 189 -20.44 47.46 -74.49
CA ARG F 189 -21.55 48.39 -74.37
C ARG F 189 -21.22 49.62 -75.24
N VAL F 190 -22.14 49.98 -76.12
CA VAL F 190 -21.91 51.12 -77.02
C VAL F 190 -21.94 52.39 -76.18
N SER F 191 -20.85 53.15 -76.24
CA SER F 191 -20.78 54.49 -75.63
C SER F 191 -19.96 55.39 -76.54
N ASP F 192 -20.63 56.37 -77.14
CA ASP F 192 -19.97 57.37 -77.97
C ASP F 192 -18.91 58.15 -77.19
N ASP F 193 -19.15 58.33 -75.88
CA ASP F 193 -18.14 58.88 -74.97
C ASP F 193 -17.84 57.82 -73.88
N PRO F 194 -16.69 57.18 -73.97
CA PRO F 194 -16.33 56.07 -73.06
C PRO F 194 -16.30 56.42 -71.58
N SER F 195 -16.10 57.69 -71.23
CA SER F 195 -16.04 58.10 -69.84
C SER F 195 -17.36 58.68 -69.28
N LYS F 196 -18.42 58.71 -70.08
CA LYS F 196 -19.73 59.15 -69.56
C LYS F 196 -20.51 57.94 -69.01
N PRO F 197 -21.00 58.05 -67.77
CA PRO F 197 -21.75 56.93 -67.16
C PRO F 197 -22.94 56.53 -68.02
N GLN F 198 -23.33 55.26 -67.96
CA GLN F 198 -24.46 54.77 -68.74
C GLN F 198 -25.72 55.56 -68.35
N ASP F 199 -26.44 55.99 -69.36
CA ASP F 199 -27.72 56.63 -69.19
C ASP F 199 -28.66 55.72 -68.41
N PRO F 200 -29.12 56.14 -67.23
CA PRO F 200 -30.05 55.34 -66.42
C PRO F 200 -31.48 55.23 -66.97
N ASN F 201 -31.78 56.00 -68.01
CA ASN F 201 -33.07 55.96 -68.68
C ASN F 201 -33.12 54.88 -69.77
N VAL F 202 -31.95 54.44 -70.21
CA VAL F 202 -31.86 53.40 -71.23
C VAL F 202 -32.02 51.98 -70.63
N ASP F 203 -32.73 51.12 -71.35
CA ASP F 203 -32.71 49.68 -71.08
C ASP F 203 -31.32 49.20 -71.52
N PRO F 204 -30.48 48.71 -70.60
CA PRO F 204 -29.11 48.31 -70.94
C PRO F 204 -28.96 47.34 -72.12
N ALA F 205 -29.91 46.44 -72.34
CA ALA F 205 -29.84 45.49 -73.44
C ALA F 205 -29.86 46.18 -74.82
N THR F 206 -30.41 47.40 -74.90
CA THR F 206 -30.49 48.13 -76.18
C THR F 206 -29.17 48.71 -76.62
N GLN F 207 -28.13 48.60 -75.77
CA GLN F 207 -26.83 49.20 -76.07
C GLN F 207 -25.68 48.20 -76.28
N ILE F 208 -25.99 46.91 -76.35
CA ILE F 208 -24.95 45.91 -76.53
C ILE F 208 -24.52 45.77 -77.99
N ALA F 209 -23.22 45.62 -78.18
CA ALA F 209 -22.67 45.30 -79.47
C ALA F 209 -21.64 44.18 -79.33
N VAL F 210 -21.60 43.27 -80.28
CA VAL F 210 -20.61 42.22 -80.31
C VAL F 210 -19.67 42.43 -81.51
N LEU F 211 -18.37 42.59 -81.23
CA LEU F 211 -17.37 42.89 -82.25
C LEU F 211 -16.44 41.69 -82.36
N LEU F 212 -16.27 41.20 -83.57
CA LEU F 212 -15.39 40.06 -83.87
C LEU F 212 -13.95 40.54 -84.03
N VAL F 213 -13.05 39.93 -83.26
CA VAL F 213 -11.66 40.33 -83.18
C VAL F 213 -10.80 39.11 -83.42
N THR F 214 -10.04 39.13 -84.52
CA THR F 214 -9.15 38.04 -84.88
C THR F 214 -7.71 38.44 -84.60
N ARG F 215 -6.80 37.49 -84.79
CA ARG F 215 -5.36 37.75 -84.73
C ARG F 215 -4.91 38.84 -85.72
N GLU F 216 -5.54 38.89 -86.89
CA GLU F 216 -5.29 39.92 -87.91
C GLU F 216 -5.74 41.29 -87.41
N THR F 217 -6.90 41.34 -86.77
CA THR F 217 -7.36 42.59 -86.15
C THR F 217 -6.34 43.09 -85.16
N ILE F 218 -5.80 42.19 -84.35
CA ILE F 218 -4.84 42.55 -83.30
C ILE F 218 -3.52 43.10 -83.90
N ALA F 219 -3.02 42.44 -84.95
CA ALA F 219 -1.77 42.84 -85.60
C ALA F 219 -1.89 44.18 -86.35
N ASN F 220 -3.09 44.50 -86.83
CA ASN F 220 -3.38 45.76 -87.52
C ASN F 220 -3.61 46.92 -86.55
N ASN F 221 -3.51 46.65 -85.26
CA ASN F 221 -3.50 47.69 -84.24
C ASN F 221 -2.08 47.81 -83.67
N LYS F 222 -1.77 48.94 -83.05
CA LYS F 222 -0.52 49.07 -82.31
C LYS F 222 -0.46 48.04 -81.18
N LYS F 223 0.74 47.70 -80.73
CA LYS F 223 0.91 46.72 -79.65
C LYS F 223 0.21 47.15 -78.34
N ASP F 224 0.25 48.44 -78.01
CA ASP F 224 -0.29 48.92 -76.75
C ASP F 224 -1.85 49.01 -76.72
N ALA F 225 -2.49 48.75 -77.86
CA ALA F 225 -3.96 48.76 -77.96
C ALA F 225 -4.57 47.45 -77.44
N TYR F 226 -3.76 46.41 -77.36
CA TYR F 226 -4.18 45.10 -76.89
C TYR F 226 -3.10 44.56 -75.98
N GLN F 227 -3.37 44.56 -74.68
CA GLN F 227 -2.38 44.16 -73.68
C GLN F 227 -2.92 43.04 -72.80
N ILE F 228 -2.13 41.99 -72.59
CA ILE F 228 -2.45 40.99 -71.57
C ILE F 228 -1.74 41.40 -70.28
N LEU F 229 -2.51 41.74 -69.25
CA LEU F 229 -1.96 42.20 -67.97
C LEU F 229 -1.71 41.10 -66.94
N GLY F 230 -2.22 39.90 -67.19
CA GLY F 230 -2.26 38.89 -66.14
C GLY F 230 -3.04 37.65 -66.49
N GLU F 231 -2.77 36.59 -65.74
CA GLU F 231 -3.34 35.28 -65.98
C GLU F 231 -3.60 34.68 -64.61
N PRO F 232 -4.88 34.65 -64.21
CA PRO F 232 -5.26 34.11 -62.90
C PRO F 232 -4.76 32.68 -62.70
N GLU F 233 -4.27 32.41 -61.50
CA GLU F 233 -3.83 31.08 -61.09
C GLU F 233 -5.03 30.43 -60.39
N LEU F 234 -5.65 29.46 -61.06
CA LEU F 234 -6.92 28.87 -60.62
C LEU F 234 -6.74 27.71 -59.63
N ALA F 235 -7.75 27.53 -58.77
CA ALA F 235 -7.75 26.42 -57.83
C ALA F 235 -7.66 25.08 -58.57
N GLY F 236 -8.44 24.96 -59.63
CA GLY F 236 -8.47 23.76 -60.46
C GLY F 236 -8.60 24.20 -61.90
N HIS F 237 -8.72 23.26 -62.82
CA HIS F 237 -8.62 23.59 -64.26
C HIS F 237 -7.39 24.47 -64.48
N ILE F 238 -6.28 23.96 -63.97
CA ILE F 238 -5.02 24.71 -63.91
C ILE F 238 -4.35 24.87 -65.27
N THR F 239 -4.89 24.20 -66.30
CA THR F 239 -4.35 24.30 -67.64
C THR F 239 -5.14 25.19 -68.57
N THR F 240 -6.21 25.81 -68.10
CA THR F 240 -6.92 26.76 -68.95
C THR F 240 -6.25 28.15 -68.93
N SER F 241 -6.50 28.94 -69.97
CA SER F 241 -6.13 30.36 -69.99
C SER F 241 -7.42 31.20 -70.06
N GLY F 242 -7.54 32.19 -69.20
CA GLY F 242 -8.63 33.16 -69.22
C GLY F 242 -8.10 34.48 -68.69
N PRO F 243 -7.26 35.14 -69.51
CA PRO F 243 -6.43 36.24 -69.04
C PRO F 243 -7.16 37.55 -68.78
N HIS F 244 -6.42 38.46 -68.16
CA HIS F 244 -6.80 39.86 -68.00
C HIS F 244 -6.31 40.63 -69.24
N THR F 245 -7.26 41.13 -70.02
CA THR F 245 -6.97 41.88 -71.23
C THR F 245 -7.44 43.33 -71.13
N ARG F 246 -6.61 44.22 -71.67
CA ARG F 246 -6.95 45.63 -71.80
C ARG F 246 -7.00 46.03 -73.26
N PHE F 247 -8.13 46.58 -73.68
CA PHE F 247 -8.26 47.26 -74.97
C PHE F 247 -8.10 48.78 -74.77
N THR F 248 -7.13 49.37 -75.47
CA THR F 248 -6.95 50.83 -75.47
C THR F 248 -6.96 51.38 -76.89
N GLU F 249 -8.02 52.11 -77.24
CA GLU F 249 -8.22 52.62 -78.59
C GLU F 249 -8.00 51.51 -79.60
N PHE F 250 -8.76 50.43 -79.45
CA PHE F 250 -8.59 49.25 -80.29
C PHE F 250 -9.54 49.31 -81.48
N HIS F 251 -8.98 49.45 -82.68
CA HIS F 251 -9.74 49.63 -83.91
C HIS F 251 -10.20 48.29 -84.51
N VAL F 252 -11.47 48.25 -84.91
CA VAL F 252 -12.08 47.04 -85.46
C VAL F 252 -12.93 47.43 -86.67
N PRO F 253 -12.77 46.74 -87.81
CA PRO F 253 -13.56 47.10 -89.00
C PRO F 253 -15.07 46.96 -88.76
N HIS F 254 -15.89 47.78 -89.41
CA HIS F 254 -17.33 47.75 -89.21
C HIS F 254 -17.96 46.46 -89.75
N GLU F 255 -17.29 45.82 -90.69
CA GLU F 255 -17.71 44.54 -91.22
C GLU F 255 -17.55 43.39 -90.20
N ASN F 256 -16.90 43.67 -89.08
CA ASN F 256 -16.72 42.66 -88.04
C ASN F 256 -17.77 42.78 -86.95
N LEU F 257 -18.64 43.78 -87.08
CA LEU F 257 -19.80 43.90 -86.22
C LEU F 257 -20.71 42.70 -86.49
N LEU F 258 -21.05 41.97 -85.43
CA LEU F 258 -21.72 40.68 -85.57
C LEU F 258 -23.19 40.82 -85.96
N CYS F 259 -23.83 41.87 -85.48
CA CYS F 259 -25.21 42.16 -85.85
C CYS F 259 -25.62 43.56 -85.41
N THR F 260 -26.85 43.94 -85.74
CA THR F 260 -27.42 45.20 -85.28
C THR F 260 -27.20 45.30 -83.78
N PRO F 261 -26.55 46.38 -83.32
CA PRO F 261 -26.39 46.61 -81.89
C PRO F 261 -27.75 46.75 -81.20
N GLY F 262 -27.80 46.32 -79.96
CA GLY F 262 -28.99 46.43 -79.16
C GLY F 262 -29.56 45.07 -78.88
N LEU F 263 -30.89 45.01 -78.83
CA LEU F 263 -31.61 43.81 -78.40
C LEU F 263 -31.17 42.53 -79.12
N LYS F 264 -30.84 42.64 -80.40
CA LYS F 264 -30.43 41.48 -81.20
C LYS F 264 -29.06 40.97 -80.76
N ALA F 265 -28.14 41.88 -80.50
CA ALA F 265 -26.82 41.53 -79.99
C ALA F 265 -26.90 40.91 -78.60
N GLN F 266 -27.65 41.52 -77.69
CA GLN F 266 -27.82 40.94 -76.37
C GLN F 266 -28.42 39.54 -76.49
N GLY F 267 -29.35 39.37 -77.43
CA GLY F 267 -29.99 38.10 -77.70
C GLY F 267 -29.04 36.97 -78.10
N LEU F 268 -28.07 37.28 -78.95
CA LEU F 268 -27.02 36.31 -79.32
C LEU F 268 -26.18 35.90 -78.12
N VAL F 269 -25.82 36.88 -77.30
CA VAL F 269 -25.06 36.61 -76.09
C VAL F 269 -25.91 35.71 -75.12
N GLU F 270 -27.16 36.09 -74.88
CA GLU F 270 -28.04 35.33 -73.98
C GLU F 270 -28.26 33.91 -74.46
N THR F 271 -28.43 33.75 -75.77
CA THR F 271 -28.65 32.45 -76.38
C THR F 271 -27.43 31.57 -76.23
N ALA F 272 -26.26 32.12 -76.51
CA ALA F 272 -25.01 31.38 -76.42
C ALA F 272 -24.77 30.91 -74.99
N PHE F 273 -24.99 31.80 -74.03
CA PHE F 273 -24.78 31.48 -72.63
C PHE F 273 -25.90 30.60 -72.03
N ALA F 274 -27.06 30.54 -72.67
CA ALA F 274 -28.11 29.59 -72.28
C ALA F 274 -27.76 28.19 -72.76
N MET F 275 -27.15 28.13 -73.95
CA MET F 275 -26.67 26.87 -74.50
C MET F 275 -25.60 26.30 -73.59
N SER F 276 -24.65 27.15 -73.20
CA SER F 276 -23.58 26.73 -72.31
C SER F 276 -24.14 26.31 -70.93
N ALA F 277 -25.20 26.98 -70.48
CA ALA F 277 -25.78 26.71 -69.16
C ALA F 277 -26.29 25.28 -69.09
N ALA F 278 -26.93 24.81 -70.15
CA ALA F 278 -27.40 23.42 -70.25
C ALA F 278 -26.25 22.41 -70.33
N LEU F 279 -25.21 22.71 -71.10
CA LEU F 279 -24.18 21.71 -71.39
C LEU F 279 -23.08 21.62 -70.33
N VAL F 280 -22.94 22.65 -69.53
CA VAL F 280 -21.97 22.65 -68.43
C VAL F 280 -22.33 21.56 -67.42
N GLY F 281 -23.60 21.24 -67.30
CA GLY F 281 -24.03 20.10 -66.49
C GLY F 281 -23.32 18.81 -66.82
N ALA F 282 -23.10 18.55 -68.10
CA ALA F 282 -22.37 17.37 -68.54
C ALA F 282 -20.92 17.38 -68.10
N MET F 283 -20.32 18.57 -68.00
CA MET F 283 -18.96 18.71 -67.48
C MET F 283 -18.91 18.40 -65.96
N ALA F 284 -19.85 19.00 -65.23
CA ALA F 284 -20.06 18.71 -63.81
C ALA F 284 -20.31 17.24 -63.55
N ILE F 285 -21.15 16.60 -64.35
CA ILE F 285 -21.44 15.15 -64.21
C ILE F 285 -20.18 14.31 -64.43
N GLY F 286 -19.39 14.64 -65.45
CA GLY F 286 -18.15 13.91 -65.68
C GLY F 286 -17.19 13.92 -64.51
N THR F 287 -16.93 15.11 -63.98
CA THR F 287 -16.12 15.27 -62.77
C THR F 287 -16.68 14.54 -61.52
N ALA F 288 -17.94 14.79 -61.20
CA ALA F 288 -18.60 14.10 -60.09
C ALA F 288 -18.66 12.60 -60.31
N ARG F 289 -18.78 12.16 -61.56
CA ARG F 289 -18.89 10.73 -61.87
C ARG F 289 -17.56 10.01 -61.65
N ALA F 290 -16.47 10.73 -61.92
CA ALA F 290 -15.14 10.21 -61.65
C ALA F 290 -14.95 10.01 -60.15
N ALA F 291 -15.47 10.93 -59.37
CA ALA F 291 -15.34 10.83 -57.92
C ALA F 291 -16.17 9.67 -57.39
N PHE F 292 -17.40 9.57 -57.86
CA PHE F 292 -18.29 8.48 -57.46
C PHE F 292 -17.72 7.13 -57.81
N GLU F 293 -17.19 6.97 -59.02
CA GLU F 293 -16.71 5.67 -59.47
C GLU F 293 -15.44 5.26 -58.75
N GLU F 294 -14.58 6.23 -58.44
CA GLU F 294 -13.41 5.94 -57.62
C GLU F 294 -13.80 5.53 -56.20
N ALA F 295 -14.80 6.18 -55.63
CA ALA F 295 -15.29 5.87 -54.28
C ALA F 295 -15.99 4.51 -54.22
N LEU F 296 -16.79 4.25 -55.25
CA LEU F 296 -17.50 2.99 -55.39
C LEU F 296 -16.51 1.82 -55.47
N VAL F 297 -15.48 1.94 -56.32
CA VAL F 297 -14.47 0.90 -56.49
C VAL F 297 -13.72 0.69 -55.19
N PHE F 298 -13.31 1.77 -54.56
CA PHE F 298 -12.71 1.70 -53.25
C PHE F 298 -13.59 0.96 -52.26
N ALA F 299 -14.86 1.34 -52.22
CA ALA F 299 -15.77 0.78 -51.24
C ALA F 299 -16.03 -0.71 -51.47
N LYS F 300 -15.94 -1.16 -52.72
CA LYS F 300 -16.12 -2.58 -53.02
C LYS F 300 -14.84 -3.36 -52.81
N SER F 301 -13.72 -2.67 -52.76
CA SER F 301 -12.40 -3.30 -52.79
C SER F 301 -11.69 -3.33 -51.46
N ASP F 302 -12.17 -2.54 -50.50
CA ASP F 302 -11.43 -2.30 -49.28
C ASP F 302 -12.29 -2.53 -48.05
N THR F 303 -11.70 -3.15 -47.02
CA THR F 303 -12.36 -3.43 -45.75
C THR F 303 -11.99 -2.47 -44.66
N ARG F 304 -11.03 -1.60 -44.91
CA ARG F 304 -10.48 -0.70 -43.91
C ARG F 304 -10.28 -1.39 -42.57
N GLY F 305 -9.66 -2.56 -42.62
CA GLY F 305 -9.23 -3.24 -41.40
C GLY F 305 -10.31 -3.92 -40.61
N GLY F 306 -11.45 -4.15 -41.26
CA GLY F 306 -12.61 -4.77 -40.64
C GLY F 306 -12.87 -6.13 -41.22
N SER F 307 -14.10 -6.61 -41.04
CA SER F 307 -14.51 -7.96 -41.43
C SER F 307 -15.24 -7.98 -42.75
N LYS F 308 -15.56 -6.81 -43.29
CA LYS F 308 -16.27 -6.76 -44.55
C LYS F 308 -15.86 -5.53 -45.33
N HIS F 309 -16.15 -5.56 -46.62
CA HIS F 309 -15.93 -4.42 -47.46
C HIS F 309 -16.84 -3.29 -47.06
N ILE F 310 -16.32 -2.10 -47.25
CA ILE F 310 -16.87 -0.89 -46.69
C ILE F 310 -18.26 -0.51 -47.23
N ILE F 311 -18.55 -0.93 -48.46
CA ILE F 311 -19.88 -0.74 -49.04
C ILE F 311 -21.00 -1.45 -48.25
N GLU F 312 -20.64 -2.40 -47.38
CA GLU F 312 -21.60 -3.15 -46.56
C GLU F 312 -22.04 -2.34 -45.34
N HIS F 313 -21.29 -1.31 -44.98
CA HIS F 313 -21.73 -0.42 -43.92
C HIS F 313 -22.78 0.60 -44.43
N GLN F 314 -23.90 0.73 -43.72
CA GLN F 314 -25.00 1.62 -44.15
C GLN F 314 -24.64 3.11 -44.34
N SER F 315 -23.82 3.69 -43.46
CA SER F 315 -23.45 5.12 -43.64
C SER F 315 -22.59 5.34 -44.88
N VAL F 316 -21.75 4.37 -45.21
CA VAL F 316 -20.97 4.47 -46.45
C VAL F 316 -21.88 4.32 -47.67
N ALA F 317 -22.75 3.33 -47.64
CA ALA F 317 -23.69 3.12 -48.74
C ALA F 317 -24.61 4.33 -48.96
N ASP F 318 -24.99 4.98 -47.88
CA ASP F 318 -25.85 6.18 -47.92
C ASP F 318 -25.19 7.32 -48.70
N LYS F 319 -23.89 7.53 -48.49
CA LYS F 319 -23.14 8.51 -49.30
C LYS F 319 -23.15 8.16 -50.79
N LEU F 320 -22.86 6.90 -51.08
CA LEU F 320 -22.73 6.43 -52.44
C LEU F 320 -24.08 6.48 -53.14
N ILE F 321 -25.13 6.16 -52.40
CA ILE F 321 -26.48 6.28 -52.91
C ILE F 321 -26.80 7.74 -53.24
N ASP F 322 -26.45 8.65 -52.33
CA ASP F 322 -26.67 10.08 -52.59
C ASP F 322 -25.90 10.59 -53.82
N CYS F 323 -24.69 10.07 -54.03
CA CYS F 323 -23.90 10.47 -55.17
C CYS F 323 -24.56 9.97 -56.44
N LYS F 324 -24.97 8.70 -56.42
CA LYS F 324 -25.61 8.08 -57.60
C LYS F 324 -26.88 8.83 -58.00
N ILE F 325 -27.70 9.18 -57.03
CA ILE F 325 -28.96 9.88 -57.30
C ILE F 325 -28.68 11.27 -57.89
N ARG F 326 -27.70 11.98 -57.34
CA ARG F 326 -27.30 13.27 -57.84
C ARG F 326 -26.86 13.22 -59.31
N LEU F 327 -26.03 12.24 -59.64
CA LEU F 327 -25.58 12.05 -61.01
C LEU F 327 -26.73 11.67 -61.93
N GLU F 328 -27.61 10.78 -61.50
CA GLU F 328 -28.66 10.27 -62.36
C GLU F 328 -29.65 11.40 -62.71
N THR F 329 -30.13 12.10 -61.69
CA THR F 329 -31.00 13.25 -61.90
C THR F 329 -30.27 14.35 -62.71
N SER F 330 -28.98 14.57 -62.47
CA SER F 330 -28.24 15.62 -63.19
C SER F 330 -28.28 15.34 -64.68
N ARG F 331 -27.95 14.11 -65.07
CA ARG F 331 -27.89 13.74 -66.49
C ARG F 331 -29.24 13.84 -67.18
N LEU F 332 -30.27 13.33 -66.50
CA LEU F 332 -31.63 13.46 -66.97
C LEU F 332 -31.97 14.92 -67.21
N LEU F 333 -31.61 15.77 -66.26
CA LEU F 333 -31.90 17.19 -66.38
C LEU F 333 -31.16 17.77 -67.59
N VAL F 334 -29.89 17.40 -67.79
CA VAL F 334 -29.12 17.92 -68.92
C VAL F 334 -29.74 17.54 -70.26
N TRP F 335 -30.08 16.25 -70.39
CA TRP F 335 -30.68 15.71 -71.60
C TRP F 335 -32.06 16.34 -71.88
N LYS F 336 -32.83 16.56 -70.84
CA LYS F 336 -34.08 17.32 -70.95
C LYS F 336 -33.81 18.76 -71.44
N ALA F 337 -32.82 19.41 -70.85
CA ALA F 337 -32.53 20.82 -71.18
C ALA F 337 -32.08 20.97 -72.63
N VAL F 338 -31.21 20.11 -73.10
CA VAL F 338 -30.70 20.25 -74.45
C VAL F 338 -31.76 19.85 -75.47
N THR F 339 -32.54 18.83 -75.18
CA THR F 339 -33.70 18.49 -75.99
C THR F 339 -34.71 19.64 -76.04
N THR F 340 -34.89 20.33 -74.92
CA THR F 340 -35.79 21.48 -74.86
C THR F 340 -35.26 22.59 -75.75
N LEU F 341 -33.95 22.86 -75.67
CA LEU F 341 -33.30 23.87 -76.50
C LEU F 341 -33.50 23.58 -78.00
N GLU F 342 -33.46 22.30 -78.34
CA GLU F 342 -33.59 21.84 -79.72
C GLU F 342 -35.03 21.83 -80.24
N ASP F 343 -36.01 21.93 -79.35
CA ASP F 343 -37.42 21.85 -79.73
C ASP F 343 -37.83 23.10 -80.52
N GLU F 344 -38.30 22.90 -81.75
CA GLU F 344 -38.76 23.99 -82.64
C GLU F 344 -40.06 24.64 -82.17
N ALA F 345 -40.85 23.88 -81.42
CA ALA F 345 -42.15 24.38 -80.95
C ALA F 345 -42.14 25.19 -79.64
N LEU F 346 -41.03 25.22 -78.90
CA LEU F 346 -41.04 25.90 -77.59
C LEU F 346 -40.56 27.36 -77.65
N GLU F 347 -41.20 28.19 -76.83
CA GLU F 347 -40.86 29.61 -76.69
C GLU F 347 -39.49 29.76 -76.02
N TRP F 348 -38.82 30.89 -76.27
CA TRP F 348 -37.48 31.08 -75.75
C TRP F 348 -37.44 31.07 -74.20
N LYS F 349 -38.36 31.78 -73.55
CA LYS F 349 -38.40 31.84 -72.09
C LYS F 349 -38.50 30.45 -71.41
N VAL F 350 -39.10 29.49 -72.12
CA VAL F 350 -39.28 28.13 -71.63
C VAL F 350 -37.96 27.41 -71.71
N LYS F 351 -37.29 27.54 -72.86
CA LYS F 351 -35.94 27.03 -73.08
C LYS F 351 -34.93 27.64 -72.11
N LEU F 352 -35.01 28.94 -71.90
CA LEU F 352 -34.07 29.64 -71.02
C LEU F 352 -34.23 29.18 -69.58
N GLU F 353 -35.47 29.03 -69.14
CA GLU F 353 -35.75 28.67 -67.75
C GLU F 353 -35.19 27.27 -67.49
N MET F 354 -35.44 26.35 -68.41
CA MET F 354 -34.93 25.00 -68.30
C MET F 354 -33.41 24.94 -68.25
N ALA F 355 -32.75 25.68 -69.12
CA ALA F 355 -31.29 25.80 -69.10
C ALA F 355 -30.75 26.36 -67.76
N MET F 356 -31.40 27.36 -67.17
CA MET F 356 -30.97 27.93 -65.89
C MET F 356 -31.05 26.90 -64.74
N GLN F 357 -32.18 26.18 -64.68
CA GLN F 357 -32.43 25.12 -63.70
C GLN F 357 -31.34 24.09 -63.74
N THR F 358 -31.02 23.67 -64.96
CA THR F 358 -30.01 22.66 -65.23
C THR F 358 -28.61 23.06 -64.74
N LYS F 359 -28.17 24.24 -65.13
CA LYS F 359 -26.91 24.79 -64.65
C LYS F 359 -26.89 24.85 -63.12
N ILE F 360 -27.90 25.47 -62.53
CA ILE F 360 -27.99 25.64 -61.08
C ILE F 360 -27.92 24.27 -60.38
N TYR F 361 -28.78 23.35 -60.78
CA TYR F 361 -28.86 22.05 -60.09
C TYR F 361 -27.60 21.22 -60.25
N THR F 362 -27.19 20.98 -61.49
CA THR F 362 -26.09 20.06 -61.77
C THR F 362 -24.79 20.55 -61.19
N THR F 363 -24.52 21.84 -61.27
CA THR F 363 -23.26 22.36 -60.72
C THR F 363 -23.23 22.40 -59.18
N ASP F 364 -24.34 22.68 -58.52
CA ASP F 364 -24.36 22.65 -57.04
C ASP F 364 -24.22 21.24 -56.49
N VAL F 365 -24.89 20.31 -57.14
CA VAL F 365 -24.98 18.94 -56.69
C VAL F 365 -23.69 18.16 -57.01
N ALA F 366 -22.98 18.53 -58.08
CA ALA F 366 -21.69 17.90 -58.40
C ALA F 366 -20.70 18.10 -57.26
N VAL F 367 -20.71 19.28 -56.65
CA VAL F 367 -19.83 19.57 -55.51
C VAL F 367 -20.14 18.61 -54.37
N GLU F 368 -21.43 18.48 -54.04
CA GLU F 368 -21.87 17.61 -52.97
C GLU F 368 -21.44 16.17 -53.21
N CYS F 369 -21.46 15.76 -54.47
CA CYS F 369 -21.19 14.40 -54.86
C CYS F 369 -19.71 14.07 -54.61
N VAL F 370 -18.83 15.01 -54.97
CA VAL F 370 -17.39 14.82 -54.78
C VAL F 370 -17.05 14.76 -53.31
N ILE F 371 -17.62 15.68 -52.54
CA ILE F 371 -17.37 15.75 -51.12
C ILE F 371 -17.88 14.50 -50.39
N ASP F 372 -19.06 14.01 -50.75
CA ASP F 372 -19.58 12.78 -50.12
C ASP F 372 -18.72 11.57 -50.48
N ALA F 373 -18.26 11.51 -51.74
CA ALA F 373 -17.36 10.45 -52.20
C ALA F 373 -16.08 10.40 -51.38
N MET F 374 -15.52 11.58 -51.10
CA MET F 374 -14.34 11.74 -50.25
C MET F 374 -14.62 11.27 -48.83
N LYS F 375 -15.75 11.71 -48.27
CA LYS F 375 -16.11 11.28 -46.91
C LYS F 375 -16.25 9.75 -46.78
N ALA F 376 -16.76 9.10 -47.83
CA ALA F 376 -16.95 7.66 -47.82
C ALA F 376 -15.64 6.92 -47.90
N VAL F 377 -14.73 7.39 -48.75
CA VAL F 377 -13.39 6.82 -48.87
C VAL F 377 -12.61 7.09 -47.57
N GLY F 378 -12.81 8.26 -46.99
CA GLY F 378 -12.16 8.64 -45.75
C GLY F 378 -10.79 9.29 -45.98
N MET F 379 -9.89 9.15 -45.01
CA MET F 379 -8.58 9.84 -45.00
C MET F 379 -7.80 9.68 -46.32
N LYS F 380 -7.82 8.48 -46.88
CA LYS F 380 -7.11 8.21 -48.11
C LYS F 380 -7.49 9.14 -49.27
N SER F 381 -8.73 9.64 -49.27
CA SER F 381 -9.17 10.55 -50.32
C SER F 381 -8.44 11.87 -50.37
N TYR F 382 -7.73 12.21 -49.30
CA TYR F 382 -7.10 13.50 -49.14
C TYR F 382 -5.69 13.56 -49.76
N ALA F 383 -5.11 12.41 -50.11
CA ALA F 383 -3.77 12.34 -50.69
C ALA F 383 -3.86 12.28 -52.19
N LYS F 384 -2.81 12.80 -52.84
CA LYS F 384 -2.81 13.01 -54.28
C LYS F 384 -2.51 11.74 -55.07
N ASP F 385 -2.27 10.63 -54.38
CA ASP F 385 -2.27 9.33 -55.05
C ASP F 385 -3.69 8.83 -55.38
N MET F 386 -4.72 9.57 -54.93
CA MET F 386 -6.08 9.39 -55.40
C MET F 386 -6.45 10.61 -56.23
N SER F 387 -7.56 10.52 -56.97
CA SER F 387 -8.04 11.61 -57.84
C SER F 387 -8.74 12.74 -57.12
N PHE F 388 -9.15 12.52 -55.88
CA PHE F 388 -10.06 13.44 -55.21
C PHE F 388 -9.57 14.87 -55.03
N PRO F 389 -8.32 15.08 -54.60
CA PRO F 389 -7.79 16.44 -54.49
C PRO F 389 -7.97 17.24 -55.76
N ARG F 390 -7.64 16.65 -56.90
CA ARG F 390 -7.91 17.30 -58.20
C ARG F 390 -9.42 17.52 -58.48
N LEU F 391 -10.24 16.52 -58.18
CA LEU F 391 -11.68 16.63 -58.47
C LEU F 391 -12.35 17.67 -57.60
N LEU F 392 -11.95 17.75 -56.34
CA LEU F 392 -12.49 18.74 -55.41
C LEU F 392 -12.27 20.14 -55.98
N ASN F 393 -11.03 20.42 -56.34
CA ASN F 393 -10.68 21.72 -56.92
C ASN F 393 -11.39 22.02 -58.24
N GLU F 394 -11.49 21.01 -59.12
CA GLU F 394 -12.13 21.17 -60.41
C GLU F 394 -13.64 21.37 -60.32
N VAL F 395 -14.29 20.66 -59.40
CA VAL F 395 -15.75 20.71 -59.28
C VAL F 395 -16.24 22.05 -58.74
N MET F 396 -15.44 22.70 -57.89
CA MET F 396 -15.80 24.01 -57.35
C MET F 396 -15.87 25.09 -58.41
N CYS F 397 -15.31 24.84 -59.58
CA CYS F 397 -15.39 25.78 -60.70
C CYS F 397 -16.83 25.91 -61.23
N TYR F 398 -17.57 24.81 -61.24
CA TYR F 398 -18.83 24.73 -61.99
C TYR F 398 -19.95 25.66 -61.49
N PRO F 399 -20.20 25.72 -60.18
CA PRO F 399 -21.21 26.67 -59.68
C PRO F 399 -20.82 28.12 -59.86
N LEU F 400 -19.52 28.40 -59.97
CA LEU F 400 -19.00 29.77 -60.02
C LEU F 400 -18.93 30.29 -61.44
N PHE F 401 -18.54 29.44 -62.37
CA PHE F 401 -18.27 29.87 -63.75
C PHE F 401 -19.51 29.75 -64.62
N ASP F 402 -19.38 30.07 -65.90
CA ASP F 402 -20.47 30.04 -66.87
C ASP F 402 -21.70 30.75 -66.35
N GLY F 403 -21.48 31.90 -65.75
CA GLY F 403 -22.55 32.59 -65.06
C GLY F 403 -22.80 31.88 -63.77
N GLY F 404 -22.26 32.45 -62.71
CA GLY F 404 -22.42 31.92 -61.38
C GLY F 404 -23.86 31.78 -61.01
N ASN F 405 -24.16 30.80 -60.15
CA ASN F 405 -25.54 30.52 -59.82
C ASN F 405 -26.20 31.62 -59.01
N ILE F 406 -25.44 32.25 -58.12
CA ILE F 406 -26.03 33.15 -57.13
C ILE F 406 -26.38 34.46 -57.78
N GLY F 407 -25.45 34.98 -58.56
CA GLY F 407 -25.57 36.31 -59.13
C GLY F 407 -26.24 36.35 -60.49
N LEU F 408 -26.08 35.31 -61.28
CA LEU F 408 -26.50 35.33 -62.68
C LEU F 408 -27.64 34.35 -62.96
N ARG F 409 -27.39 33.05 -62.89
CA ARG F 409 -28.38 32.07 -63.32
C ARG F 409 -29.69 32.08 -62.51
N ARG F 410 -29.57 32.15 -61.18
CA ARG F 410 -30.76 32.23 -60.34
C ARG F 410 -31.53 33.50 -60.65
N ARG F 411 -30.84 34.60 -60.96
CA ARG F 411 -31.57 35.84 -61.28
C ARG F 411 -32.18 35.79 -62.68
N GLN F 412 -31.52 35.11 -63.62
CA GLN F 412 -32.13 34.94 -64.93
C GLN F 412 -33.38 34.08 -64.78
N MET F 413 -33.29 33.02 -63.96
CA MET F 413 -34.43 32.14 -63.71
C MET F 413 -35.56 32.89 -63.00
N GLN F 414 -35.21 33.64 -61.97
CA GLN F 414 -36.18 34.43 -61.22
C GLN F 414 -36.93 35.45 -62.12
N ARG F 415 -36.20 36.11 -63.01
CA ARG F 415 -36.81 37.10 -63.91
C ARG F 415 -37.85 36.43 -64.83
N VAL F 416 -37.56 35.22 -65.29
CA VAL F 416 -38.52 34.45 -66.07
C VAL F 416 -39.77 34.07 -65.24
N MET F 417 -39.55 33.61 -64.00
CA MET F 417 -40.65 33.18 -63.13
C MET F 417 -41.57 34.35 -62.78
N ALA F 418 -40.96 35.52 -62.62
CA ALA F 418 -41.67 36.75 -62.34
C ALA F 418 -42.47 37.34 -63.51
N LEU F 419 -42.23 36.86 -64.72
CA LEU F 419 -42.99 37.30 -65.86
C LEU F 419 -44.46 36.85 -65.78
N GLU F 420 -45.35 37.72 -66.24
CA GLU F 420 -46.80 37.53 -66.12
C GLU F 420 -47.21 36.27 -66.88
N ASP F 421 -46.55 35.97 -67.99
CA ASP F 421 -46.91 34.78 -68.78
C ASP F 421 -46.08 33.51 -68.48
N TYR F 422 -45.38 33.51 -67.36
CA TYR F 422 -44.64 32.33 -66.95
C TYR F 422 -45.55 31.14 -66.77
N GLU F 423 -45.21 30.04 -67.43
CA GLU F 423 -45.94 28.77 -67.32
C GLU F 423 -44.91 27.73 -66.90
N PRO F 424 -44.88 27.32 -65.62
CA PRO F 424 -43.79 26.45 -65.13
C PRO F 424 -43.52 25.15 -65.92
N TRP F 425 -44.57 24.52 -66.44
CA TRP F 425 -44.47 23.18 -67.02
C TRP F 425 -44.54 23.19 -68.56
N ALA F 426 -44.37 24.35 -69.18
CA ALA F 426 -44.46 24.44 -70.65
C ALA F 426 -43.44 23.58 -71.42
N ALA F 427 -42.33 23.22 -70.80
CA ALA F 427 -41.35 22.31 -71.44
C ALA F 427 -41.79 20.85 -71.44
N THR F 428 -42.83 20.54 -70.68
CA THR F 428 -43.27 19.18 -70.48
C THR F 428 -44.72 18.94 -70.91
N TYR F 429 -45.64 19.77 -70.41
CA TYR F 429 -47.08 19.60 -70.59
C TYR F 429 -47.67 20.64 -71.54
N GLY F 430 -47.08 21.83 -71.57
CA GLY F 430 -47.19 22.73 -72.72
C GLY F 430 -48.41 23.61 -72.77
N SER F 431 -48.20 24.89 -73.17
CA SER F 431 -49.27 25.88 -73.37
C SER F 431 -50.67 25.27 -73.57
PA FAD G . 18.55 -25.02 10.35
O1A FAD G . 18.37 -26.26 9.62
O2A FAD G . 19.75 -24.22 10.06
O5B FAD G . 17.16 -24.15 10.18
C5B FAD G . 17.20 -22.71 10.29
C4B FAD G . 15.79 -22.10 10.60
O4B FAD G . 14.86 -22.40 9.55
C3B FAD G . 15.20 -22.66 11.87
O3B FAD G . 15.67 -21.89 12.97
C2B FAD G . 13.72 -22.38 11.64
O2B FAD G . 13.37 -21.02 11.89
C1B FAD G . 13.58 -22.65 10.14
N9A FAD G . 13.13 -24.05 9.86
C8A FAD G . 13.76 -25.01 9.19
N7A FAD G . 13.00 -26.11 9.12
C5A FAD G . 11.86 -25.84 9.76
C6A FAD G . 10.73 -26.58 10.02
N6A FAD G . 10.58 -27.87 9.59
N1A FAD G . 9.74 -25.97 10.72
C2A FAD G . 9.85 -24.72 11.16
N3A FAD G . 10.95 -23.98 10.93
C4A FAD G . 11.95 -24.53 10.24
N1 FAD G . 26.34 -28.84 15.44
C2 FAD G . 26.76 -30.16 15.51
O2 FAD G . 26.39 -30.94 14.64
N3 FAD G . 27.57 -30.53 16.56
C4 FAD G . 27.99 -29.59 17.50
O4 FAD G . 28.72 -29.92 18.42
C4X FAD G . 27.53 -28.28 17.41
N5 FAD G . 27.90 -27.35 18.34
C5X FAD G . 27.72 -25.99 18.04
C6 FAD G . 28.38 -25.04 18.81
C7 FAD G . 28.22 -23.70 18.50
C7M FAD G . 28.98 -22.67 19.39
C8 FAD G . 27.42 -23.32 17.44
C8M FAD G . 27.21 -21.85 17.07
C9 FAD G . 26.75 -24.30 16.67
C9A FAD G . 26.92 -25.63 16.97
N10 FAD G . 26.28 -26.64 16.22
C10 FAD G . 26.71 -27.92 16.38
C1' FAD G . 25.26 -26.34 15.22
C2' FAD G . 23.81 -26.36 15.72
O2' FAD G . 23.56 -27.39 16.69
C3' FAD G . 22.88 -26.68 14.57
O3' FAD G . 23.28 -26.44 13.18
C4' FAD G . 21.78 -25.79 14.81
O4' FAD G . 21.52 -25.76 16.23
C5' FAD G . 20.72 -26.35 13.88
O5' FAD G . 20.44 -25.24 13.12
P FAD G . 19.01 -24.65 13.14
O1P FAD G . 18.27 -25.23 14.26
O2P FAD G . 19.07 -23.18 12.93
O3P FAD G . 18.53 -25.43 11.84
C1 GOL H . 23.47 -41.25 37.62
O1 GOL H . 22.23 -41.62 38.22
C2 GOL H . 23.57 -41.71 36.17
O2 GOL H . 23.40 -40.61 35.29
C3 GOL H . 24.89 -42.42 35.87
O3 GOL H . 25.68 -41.69 34.95
PA FAD I . 21.61 6.30 34.29
O1A FAD I . 21.55 7.51 35.14
O2A FAD I . 22.93 5.72 33.96
O5B FAD I . 20.71 5.19 35.00
C5B FAD I . 21.06 3.80 34.84
C4B FAD I . 19.90 2.88 35.24
O4B FAD I . 19.58 3.14 36.58
C3B FAD I . 18.64 3.20 34.45
O3B FAD I . 18.63 2.45 33.23
C2B FAD I . 17.57 2.65 35.37
O2B FAD I . 17.42 1.21 35.22
C1B FAD I . 18.13 3.00 36.75
N9A FAD I . 17.57 4.24 37.35
C8A FAD I . 18.26 5.32 37.75
N7A FAD I . 17.43 6.23 38.26
C5A FAD I . 16.21 5.72 38.19
C6A FAD I . 14.99 6.20 38.59
N6A FAD I . 14.86 7.41 39.15
N1A FAD I . 13.91 5.43 38.38
C2A FAD I . 14.03 4.21 37.83
N3A FAD I . 15.20 3.71 37.45
C4A FAD I . 16.30 4.46 37.63
N1 FAD I . 24.61 11.63 26.21
C2 FAD I . 24.63 12.99 26.02
O2 FAD I . 24.59 13.73 27.01
N3 FAD I . 24.69 13.48 24.72
C4 FAD I . 24.76 12.60 23.62
O4 FAD I . 24.81 13.03 22.46
C4X FAD I . 24.73 11.23 23.86
N5 FAD I . 24.75 10.33 22.79
C5X FAD I . 25.05 8.99 23.05
C6 FAD I . 25.44 8.14 22.02
C7 FAD I . 25.75 6.83 22.29
C7M FAD I . 26.16 5.91 21.14
C8 FAD I . 25.70 6.34 23.58
C8M FAD I . 26.07 4.89 23.88
C9 FAD I . 25.35 7.19 24.62
C9A FAD I . 25.01 8.53 24.35
N10 FAD I . 24.64 9.39 25.39
C10 FAD I . 24.64 10.76 25.14
C1' FAD I . 24.35 8.87 26.74
C2' FAD I . 22.89 8.49 27.01
O2' FAD I . 21.96 9.41 26.35
C3' FAD I . 22.57 8.60 28.51
O3' FAD I . 23.62 8.48 29.53
C4' FAD I . 21.73 7.47 28.75
O4' FAD I . 20.73 7.35 27.75
C5' FAD I . 21.24 7.83 30.12
O5' FAD I . 21.66 6.77 30.84
P FAD I . 20.56 5.97 31.54
O1P FAD I . 19.28 6.39 30.97
O2P FAD I . 20.92 4.55 31.55
O3P FAD I . 20.74 6.68 32.98
N1 SPM J . 21.98 9.74 24.02
C2 SPM J . 21.66 10.62 22.92
C3 SPM J . 21.94 9.83 21.65
C4 SPM J . 22.16 10.74 20.47
N5 SPM J . 20.87 10.85 19.85
C6 SPM J . 20.77 10.70 18.42
C7 SPM J . 19.37 11.03 17.96
C8 SPM J . 19.21 12.53 17.74
C9 SPM J . 18.10 12.83 16.75
N10 SPM J . 18.22 14.21 16.34
C11 SPM J . 17.02 14.94 16.03
C12 SPM J . 17.29 16.35 15.51
C13 SPM J . 16.91 16.54 14.04
N14 SPM J . 16.09 17.74 13.92
C1 GOL K . 5.57 -2.52 24.37
O1 GOL K . 6.47 -3.57 24.02
C2 GOL K . 6.34 -1.34 25.02
O2 GOL K . 5.45 -0.61 25.85
C3 GOL K . 7.55 -1.85 25.80
O3 GOL K . 8.22 -0.80 26.46
C1 GOL L . 11.01 -6.32 25.67
O1 GOL L . 11.06 -7.74 25.76
C2 GOL L . 9.86 -5.68 26.46
O2 GOL L . 9.82 -4.31 26.11
C3 GOL L . 8.50 -6.34 26.20
O3 GOL L . 7.71 -6.36 27.37
O1 PE4 M . 11.49 28.40 19.21
C1 PE4 M . 10.74 28.29 18.01
C2 PE4 M . 11.45 27.33 17.05
O2 PE4 M . 10.56 26.76 16.07
C3 PE4 M . 10.62 27.49 14.82
C4 PE4 M . 9.56 27.07 13.78
O3 PE4 M . 9.13 28.19 12.92
C5 PE4 M . 7.89 27.97 12.19
C6 PE4 M . 7.32 26.60 12.54
O4 PE4 M . 6.66 26.03 11.42
C7 PE4 M . 7.08 24.71 11.07
C8 PE4 M . 5.99 23.76 11.58
O5 PE4 M . 6.10 23.83 13.03
C9 PE4 M . 7.44 23.61 13.41
C10 PE4 M . 7.70 24.35 14.65
O6 PE4 M . 6.77 23.69 15.49
C11 PE4 M . 5.95 24.53 16.26
C12 PE4 M . 5.89 23.77 17.54
O7 PE4 M . 5.80 24.63 18.68
C13 PE4 M . 6.52 23.96 19.73
C14 PE4 M . 7.85 23.49 19.18
O8 PE4 M . 8.82 23.75 20.19
C15 PE4 M . 9.29 25.09 20.14
C16 PE4 M . 10.36 25.24 21.21
C1 GOL N . 9.33 -20.64 25.62
O1 GOL N . 9.61 -19.61 24.69
C2 GOL N . 8.40 -20.23 26.78
O2 GOL N . 8.55 -18.88 27.18
C3 GOL N . 6.94 -20.50 26.42
O3 GOL N . 6.15 -20.50 27.60
PA FAD O . -4.47 -2.80 47.17
O1A FAD O . -3.99 -2.24 48.42
O2A FAD O . -5.92 -2.88 46.92
O5B FAD O . -3.73 -1.99 45.95
C5B FAD O . -4.23 -2.12 44.63
C4B FAD O . -3.20 -1.70 43.55
O4B FAD O . -2.64 -0.44 43.92
C3B FAD O . -2.03 -2.68 43.52
O3B FAD O . -2.37 -3.77 42.67
C2B FAD O . -0.96 -1.85 42.87
O2B FAD O . -1.13 -1.82 41.44
C1B FAD O . -1.24 -0.47 43.47
N9A FAD O . -0.37 -0.15 44.64
C8A FAD O . -0.76 0.19 45.87
N7A FAD O . 0.31 0.39 46.63
C5A FAD O . 1.38 0.24 45.89
C6A FAD O . 2.74 0.33 46.14
N6A FAD O . 3.21 0.67 47.34
N1A FAD O . 3.60 0.05 45.15
C2A FAD O . 3.15 -0.29 43.95
N3A FAD O . 1.86 -0.39 43.67
C4A FAD O . 0.96 -0.14 44.63
N1 FAD O . -8.06 -10.96 51.88
C2 FAD O . -7.93 -11.38 53.18
O2 FAD O . -7.54 -10.59 54.03
N3 FAD O . -8.20 -12.67 53.50
C4 FAD O . -8.65 -13.57 52.54
O4 FAD O . -8.91 -14.73 52.83
C4X FAD O . -8.80 -13.13 51.24
N5 FAD O . -9.22 -14.02 50.25
C5X FAD O . -9.68 -13.51 49.04
C6 FAD O . -10.38 -14.35 48.17
C7 FAD O . -10.83 -13.82 46.98
C7M FAD O . -11.60 -14.74 46.04
C8 FAD O . -10.57 -12.49 46.65
C8M FAD O . -11.09 -11.90 45.32
C9 FAD O . -9.86 -11.67 47.52
C9A FAD O . -9.41 -12.19 48.71
N10 FAD O . -8.67 -11.39 49.62
C10 FAD O . -8.49 -11.83 50.91
C1' FAD O . -8.18 -10.07 49.19
C2' FAD O . -6.75 -9.98 48.67
O2' FAD O . -5.86 -10.94 49.31
C3' FAD O . -6.20 -8.57 48.96
O3' FAD O . -7.10 -7.40 49.13
C4' FAD O . -5.55 -8.25 47.75
O4' FAD O . -4.80 -9.36 47.26
C5' FAD O . -4.77 -6.98 48.10
O5' FAD O . -5.18 -6.18 47.06
P FAD O . -4.09 -5.50 46.24
O1P FAD O . -2.82 -6.27 46.32
O2P FAD O . -4.66 -5.16 44.91
O3P FAD O . -3.83 -4.23 47.18
N1 SPM P . -5.72 -13.41 50.24
C2 SPM P . -5.74 -14.80 50.67
C3 SPM P . -5.95 -15.75 49.50
C4 SPM P . -6.55 -17.06 49.98
N5 SPM P . -5.89 -18.14 49.27
C6 SPM P . -5.74 -19.45 49.88
C7 SPM P . -4.33 -19.76 50.36
C8 SPM P . -4.25 -21.24 50.69
C9 SPM P . -2.99 -21.64 51.46
N10 SPM P . -3.07 -23.02 51.94
C11 SPM P . -2.49 -23.24 53.25
C12 SPM P . -2.32 -24.66 53.75
C13 SPM P . -1.43 -24.70 55.00
N14 SPM P . -0.43 -25.74 54.86
C1 GOL Q . 7.48 -13.20 36.46
O1 GOL Q . 8.48 -12.32 35.97
C2 GOL Q . 6.11 -12.86 35.89
O2 GOL Q . 5.72 -11.55 36.25
C3 GOL Q . 6.03 -13.05 34.38
O3 GOL Q . 7.20 -12.60 33.74
C1 GOL R . 7.99 -32.24 51.28
O1 GOL R . 6.84 -31.49 51.61
C2 GOL R . 7.78 -33.77 51.34
O2 GOL R . 6.46 -34.17 51.12
C3 GOL R . 8.67 -34.41 50.29
O3 GOL R . 8.42 -35.79 50.14
C1 GOL S . -1.28 -13.65 25.74
O1 GOL S . -1.75 -14.59 24.80
C2 GOL S . -2.30 -12.56 26.13
O2 GOL S . -1.90 -12.11 27.42
C3 GOL S . -2.40 -11.33 25.20
O3 GOL S . -3.23 -11.38 24.03
C1 GOL T . 0.86 -11.28 31.10
O1 GOL T . 2.18 -10.87 30.83
C2 GOL T . -0.11 -11.00 29.95
O2 GOL T . -1.29 -11.77 30.15
C3 GOL T . -0.46 -9.51 29.80
O3 GOL T . -0.38 -8.76 31.00
PA FAD U . -11.78 -22.19 13.35
O1A FAD U . -11.90 -22.85 12.02
O2A FAD U . -12.87 -22.46 14.34
O5B FAD U . -10.39 -22.70 13.93
C5B FAD U . -10.14 -22.64 15.33
C4B FAD U . -8.64 -22.78 15.65
O4B FAD U . -8.04 -23.90 14.98
C3B FAD U . -7.87 -21.56 15.16
O3B FAD U . -7.96 -20.52 16.15
C2B FAD U . -6.46 -22.10 15.11
O2B FAD U . -5.88 -22.20 16.42
C1B FAD U . -6.68 -23.53 14.60
N9A FAD U . -6.53 -23.73 13.16
C8A FAD U . -7.42 -24.25 12.32
N7A FAD U . -6.90 -24.31 11.09
C5A FAD U . -5.65 -23.83 11.15
C6A FAD U . -4.63 -23.66 10.22
N6A FAD U . -4.78 -23.97 8.91
N1A FAD U . -3.47 -23.15 10.65
C2A FAD U . -3.29 -22.80 11.90
N3A FAD U . -4.24 -22.97 12.82
C4A FAD U . -5.42 -23.47 12.47
N1 FAD U . -19.03 -15.29 11.55
C2 FAD U . -19.64 -14.94 10.38
O2 FAD U . -19.61 -15.71 9.44
N3 FAD U . -20.29 -13.73 10.27
C4 FAD U . -20.35 -12.86 11.35
O4 FAD U . -20.96 -11.80 11.22
C4X FAD U . -19.71 -13.21 12.54
N5 FAD U . -19.69 -12.36 13.65
C5X FAD U . -19.35 -12.91 14.89
C6 FAD U . -19.66 -12.22 16.04
C7 FAD U . -19.37 -12.77 17.27
C7M FAD U . -19.71 -11.98 18.53
C8 FAD U . -18.75 -14.00 17.35
C8M FAD U . -18.43 -14.60 18.72
C9 FAD U . -18.43 -14.70 16.19
C9A FAD U . -18.72 -14.14 14.96
N10 FAD U . -18.41 -14.83 13.79
C10 FAD U . -19.03 -14.42 12.62
C1' FAD U . -17.56 -16.04 13.79
C2' FAD U . -16.07 -15.82 13.59
O2' FAD U . -15.82 -14.78 12.63
C3' FAD U . -15.38 -17.11 13.02
O3' FAD U . -15.93 -18.42 13.30
C4' FAD U . -14.13 -17.15 13.72
O4' FAD U . -13.58 -15.84 13.75
C5' FAD U . -13.37 -18.22 12.93
O5' FAD U . -13.05 -19.12 13.89
P FAD U . -11.56 -19.40 14.06
O1P FAD U . -10.78 -18.35 13.38
O2P FAD U . -11.35 -19.73 15.49
O3P FAD U . -11.50 -20.66 13.08
N1 SPM V . -16.84 -12.27 12.81
C2 SPM V . -17.28 -11.01 12.28
C3 SPM V . -17.55 -10.05 13.44
C4 SPM V . -18.20 -8.75 12.98
N5 SPM V . -17.25 -7.66 13.07
C6 SPM V . -17.66 -6.33 12.68
C7 SPM V . -16.85 -5.82 11.49
C8 SPM V . -17.31 -4.41 11.14
C9 SPM V . -16.74 -3.90 9.82
N10 SPM V . -17.37 -2.65 9.42
C11 SPM V . -17.74 -2.41 8.04
C12 SPM V . -18.19 -0.96 7.84
C13 SPM V . -18.66 -0.68 6.41
N14 SPM V . -17.59 -0.07 5.64
C1 GOL W . -23.20 -0.11 32.03
O1 GOL W . -22.50 -1.18 31.43
C2 GOL W . -23.57 0.90 30.94
O2 GOL W . -24.95 1.13 31.01
C3 GOL W . -22.84 2.24 31.04
O3 GOL W . -21.75 2.25 30.14
C1 GOL X . 2.21 -9.94 17.11
O1 GOL X . 3.09 -8.85 17.21
C2 GOL X . 0.94 -9.69 17.92
O2 GOL X . 0.08 -10.79 17.78
C3 GOL X . 1.30 -9.52 19.39
O3 GOL X . 1.57 -8.16 19.62
C1 GOL Y . -22.26 9.51 13.03
O1 GOL Y . -21.50 9.93 14.15
C2 GOL Y . -22.00 10.37 11.79
O2 GOL Y . -22.37 9.55 10.70
C3 GOL Y . -22.82 11.66 11.77
O3 GOL Y . -21.99 12.80 11.65
PA FAD Z . -10.51 4.47 -42.14
O1A FAD Z . -10.29 3.26 -41.35
O2A FAD Z . -9.48 4.89 -43.13
O5B FAD Z . -11.93 4.29 -42.90
C5B FAD Z . -12.14 4.99 -44.12
C4B FAD Z . -13.62 5.09 -44.47
O4B FAD Z . -14.13 3.78 -44.52
C3B FAD Z . -14.44 5.82 -43.40
O3B FAD Z . -14.42 7.20 -43.71
C2B FAD Z . -15.84 5.28 -43.67
O2B FAD Z . -16.49 5.94 -44.77
C1B FAD Z . -15.54 3.83 -44.04
N9A FAD Z . -15.69 2.88 -42.89
C8A FAD Z . -14.78 2.02 -42.44
N7A FAD Z . -15.27 1.33 -41.41
C5A FAD Z . -16.51 1.75 -41.22
C6A FAD Z . -17.51 1.38 -40.31
N6A FAD Z . -17.29 0.45 -39.38
N1A FAD Z . -18.69 2.02 -40.38
C2A FAD Z . -18.89 2.96 -41.29
N3A FAD Z . -17.97 3.33 -42.17
C4A FAD Z . -16.78 2.73 -42.16
N1 FAD Z . -3.49 9.69 -37.15
C2 FAD Z . -2.83 9.45 -35.94
O2 FAD Z . -2.80 8.33 -35.44
N3 FAD Z . -2.20 10.48 -35.30
C4 FAD Z . -2.20 11.77 -35.81
O4 FAD Z . -1.62 12.66 -35.17
C4X FAD Z . -2.87 12.04 -37.00
N5 FAD Z . -2.89 13.34 -37.53
C5X FAD Z . -3.26 13.50 -38.86
C6 FAD Z . -2.99 14.73 -39.47
C7 FAD Z . -3.37 14.92 -40.79
C7M FAD Z . -3.06 16.29 -41.41
C8 FAD Z . -3.99 13.89 -41.49
C8M FAD Z . -4.40 14.07 -42.95
C9 FAD Z . -4.25 12.66 -40.87
C9A FAD Z . -3.90 12.46 -39.54
N10 FAD Z . -4.14 11.24 -38.89
C10 FAD Z . -3.52 10.99 -37.67
C1' FAD Z . -4.97 10.19 -39.53
C2' FAD Z . -6.45 10.15 -39.14
O2' FAD Z . -6.71 10.60 -37.78
C3' FAD Z . -7.04 8.71 -39.25
O3' FAD Z . -6.45 7.71 -40.16
C4' FAD Z . -8.25 9.00 -39.92
O4' FAD Z . -8.86 10.16 -39.31
C5' FAD Z . -8.98 7.69 -39.78
O5' FAD Z . -9.33 7.48 -41.05
P FAD Z . -10.80 7.27 -41.37
O1P FAD Z . -11.55 7.91 -40.24
O2P FAD Z . -10.99 7.67 -42.75
O3P FAD Z . -10.89 5.66 -41.12
C1 GOL AA . -23.82 18.62 -40.09
O1 GOL AA . -25.02 19.37 -40.14
C2 GOL AA . -24.09 17.20 -39.58
O2 GOL AA . -22.95 16.35 -39.67
C3 GOL AA . -24.57 17.24 -38.13
O3 GOL AA . -25.67 16.37 -37.99
C1 GOL BA . -22.57 23.99 -50.80
O1 GOL BA . -22.44 25.04 -49.85
C2 GOL BA . -22.42 22.54 -50.31
O2 GOL BA . -21.82 21.76 -51.32
C3 GOL BA . -21.58 22.35 -49.05
O3 GOL BA . -21.70 21.01 -48.61
C1 GOL CA . -26.38 24.00 -50.82
O1 GOL CA . -25.74 23.83 -52.08
C2 GOL CA . -25.94 25.30 -50.13
O2 GOL CA . -26.60 26.41 -50.74
C3 GOL CA . -26.27 25.31 -48.63
O3 GOL CA . -25.12 25.65 -47.89
PA FAD DA . -19.73 38.49 -60.63
O1A FAD DA . -20.23 39.70 -61.29
O2A FAD DA . -18.27 38.27 -60.46
O5B FAD DA . -20.50 38.45 -59.22
C5B FAD DA . -19.87 37.93 -58.11
C4B FAD DA . -20.86 37.51 -57.01
O4B FAD DA . -21.51 38.71 -56.51
C3B FAD DA . -21.97 36.55 -57.44
O3B FAD DA . -21.56 35.17 -57.23
C2B FAD DA . -23.05 36.88 -56.40
O2B FAD DA . -22.76 36.20 -55.18
C1B FAD DA . -22.85 38.39 -56.17
N9A FAD DA . -23.78 39.19 -56.98
C8A FAD DA . -23.47 40.15 -57.85
N7A FAD DA . -24.60 40.67 -58.36
C5A FAD DA . -25.63 40.04 -57.82
C6A FAD DA . -27.01 40.14 -57.95
N6A FAD DA . -27.55 41.04 -58.79
N1A FAD DA . -27.78 39.34 -57.20
C2A FAD DA . -27.26 38.44 -56.37
N3A FAD DA . -25.95 38.31 -56.21
C4A FAD DA . -25.12 39.11 -56.91
N1 FAD DA . -16.23 34.32 -69.04
C2 FAD DA . -16.45 34.68 -70.34
O2 FAD DA . -16.91 35.79 -70.60
N3 FAD DA . -16.16 33.76 -71.36
C4 FAD DA . -15.63 32.51 -71.06
O4 FAD DA . -15.36 31.75 -71.99
C4X FAD DA . -15.40 32.17 -69.74
N5 FAD DA . -14.90 30.94 -69.40
C5X FAD DA . -14.40 30.72 -68.11
C6 FAD DA . -13.63 29.57 -67.88
C7 FAD DA . -13.09 29.35 -66.63
C7M FAD DA . -12.23 28.08 -66.40
C8 FAD DA . -13.35 30.26 -65.62
C8M FAD DA . -12.75 30.01 -64.24
C9 FAD DA . -14.12 31.41 -65.84
C9A FAD DA . -14.65 31.64 -67.11
N10 FAD DA . -15.45 32.77 -67.39
C10 FAD DA . -15.70 33.08 -68.73
C1' FAD DA . -15.92 33.68 -66.32
C2' FAD DA . -17.34 33.38 -65.80
O2' FAD DA . -18.24 32.93 -66.87
C3' FAD DA . -17.98 34.66 -65.22
O3' FAD DA . -17.13 35.80 -64.74
C4' FAD DA . -18.63 34.19 -64.04
O4' FAD DA . -19.30 32.94 -64.29
C5' FAD DA . -19.48 35.41 -63.64
O5' FAD DA . -18.97 35.69 -62.39
P FAD DA . -19.99 35.71 -61.25
O1P FAD DA . -21.19 34.99 -61.71
O2P FAD DA . -19.31 35.32 -60.03
O3P FAD DA . -20.39 37.27 -61.34
N1 SPM EA . -17.73 30.78 -68.29
C2 SPM EA . -17.92 29.98 -69.47
C3 SPM EA . -17.19 28.66 -69.25
C4 SPM EA . -17.04 27.88 -70.54
N5 SPM EA . -18.29 27.21 -70.79
C6 SPM EA . -18.35 26.09 -71.69
C7 SPM EA . -19.70 25.96 -72.37
C8 SPM EA . -19.74 24.81 -73.37
C9 SPM EA . -21.05 24.77 -74.11
N10 SPM EA . -20.93 24.07 -75.38
C11 SPM EA . -21.54 24.63 -76.56
C12 SPM EA . -21.69 23.59 -77.66
C13 SPM EA . -22.58 24.11 -78.80
N14 SPM EA . -23.53 23.07 -79.16
C1 GOL FA . -29.08 23.88 -56.21
O1 GOL FA . -28.85 24.99 -55.40
C2 GOL FA . -30.58 23.69 -56.35
O2 GOL FA . -30.80 22.95 -57.53
C3 GOL FA . -31.23 23.01 -55.14
O3 GOL FA . -32.12 21.98 -55.52
O1 PE4 GA . -30.24 30.49 -86.07
C1 PE4 GA . -30.90 29.24 -86.27
C2 PE4 GA . -29.95 28.10 -85.84
O2 PE4 GA . -30.45 26.73 -85.98
C3 PE4 GA . -29.57 25.80 -86.70
C4 PE4 GA . -30.31 24.50 -87.03
O3 PE4 GA . -31.23 24.47 -88.19
C5 PE4 GA . -32.24 23.42 -88.11
C6 PE4 GA . -32.61 22.97 -86.66
O4 PE4 GA . -32.70 21.51 -86.52
C7 PE4 GA . -32.16 20.91 -85.33
C8 PE4 GA . -33.26 20.28 -84.42
O5 PE4 GA . -33.82 21.44 -83.81
C9 PE4 GA . -32.72 22.25 -83.37
C10 PE4 GA . -32.90 23.74 -83.51
O6 PE4 GA . -34.23 24.12 -83.10
C11 PE4 GA . -34.35 25.53 -83.14
C12 PE4 GA . -33.22 26.03 -82.29
O7 PE4 GA . -33.85 26.37 -81.06
C13 PE4 GA . -33.83 27.76 -80.89
C14 PE4 GA . -32.69 28.39 -81.70
O8 PE4 GA . -32.85 29.76 -81.44
C15 PE4 GA . -31.77 30.60 -81.88
C16 PE4 GA . -32.35 32.02 -81.88
#